data_6C44
#
_entry.id   6C44
#
_entity_poly.entity_id   1
_entity_poly.type   'polypeptide(L)'
_entity_poly.pdbx_seq_one_letter_code
;MKNPKKKSGGFRIVNMLKRGVARVSPFGGLKRLPAGLLLGHGPIRMVLAILAFLRFTAIKPSLGLINRWGSVGKKEAMEI
IKKFKKDLAAMLRIINARKEKKRR
;
_entity_poly.pdbx_strand_id   A,B
#
# COMPACT_ATOMS: atom_id res chain seq x y z
N ALA A 35 -12.97 9.55 -13.57
CA ALA A 35 -11.51 9.36 -13.35
C ALA A 35 -11.21 9.25 -11.87
N GLY A 36 -11.11 8.01 -11.38
CA GLY A 36 -10.88 7.78 -9.96
C GLY A 36 -9.58 8.36 -9.47
N LEU A 37 -8.56 8.33 -10.31
CA LEU A 37 -7.25 8.84 -9.95
C LEU A 37 -7.27 10.36 -9.82
N LEU A 38 -8.13 11.01 -10.61
CA LEU A 38 -8.17 12.46 -10.64
C LEU A 38 -9.04 13.00 -9.51
N LEU A 39 -10.15 12.33 -9.25
CA LEU A 39 -11.10 12.77 -8.23
C LEU A 39 -10.81 12.11 -6.90
N GLY A 40 -9.82 11.23 -6.88
CA GLY A 40 -9.42 10.58 -5.64
C GLY A 40 -10.49 9.64 -5.11
N HIS A 41 -11.31 9.14 -6.02
CA HIS A 41 -12.42 8.25 -5.65
C HIS A 41 -12.58 7.15 -6.68
N GLY A 42 -11.63 6.21 -6.68
CA GLY A 42 -11.71 5.09 -7.59
C GLY A 42 -12.59 3.99 -7.05
N PRO A 43 -12.47 2.75 -7.57
CA PRO A 43 -13.25 1.63 -7.08
C PRO A 43 -12.75 1.11 -5.73
N ILE A 44 -13.33 0.03 -5.23
CA ILE A 44 -12.95 -0.51 -3.93
C ILE A 44 -11.46 -0.86 -3.88
N ARG A 45 -10.89 -1.20 -5.03
CA ARG A 45 -9.46 -1.48 -5.14
C ARG A 45 -8.64 -0.24 -4.78
N MET A 46 -9.06 0.90 -5.28
CA MET A 46 -8.38 2.16 -4.99
C MET A 46 -8.67 2.61 -3.56
N VAL A 47 -9.82 2.23 -3.04
CA VAL A 47 -10.18 2.54 -1.67
C VAL A 47 -9.15 1.95 -0.71
N LEU A 48 -8.82 0.68 -0.89
CA LEU A 48 -7.82 0.02 -0.06
C LEU A 48 -6.45 0.63 -0.29
N ALA A 49 -6.17 1.03 -1.54
CA ALA A 49 -4.92 1.70 -1.86
C ALA A 49 -4.79 3.01 -1.08
N ILE A 50 -5.85 3.81 -1.10
CA ILE A 50 -5.88 5.08 -0.37
C ILE A 50 -5.79 4.82 1.13
N LEU A 51 -6.39 3.72 1.57
CA LEU A 51 -6.34 3.34 2.97
C LEU A 51 -4.91 3.08 3.41
N ALA A 52 -4.20 2.22 2.67
CA ALA A 52 -2.80 1.93 2.98
C ALA A 52 -1.96 3.19 2.94
N PHE A 53 -2.27 4.05 1.97
CA PHE A 53 -1.66 5.36 1.90
C PHE A 53 -1.81 6.07 3.23
N LEU A 54 -3.05 6.22 3.68
CA LEU A 54 -3.36 6.90 4.93
C LEU A 54 -2.91 6.10 6.15
N ARG A 55 -2.45 4.88 5.94
CA ARG A 55 -1.89 4.08 7.02
C ARG A 55 -0.42 4.39 7.24
N PHE A 56 0.31 4.52 6.16
CA PHE A 56 1.74 4.75 6.25
C PHE A 56 2.10 6.22 6.04
N THR A 57 1.13 7.02 5.65
CA THR A 57 1.36 8.47 5.53
C THR A 57 0.67 9.22 6.65
N ALA A 58 -0.20 8.54 7.37
CA ALA A 58 -1.02 9.18 8.38
C ALA A 58 -1.28 8.23 9.56
N ILE A 59 -1.84 8.78 10.62
CA ILE A 59 -2.13 8.01 11.82
C ILE A 59 -3.62 7.72 11.91
N LYS A 60 -4.37 8.49 11.18
CA LYS A 60 -5.83 8.39 11.15
C LYS A 60 -6.36 8.62 9.74
N PRO A 61 -6.86 7.56 9.09
CA PRO A 61 -7.49 7.67 7.77
C PRO A 61 -8.81 8.44 7.83
N SER A 62 -9.18 9.04 6.71
CA SER A 62 -10.40 9.81 6.61
C SER A 62 -11.62 8.89 6.69
N LEU A 63 -12.63 9.35 7.41
CA LEU A 63 -13.82 8.55 7.71
C LEU A 63 -14.59 8.17 6.45
N GLY A 64 -14.40 8.93 5.37
CA GLY A 64 -15.02 8.59 4.11
C GLY A 64 -14.53 7.26 3.59
N LEU A 65 -13.21 7.07 3.63
CA LEU A 65 -12.60 5.81 3.23
C LEU A 65 -13.02 4.71 4.19
N ILE A 66 -13.08 5.05 5.47
CA ILE A 66 -13.47 4.10 6.50
C ILE A 66 -14.93 3.66 6.33
N ASN A 67 -15.76 4.58 5.85
CA ASN A 67 -17.18 4.30 5.64
C ASN A 67 -17.38 3.40 4.43
N ARG A 68 -16.52 3.58 3.42
CA ARG A 68 -16.63 2.80 2.19
C ARG A 68 -15.78 1.53 2.30
N TRP A 69 -15.00 1.47 3.38
CA TRP A 69 -14.10 0.36 3.65
C TRP A 69 -14.88 -0.94 3.79
N GLY A 70 -15.94 -0.90 4.58
CA GLY A 70 -16.78 -2.08 4.78
C GLY A 70 -17.65 -2.37 3.56
N SER A 71 -17.60 -1.48 2.58
CA SER A 71 -18.35 -1.64 1.36
C SER A 71 -17.54 -2.43 0.34
N VAL A 72 -16.27 -2.66 0.66
CA VAL A 72 -15.41 -3.46 -0.19
C VAL A 72 -15.80 -4.93 -0.09
N GLY A 73 -16.03 -5.54 -1.25
CA GLY A 73 -16.30 -6.96 -1.28
C GLY A 73 -15.11 -7.74 -0.76
N LYS A 74 -15.31 -8.48 0.31
CA LYS A 74 -14.21 -9.15 0.98
C LYS A 74 -13.55 -10.18 0.07
N LYS A 75 -14.30 -10.66 -0.92
CA LYS A 75 -13.73 -11.53 -1.94
C LYS A 75 -12.70 -10.76 -2.77
N GLU A 76 -13.11 -9.60 -3.24
CA GLU A 76 -12.23 -8.71 -3.98
C GLU A 76 -11.07 -8.30 -3.10
N ALA A 77 -11.36 -8.02 -1.83
CA ALA A 77 -10.35 -7.66 -0.86
C ALA A 77 -9.28 -8.74 -0.78
N MET A 78 -9.70 -10.00 -0.72
CA MET A 78 -8.79 -11.15 -0.69
C MET A 78 -7.88 -11.12 -1.91
N GLU A 79 -8.46 -10.81 -3.05
CA GLU A 79 -7.71 -10.74 -4.30
C GLU A 79 -6.77 -9.55 -4.29
N ILE A 80 -7.28 -8.39 -3.87
CA ILE A 80 -6.48 -7.17 -3.79
C ILE A 80 -5.28 -7.36 -2.87
N ILE A 81 -5.54 -7.80 -1.64
CA ILE A 81 -4.50 -7.99 -0.65
C ILE A 81 -3.44 -8.97 -1.16
N LYS A 82 -3.88 -10.01 -1.85
CA LYS A 82 -2.96 -10.99 -2.42
C LYS A 82 -2.03 -10.34 -3.43
N LYS A 83 -2.61 -9.60 -4.37
CA LYS A 83 -1.84 -8.93 -5.41
C LYS A 83 -1.03 -7.78 -4.84
N PHE A 84 -1.52 -7.20 -3.75
CA PHE A 84 -0.85 -6.12 -3.07
C PHE A 84 0.46 -6.61 -2.48
N LYS A 85 0.39 -7.73 -1.75
CA LYS A 85 1.58 -8.33 -1.16
C LYS A 85 2.55 -8.77 -2.25
N LYS A 86 2.02 -9.18 -3.39
CA LYS A 86 2.85 -9.55 -4.54
C LYS A 86 3.62 -8.35 -5.07
N ASP A 87 2.94 -7.21 -5.16
CA ASP A 87 3.57 -5.99 -5.64
C ASP A 87 4.62 -5.53 -4.65
N LEU A 88 4.31 -5.67 -3.37
CA LEU A 88 5.24 -5.33 -2.30
C LEU A 88 6.48 -6.22 -2.34
N ALA A 89 6.26 -7.51 -2.60
CA ALA A 89 7.35 -8.46 -2.71
C ALA A 89 8.28 -8.09 -3.87
N ALA A 90 7.69 -7.71 -4.98
CA ALA A 90 8.44 -7.25 -6.14
C ALA A 90 9.14 -5.94 -5.81
N MET A 91 8.41 -5.04 -5.16
CA MET A 91 8.94 -3.74 -4.73
C MET A 91 10.22 -3.93 -3.92
N LEU A 92 10.11 -4.76 -2.88
CA LEU A 92 11.25 -5.08 -2.03
C LEU A 92 12.44 -5.57 -2.85
N ARG A 93 12.17 -6.53 -3.71
CA ARG A 93 13.18 -7.14 -4.55
C ARG A 93 13.90 -6.09 -5.39
N ILE A 94 13.13 -5.17 -5.96
CA ILE A 94 13.71 -4.15 -6.82
C ILE A 94 14.48 -3.12 -6.01
N ILE A 95 14.01 -2.79 -4.80
CA ILE A 95 14.75 -1.89 -3.92
C ILE A 95 16.14 -2.46 -3.65
N ASN A 96 16.18 -3.76 -3.40
CA ASN A 96 17.43 -4.47 -3.20
C ASN A 96 18.31 -4.36 -4.44
N ALA A 97 17.69 -4.44 -5.60
CA ALA A 97 18.40 -4.39 -6.86
C ALA A 97 18.76 -2.94 -7.26
N ARG A 98 18.08 -1.98 -6.64
CA ARG A 98 18.35 -0.57 -6.92
C ARG A 98 19.75 -0.20 -6.47
N LYS A 99 20.07 -0.57 -5.24
CA LYS A 99 21.40 -0.36 -4.69
C LYS A 99 22.21 -1.64 -4.87
N GLU A 100 21.59 -2.61 -5.55
CA GLU A 100 22.19 -3.90 -5.93
C GLU A 100 22.93 -4.59 -4.78
N LYS A 101 22.52 -4.29 -3.54
CA LYS A 101 23.17 -4.83 -2.34
C LYS A 101 24.68 -4.58 -2.39
N LYS A 102 25.08 -3.54 -3.11
CA LYS A 102 26.48 -3.16 -3.28
C LYS A 102 27.29 -4.32 -3.87
N ARG A 103 26.98 -4.68 -5.12
CA ARG A 103 27.76 -5.70 -5.83
C ARG A 103 29.15 -5.16 -6.13
N ARG A 104 29.20 -3.89 -6.47
CA ARG A 104 30.45 -3.25 -6.86
C ARG A 104 30.99 -2.39 -5.72
N ALA B 35 6.03 18.69 7.59
CA ALA B 35 4.83 17.82 7.61
C ALA B 35 4.75 17.01 6.32
N GLY B 36 5.24 15.78 6.38
CA GLY B 36 5.26 14.93 5.20
C GLY B 36 3.89 14.65 4.64
N LEU B 37 2.92 14.50 5.52
CA LEU B 37 1.55 14.22 5.11
C LEU B 37 0.93 15.41 4.39
N LEU B 38 1.34 16.61 4.76
CA LEU B 38 0.75 17.83 4.22
C LEU B 38 1.41 18.20 2.89
N LEU B 39 2.72 18.03 2.83
CA LEU B 39 3.47 18.40 1.63
C LEU B 39 3.63 17.21 0.69
N GLY B 40 3.13 16.05 1.11
CA GLY B 40 3.17 14.86 0.27
C GLY B 40 4.58 14.35 0.06
N HIS B 41 5.45 14.65 1.02
CA HIS B 41 6.86 14.28 0.93
C HIS B 41 7.38 13.85 2.29
N GLY B 42 6.93 12.69 2.75
CA GLY B 42 7.40 12.16 4.02
C GLY B 42 8.72 11.44 3.87
N PRO B 43 9.09 10.59 4.85
CA PRO B 43 10.33 9.82 4.78
C PRO B 43 10.22 8.66 3.79
N ILE B 44 11.26 7.84 3.71
CA ILE B 44 11.27 6.72 2.77
C ILE B 44 10.08 5.77 3.00
N ARG B 45 9.61 5.71 4.25
CA ARG B 45 8.44 4.90 4.59
C ARG B 45 7.21 5.41 3.84
N MET B 46 7.04 6.72 3.81
CA MET B 46 5.92 7.33 3.11
C MET B 46 6.13 7.26 1.60
N VAL B 47 7.38 7.25 1.17
CA VAL B 47 7.70 7.10 -0.26
C VAL B 47 7.11 5.80 -0.80
N LEU B 48 7.36 4.70 -0.10
CA LEU B 48 6.82 3.41 -0.51
C LEU B 48 5.30 3.40 -0.41
N ALA B 49 4.76 4.10 0.60
CA ALA B 49 3.32 4.23 0.75
C ALA B 49 2.71 4.93 -0.47
N ILE B 50 3.32 6.05 -0.87
CA ILE B 50 2.86 6.80 -2.04
C ILE B 50 3.05 5.96 -3.30
N LEU B 51 4.09 5.14 -3.32
CA LEU B 51 4.35 4.27 -4.46
C LEU B 51 3.22 3.27 -4.63
N ALA B 52 2.88 2.56 -3.54
CA ALA B 52 1.79 1.59 -3.58
C ALA B 52 0.48 2.26 -3.95
N PHE B 53 0.29 3.48 -3.43
CA PHE B 53 -0.83 4.31 -3.83
C PHE B 53 -0.86 4.43 -5.35
N LEU B 54 0.23 4.91 -5.92
CA LEU B 54 0.33 5.10 -7.37
C LEU B 54 0.38 3.77 -8.13
N ARG B 55 0.47 2.66 -7.41
CA ARG B 55 0.44 1.35 -8.04
C ARG B 55 -1.00 0.88 -8.23
N PHE B 56 -1.81 1.10 -7.22
CA PHE B 56 -3.19 0.63 -7.26
C PHE B 56 -4.17 1.74 -7.61
N THR B 57 -3.68 2.98 -7.67
CA THR B 57 -4.52 4.09 -8.11
C THR B 57 -4.13 4.56 -9.50
N ALA B 58 -2.98 4.09 -9.96
CA ALA B 58 -2.42 4.57 -11.22
C ALA B 58 -1.66 3.46 -11.93
N ILE B 59 -1.29 3.72 -13.18
CA ILE B 59 -0.57 2.74 -13.99
C ILE B 59 0.89 3.12 -14.09
N LYS B 60 1.16 4.36 -13.80
CA LYS B 60 2.50 4.91 -13.87
C LYS B 60 2.75 5.89 -12.72
N PRO B 61 3.59 5.51 -11.75
CA PRO B 61 3.98 6.37 -10.65
C PRO B 61 4.83 7.54 -11.12
N SER B 62 4.80 8.64 -10.38
CA SER B 62 5.56 9.83 -10.71
C SER B 62 7.06 9.58 -10.53
N LEU B 63 7.84 10.11 -11.46
CA LEU B 63 9.27 9.86 -11.52
C LEU B 63 10.00 10.38 -10.29
N GLY B 64 9.41 11.34 -9.59
CA GLY B 64 9.98 11.84 -8.36
C GLY B 64 10.06 10.75 -7.31
N LEU B 65 8.97 10.00 -7.16
CA LEU B 65 8.93 8.88 -6.24
C LEU B 65 9.87 7.78 -6.71
N ILE B 66 9.91 7.58 -8.03
CA ILE B 66 10.76 6.57 -8.64
C ILE B 66 12.24 6.92 -8.44
N ASN B 67 12.55 8.21 -8.44
CA ASN B 67 13.92 8.68 -8.26
C ASN B 67 14.36 8.51 -6.81
N ARG B 68 13.43 8.69 -5.89
CA ARG B 68 13.74 8.58 -4.46
C ARG B 68 13.53 7.14 -3.99
N TRP B 69 12.97 6.33 -4.87
CA TRP B 69 12.67 4.94 -4.60
C TRP B 69 13.94 4.15 -4.29
N GLY B 70 14.96 4.33 -5.12
CA GLY B 70 16.23 3.67 -4.91
C GLY B 70 17.02 4.29 -3.78
N SER B 71 16.49 5.38 -3.22
CA SER B 71 17.13 6.05 -2.11
C SER B 71 16.64 5.46 -0.79
N VAL B 72 15.63 4.60 -0.88
CA VAL B 72 15.11 3.91 0.30
C VAL B 72 16.11 2.87 0.76
N GLY B 73 16.46 2.91 2.03
CA GLY B 73 17.31 1.89 2.60
C GLY B 73 16.63 0.54 2.54
N LYS B 74 17.24 -0.39 1.84
CA LYS B 74 16.59 -1.68 1.59
C LYS B 74 16.36 -2.44 2.90
N LYS B 75 17.15 -2.12 3.92
CA LYS B 75 16.91 -2.67 5.25
C LYS B 75 15.58 -2.16 5.79
N GLU B 76 15.40 -0.84 5.73
CA GLU B 76 14.16 -0.22 6.14
C GLU B 76 13.02 -0.73 5.27
N ALA B 77 13.29 -0.88 3.97
CA ALA B 77 12.32 -1.42 3.03
C ALA B 77 11.82 -2.79 3.48
N MET B 78 12.77 -3.65 3.89
CA MET B 78 12.43 -4.98 4.40
C MET B 78 11.49 -4.88 5.59
N GLU B 79 11.77 -3.92 6.47
CA GLU B 79 10.95 -3.70 7.64
C GLU B 79 9.58 -3.14 7.24
N ILE B 80 9.59 -2.15 6.36
CA ILE B 80 8.35 -1.53 5.87
C ILE B 80 7.45 -2.56 5.23
N ILE B 81 7.99 -3.29 4.26
CA ILE B 81 7.23 -4.29 3.52
C ILE B 81 6.65 -5.34 4.45
N LYS B 82 7.43 -5.73 5.46
CA LYS B 82 6.98 -6.69 6.45
C LYS B 82 5.76 -6.16 7.20
N LYS B 83 5.87 -4.95 7.72
CA LYS B 83 4.79 -4.32 8.49
C LYS B 83 3.61 -3.96 7.57
N PHE B 84 3.93 -3.71 6.31
CA PHE B 84 2.92 -3.39 5.32
C PHE B 84 2.01 -4.60 5.09
N LYS B 85 2.63 -5.76 4.87
CA LYS B 85 1.88 -6.99 4.68
C LYS B 85 1.09 -7.34 5.93
N LYS B 86 1.63 -6.98 7.09
CA LYS B 86 0.94 -7.19 8.36
C LYS B 86 -0.32 -6.33 8.45
N ASP B 87 -0.21 -5.09 8.01
CA ASP B 87 -1.36 -4.18 8.02
C ASP B 87 -2.40 -4.65 7.03
N LEU B 88 -1.93 -5.14 5.89
CA LEU B 88 -2.81 -5.68 4.85
C LEU B 88 -3.53 -6.93 5.36
N ALA B 89 -2.82 -7.77 6.10
CA ALA B 89 -3.39 -8.97 6.67
C ALA B 89 -4.50 -8.62 7.67
N ALA B 90 -4.24 -7.62 8.48
CA ALA B 90 -5.23 -7.11 9.42
C ALA B 90 -6.39 -6.48 8.67
N MET B 91 -6.06 -5.69 7.65
CA MET B 91 -7.04 -5.04 6.80
C MET B 91 -8.04 -6.06 6.25
N LEU B 92 -7.50 -7.10 5.61
CA LEU B 92 -8.29 -8.19 5.06
C LEU B 92 -9.22 -8.77 6.11
N ARG B 93 -8.65 -9.09 7.27
CA ARG B 93 -9.37 -9.70 8.36
C ARG B 93 -10.55 -8.83 8.79
N ILE B 94 -10.32 -7.52 8.87
CA ILE B 94 -11.35 -6.61 9.31
C ILE B 94 -12.41 -6.42 8.22
N ILE B 95 -12.01 -6.43 6.94
CA ILE B 95 -12.99 -6.36 5.86
C ILE B 95 -13.95 -7.53 5.96
N ASN B 96 -13.40 -8.70 6.25
CA ASN B 96 -14.21 -9.90 6.46
C ASN B 96 -15.16 -9.70 7.63
N ALA B 97 -14.68 -9.04 8.67
CA ALA B 97 -15.47 -8.80 9.87
C ALA B 97 -16.44 -7.64 9.70
N ARG B 98 -16.20 -6.80 8.69
CA ARG B 98 -17.06 -5.66 8.40
C ARG B 98 -18.44 -6.15 7.97
N LYS B 99 -18.45 -7.08 7.02
CA LYS B 99 -19.69 -7.69 6.57
C LYS B 99 -19.88 -9.02 7.31
N GLU B 100 -18.96 -9.25 8.26
CA GLU B 100 -18.97 -10.42 9.17
C GLU B 100 -19.23 -11.75 8.46
N LYS B 101 -18.88 -11.82 7.17
CA LYS B 101 -19.12 -13.01 6.35
C LYS B 101 -20.58 -13.45 6.44
N LYS B 102 -21.46 -12.49 6.72
CA LYS B 102 -22.89 -12.72 6.86
C LYS B 102 -23.19 -13.77 7.93
N ARG B 103 -22.87 -13.45 9.17
CA ARG B 103 -23.20 -14.32 10.30
C ARG B 103 -24.70 -14.37 10.49
N ARG B 104 -25.34 -13.23 10.30
CA ARG B 104 -26.76 -13.10 10.52
C ARG B 104 -27.50 -13.08 9.18
N ALA A 35 -12.24 12.61 -12.88
CA ALA A 35 -11.30 11.48 -12.83
C ALA A 35 -10.99 11.12 -11.38
N GLY A 36 -11.70 10.13 -10.86
CA GLY A 36 -11.55 9.75 -9.47
C GLY A 36 -10.14 9.30 -9.13
N LEU A 37 -9.47 8.69 -10.08
CA LEU A 37 -8.12 8.16 -9.87
C LEU A 37 -7.09 9.29 -9.86
N LEU A 38 -7.52 10.48 -10.24
CA LEU A 38 -6.64 11.64 -10.23
C LEU A 38 -6.84 12.43 -8.94
N LEU A 39 -8.10 12.54 -8.51
CA LEU A 39 -8.42 13.29 -7.32
C LEU A 39 -8.17 12.47 -6.06
N GLY A 40 -8.07 11.16 -6.24
CA GLY A 40 -7.80 10.29 -5.11
C GLY A 40 -9.07 9.74 -4.50
N HIS A 41 -10.07 9.52 -5.35
CA HIS A 41 -11.35 8.96 -4.91
C HIS A 41 -11.75 7.82 -5.84
N GLY A 42 -11.35 6.62 -5.50
CA GLY A 42 -11.65 5.47 -6.34
C GLY A 42 -12.62 4.51 -5.69
N PRO A 43 -12.97 3.42 -6.38
CA PRO A 43 -13.92 2.41 -5.86
C PRO A 43 -13.34 1.61 -4.69
N ILE A 44 -14.09 0.57 -4.29
CA ILE A 44 -13.75 -0.27 -3.14
C ILE A 44 -12.27 -0.66 -3.08
N ARG A 45 -11.73 -1.16 -4.18
CA ARG A 45 -10.32 -1.56 -4.24
C ARG A 45 -9.39 -0.40 -3.95
N MET A 46 -9.69 0.76 -4.52
CA MET A 46 -8.89 1.96 -4.28
C MET A 46 -9.04 2.44 -2.85
N VAL A 47 -10.20 2.17 -2.25
CA VAL A 47 -10.42 2.54 -0.85
C VAL A 47 -9.41 1.82 0.03
N LEU A 48 -9.18 0.56 -0.29
CA LEU A 48 -8.22 -0.26 0.42
C LEU A 48 -6.81 0.27 0.21
N ALA A 49 -6.52 0.73 -1.00
CA ALA A 49 -5.23 1.30 -1.34
C ALA A 49 -5.01 2.64 -0.63
N ILE A 50 -6.04 3.48 -0.65
CA ILE A 50 -5.98 4.78 0.02
C ILE A 50 -5.85 4.58 1.53
N LEU A 51 -6.44 3.50 2.03
CA LEU A 51 -6.32 3.12 3.43
C LEU A 51 -4.85 2.94 3.80
N ALA A 52 -4.18 2.03 3.10
CA ALA A 52 -2.77 1.76 3.36
C ALA A 52 -1.94 3.02 3.23
N PHE A 53 -2.27 3.83 2.24
CA PHE A 53 -1.64 5.12 2.05
C PHE A 53 -1.72 5.93 3.35
N LEU A 54 -2.94 6.16 3.81
CA LEU A 54 -3.17 6.95 5.01
C LEU A 54 -2.67 6.24 6.27
N ARG A 55 -2.34 4.97 6.15
CA ARG A 55 -1.82 4.19 7.27
C ARG A 55 -0.34 4.43 7.47
N PHE A 56 0.39 4.50 6.37
CA PHE A 56 1.84 4.64 6.44
C PHE A 56 2.31 6.04 6.08
N THR A 57 1.40 6.88 5.61
CA THR A 57 1.74 8.28 5.37
C THR A 57 1.21 9.18 6.48
N ALA A 58 0.08 8.79 7.04
CA ALA A 58 -0.61 9.62 8.01
C ALA A 58 -1.00 8.82 9.24
N ILE A 59 -1.65 9.50 10.18
CA ILE A 59 -2.16 8.85 11.38
C ILE A 59 -3.68 8.94 11.39
N LYS A 60 -4.33 7.77 11.43
CA LYS A 60 -5.78 7.67 11.38
C LYS A 60 -6.33 8.13 10.04
N PRO A 61 -6.72 7.17 9.18
CA PRO A 61 -7.30 7.46 7.86
C PRO A 61 -8.61 8.25 7.98
N SER A 62 -8.90 9.04 6.94
CA SER A 62 -10.12 9.83 6.90
C SER A 62 -11.35 8.92 7.00
N LEU A 63 -12.32 9.37 7.78
CA LEU A 63 -13.50 8.56 8.12
C LEU A 63 -14.30 8.17 6.88
N GLY A 64 -14.17 8.94 5.80
CA GLY A 64 -14.83 8.57 4.56
C GLY A 64 -14.34 7.25 4.03
N LEU A 65 -13.03 7.05 4.08
CA LEU A 65 -12.43 5.77 3.68
C LEU A 65 -12.81 4.69 4.68
N ILE A 66 -12.84 5.06 5.95
CA ILE A 66 -13.19 4.13 7.04
C ILE A 66 -14.65 3.67 6.90
N ASN A 67 -15.51 4.57 6.46
CA ASN A 67 -16.93 4.26 6.29
C ASN A 67 -17.15 3.34 5.10
N ARG A 68 -16.39 3.56 4.02
CA ARG A 68 -16.53 2.73 2.83
C ARG A 68 -15.63 1.49 2.93
N TRP A 69 -14.80 1.50 3.96
CA TRP A 69 -13.85 0.42 4.24
C TRP A 69 -14.58 -0.91 4.39
N GLY A 70 -15.71 -0.89 5.07
CA GLY A 70 -16.47 -2.11 5.30
C GLY A 70 -17.33 -2.48 4.11
N SER A 71 -17.31 -1.64 3.07
CA SER A 71 -18.11 -1.89 1.87
C SER A 71 -17.33 -2.75 0.89
N VAL A 72 -16.04 -2.90 1.13
CA VAL A 72 -15.21 -3.79 0.34
C VAL A 72 -15.72 -5.22 0.52
N GLY A 73 -15.68 -6.00 -0.54
CA GLY A 73 -16.31 -7.30 -0.55
C GLY A 73 -15.61 -8.36 0.27
N LYS A 74 -14.73 -7.92 1.19
CA LYS A 74 -13.95 -8.78 2.12
C LYS A 74 -13.21 -9.94 1.41
N LYS A 75 -13.94 -10.88 0.84
CA LYS A 75 -13.35 -11.88 -0.03
C LYS A 75 -12.57 -11.18 -1.14
N GLU A 76 -13.26 -10.25 -1.78
CA GLU A 76 -12.64 -9.35 -2.75
C GLU A 76 -11.36 -8.74 -2.19
N ALA A 77 -11.44 -8.25 -0.96
CA ALA A 77 -10.30 -7.62 -0.30
C ALA A 77 -9.15 -8.61 -0.14
N MET A 78 -9.47 -9.88 0.10
CA MET A 78 -8.45 -10.92 0.20
C MET A 78 -7.65 -10.98 -1.09
N GLU A 79 -8.36 -10.93 -2.21
CA GLU A 79 -7.73 -10.94 -3.51
C GLU A 79 -6.88 -9.69 -3.73
N ILE A 80 -7.43 -8.54 -3.34
CA ILE A 80 -6.73 -7.25 -3.45
C ILE A 80 -5.47 -7.26 -2.62
N ILE A 81 -5.61 -7.60 -1.33
CA ILE A 81 -4.48 -7.62 -0.41
C ILE A 81 -3.42 -8.63 -0.87
N LYS A 82 -3.87 -9.72 -1.47
CA LYS A 82 -2.96 -10.72 -2.01
C LYS A 82 -2.08 -10.10 -3.10
N LYS A 83 -2.72 -9.44 -4.06
CA LYS A 83 -2.02 -8.79 -5.15
C LYS A 83 -1.18 -7.63 -4.62
N PHE A 84 -1.69 -6.97 -3.59
CA PHE A 84 -1.00 -5.85 -2.96
C PHE A 84 0.36 -6.31 -2.41
N LYS A 85 0.32 -7.38 -1.62
CA LYS A 85 1.54 -7.93 -1.03
C LYS A 85 2.48 -8.46 -2.11
N LYS A 86 1.90 -9.01 -3.19
CA LYS A 86 2.69 -9.51 -4.30
C LYS A 86 3.44 -8.39 -5.00
N ASP A 87 2.74 -7.29 -5.24
CA ASP A 87 3.34 -6.14 -5.93
C ASP A 87 4.41 -5.51 -5.06
N LEU A 88 4.14 -5.45 -3.76
CA LEU A 88 5.11 -4.95 -2.79
C LEU A 88 6.39 -5.78 -2.80
N ALA A 89 6.22 -7.10 -2.92
CA ALA A 89 7.34 -8.01 -2.94
C ALA A 89 8.24 -7.75 -4.13
N ALA A 90 7.63 -7.59 -5.30
CA ALA A 90 8.38 -7.33 -6.53
C ALA A 90 9.11 -5.99 -6.44
N MET A 91 8.39 -4.96 -6.00
CA MET A 91 8.95 -3.63 -5.87
C MET A 91 10.11 -3.61 -4.89
N LEU A 92 9.98 -4.37 -3.81
CA LEU A 92 11.04 -4.49 -2.81
C LEU A 92 12.32 -5.03 -3.44
N ARG A 93 12.17 -6.08 -4.23
CA ARG A 93 13.30 -6.70 -4.91
C ARG A 93 13.99 -5.72 -5.84
N ILE A 94 13.20 -4.86 -6.47
CA ILE A 94 13.74 -3.85 -7.38
C ILE A 94 14.52 -2.80 -6.60
N ILE A 95 14.05 -2.44 -5.41
CA ILE A 95 14.78 -1.49 -4.56
C ILE A 95 16.18 -1.99 -4.29
N ASN A 96 16.27 -3.28 -3.96
CA ASN A 96 17.55 -3.93 -3.71
C ASN A 96 18.43 -3.87 -4.94
N ALA A 97 17.82 -4.04 -6.10
CA ALA A 97 18.53 -4.03 -7.36
C ALA A 97 18.94 -2.62 -7.77
N ARG A 98 18.56 -1.63 -6.98
CA ARG A 98 18.89 -0.24 -7.28
C ARG A 98 20.09 0.24 -6.47
N LYS A 99 20.77 -0.67 -5.78
CA LYS A 99 22.04 -0.33 -5.15
C LYS A 99 23.13 -0.34 -6.19
N GLU A 100 23.11 -1.37 -7.04
CA GLU A 100 24.07 -1.51 -8.13
C GLU A 100 25.50 -1.28 -7.65
N LYS A 101 25.83 -1.89 -6.52
CA LYS A 101 27.16 -1.77 -5.96
C LYS A 101 27.56 -3.08 -5.29
N LYS A 102 28.56 -3.01 -4.42
CA LYS A 102 29.05 -4.18 -3.70
C LYS A 102 27.94 -4.87 -2.91
N ARG A 103 28.14 -6.15 -2.63
CA ARG A 103 27.19 -6.94 -1.86
C ARG A 103 27.75 -7.24 -0.48
N ARG A 104 28.50 -6.30 0.06
CA ARG A 104 29.13 -6.45 1.36
C ARG A 104 28.17 -6.05 2.46
N ALA B 35 3.54 20.75 6.26
CA ALA B 35 3.25 19.38 6.74
C ALA B 35 3.28 18.40 5.58
N GLY B 36 4.42 17.73 5.41
CA GLY B 36 4.59 16.81 4.30
C GLY B 36 3.60 15.68 4.29
N LEU B 37 3.19 15.25 5.48
CA LEU B 37 2.26 14.13 5.62
C LEU B 37 0.83 14.55 5.28
N LEU B 38 0.62 15.85 5.12
CA LEU B 38 -0.68 16.38 4.76
C LEU B 38 -0.73 16.60 3.25
N LEU B 39 0.36 17.11 2.70
CA LEU B 39 0.43 17.39 1.27
C LEU B 39 0.71 16.12 0.47
N GLY B 40 1.20 15.10 1.14
CA GLY B 40 1.47 13.85 0.47
C GLY B 40 2.90 13.75 0.01
N HIS B 41 3.81 14.36 0.76
CA HIS B 41 5.22 14.34 0.45
C HIS B 41 6.01 13.97 1.71
N GLY B 42 6.26 12.68 1.89
CA GLY B 42 6.95 12.23 3.08
C GLY B 42 8.33 11.68 2.76
N PRO B 43 9.07 11.22 3.78
CA PRO B 43 10.40 10.65 3.60
C PRO B 43 10.39 9.29 2.89
N ILE B 44 11.56 8.65 2.85
CA ILE B 44 11.76 7.37 2.15
C ILE B 44 10.64 6.35 2.39
N ARG B 45 10.29 6.13 3.66
CA ARG B 45 9.23 5.18 3.99
C ARG B 45 7.89 5.58 3.37
N MET B 46 7.58 6.87 3.42
CA MET B 46 6.34 7.36 2.82
C MET B 46 6.39 7.26 1.31
N VAL B 47 7.59 7.34 0.74
CA VAL B 47 7.76 7.20 -0.70
C VAL B 47 7.29 5.82 -1.13
N LEU B 48 7.63 4.84 -0.33
CA LEU B 48 7.24 3.46 -0.57
C LEU B 48 5.71 3.32 -0.45
N ALA B 49 5.15 4.02 0.52
CA ALA B 49 3.70 4.02 0.73
C ALA B 49 2.97 4.71 -0.42
N ILE B 50 3.48 5.87 -0.83
CA ILE B 50 2.90 6.62 -1.93
C ILE B 50 3.02 5.81 -3.23
N LEU B 51 4.09 5.04 -3.33
CA LEU B 51 4.30 4.14 -4.45
C LEU B 51 3.12 3.18 -4.58
N ALA B 52 2.87 2.41 -3.52
CA ALA B 52 1.78 1.43 -3.51
C ALA B 52 0.45 2.11 -3.80
N PHE B 53 0.27 3.30 -3.23
CA PHE B 53 -0.89 4.12 -3.50
C PHE B 53 -1.06 4.31 -5.01
N LEU B 54 -0.05 4.87 -5.65
CA LEU B 54 -0.09 5.14 -7.08
C LEU B 54 -0.08 3.86 -7.91
N ARG B 55 0.20 2.73 -7.27
CA ARG B 55 0.21 1.45 -7.96
C ARG B 55 -1.20 0.88 -8.08
N PHE B 56 -1.98 1.03 -7.02
CA PHE B 56 -3.31 0.43 -6.99
C PHE B 56 -4.40 1.48 -7.18
N THR B 57 -4.03 2.75 -7.15
CA THR B 57 -5.00 3.81 -7.42
C THR B 57 -4.83 4.34 -8.84
N ALA B 58 -3.59 4.34 -9.32
CA ALA B 58 -3.29 4.95 -10.60
C ALA B 58 -2.45 4.02 -11.47
N ILE B 59 -2.09 4.49 -12.65
CA ILE B 59 -1.23 3.74 -13.55
C ILE B 59 0.07 4.50 -13.74
N LYS B 60 1.19 3.85 -13.39
CA LYS B 60 2.52 4.45 -13.46
C LYS B 60 2.65 5.60 -12.45
N PRO B 61 3.36 5.33 -11.33
CA PRO B 61 3.60 6.35 -10.29
C PRO B 61 4.41 7.53 -10.83
N SER B 62 4.20 8.69 -10.22
CA SER B 62 4.92 9.90 -10.60
C SER B 62 6.42 9.70 -10.46
N LEU B 63 7.16 10.21 -11.44
CA LEU B 63 8.60 9.98 -11.55
C LEU B 63 9.36 10.51 -10.35
N GLY B 64 8.79 11.48 -9.65
CA GLY B 64 9.43 11.98 -8.44
C GLY B 64 9.55 10.89 -7.38
N LEU B 65 8.49 10.10 -7.23
CA LEU B 65 8.50 8.98 -6.32
C LEU B 65 9.43 7.89 -6.85
N ILE B 66 9.41 7.70 -8.16
CA ILE B 66 10.25 6.72 -8.83
C ILE B 66 11.74 7.07 -8.67
N ASN B 67 12.04 8.35 -8.70
CA ASN B 67 13.41 8.82 -8.56
C ASN B 67 13.92 8.63 -7.13
N ARG B 68 13.05 8.88 -6.16
CA ARG B 68 13.42 8.74 -4.76
C ARG B 68 13.20 7.31 -4.29
N TRP B 69 12.57 6.53 -5.15
CA TRP B 69 12.26 5.12 -4.90
C TRP B 69 13.53 4.33 -4.58
N GLY B 70 14.59 4.60 -5.33
CA GLY B 70 15.84 3.90 -5.14
C GLY B 70 16.65 4.46 -4.00
N SER B 71 16.15 5.51 -3.36
CA SER B 71 16.84 6.14 -2.25
C SER B 71 16.45 5.48 -0.93
N VAL B 72 15.40 4.67 -0.98
CA VAL B 72 15.01 3.88 0.18
C VAL B 72 16.14 2.91 0.51
N GLY B 73 16.35 2.68 1.80
CA GLY B 73 17.51 1.93 2.25
C GLY B 73 17.45 0.44 1.97
N LYS B 74 16.56 0.03 1.04
CA LYS B 74 16.36 -1.37 0.60
C LYS B 74 16.17 -2.36 1.75
N LYS B 75 17.19 -2.56 2.58
CA LYS B 75 17.05 -3.30 3.82
C LYS B 75 15.93 -2.68 4.65
N GLU B 76 16.04 -1.37 4.82
CA GLU B 76 14.99 -0.55 5.42
C GLU B 76 13.64 -0.87 4.79
N ALA B 77 13.61 -0.92 3.45
CA ALA B 77 12.38 -1.20 2.72
C ALA B 77 11.82 -2.57 3.08
N MET B 78 12.72 -3.53 3.31
CA MET B 78 12.30 -4.87 3.72
C MET B 78 11.49 -4.79 5.00
N GLU B 79 11.99 -4.00 5.95
CA GLU B 79 11.30 -3.78 7.22
C GLU B 79 9.95 -3.08 6.99
N ILE B 80 9.95 -2.06 6.14
CA ILE B 80 8.75 -1.32 5.83
C ILE B 80 7.71 -2.22 5.17
N ILE B 81 8.11 -2.93 4.13
CA ILE B 81 7.23 -3.83 3.40
C ILE B 81 6.71 -4.93 4.32
N LYS B 82 7.54 -5.37 5.24
CA LYS B 82 7.14 -6.39 6.21
C LYS B 82 5.98 -5.87 7.05
N LYS B 83 6.15 -4.69 7.62
CA LYS B 83 5.11 -4.06 8.43
C LYS B 83 3.89 -3.72 7.58
N PHE B 84 4.15 -3.36 6.34
CA PHE B 84 3.08 -3.02 5.40
C PHE B 84 2.16 -4.22 5.20
N LYS B 85 2.75 -5.37 4.88
CA LYS B 85 1.99 -6.60 4.68
C LYS B 85 1.29 -7.03 5.97
N LYS B 86 1.95 -6.79 7.10
CA LYS B 86 1.39 -7.13 8.41
C LYS B 86 0.13 -6.30 8.68
N ASP B 87 0.21 -5.01 8.41
CA ASP B 87 -0.91 -4.10 8.66
C ASP B 87 -2.06 -4.42 7.72
N LEU B 88 -1.72 -4.75 6.48
CA LEU B 88 -2.71 -5.16 5.49
C LEU B 88 -3.45 -6.42 5.95
N ALA B 89 -2.70 -7.34 6.54
CA ALA B 89 -3.29 -8.59 7.03
C ALA B 89 -4.31 -8.32 8.11
N ALA B 90 -3.97 -7.47 9.07
CA ALA B 90 -4.86 -7.13 10.16
C ALA B 90 -6.11 -6.43 9.64
N MET B 91 -5.91 -5.45 8.77
CA MET B 91 -7.01 -4.69 8.18
C MET B 91 -7.95 -5.58 7.39
N LEU B 92 -7.38 -6.54 6.67
CA LEU B 92 -8.16 -7.51 5.91
C LEU B 92 -9.10 -8.29 6.82
N ARG B 93 -8.57 -8.76 7.94
CA ARG B 93 -9.35 -9.52 8.91
C ARG B 93 -10.50 -8.68 9.45
N ILE B 94 -10.25 -7.39 9.62
CA ILE B 94 -11.28 -6.49 10.12
C ILE B 94 -12.38 -6.29 9.08
N ILE B 95 -12.01 -6.26 7.80
CA ILE B 95 -13.00 -6.16 6.73
C ILE B 95 -13.98 -7.31 6.81
N ASN B 96 -13.44 -8.50 7.01
CA ASN B 96 -14.25 -9.72 7.16
C ASN B 96 -15.17 -9.60 8.36
N ALA B 97 -14.66 -9.00 9.43
CA ALA B 97 -15.43 -8.84 10.65
C ALA B 97 -16.48 -7.74 10.51
N ARG B 98 -16.51 -7.07 9.37
CA ARG B 98 -17.48 -6.00 9.15
C ARG B 98 -18.67 -6.47 8.33
N LYS B 99 -18.79 -7.79 8.13
CA LYS B 99 -20.01 -8.33 7.54
C LYS B 99 -21.07 -8.45 8.61
N GLU B 100 -20.65 -8.93 9.78
CA GLU B 100 -21.55 -9.06 10.92
C GLU B 100 -22.87 -9.72 10.53
N LYS B 101 -22.77 -10.79 9.77
CA LYS B 101 -23.95 -11.53 9.33
C LYS B 101 -23.62 -13.02 9.26
N LYS B 102 -24.45 -13.76 8.54
CA LYS B 102 -24.29 -15.19 8.38
C LYS B 102 -22.91 -15.54 7.81
N ARG B 103 -22.47 -16.76 8.06
CA ARG B 103 -21.19 -17.26 7.58
C ARG B 103 -21.42 -18.30 6.50
N ARG B 104 -22.46 -18.08 5.70
CA ARG B 104 -22.81 -19.00 4.62
C ARG B 104 -22.04 -18.66 3.37
N ALA A 35 3.10 20.08 6.49
CA ALA A 35 2.21 18.95 6.16
C ALA A 35 2.73 18.20 4.95
N GLY A 36 3.41 17.08 5.20
CA GLY A 36 4.03 16.31 4.14
C GLY A 36 3.04 15.80 3.13
N LEU A 37 1.85 15.46 3.58
CA LEU A 37 0.82 14.91 2.71
C LEU A 37 0.19 16.00 1.85
N LEU A 38 0.46 17.25 2.20
CA LEU A 38 -0.10 18.37 1.46
C LEU A 38 0.87 18.85 0.39
N LEU A 39 2.16 18.85 0.74
CA LEU A 39 3.18 19.31 -0.19
C LEU A 39 3.71 18.17 -1.05
N GLY A 40 3.38 16.94 -0.66
CA GLY A 40 3.82 15.78 -1.41
C GLY A 40 5.21 15.33 -1.02
N HIS A 41 5.51 15.47 0.27
CA HIS A 41 6.83 15.14 0.77
C HIS A 41 6.71 14.46 2.14
N GLY A 42 6.47 13.15 2.11
CA GLY A 42 6.34 12.40 3.34
C GLY A 42 7.62 11.65 3.67
N PRO A 43 7.83 11.29 4.95
CA PRO A 43 9.04 10.58 5.39
C PRO A 43 9.27 9.27 4.63
N ILE A 44 10.45 8.67 4.79
CA ILE A 44 10.86 7.52 3.98
C ILE A 44 9.84 6.37 4.00
N ARG A 45 9.28 6.09 5.18
CA ARG A 45 8.26 5.06 5.30
C ARG A 45 7.03 5.43 4.47
N MET A 46 6.68 6.70 4.51
CA MET A 46 5.57 7.21 3.73
C MET A 46 5.90 7.18 2.24
N VAL A 47 7.18 7.33 1.90
CA VAL A 47 7.62 7.25 0.52
C VAL A 47 7.20 5.92 -0.10
N LEU A 48 7.44 4.83 0.62
CA LEU A 48 7.01 3.51 0.15
C LEU A 48 5.50 3.41 0.10
N ALA A 49 4.82 4.02 1.07
CA ALA A 49 3.36 4.03 1.10
C ALA A 49 2.80 4.79 -0.11
N ILE A 50 3.40 5.95 -0.39
CA ILE A 50 3.00 6.77 -1.53
C ILE A 50 3.31 6.03 -2.83
N LEU A 51 4.41 5.28 -2.83
CA LEU A 51 4.77 4.46 -3.98
C LEU A 51 3.66 3.47 -4.30
N ALA A 52 3.26 2.68 -3.30
CA ALA A 52 2.21 1.69 -3.46
C ALA A 52 0.95 2.35 -3.99
N PHE A 53 0.62 3.51 -3.43
CA PHE A 53 -0.48 4.32 -3.91
C PHE A 53 -0.33 4.57 -5.40
N LEU A 54 0.78 5.20 -5.78
CA LEU A 54 1.02 5.59 -7.16
C LEU A 54 1.20 4.39 -8.09
N ARG A 55 1.29 3.20 -7.53
CA ARG A 55 1.42 1.98 -8.34
C ARG A 55 0.08 1.33 -8.59
N PHE A 56 -0.78 1.32 -7.58
CA PHE A 56 -2.08 0.67 -7.69
C PHE A 56 -3.16 1.67 -8.08
N THR A 57 -2.87 2.96 -7.95
CA THR A 57 -3.82 3.98 -8.35
C THR A 57 -3.43 4.62 -9.68
N ALA A 58 -2.13 4.72 -9.91
CA ALA A 58 -1.62 5.43 -11.07
C ALA A 58 -0.62 4.58 -11.83
N ILE A 59 -0.10 5.14 -12.92
CA ILE A 59 0.93 4.48 -13.69
C ILE A 59 2.21 5.33 -13.64
N LYS A 60 3.29 4.71 -13.18
CA LYS A 60 4.58 5.39 -13.02
C LYS A 60 4.53 6.49 -11.96
N PRO A 61 5.09 6.23 -10.78
CA PRO A 61 5.21 7.24 -9.73
C PRO A 61 6.16 8.37 -10.15
N SER A 62 5.94 9.56 -9.59
CA SER A 62 6.79 10.70 -9.87
C SER A 62 8.22 10.41 -9.45
N LEU A 63 9.17 10.89 -10.25
CA LEU A 63 10.59 10.57 -10.08
C LEU A 63 11.14 11.12 -8.77
N GLY A 64 10.43 12.05 -8.16
CA GLY A 64 10.82 12.53 -6.84
C GLY A 64 10.71 11.43 -5.80
N LEU A 65 9.58 10.74 -5.82
CA LEU A 65 9.36 9.62 -4.92
C LEU A 65 10.32 8.49 -5.27
N ILE A 66 10.57 8.32 -6.56
CA ILE A 66 11.48 7.29 -7.05
C ILE A 66 12.90 7.54 -6.56
N ASN A 67 13.29 8.80 -6.52
CA ASN A 67 14.62 9.18 -6.06
C ASN A 67 14.79 8.86 -4.57
N ARG A 68 13.77 9.19 -3.78
CA ARG A 68 13.85 8.98 -2.35
C ARG A 68 13.53 7.52 -2.01
N TRP A 69 12.89 6.84 -2.96
CA TRP A 69 12.53 5.43 -2.84
C TRP A 69 13.76 4.59 -2.52
N GLY A 70 14.80 4.74 -3.33
CA GLY A 70 16.03 4.01 -3.10
C GLY A 70 16.91 4.68 -2.06
N SER A 71 16.32 5.61 -1.30
CA SER A 71 17.05 6.31 -0.27
C SER A 71 16.35 6.11 1.09
N VAL A 72 15.43 5.15 1.12
CA VAL A 72 14.65 4.85 2.32
C VAL A 72 15.43 3.94 3.25
N GLY A 73 16.46 3.35 2.69
CA GLY A 73 17.16 2.30 3.36
C GLY A 73 16.47 0.99 3.13
N LYS A 74 17.12 0.06 2.44
CA LYS A 74 16.51 -1.21 2.12
C LYS A 74 16.19 -1.99 3.39
N LYS A 75 16.89 -1.64 4.46
CA LYS A 75 16.61 -2.18 5.78
C LYS A 75 15.25 -1.68 6.26
N GLU A 76 15.08 -0.36 6.26
CA GLU A 76 13.82 0.26 6.62
C GLU A 76 12.71 -0.26 5.73
N ALA A 77 13.01 -0.37 4.44
CA ALA A 77 12.07 -0.87 3.45
C ALA A 77 11.57 -2.26 3.84
N MET A 78 12.48 -3.13 4.26
CA MET A 78 12.12 -4.48 4.69
C MET A 78 11.13 -4.43 5.83
N GLU A 79 11.38 -3.53 6.78
CA GLU A 79 10.50 -3.38 7.93
C GLU A 79 9.16 -2.78 7.51
N ILE A 80 9.19 -1.86 6.56
CA ILE A 80 7.98 -1.27 6.02
C ILE A 80 7.14 -2.32 5.33
N ILE A 81 7.78 -3.09 4.44
CA ILE A 81 7.09 -4.13 3.70
C ILE A 81 6.52 -5.18 4.64
N LYS A 82 7.28 -5.53 5.67
CA LYS A 82 6.84 -6.48 6.68
C LYS A 82 5.55 -6.00 7.35
N LYS A 83 5.56 -4.76 7.82
CA LYS A 83 4.40 -4.18 8.48
C LYS A 83 3.26 -4.01 7.49
N PHE A 84 3.60 -3.61 6.27
CA PHE A 84 2.61 -3.39 5.22
C PHE A 84 1.79 -4.65 5.00
N LYS A 85 2.48 -5.77 4.79
CA LYS A 85 1.81 -7.05 4.57
C LYS A 85 0.98 -7.45 5.80
N LYS A 86 1.51 -7.13 6.98
CA LYS A 86 0.83 -7.46 8.22
C LYS A 86 -0.47 -6.67 8.35
N ASP A 87 -0.39 -5.36 8.11
CA ASP A 87 -1.58 -4.50 8.14
C ASP A 87 -2.58 -4.92 7.07
N LEU A 88 -2.07 -5.26 5.89
CA LEU A 88 -2.91 -5.68 4.78
C LEU A 88 -3.74 -6.90 5.16
N ALA A 89 -3.10 -7.84 5.83
CA ALA A 89 -3.78 -9.05 6.30
C ALA A 89 -4.87 -8.70 7.30
N ALA A 90 -4.56 -7.77 8.19
CA ALA A 90 -5.52 -7.30 9.18
C ALA A 90 -6.69 -6.59 8.51
N MET A 91 -6.37 -5.74 7.55
CA MET A 91 -7.38 -4.99 6.81
C MET A 91 -8.32 -5.93 6.07
N LEU A 92 -7.74 -6.97 5.47
CA LEU A 92 -8.51 -7.98 4.77
C LEU A 92 -9.55 -8.62 5.70
N ARG A 93 -9.10 -8.95 6.90
CA ARG A 93 -9.98 -9.52 7.91
C ARG A 93 -11.10 -8.54 8.25
N ILE A 94 -10.79 -7.25 8.22
CA ILE A 94 -11.78 -6.23 8.50
C ILE A 94 -12.75 -6.07 7.33
N ILE A 95 -12.28 -6.28 6.11
CA ILE A 95 -13.16 -6.28 4.94
C ILE A 95 -14.27 -7.30 5.13
N ASN A 96 -13.88 -8.46 5.64
CA ASN A 96 -14.85 -9.51 5.99
C ASN A 96 -15.80 -9.01 7.07
N ALA A 97 -15.23 -8.31 8.06
CA ALA A 97 -16.00 -7.78 9.18
C ALA A 97 -16.94 -6.66 8.75
N ARG A 98 -16.62 -6.00 7.64
CA ARG A 98 -17.41 -4.87 7.16
C ARG A 98 -18.57 -5.35 6.30
N LYS A 99 -18.85 -6.64 6.35
CA LYS A 99 -19.91 -7.23 5.56
C LYS A 99 -20.78 -8.14 6.42
N GLU A 100 -20.16 -9.14 7.03
CA GLU A 100 -20.89 -10.13 7.81
C GLU A 100 -19.93 -11.01 8.60
N LYS A 101 -18.86 -11.43 7.94
CA LYS A 101 -17.91 -12.35 8.54
C LYS A 101 -16.94 -11.63 9.46
N LYS A 102 -17.49 -10.94 10.45
CA LYS A 102 -16.69 -10.31 11.50
C LYS A 102 -16.28 -11.35 12.54
N ARG A 103 -15.55 -12.36 12.08
CA ARG A 103 -15.13 -13.47 12.92
C ARG A 103 -13.64 -13.71 12.79
N ARG A 104 -13.14 -14.70 13.51
CA ARG A 104 -11.74 -15.07 13.44
C ARG A 104 -11.57 -16.58 13.64
N ALA B 35 -11.01 11.94 -13.82
CA ALA B 35 -9.75 11.58 -13.15
C ALA B 35 -10.01 11.24 -11.69
N GLY B 36 -10.08 9.95 -11.39
CA GLY B 36 -10.41 9.50 -10.05
C GLY B 36 -9.40 9.94 -9.02
N LEU B 37 -8.14 10.01 -9.41
CA LEU B 37 -7.07 10.39 -8.50
C LEU B 37 -7.07 11.90 -8.24
N LEU B 38 -7.84 12.64 -9.03
CA LEU B 38 -7.91 14.08 -8.89
C LEU B 38 -9.11 14.46 -8.02
N LEU B 39 -10.21 13.74 -8.19
CA LEU B 39 -11.43 14.03 -7.45
C LEU B 39 -11.47 13.24 -6.14
N GLY B 40 -10.60 12.25 -6.03
CA GLY B 40 -10.54 11.45 -4.82
C GLY B 40 -11.53 10.31 -4.85
N HIS B 41 -11.74 9.75 -6.03
CA HIS B 41 -12.71 8.69 -6.24
C HIS B 41 -12.16 7.65 -7.19
N GLY B 42 -11.37 6.74 -6.66
CA GLY B 42 -10.79 5.68 -7.47
C GLY B 42 -11.56 4.39 -7.33
N PRO B 43 -11.46 3.48 -8.32
CA PRO B 43 -12.17 2.19 -8.31
C PRO B 43 -11.88 1.35 -7.06
N ILE B 44 -12.64 0.29 -6.84
CA ILE B 44 -12.58 -0.47 -5.59
C ILE B 44 -11.16 -0.94 -5.25
N ARG B 45 -10.41 -1.40 -6.26
CA ARG B 45 -9.03 -1.82 -6.05
C ARG B 45 -8.19 -0.63 -5.57
N MET B 46 -8.44 0.52 -6.17
CA MET B 46 -7.76 1.74 -5.78
C MET B 46 -8.19 2.17 -4.39
N VAL B 47 -9.43 1.86 -4.02
CA VAL B 47 -9.93 2.17 -2.67
C VAL B 47 -9.02 1.56 -1.62
N LEU B 48 -8.68 0.29 -1.79
CA LEU B 48 -7.76 -0.38 -0.87
C LEU B 48 -6.36 0.24 -0.94
N ALA B 49 -5.95 0.62 -2.14
CA ALA B 49 -4.64 1.28 -2.32
C ALA B 49 -4.61 2.62 -1.60
N ILE B 50 -5.68 3.40 -1.75
CA ILE B 50 -5.81 4.69 -1.09
C ILE B 50 -5.89 4.51 0.42
N LEU B 51 -6.53 3.42 0.84
CA LEU B 51 -6.60 3.07 2.25
C LEU B 51 -5.20 2.91 2.84
N ALA B 52 -4.41 2.05 2.21
CA ALA B 52 -3.04 1.79 2.65
C ALA B 52 -2.26 3.10 2.74
N PHE B 53 -2.43 3.93 1.72
CA PHE B 53 -1.86 5.26 1.71
C PHE B 53 -2.26 6.01 2.98
N LEU B 54 -3.56 6.18 3.17
CA LEU B 54 -4.10 6.95 4.29
C LEU B 54 -3.82 6.30 5.65
N ARG B 55 -3.30 5.07 5.64
CA ARG B 55 -2.97 4.37 6.88
C ARG B 55 -1.50 4.56 7.24
N PHE B 56 -0.63 4.52 6.24
CA PHE B 56 0.79 4.64 6.47
C PHE B 56 1.28 6.07 6.30
N THR B 57 0.46 6.91 5.69
CA THR B 57 0.81 8.31 5.54
C THR B 57 0.03 9.19 6.52
N ALA B 58 -1.19 8.79 6.82
CA ALA B 58 -2.07 9.60 7.63
C ALA B 58 -2.67 8.79 8.77
N ILE B 59 -3.48 9.45 9.59
CA ILE B 59 -4.19 8.79 10.67
C ILE B 59 -5.69 8.87 10.40
N LYS B 60 -6.34 7.71 10.32
CA LYS B 60 -7.77 7.60 10.04
C LYS B 60 -8.10 8.08 8.62
N PRO B 61 -8.37 7.14 7.72
CA PRO B 61 -8.83 7.45 6.36
C PRO B 61 -10.22 8.09 6.37
N SER B 62 -10.49 8.91 5.37
CA SER B 62 -11.79 9.56 5.24
C SER B 62 -12.89 8.51 5.12
N LEU B 63 -14.03 8.80 5.75
CA LEU B 63 -15.12 7.84 5.87
C LEU B 63 -15.72 7.50 4.52
N GLY B 64 -15.44 8.30 3.50
CA GLY B 64 -15.86 7.99 2.16
C GLY B 64 -15.17 6.73 1.65
N LEU B 65 -13.86 6.68 1.82
CA LEU B 65 -13.08 5.51 1.45
C LEU B 65 -13.47 4.34 2.33
N ILE B 66 -13.75 4.62 3.60
CA ILE B 66 -14.14 3.59 4.55
C ILE B 66 -15.47 2.95 4.16
N ASN B 67 -16.38 3.78 3.64
CA ASN B 67 -17.68 3.29 3.19
C ASN B 67 -17.53 2.36 2.01
N ARG B 68 -16.70 2.75 1.05
CA ARG B 68 -16.53 1.94 -0.16
C ARG B 68 -15.55 0.80 0.10
N TRP B 69 -14.78 0.93 1.17
CA TRP B 69 -13.83 -0.08 1.61
C TRP B 69 -14.51 -1.43 1.79
N GLY B 70 -15.58 -1.45 2.57
CA GLY B 70 -16.33 -2.67 2.79
C GLY B 70 -17.30 -2.96 1.66
N SER B 71 -17.12 -2.27 0.55
CA SER B 71 -17.96 -2.45 -0.62
C SER B 71 -17.12 -2.85 -1.83
N VAL B 72 -15.87 -3.21 -1.57
CA VAL B 72 -14.94 -3.60 -2.61
C VAL B 72 -15.12 -5.06 -3.00
N GLY B 73 -15.82 -5.75 -2.15
CA GLY B 73 -15.93 -7.18 -2.24
C GLY B 73 -14.74 -7.83 -1.57
N LYS B 74 -14.98 -8.57 -0.50
CA LYS B 74 -13.89 -9.17 0.25
C LYS B 74 -13.13 -10.18 -0.62
N LYS B 75 -13.81 -10.65 -1.66
CA LYS B 75 -13.18 -11.49 -2.67
C LYS B 75 -12.14 -10.69 -3.44
N GLU B 76 -12.59 -9.56 -4.00
CA GLU B 76 -11.71 -8.65 -4.71
C GLU B 76 -10.58 -8.21 -3.80
N ALA B 77 -10.93 -7.90 -2.55
CA ALA B 77 -9.96 -7.48 -1.55
C ALA B 77 -8.86 -8.52 -1.38
N MET B 78 -9.25 -9.80 -1.31
CA MET B 78 -8.28 -10.89 -1.17
C MET B 78 -7.29 -10.86 -2.34
N GLU B 79 -7.83 -10.66 -3.53
CA GLU B 79 -7.00 -10.61 -4.74
C GLU B 79 -6.11 -9.38 -4.74
N ILE B 80 -6.65 -8.26 -4.26
CA ILE B 80 -5.89 -7.02 -4.13
C ILE B 80 -4.73 -7.20 -3.16
N ILE B 81 -5.05 -7.73 -1.98
CA ILE B 81 -4.06 -7.96 -0.94
C ILE B 81 -2.98 -8.92 -1.41
N LYS B 82 -3.40 -9.95 -2.14
CA LYS B 82 -2.48 -10.93 -2.71
C LYS B 82 -1.49 -10.25 -3.64
N LYS B 83 -2.00 -9.47 -4.58
CA LYS B 83 -1.16 -8.75 -5.53
C LYS B 83 -0.32 -7.71 -4.82
N PHE B 84 -0.92 -7.04 -3.84
CA PHE B 84 -0.25 -5.99 -3.08
C PHE B 84 1.02 -6.54 -2.45
N LYS B 85 0.89 -7.65 -1.72
CA LYS B 85 2.03 -8.28 -1.08
C LYS B 85 3.06 -8.74 -2.11
N LYS B 86 2.58 -9.21 -3.25
CA LYS B 86 3.44 -9.66 -4.32
C LYS B 86 4.27 -8.51 -4.89
N ASP B 87 3.60 -7.40 -5.20
CA ASP B 87 4.27 -6.21 -5.71
C ASP B 87 5.23 -5.65 -4.67
N LEU B 88 4.81 -5.67 -3.40
CA LEU B 88 5.64 -5.17 -2.31
C LEU B 88 6.95 -5.93 -2.24
N ALA B 89 6.88 -7.24 -2.40
CA ALA B 89 8.06 -8.09 -2.38
C ALA B 89 8.98 -7.74 -3.55
N ALA B 90 8.38 -7.49 -4.71
CA ALA B 90 9.13 -7.11 -5.89
C ALA B 90 9.79 -5.75 -5.70
N MET B 91 9.03 -4.81 -5.14
CA MET B 91 9.52 -3.45 -4.88
C MET B 91 10.69 -3.50 -3.92
N LEU B 92 10.58 -4.33 -2.89
CA LEU B 92 11.64 -4.51 -1.91
C LEU B 92 12.94 -4.93 -2.61
N ARG B 93 12.82 -5.89 -3.52
CA ARG B 93 13.96 -6.36 -4.29
C ARG B 93 14.56 -5.23 -5.11
N ILE B 94 13.70 -4.33 -5.58
CA ILE B 94 14.15 -3.19 -6.36
C ILE B 94 14.83 -2.15 -5.46
N ILE B 95 14.38 -2.03 -4.22
CA ILE B 95 15.04 -1.15 -3.24
C ILE B 95 16.49 -1.55 -3.11
N ASN B 96 16.73 -2.86 -3.05
CA ASN B 96 18.08 -3.40 -3.04
C ASN B 96 18.82 -3.02 -4.32
N ALA B 97 18.11 -3.11 -5.45
CA ALA B 97 18.67 -2.82 -6.76
C ALA B 97 18.97 -1.33 -6.92
N ARG B 98 18.27 -0.49 -6.17
CA ARG B 98 18.42 0.96 -6.27
C ARG B 98 19.58 1.45 -5.42
N LYS B 99 20.40 0.51 -4.96
CA LYS B 99 21.54 0.84 -4.11
C LYS B 99 22.79 0.16 -4.60
N GLU B 100 22.75 -1.17 -4.68
CA GLU B 100 23.92 -1.94 -5.05
C GLU B 100 23.54 -3.40 -5.31
N LYS B 101 22.71 -3.93 -4.44
CA LYS B 101 22.33 -5.34 -4.51
C LYS B 101 21.24 -5.58 -5.55
N LYS B 102 21.52 -5.19 -6.77
CA LYS B 102 20.64 -5.48 -7.91
C LYS B 102 20.83 -6.91 -8.38
N ARG B 103 20.60 -7.85 -7.47
CA ARG B 103 20.81 -9.26 -7.74
C ARG B 103 19.57 -10.07 -7.36
N ARG B 104 19.65 -11.38 -7.56
CA ARG B 104 18.56 -12.27 -7.20
C ARG B 104 19.12 -13.62 -6.74
N ALA A 35 -1.04 -10.09 17.55
CA ALA A 35 0.10 -10.31 16.64
C ALA A 35 -0.38 -10.80 15.28
N GLY A 36 -0.78 -9.85 14.43
CA GLY A 36 -1.39 -10.18 13.16
C GLY A 36 -0.48 -10.98 12.25
N LEU A 37 0.81 -10.68 12.29
CA LEU A 37 1.78 -11.34 11.42
C LEU A 37 2.18 -12.69 11.97
N LEU A 38 1.91 -12.91 13.25
CA LEU A 38 2.29 -14.16 13.91
C LEU A 38 1.16 -15.17 13.79
N LEU A 39 -0.06 -14.71 14.02
CA LEU A 39 -1.23 -15.58 13.96
C LEU A 39 -1.78 -15.65 12.54
N GLY A 40 -1.37 -14.71 11.69
CA GLY A 40 -1.83 -14.69 10.32
C GLY A 40 -3.22 -14.09 10.19
N HIS A 41 -3.64 -13.39 11.24
CA HIS A 41 -4.96 -12.77 11.27
C HIS A 41 -4.83 -11.25 11.30
N GLY A 42 -5.15 -10.63 10.18
CA GLY A 42 -5.02 -9.19 10.08
C GLY A 42 -6.34 -8.47 10.25
N PRO A 43 -6.39 -7.45 11.13
CA PRO A 43 -7.58 -6.62 11.31
C PRO A 43 -7.86 -5.75 10.08
N ILE A 44 -8.98 -5.05 10.08
CA ILE A 44 -9.43 -4.29 8.91
C ILE A 44 -8.33 -3.41 8.30
N ARG A 45 -7.54 -2.77 9.17
CA ARG A 45 -6.45 -1.90 8.70
C ARG A 45 -5.41 -2.70 7.94
N MET A 46 -5.06 -3.85 8.49
CA MET A 46 -4.08 -4.72 7.86
C MET A 46 -4.65 -5.39 6.62
N VAL A 47 -5.97 -5.49 6.56
CA VAL A 47 -6.66 -6.02 5.38
C VAL A 47 -6.41 -5.12 4.18
N LEU A 48 -6.59 -3.82 4.37
CA LEU A 48 -6.34 -2.86 3.30
C LEU A 48 -4.86 -2.81 2.95
N ALA A 49 -4.01 -3.02 3.96
CA ALA A 49 -2.57 -3.04 3.75
C ALA A 49 -2.16 -4.23 2.87
N ILE A 50 -2.61 -5.42 3.23
CA ILE A 50 -2.29 -6.63 2.46
C ILE A 50 -3.04 -6.61 1.13
N LEU A 51 -4.15 -5.90 1.10
CA LEU A 51 -4.90 -5.71 -0.14
C LEU A 51 -4.03 -5.02 -1.17
N ALA A 52 -3.52 -3.83 -0.83
CA ALA A 52 -2.65 -3.08 -1.72
C ALA A 52 -1.41 -3.89 -2.07
N PHE A 53 -0.91 -4.63 -1.08
CA PHE A 53 0.18 -5.57 -1.29
C PHE A 53 -0.14 -6.49 -2.46
N LEU A 54 -1.21 -7.24 -2.32
CA LEU A 54 -1.63 -8.19 -3.35
C LEU A 54 -2.10 -7.50 -4.62
N ARG A 55 -2.39 -6.22 -4.53
CA ARG A 55 -2.81 -5.44 -5.69
C ARG A 55 -1.62 -5.12 -6.59
N PHE A 56 -0.54 -4.67 -5.99
CA PHE A 56 0.62 -4.22 -6.74
C PHE A 56 1.66 -5.32 -6.87
N THR A 57 1.42 -6.44 -6.20
CA THR A 57 2.31 -7.59 -6.35
C THR A 57 1.69 -8.65 -7.24
N ALA A 58 0.37 -8.78 -7.17
CA ALA A 58 -0.32 -9.86 -7.84
C ALA A 58 -1.58 -9.38 -8.54
N ILE A 59 -2.32 -10.31 -9.11
CA ILE A 59 -3.56 -10.01 -9.80
C ILE A 59 -4.74 -10.68 -9.08
N LYS A 60 -5.75 -9.88 -8.76
CA LYS A 60 -6.93 -10.35 -8.01
C LYS A 60 -6.50 -10.96 -6.68
N PRO A 61 -6.31 -10.09 -5.66
CA PRO A 61 -5.68 -10.45 -4.39
C PRO A 61 -6.09 -11.82 -3.83
N SER A 62 -7.24 -11.87 -3.16
CA SER A 62 -7.73 -13.09 -2.53
C SER A 62 -9.18 -12.90 -2.13
N LEU A 63 -9.99 -13.91 -2.41
CA LEU A 63 -11.44 -13.84 -2.17
C LEU A 63 -11.75 -13.69 -0.68
N GLY A 64 -10.91 -14.27 0.16
CA GLY A 64 -11.09 -14.14 1.59
C GLY A 64 -10.84 -12.72 2.06
N LEU A 65 -9.82 -12.09 1.49
CA LEU A 65 -9.50 -10.71 1.79
C LEU A 65 -10.60 -9.79 1.26
N ILE A 66 -11.12 -10.13 0.09
CA ILE A 66 -12.22 -9.38 -0.51
C ILE A 66 -13.49 -9.54 0.33
N ASN A 67 -13.62 -10.70 0.95
CA ASN A 67 -14.75 -10.97 1.84
C ASN A 67 -14.73 -10.01 3.03
N ARG A 68 -13.55 -9.81 3.60
CA ARG A 68 -13.42 -8.94 4.77
C ARG A 68 -13.27 -7.48 4.33
N TRP A 69 -12.96 -7.30 3.06
CA TRP A 69 -12.79 -5.98 2.45
C TRP A 69 -14.04 -5.13 2.65
N GLY A 70 -15.20 -5.70 2.35
CA GLY A 70 -16.46 -5.00 2.53
C GLY A 70 -16.90 -4.97 3.97
N SER A 71 -16.14 -5.62 4.84
CA SER A 71 -16.45 -5.64 6.26
C SER A 71 -15.71 -4.49 6.96
N VAL A 72 -14.75 -3.91 6.25
CA VAL A 72 -14.03 -2.75 6.75
C VAL A 72 -14.96 -1.55 6.80
N GLY A 73 -14.97 -0.86 7.93
CA GLY A 73 -15.76 0.35 8.04
C GLY A 73 -15.28 1.37 7.04
N LYS A 74 -16.18 1.81 6.18
CA LYS A 74 -15.82 2.74 5.11
C LYS A 74 -15.24 4.03 5.68
N LYS A 75 -15.71 4.42 6.87
CA LYS A 75 -15.14 5.56 7.57
C LYS A 75 -13.70 5.27 7.96
N GLU A 76 -13.49 4.09 8.52
CA GLU A 76 -12.15 3.66 8.91
C GLU A 76 -11.26 3.60 7.68
N ALA A 77 -11.79 3.04 6.60
CA ALA A 77 -11.08 2.94 5.33
C ALA A 77 -10.66 4.32 4.84
N MET A 78 -11.57 5.29 4.95
CA MET A 78 -11.28 6.68 4.57
C MET A 78 -10.07 7.20 5.33
N GLU A 79 -10.00 6.88 6.62
CA GLU A 79 -8.90 7.32 7.47
C GLU A 79 -7.62 6.54 7.14
N ILE A 80 -7.78 5.25 6.92
CA ILE A 80 -6.64 4.38 6.57
C ILE A 80 -6.02 4.84 5.26
N ILE A 81 -6.84 5.04 4.24
CA ILE A 81 -6.37 5.44 2.93
C ILE A 81 -5.72 6.82 2.99
N LYS A 82 -6.27 7.70 3.82
CA LYS A 82 -5.70 9.04 3.99
C LYS A 82 -4.28 8.95 4.53
N LYS A 83 -4.11 8.23 5.64
CA LYS A 83 -2.81 8.10 6.28
C LYS A 83 -1.90 7.19 5.46
N PHE A 84 -2.49 6.38 4.60
CA PHE A 84 -1.75 5.51 3.71
C PHE A 84 -1.00 6.34 2.68
N LYS A 85 -1.73 7.21 2.00
CA LYS A 85 -1.16 8.07 0.99
C LYS A 85 -0.10 8.99 1.58
N LYS A 86 -0.37 9.51 2.77
CA LYS A 86 0.56 10.41 3.45
C LYS A 86 1.87 9.70 3.80
N ASP A 87 1.78 8.44 4.19
CA ASP A 87 2.98 7.68 4.53
C ASP A 87 3.74 7.32 3.26
N LEU A 88 2.99 7.03 2.19
CA LEU A 88 3.58 6.78 0.89
C LEU A 88 4.36 8.00 0.42
N ALA A 89 3.77 9.18 0.61
CA ALA A 89 4.41 10.44 0.25
C ALA A 89 5.70 10.63 1.04
N ALA A 90 5.63 10.36 2.33
CA ALA A 90 6.79 10.48 3.20
C ALA A 90 7.90 9.54 2.76
N MET A 91 7.55 8.27 2.57
CA MET A 91 8.52 7.27 2.15
C MET A 91 9.09 7.59 0.78
N LEU A 92 8.25 8.15 -0.09
CA LEU A 92 8.69 8.59 -1.41
C LEU A 92 9.79 9.64 -1.30
N ARG A 93 9.57 10.63 -0.42
CA ARG A 93 10.55 11.67 -0.21
C ARG A 93 11.85 11.08 0.32
N ILE A 94 11.74 10.01 1.09
CA ILE A 94 12.92 9.34 1.62
C ILE A 94 13.66 8.59 0.51
N ILE A 95 12.93 8.07 -0.48
CA ILE A 95 13.56 7.47 -1.66
C ILE A 95 14.48 8.49 -2.31
N ASN A 96 13.98 9.71 -2.44
CA ASN A 96 14.76 10.83 -2.93
C ASN A 96 16.00 11.03 -2.06
N ALA A 97 15.82 10.87 -0.76
CA ALA A 97 16.89 11.08 0.21
C ALA A 97 17.86 9.89 0.28
N ARG A 98 17.52 8.79 -0.39
CA ARG A 98 18.39 7.62 -0.39
C ARG A 98 19.51 7.80 -1.41
N LYS A 99 19.38 8.80 -2.26
CA LYS A 99 20.39 9.08 -3.27
C LYS A 99 21.14 10.36 -2.94
N GLU A 100 20.51 11.50 -3.17
CA GLU A 100 21.16 12.79 -2.93
C GLU A 100 20.12 13.89 -2.72
N LYS A 101 18.86 13.48 -2.53
CA LYS A 101 17.75 14.42 -2.37
C LYS A 101 17.60 15.34 -3.57
N LYS A 102 17.65 14.76 -4.76
CA LYS A 102 17.48 15.51 -5.99
C LYS A 102 15.99 15.64 -6.31
N ARG A 103 15.43 16.81 -6.08
CA ARG A 103 14.03 17.06 -6.37
C ARG A 103 13.86 17.47 -7.83
N ARG A 104 13.08 16.70 -8.57
CA ARG A 104 12.82 17.00 -9.97
C ARG A 104 11.33 17.14 -10.20
N ALA B 35 7.68 -14.57 -11.75
CA ALA B 35 6.68 -14.92 -10.71
C ALA B 35 7.18 -14.50 -9.34
N GLY B 36 7.00 -13.23 -9.01
CA GLY B 36 7.54 -12.68 -7.78
C GLY B 36 7.02 -13.35 -6.53
N LEU B 37 5.76 -13.75 -6.56
CA LEU B 37 5.13 -14.35 -5.39
C LEU B 37 5.49 -15.83 -5.28
N LEU B 38 5.95 -16.41 -6.38
CA LEU B 38 6.29 -17.82 -6.41
C LEU B 38 7.73 -18.02 -6.01
N LEU B 39 8.61 -17.18 -6.55
CA LEU B 39 10.04 -17.28 -6.26
C LEU B 39 10.39 -16.50 -5.01
N GLY B 40 9.51 -15.60 -4.60
CA GLY B 40 9.75 -14.80 -3.41
C GLY B 40 10.65 -13.63 -3.70
N HIS B 41 10.82 -13.32 -4.98
CA HIS B 41 11.68 -12.23 -5.41
C HIS B 41 10.86 -11.12 -6.04
N GLY B 42 10.73 -10.01 -5.33
CA GLY B 42 9.93 -8.92 -5.81
C GLY B 42 10.76 -7.80 -6.41
N PRO B 43 10.40 -7.35 -7.63
CA PRO B 43 11.07 -6.21 -8.27
C PRO B 43 10.78 -4.90 -7.55
N ILE B 44 11.43 -3.82 -7.97
CA ILE B 44 11.34 -2.54 -7.26
C ILE B 44 9.89 -2.11 -6.97
N ARG B 45 8.99 -2.35 -7.92
CA ARG B 45 7.58 -1.99 -7.74
C ARG B 45 6.97 -2.79 -6.61
N MET B 46 7.25 -4.09 -6.59
CA MET B 46 6.74 -4.96 -5.56
C MET B 46 7.42 -4.70 -4.22
N VAL B 47 8.62 -4.13 -4.27
CA VAL B 47 9.34 -3.74 -3.06
C VAL B 47 8.57 -2.65 -2.32
N LEU B 48 8.13 -1.63 -3.06
CA LEU B 48 7.34 -0.56 -2.45
C LEU B 48 5.98 -1.08 -2.00
N ALA B 49 5.45 -2.05 -2.72
CA ALA B 49 4.18 -2.68 -2.36
C ALA B 49 4.29 -3.42 -1.04
N ILE B 50 5.28 -4.28 -0.92
CA ILE B 50 5.49 -5.05 0.31
C ILE B 50 5.99 -4.14 1.42
N LEU B 51 6.62 -3.03 1.04
CA LEU B 51 7.05 -2.03 2.00
C LEU B 51 5.85 -1.49 2.75
N ALA B 52 4.88 -0.94 2.00
CA ALA B 52 3.67 -0.40 2.59
C ALA B 52 2.93 -1.48 3.37
N PHE B 53 2.95 -2.69 2.83
CA PHE B 53 2.41 -3.84 3.53
C PHE B 53 3.00 -3.92 4.93
N LEU B 54 4.32 -4.06 5.01
CA LEU B 54 5.01 -4.19 6.28
C LEU B 54 4.96 -2.90 7.10
N ARG B 55 4.62 -1.79 6.45
CA ARG B 55 4.48 -0.51 7.14
C ARG B 55 3.20 -0.44 7.95
N PHE B 56 2.11 -0.86 7.33
CA PHE B 56 0.80 -0.75 7.95
C PHE B 56 0.39 -2.04 8.64
N THR B 57 1.20 -3.09 8.47
CA THR B 57 0.94 -4.34 9.18
C THR B 57 1.89 -4.50 10.37
N ALA B 58 3.10 -4.01 10.20
CA ALA B 58 4.16 -4.25 11.17
C ALA B 58 4.95 -2.98 11.46
N ILE B 59 5.98 -3.12 12.29
CA ILE B 59 6.85 -2.01 12.65
C ILE B 59 8.26 -2.27 12.15
N LYS B 60 8.82 -1.31 11.42
CA LYS B 60 10.14 -1.43 10.81
C LYS B 60 10.20 -2.66 9.90
N PRO B 61 9.75 -2.50 8.65
CA PRO B 61 9.51 -3.60 7.71
C PRO B 61 10.58 -4.70 7.73
N SER B 62 11.68 -4.47 7.01
CA SER B 62 12.74 -5.46 6.90
C SER B 62 13.98 -4.79 6.30
N LEU B 63 15.14 -5.08 6.88
CA LEU B 63 16.38 -4.44 6.48
C LEU B 63 16.75 -4.79 5.04
N GLY B 64 16.38 -5.99 4.60
CA GLY B 64 16.63 -6.39 3.22
C GLY B 64 15.79 -5.60 2.25
N LEU B 65 14.54 -5.36 2.62
CA LEU B 65 13.65 -4.56 1.81
C LEU B 65 14.11 -3.10 1.80
N ILE B 66 14.60 -2.63 2.94
CA ILE B 66 15.15 -1.29 3.06
C ILE B 66 16.42 -1.16 2.21
N ASN B 67 17.16 -2.25 2.12
CA ASN B 67 18.37 -2.31 1.30
C ASN B 67 18.03 -2.06 -0.17
N ARG B 68 16.96 -2.69 -0.64
CA ARG B 68 16.56 -2.56 -2.04
C ARG B 68 15.69 -1.32 -2.23
N TRP B 69 15.21 -0.79 -1.12
CA TRP B 69 14.37 0.40 -1.10
C TRP B 69 15.08 1.57 -1.77
N GLY B 70 16.32 1.79 -1.39
CA GLY B 70 17.10 2.87 -1.98
C GLY B 70 17.64 2.51 -3.35
N SER B 71 17.39 1.28 -3.78
CA SER B 71 17.81 0.82 -5.08
C SER B 71 16.71 1.08 -6.11
N VAL B 72 15.51 1.38 -5.60
CA VAL B 72 14.39 1.73 -6.45
C VAL B 72 14.65 3.08 -7.10
N GLY B 73 14.47 3.16 -8.41
CA GLY B 73 14.60 4.42 -9.09
C GLY B 73 13.59 5.41 -8.56
N LYS B 74 14.06 6.54 -8.06
CA LYS B 74 13.19 7.52 -7.44
C LYS B 74 12.14 8.02 -8.43
N LYS B 75 12.50 8.06 -9.71
CA LYS B 75 11.54 8.39 -10.76
C LYS B 75 10.45 7.32 -10.83
N GLU B 76 10.88 6.07 -10.84
CA GLU B 76 9.96 4.93 -10.86
C GLU B 76 9.07 4.98 -9.61
N ALA B 77 9.70 5.25 -8.47
CA ALA B 77 8.98 5.35 -7.21
C ALA B 77 7.90 6.43 -7.29
N MET B 78 8.25 7.57 -7.89
CA MET B 78 7.30 8.67 -8.09
C MET B 78 6.07 8.20 -8.86
N GLU B 79 6.31 7.38 -9.87
CA GLU B 79 5.23 6.86 -10.70
C GLU B 79 4.45 5.78 -9.96
N ILE B 80 5.17 4.94 -9.23
CA ILE B 80 4.56 3.88 -8.43
C ILE B 80 3.64 4.48 -7.37
N ILE B 81 4.17 5.43 -6.62
CA ILE B 81 3.41 6.08 -5.55
C ILE B 81 2.19 6.82 -6.10
N LYS B 82 2.35 7.42 -7.28
CA LYS B 82 1.24 8.11 -7.93
C LYS B 82 0.10 7.15 -8.21
N LYS B 83 0.42 6.06 -8.91
CA LYS B 83 -0.59 5.07 -9.28
C LYS B 83 -1.05 4.28 -8.07
N PHE B 84 -0.24 4.28 -7.02
CA PHE B 84 -0.58 3.62 -5.77
C PHE B 84 -1.74 4.34 -5.10
N LYS B 85 -1.59 5.65 -4.93
CA LYS B 85 -2.61 6.48 -4.31
C LYS B 85 -3.90 6.44 -5.10
N LYS B 86 -3.77 6.48 -6.43
CA LYS B 86 -4.94 6.46 -7.31
C LYS B 86 -5.72 5.15 -7.19
N ASP B 87 -5.00 4.04 -7.03
CA ASP B 87 -5.65 2.75 -6.89
C ASP B 87 -6.29 2.64 -5.52
N LEU B 88 -5.61 3.20 -4.52
CA LEU B 88 -6.15 3.27 -3.16
C LEU B 88 -7.47 4.04 -3.16
N ALA B 89 -7.47 5.15 -3.88
CA ALA B 89 -8.67 5.98 -4.01
C ALA B 89 -9.80 5.19 -4.66
N ALA B 90 -9.46 4.49 -5.74
CA ALA B 90 -10.44 3.67 -6.44
C ALA B 90 -11.03 2.60 -5.52
N MET B 91 -10.14 1.86 -4.86
CA MET B 91 -10.56 0.78 -3.97
C MET B 91 -11.37 1.35 -2.80
N LEU B 92 -10.99 2.53 -2.33
CA LEU B 92 -11.72 3.22 -1.27
C LEU B 92 -13.17 3.46 -1.70
N ARG B 93 -13.35 3.97 -2.91
CA ARG B 93 -14.68 4.24 -3.43
C ARG B 93 -15.48 2.95 -3.52
N ILE B 94 -14.79 1.84 -3.78
CA ILE B 94 -15.45 0.55 -3.86
C ILE B 94 -15.87 0.08 -2.46
N ILE B 95 -15.09 0.43 -1.43
CA ILE B 95 -15.49 0.14 -0.04
C ILE B 95 -16.85 0.78 0.23
N ASN B 96 -16.99 2.01 -0.22
CA ASN B 96 -18.26 2.72 -0.15
C ASN B 96 -19.34 1.94 -0.88
N ALA B 97 -18.97 1.36 -2.02
CA ALA B 97 -19.90 0.62 -2.86
C ALA B 97 -20.16 -0.80 -2.32
N ARG B 98 -19.43 -1.21 -1.31
CA ARG B 98 -19.64 -2.54 -0.72
C ARG B 98 -20.81 -2.50 0.25
N LYS B 99 -21.26 -1.31 0.58
CA LYS B 99 -22.39 -1.15 1.49
C LYS B 99 -23.62 -0.66 0.74
N GLU B 100 -23.64 0.63 0.42
CA GLU B 100 -24.78 1.23 -0.27
C GLU B 100 -24.38 2.50 -1.01
N LYS B 101 -23.06 2.69 -1.17
CA LYS B 101 -22.51 3.87 -1.84
C LYS B 101 -22.94 5.16 -1.14
N LYS B 102 -22.84 5.17 0.19
CA LYS B 102 -23.17 6.35 0.96
C LYS B 102 -21.97 7.29 1.05
N ARG B 103 -22.01 8.37 0.29
CA ARG B 103 -20.93 9.35 0.30
C ARG B 103 -21.15 10.35 1.43
N ARG B 104 -20.18 10.43 2.32
CA ARG B 104 -20.23 11.35 3.44
C ARG B 104 -19.02 12.27 3.43
N ALA A 35 -1.04 -7.31 18.13
CA ALA A 35 0.01 -7.96 17.32
C ALA A 35 -0.60 -9.01 16.40
N GLY A 36 -1.18 -8.54 15.30
CA GLY A 36 -1.90 -9.43 14.39
C GLY A 36 -1.04 -10.55 13.84
N LEU A 37 0.24 -10.28 13.67
CA LEU A 37 1.16 -11.26 13.10
C LEU A 37 1.49 -12.37 14.10
N LEU A 38 1.31 -12.08 15.39
CA LEU A 38 1.64 -13.05 16.43
C LEU A 38 0.38 -13.76 16.92
N LEU A 39 -0.73 -13.04 16.93
CA LEU A 39 -1.99 -13.61 17.39
C LEU A 39 -2.73 -14.31 16.25
N GLY A 40 -2.31 -14.04 15.03
CA GLY A 40 -2.94 -14.64 13.87
C GLY A 40 -4.24 -13.95 13.52
N HIS A 41 -4.44 -12.77 14.07
CA HIS A 41 -5.65 -12.00 13.86
C HIS A 41 -5.31 -10.63 13.29
N GLY A 42 -5.50 -10.47 11.99
CA GLY A 42 -5.20 -9.21 11.35
C GLY A 42 -6.33 -8.21 11.55
N PRO A 43 -6.06 -7.10 12.25
CA PRO A 43 -7.04 -6.02 12.43
C PRO A 43 -7.39 -5.35 11.11
N ILE A 44 -8.47 -4.58 11.07
CA ILE A 44 -8.96 -4.03 9.81
C ILE A 44 -7.90 -3.19 9.08
N ARG A 45 -7.06 -2.48 9.84
CA ARG A 45 -5.96 -1.72 9.24
C ARG A 45 -4.99 -2.67 8.52
N MET A 46 -4.60 -3.73 9.23
CA MET A 46 -3.70 -4.72 8.68
C MET A 46 -4.34 -5.42 7.48
N VAL A 47 -5.65 -5.59 7.51
CA VAL A 47 -6.38 -6.20 6.41
C VAL A 47 -6.17 -5.41 5.11
N LEU A 48 -6.29 -4.09 5.20
CA LEU A 48 -6.07 -3.24 4.03
C LEU A 48 -4.61 -3.29 3.58
N ALA A 49 -3.71 -3.48 4.54
CA ALA A 49 -2.30 -3.63 4.23
C ALA A 49 -2.04 -4.93 3.47
N ILE A 50 -2.63 -6.02 3.97
CA ILE A 50 -2.52 -7.32 3.30
C ILE A 50 -3.22 -7.25 1.94
N LEU A 51 -4.32 -6.52 1.90
CA LEU A 51 -5.05 -6.27 0.67
C LEU A 51 -4.14 -5.66 -0.39
N ALA A 52 -3.51 -4.54 -0.04
CA ALA A 52 -2.62 -3.84 -0.95
C ALA A 52 -1.49 -4.76 -1.42
N PHE A 53 -1.04 -5.61 -0.52
CA PHE A 53 -0.02 -6.60 -0.83
C PHE A 53 -0.53 -7.52 -1.95
N LEU A 54 -1.65 -8.18 -1.70
CA LEU A 54 -2.24 -9.11 -2.66
C LEU A 54 -2.81 -8.38 -3.86
N ARG A 55 -2.80 -7.06 -3.80
CA ARG A 55 -3.32 -6.25 -4.86
C ARG A 55 -2.22 -5.87 -5.84
N PHE A 56 -1.02 -5.63 -5.34
CA PHE A 56 0.08 -5.20 -6.18
C PHE A 56 1.07 -6.34 -6.45
N THR A 57 1.12 -7.33 -5.58
CA THR A 57 2.02 -8.46 -5.79
C THR A 57 1.32 -9.55 -6.59
N ALA A 58 0.00 -9.57 -6.48
CA ALA A 58 -0.80 -10.61 -7.10
C ALA A 58 -2.02 -10.02 -7.78
N ILE A 59 -2.82 -10.88 -8.38
CA ILE A 59 -4.07 -10.47 -9.01
C ILE A 59 -5.24 -11.18 -8.33
N LYS A 60 -6.25 -10.41 -7.95
CA LYS A 60 -7.43 -10.92 -7.26
C LYS A 60 -7.07 -11.44 -5.87
N PRO A 61 -7.17 -10.56 -4.85
CA PRO A 61 -6.90 -10.93 -3.45
C PRO A 61 -7.80 -12.05 -2.96
N SER A 62 -7.28 -12.83 -2.01
CA SER A 62 -7.99 -13.97 -1.45
C SER A 62 -9.28 -13.52 -0.77
N LEU A 63 -10.32 -14.36 -0.91
CA LEU A 63 -11.67 -14.04 -0.47
C LEU A 63 -11.75 -13.77 1.03
N GLY A 64 -10.86 -14.37 1.81
CA GLY A 64 -10.84 -14.12 3.24
C GLY A 64 -10.59 -12.67 3.56
N LEU A 65 -9.62 -12.09 2.85
CA LEU A 65 -9.32 -10.68 3.00
C LEU A 65 -10.47 -9.84 2.48
N ILE A 66 -11.08 -10.30 1.39
CA ILE A 66 -12.19 -9.59 0.77
C ILE A 66 -13.43 -9.60 1.66
N ASN A 67 -13.65 -10.72 2.34
CA ASN A 67 -14.78 -10.85 3.26
C ASN A 67 -14.62 -9.92 4.46
N ARG A 68 -13.40 -9.78 4.95
CA ARG A 68 -13.15 -8.87 6.07
C ARG A 68 -12.98 -7.44 5.57
N TRP A 69 -12.68 -7.32 4.29
CA TRP A 69 -12.54 -6.04 3.61
C TRP A 69 -13.83 -5.24 3.71
N GLY A 70 -14.94 -5.90 3.40
CA GLY A 70 -16.24 -5.26 3.52
C GLY A 70 -16.70 -5.17 4.97
N SER A 71 -15.94 -5.76 5.87
CA SER A 71 -16.24 -5.73 7.29
C SER A 71 -15.52 -4.54 7.94
N VAL A 72 -14.52 -4.01 7.24
CA VAL A 72 -13.79 -2.84 7.70
C VAL A 72 -14.72 -1.63 7.76
N GLY A 73 -14.63 -0.87 8.85
CA GLY A 73 -15.36 0.36 8.95
C GLY A 73 -15.00 1.27 7.81
N LYS A 74 -16.00 1.67 7.05
CA LYS A 74 -15.79 2.47 5.86
C LYS A 74 -15.13 3.79 6.21
N LYS A 75 -15.52 4.31 7.37
CA LYS A 75 -14.91 5.51 7.92
C LYS A 75 -13.44 5.26 8.24
N GLU A 76 -13.19 4.11 8.88
CA GLU A 76 -11.83 3.71 9.23
C GLU A 76 -10.98 3.59 7.97
N ALA A 77 -11.54 2.92 6.96
CA ALA A 77 -10.86 2.74 5.69
C ALA A 77 -10.45 4.08 5.09
N MET A 78 -11.34 5.06 5.19
CA MET A 78 -11.09 6.42 4.69
C MET A 78 -9.85 6.99 5.37
N GLU A 79 -9.80 6.86 6.68
CA GLU A 79 -8.68 7.37 7.46
C GLU A 79 -7.41 6.58 7.20
N ILE A 80 -7.56 5.27 7.03
CA ILE A 80 -6.44 4.38 6.72
C ILE A 80 -5.80 4.77 5.40
N ILE A 81 -6.62 4.88 4.35
CA ILE A 81 -6.12 5.22 3.03
C ILE A 81 -5.44 6.59 3.03
N LYS A 82 -5.99 7.51 3.81
CA LYS A 82 -5.41 8.84 3.94
C LYS A 82 -4.01 8.76 4.54
N LYS A 83 -3.87 8.02 5.63
CA LYS A 83 -2.57 7.84 6.28
C LYS A 83 -1.66 6.98 5.42
N PHE A 84 -2.24 6.05 4.69
CA PHE A 84 -1.50 5.16 3.80
C PHE A 84 -0.79 5.97 2.73
N LYS A 85 -1.55 6.82 2.04
CA LYS A 85 -1.00 7.68 1.00
C LYS A 85 0.07 8.60 1.59
N LYS A 86 -0.19 9.09 2.79
CA LYS A 86 0.74 10.00 3.47
C LYS A 86 2.08 9.31 3.75
N ASP A 87 2.02 8.05 4.19
CA ASP A 87 3.23 7.32 4.52
C ASP A 87 3.97 6.92 3.25
N LEU A 88 3.19 6.64 2.20
CA LEU A 88 3.77 6.37 0.88
C LEU A 88 4.57 7.58 0.42
N ALA A 89 4.02 8.76 0.64
CA ALA A 89 4.68 10.01 0.29
C ALA A 89 6.03 10.12 1.01
N ALA A 90 6.02 9.77 2.29
CA ALA A 90 7.24 9.80 3.09
C ALA A 90 8.27 8.84 2.52
N MET A 91 7.86 7.60 2.29
CA MET A 91 8.76 6.57 1.79
C MET A 91 9.27 6.93 0.39
N LEU A 92 8.41 7.55 -0.41
CA LEU A 92 8.79 8.02 -1.73
C LEU A 92 9.95 9.01 -1.65
N ARG A 93 9.85 9.93 -0.70
CA ARG A 93 10.89 10.93 -0.52
C ARG A 93 12.18 10.30 -0.04
N ILE A 94 12.06 9.20 0.70
CA ILE A 94 13.24 8.48 1.17
C ILE A 94 13.92 7.73 0.02
N ILE A 95 13.13 7.26 -0.94
CA ILE A 95 13.70 6.67 -2.15
C ILE A 95 14.60 7.70 -2.84
N ASN A 96 14.05 8.90 -3.02
CA ASN A 96 14.76 10.00 -3.64
C ASN A 96 15.91 10.47 -2.76
N ALA A 97 15.79 10.24 -1.46
CA ALA A 97 16.82 10.64 -0.51
C ALA A 97 18.07 9.77 -0.65
N ARG A 98 17.93 8.67 -1.39
CA ARG A 98 19.06 7.78 -1.63
C ARG A 98 19.86 8.26 -2.84
N LYS A 99 19.46 9.41 -3.38
CA LYS A 99 20.13 9.98 -4.54
C LYS A 99 21.27 10.89 -4.11
N GLU A 100 21.15 11.43 -2.90
CA GLU A 100 22.07 12.46 -2.42
C GLU A 100 21.98 13.67 -3.34
N LYS A 101 20.74 14.07 -3.61
CA LYS A 101 20.46 15.15 -4.56
C LYS A 101 20.74 16.52 -3.95
N LYS A 102 22.02 16.84 -3.83
CA LYS A 102 22.46 18.13 -3.34
C LYS A 102 22.83 19.03 -4.50
N ARG A 103 22.77 18.46 -5.70
CA ARG A 103 23.11 19.15 -6.94
C ARG A 103 24.59 19.52 -6.97
N ARG A 104 24.92 20.73 -6.51
CA ARG A 104 26.30 21.19 -6.45
C ARG A 104 26.36 22.56 -5.79
N ALA B 35 6.48 -13.01 -13.04
CA ALA B 35 5.76 -13.64 -11.91
C ALA B 35 6.68 -13.77 -10.70
N GLY B 36 6.86 -12.66 -9.99
CA GLY B 36 7.79 -12.62 -8.88
C GLY B 36 7.50 -13.64 -7.80
N LEU B 37 6.22 -13.95 -7.62
CA LEU B 37 5.80 -14.88 -6.58
C LEU B 37 6.14 -16.32 -6.95
N LEU B 38 6.31 -16.58 -8.24
CA LEU B 38 6.58 -17.93 -8.71
C LEU B 38 8.07 -18.12 -8.98
N LEU B 39 8.72 -17.06 -9.43
CA LEU B 39 10.14 -17.12 -9.75
C LEU B 39 10.99 -16.82 -8.51
N GLY B 40 10.36 -16.27 -7.48
CA GLY B 40 11.07 -15.94 -6.27
C GLY B 40 11.86 -14.65 -6.40
N HIS B 41 11.54 -13.88 -7.43
CA HIS B 41 12.23 -12.64 -7.71
C HIS B 41 11.23 -11.49 -7.77
N GLY B 42 11.17 -10.72 -6.70
CA GLY B 42 10.27 -9.59 -6.65
C GLY B 42 10.81 -8.39 -7.38
N PRO B 43 10.14 -7.96 -8.47
CA PRO B 43 10.53 -6.76 -9.21
C PRO B 43 10.37 -5.49 -8.37
N ILE B 44 10.96 -4.39 -8.81
CA ILE B 44 11.00 -3.19 -7.96
C ILE B 44 9.60 -2.71 -7.55
N ARG B 45 8.61 -2.88 -8.44
CA ARG B 45 7.23 -2.54 -8.12
C ARG B 45 6.74 -3.41 -6.96
N MET B 46 6.97 -4.71 -7.07
CA MET B 46 6.57 -5.66 -6.04
C MET B 46 7.32 -5.38 -4.74
N VAL B 47 8.55 -4.91 -4.85
CA VAL B 47 9.35 -4.56 -3.68
C VAL B 47 8.66 -3.49 -2.85
N LEU B 48 8.16 -2.44 -3.51
CA LEU B 48 7.44 -1.38 -2.82
C LEU B 48 6.14 -1.90 -2.22
N ALA B 49 5.54 -2.88 -2.89
CA ALA B 49 4.33 -3.52 -2.39
C ALA B 49 4.62 -4.31 -1.11
N ILE B 50 5.70 -5.09 -1.15
CA ILE B 50 6.12 -5.85 0.02
C ILE B 50 6.57 -4.89 1.12
N LEU B 51 7.17 -3.78 0.72
CA LEU B 51 7.58 -2.73 1.62
C LEU B 51 6.38 -2.21 2.40
N ALA B 52 5.34 -1.79 1.67
CA ALA B 52 4.12 -1.27 2.28
C ALA B 52 3.51 -2.29 3.23
N PHE B 53 3.61 -3.55 2.86
CA PHE B 53 3.14 -4.64 3.69
C PHE B 53 3.88 -4.64 5.02
N LEU B 54 5.20 -4.73 4.95
CA LEU B 54 6.05 -4.75 6.15
C LEU B 54 6.07 -3.41 6.85
N ARG B 55 5.46 -2.42 6.22
CA ARG B 55 5.42 -1.09 6.75
C ARG B 55 4.16 -0.87 7.59
N PHE B 56 3.06 -1.47 7.18
CA PHE B 56 1.80 -1.28 7.87
C PHE B 56 1.42 -2.48 8.72
N THR B 57 1.93 -3.65 8.38
CA THR B 57 1.64 -4.86 9.15
C THR B 57 2.67 -5.01 10.27
N ALA B 58 3.86 -4.48 10.03
CA ALA B 58 4.97 -4.65 10.94
C ALA B 58 5.70 -3.33 11.16
N ILE B 59 6.74 -3.35 11.97
CA ILE B 59 7.57 -2.19 12.21
C ILE B 59 9.00 -2.49 11.78
N LYS B 60 9.58 -1.60 10.97
CA LYS B 60 10.93 -1.75 10.45
C LYS B 60 11.00 -2.93 9.47
N PRO B 61 10.81 -2.64 8.17
CA PRO B 61 10.89 -3.66 7.12
C PRO B 61 12.26 -4.33 7.05
N SER B 62 12.27 -5.59 6.63
CA SER B 62 13.48 -6.38 6.54
C SER B 62 14.50 -5.74 5.58
N LEU B 63 15.77 -5.85 5.95
CA LEU B 63 16.86 -5.18 5.26
C LEU B 63 16.97 -5.58 3.80
N GLY B 64 16.56 -6.80 3.46
CA GLY B 64 16.60 -7.23 2.08
C GLY B 64 15.74 -6.37 1.19
N LEU B 65 14.54 -6.06 1.68
CA LEU B 65 13.63 -5.18 0.96
C LEU B 65 14.20 -3.77 0.93
N ILE B 66 14.82 -3.37 2.04
CA ILE B 66 15.40 -2.03 2.15
C ILE B 66 16.60 -1.86 1.21
N ASN B 67 17.39 -2.92 1.07
CA ASN B 67 18.54 -2.90 0.18
C ASN B 67 18.11 -2.79 -1.28
N ARG B 68 17.02 -3.45 -1.64
CA ARG B 68 16.50 -3.36 -3.00
C ARG B 68 15.64 -2.11 -3.16
N TRP B 69 15.17 -1.60 -2.03
CA TRP B 69 14.39 -0.38 -1.97
C TRP B 69 15.17 0.79 -2.56
N GLY B 70 16.41 0.93 -2.13
CA GLY B 70 17.28 1.96 -2.66
C GLY B 70 17.82 1.61 -4.05
N SER B 71 17.49 0.41 -4.50
CA SER B 71 17.90 -0.05 -5.82
C SER B 71 16.80 0.27 -6.84
N VAL B 72 15.61 0.51 -6.33
CA VAL B 72 14.47 0.88 -7.16
C VAL B 72 14.73 2.20 -7.86
N GLY B 73 14.41 2.28 -9.15
CA GLY B 73 14.50 3.52 -9.86
C GLY B 73 13.64 4.57 -9.20
N LYS B 74 14.26 5.67 -8.80
CA LYS B 74 13.56 6.70 -8.06
C LYS B 74 12.42 7.26 -8.89
N LYS B 75 12.64 7.34 -10.19
CA LYS B 75 11.61 7.75 -11.13
C LYS B 75 10.48 6.72 -11.14
N GLU B 76 10.85 5.45 -11.18
CA GLU B 76 9.89 4.36 -11.15
C GLU B 76 9.06 4.43 -9.88
N ALA B 77 9.74 4.61 -8.75
CA ALA B 77 9.08 4.72 -7.46
C ALA B 77 8.03 5.83 -7.47
N MET B 78 8.38 6.96 -8.09
CA MET B 78 7.47 8.09 -8.21
C MET B 78 6.19 7.67 -8.91
N GLU B 79 6.35 6.97 -10.02
CA GLU B 79 5.21 6.52 -10.82
C GLU B 79 4.44 5.42 -10.08
N ILE B 80 5.17 4.57 -9.37
CA ILE B 80 4.55 3.50 -8.59
C ILE B 80 3.66 4.08 -7.50
N ILE B 81 4.21 4.99 -6.71
CA ILE B 81 3.47 5.60 -5.61
C ILE B 81 2.24 6.36 -6.14
N LYS B 82 2.39 6.97 -7.30
CA LYS B 82 1.28 7.68 -7.93
C LYS B 82 0.14 6.70 -8.27
N LYS B 83 0.49 5.59 -8.90
CA LYS B 83 -0.50 4.57 -9.26
C LYS B 83 -1.01 3.86 -8.01
N PHE B 84 -0.14 3.74 -7.01
CA PHE B 84 -0.48 3.09 -5.75
C PHE B 84 -1.60 3.86 -5.06
N LYS B 85 -1.40 5.16 -4.90
CA LYS B 85 -2.41 6.03 -4.29
C LYS B 85 -3.71 6.00 -5.09
N LYS B 86 -3.57 5.96 -6.42
CA LYS B 86 -4.73 5.93 -7.30
C LYS B 86 -5.56 4.67 -7.09
N ASP B 87 -4.87 3.54 -6.96
CA ASP B 87 -5.56 2.26 -6.79
C ASP B 87 -6.17 2.17 -5.39
N LEU B 88 -5.47 2.76 -4.42
CA LEU B 88 -6.00 2.88 -3.06
C LEU B 88 -7.31 3.63 -3.08
N ALA B 89 -7.35 4.71 -3.86
CA ALA B 89 -8.56 5.51 -4.02
C ALA B 89 -9.70 4.67 -4.55
N ALA B 90 -9.40 3.84 -5.55
CA ALA B 90 -10.40 2.96 -6.13
C ALA B 90 -10.93 1.98 -5.08
N MET B 91 -10.01 1.31 -4.39
CA MET B 91 -10.39 0.33 -3.38
C MET B 91 -11.15 0.97 -2.23
N LEU B 92 -10.78 2.20 -1.89
CA LEU B 92 -11.47 2.97 -0.87
C LEU B 92 -12.94 3.16 -1.23
N ARG B 93 -13.18 3.51 -2.49
CA ARG B 93 -14.53 3.72 -2.97
C ARG B 93 -15.32 2.43 -2.98
N ILE B 94 -14.63 1.31 -3.17
CA ILE B 94 -15.28 0.01 -3.15
C ILE B 94 -15.67 -0.38 -1.72
N ILE B 95 -14.86 0.04 -0.74
CA ILE B 95 -15.23 -0.15 0.67
C ILE B 95 -16.56 0.53 0.93
N ASN B 96 -16.65 1.79 0.51
CA ASN B 96 -17.86 2.58 0.67
C ASN B 96 -18.99 2.03 -0.20
N ALA B 97 -18.64 1.34 -1.27
CA ALA B 97 -19.62 0.76 -2.17
C ALA B 97 -20.33 -0.42 -1.52
N ARG B 98 -19.78 -0.89 -0.40
CA ARG B 98 -20.38 -2.00 0.34
C ARG B 98 -21.44 -1.46 1.29
N LYS B 99 -21.69 -0.15 1.23
CA LYS B 99 -22.67 0.48 2.10
C LYS B 99 -24.04 0.48 1.45
N GLU B 100 -24.06 0.40 0.12
CA GLU B 100 -25.29 0.57 -0.66
C GLU B 100 -25.86 1.96 -0.38
N LYS B 101 -24.99 2.95 -0.45
CA LYS B 101 -25.35 4.32 -0.10
C LYS B 101 -26.16 4.99 -1.21
N LYS B 102 -27.42 4.60 -1.30
CA LYS B 102 -28.35 5.17 -2.26
C LYS B 102 -29.22 6.21 -1.58
N ARG B 103 -29.04 6.32 -0.26
CA ARG B 103 -29.80 7.24 0.58
C ARG B 103 -31.28 6.85 0.62
N ARG B 104 -32.07 7.43 -0.28
CA ARG B 104 -33.49 7.13 -0.38
C ARG B 104 -34.11 7.87 -1.56
N ALA A 35 11.60 -13.12 -12.56
CA ALA A 35 10.26 -13.46 -12.05
C ALA A 35 10.15 -13.16 -10.56
N GLY A 36 9.89 -11.90 -10.25
CA GLY A 36 9.84 -11.46 -8.87
C GLY A 36 8.79 -12.19 -8.05
N LEU A 37 7.68 -12.53 -8.68
CA LEU A 37 6.58 -13.19 -7.99
C LEU A 37 6.90 -14.67 -7.76
N LEU A 38 7.84 -15.20 -8.53
CA LEU A 38 8.21 -16.60 -8.42
C LEU A 38 9.34 -16.78 -7.41
N LEU A 39 10.39 -15.98 -7.57
CA LEU A 39 11.58 -16.09 -6.72
C LEU A 39 11.38 -15.38 -5.39
N GLY A 40 10.40 -14.49 -5.34
CA GLY A 40 10.16 -13.72 -4.13
C GLY A 40 11.00 -12.46 -4.08
N HIS A 41 11.72 -12.22 -5.16
CA HIS A 41 12.59 -11.05 -5.25
C HIS A 41 11.84 -9.92 -5.95
N GLY A 42 11.13 -9.12 -5.16
CA GLY A 42 10.31 -8.07 -5.72
C GLY A 42 11.13 -6.90 -6.23
N PRO A 43 10.85 -6.43 -7.45
CA PRO A 43 11.49 -5.25 -8.01
C PRO A 43 11.10 -3.98 -7.25
N ILE A 44 11.68 -2.84 -7.62
CA ILE A 44 11.48 -1.61 -6.86
C ILE A 44 9.98 -1.29 -6.63
N ARG A 45 9.17 -1.54 -7.64
CA ARG A 45 7.71 -1.38 -7.52
C ARG A 45 7.18 -2.19 -6.35
N MET A 46 7.50 -3.47 -6.34
CA MET A 46 6.99 -4.38 -5.32
C MET A 46 7.64 -4.11 -3.97
N VAL A 47 8.79 -3.43 -3.97
CA VAL A 47 9.46 -3.05 -2.74
C VAL A 47 8.63 -2.03 -1.98
N LEU A 48 8.15 -1.01 -2.69
CA LEU A 48 7.26 -0.02 -2.09
C LEU A 48 5.94 -0.67 -1.67
N ALA A 49 5.49 -1.64 -2.45
CA ALA A 49 4.26 -2.35 -2.17
C ALA A 49 4.36 -3.16 -0.88
N ILE A 50 5.40 -3.98 -0.77
CA ILE A 50 5.60 -4.81 0.42
C ILE A 50 5.94 -3.93 1.61
N LEU A 51 6.58 -2.80 1.34
CA LEU A 51 6.89 -1.83 2.38
C LEU A 51 5.61 -1.29 3.01
N ALA A 52 4.71 -0.79 2.17
CA ALA A 52 3.44 -0.27 2.61
C ALA A 52 2.69 -1.32 3.45
N PHE A 53 2.75 -2.56 2.99
CA PHE A 53 2.22 -3.68 3.74
C PHE A 53 2.89 -3.75 5.11
N LEU A 54 4.21 -3.86 5.11
CA LEU A 54 4.99 -3.99 6.34
C LEU A 54 5.03 -2.69 7.15
N ARG A 55 4.26 -1.70 6.74
CA ARG A 55 4.12 -0.48 7.55
C ARG A 55 2.72 -0.36 8.11
N PHE A 56 1.71 -0.57 7.27
CA PHE A 56 0.33 -0.43 7.71
C PHE A 56 -0.11 -1.66 8.49
N THR A 57 0.64 -2.74 8.37
CA THR A 57 0.39 -3.93 9.17
C THR A 57 1.32 -3.96 10.37
N ALA A 58 2.08 -2.87 10.52
CA ALA A 58 3.15 -2.76 11.52
C ALA A 58 4.27 -3.74 11.18
N ILE A 59 5.08 -4.10 12.19
CA ILE A 59 6.24 -4.97 12.00
C ILE A 59 7.39 -4.18 11.36
N LYS A 60 8.61 -4.45 11.80
CA LYS A 60 9.77 -3.78 11.24
C LYS A 60 10.15 -4.43 9.92
N PRO A 61 10.11 -3.67 8.82
CA PRO A 61 10.51 -4.17 7.51
C PRO A 61 11.98 -4.59 7.51
N SER A 62 12.22 -5.84 7.14
CA SER A 62 13.56 -6.40 7.11
C SER A 62 14.48 -5.57 6.22
N LEU A 63 15.76 -5.51 6.60
CA LEU A 63 16.72 -4.61 5.97
C LEU A 63 16.92 -4.90 4.49
N GLY A 64 16.60 -6.12 4.07
CA GLY A 64 16.65 -6.44 2.66
C GLY A 64 15.71 -5.55 1.86
N LEU A 65 14.51 -5.36 2.38
CA LEU A 65 13.52 -4.49 1.77
C LEU A 65 13.96 -3.05 1.89
N ILE A 66 14.50 -2.68 3.05
CA ILE A 66 14.98 -1.32 3.31
C ILE A 66 16.14 -0.98 2.37
N ASN A 67 16.96 -1.98 2.07
CA ASN A 67 18.08 -1.80 1.16
C ASN A 67 17.58 -1.54 -0.27
N ARG A 68 16.53 -2.26 -0.68
CA ARG A 68 15.96 -2.05 -2.00
C ARG A 68 15.15 -0.76 -2.02
N TRP A 69 14.58 -0.46 -0.87
CA TRP A 69 13.84 0.77 -0.64
C TRP A 69 14.68 1.99 -1.02
N GLY A 70 15.85 2.10 -0.41
CA GLY A 70 16.75 3.19 -0.73
C GLY A 70 17.45 3.02 -2.07
N SER A 71 17.22 1.88 -2.73
CA SER A 71 17.80 1.64 -4.04
C SER A 71 16.91 2.25 -5.12
N VAL A 72 15.67 2.54 -4.77
CA VAL A 72 14.77 3.22 -5.68
C VAL A 72 15.23 4.67 -5.84
N GLY A 73 15.40 5.10 -7.08
CA GLY A 73 16.02 6.39 -7.35
C GLY A 73 15.11 7.60 -7.13
N LYS A 74 14.38 7.58 -6.00
CA LYS A 74 13.46 8.65 -5.55
C LYS A 74 12.46 9.15 -6.59
N LYS A 75 12.93 9.70 -7.71
CA LYS A 75 12.05 10.16 -8.78
C LYS A 75 11.13 9.02 -9.22
N GLU A 76 11.76 7.90 -9.53
CA GLU A 76 11.03 6.66 -9.84
C GLU A 76 10.02 6.34 -8.76
N ALA A 77 10.42 6.48 -7.49
CA ALA A 77 9.55 6.20 -6.36
C ALA A 77 8.34 7.13 -6.38
N MET A 78 8.56 8.37 -6.78
CA MET A 78 7.48 9.34 -6.90
C MET A 78 6.43 8.85 -7.88
N GLU A 79 6.88 8.32 -9.01
CA GLU A 79 5.99 7.76 -10.01
C GLU A 79 5.29 6.51 -9.46
N ILE A 80 6.06 5.68 -8.77
CA ILE A 80 5.53 4.46 -8.17
C ILE A 80 4.43 4.78 -7.15
N ILE A 81 4.76 5.65 -6.20
CA ILE A 81 3.83 6.02 -5.15
C ILE A 81 2.62 6.78 -5.70
N LYS A 82 2.85 7.61 -6.71
CA LYS A 82 1.78 8.39 -7.34
C LYS A 82 0.74 7.45 -7.96
N LYS A 83 1.22 6.49 -8.74
CA LYS A 83 0.34 5.53 -9.40
C LYS A 83 -0.27 4.59 -8.38
N PHE A 84 0.46 4.37 -7.29
CA PHE A 84 -0.01 3.56 -6.18
C PHE A 84 -1.22 4.24 -5.51
N LYS A 85 -1.06 5.52 -5.17
CA LYS A 85 -2.16 6.31 -4.62
C LYS A 85 -3.34 6.37 -5.58
N LYS A 86 -3.05 6.36 -6.88
CA LYS A 86 -4.08 6.38 -7.91
C LYS A 86 -4.93 5.11 -7.85
N ASP A 87 -4.27 3.97 -7.73
CA ASP A 87 -4.98 2.69 -7.66
C ASP A 87 -5.75 2.60 -6.35
N LEU A 88 -5.15 3.13 -5.29
CA LEU A 88 -5.80 3.17 -3.98
C LEU A 88 -7.06 4.02 -4.03
N ALA A 89 -6.99 5.14 -4.72
CA ALA A 89 -8.15 6.03 -4.87
C ALA A 89 -9.29 5.31 -5.57
N ALA A 90 -8.96 4.64 -6.66
CA ALA A 90 -9.96 3.88 -7.41
C ALA A 90 -10.55 2.76 -6.55
N MET A 91 -9.67 2.04 -5.85
CA MET A 91 -10.09 0.91 -5.03
C MET A 91 -10.99 1.38 -3.89
N LEU A 92 -10.65 2.53 -3.32
CA LEU A 92 -11.45 3.15 -2.26
C LEU A 92 -12.85 3.46 -2.78
N ARG A 93 -12.93 3.92 -4.03
CA ARG A 93 -14.21 4.26 -4.63
C ARG A 93 -15.03 3.00 -4.94
N ILE A 94 -14.36 1.86 -5.06
CA ILE A 94 -15.06 0.60 -5.20
C ILE A 94 -15.57 0.14 -3.84
N ILE A 95 -14.87 0.53 -2.78
CA ILE A 95 -15.36 0.32 -1.42
C ILE A 95 -16.68 1.08 -1.24
N ASN A 96 -16.72 2.27 -1.81
CA ASN A 96 -17.95 3.05 -1.84
C ASN A 96 -19.03 2.26 -2.57
N ALA A 97 -18.66 1.68 -3.70
CA ALA A 97 -19.60 0.91 -4.50
C ALA A 97 -19.95 -0.44 -3.87
N ARG A 98 -19.40 -0.70 -2.67
CA ARG A 98 -19.73 -1.92 -1.95
C ARG A 98 -21.04 -1.76 -1.21
N LYS A 99 -21.46 -0.53 -0.98
CA LYS A 99 -22.66 -0.27 -0.19
C LYS A 99 -23.24 1.11 -0.50
N GLU A 100 -22.36 2.11 -0.50
CA GLU A 100 -22.74 3.52 -0.70
C GLU A 100 -23.46 4.10 0.52
N LYS A 101 -24.36 3.33 1.09
CA LYS A 101 -25.12 3.75 2.24
C LYS A 101 -25.53 2.53 3.06
N LYS A 102 -25.42 2.65 4.37
CA LYS A 102 -25.72 1.53 5.26
C LYS A 102 -26.53 2.01 6.46
N ARG A 103 -27.21 3.14 6.28
CA ARG A 103 -28.00 3.74 7.34
C ARG A 103 -29.46 3.90 6.91
N ARG A 104 -29.78 3.45 5.71
CA ARG A 104 -31.12 3.61 5.17
C ARG A 104 -31.63 2.29 4.62
N ALA B 35 -5.30 -10.79 17.94
CA ALA B 35 -3.91 -10.64 17.48
C ALA B 35 -3.80 -10.93 15.99
N GLY B 36 -4.13 -9.93 15.18
CA GLY B 36 -4.15 -10.11 13.74
C GLY B 36 -2.80 -10.52 13.17
N LEU B 37 -1.74 -10.03 13.77
CA LEU B 37 -0.39 -10.31 13.30
C LEU B 37 0.04 -11.72 13.69
N LEU B 38 -0.62 -12.28 14.70
CA LEU B 38 -0.28 -13.60 15.19
C LEU B 38 -1.10 -14.67 14.46
N LEU B 39 -2.41 -14.46 14.40
CA LEU B 39 -3.30 -15.44 13.79
C LEU B 39 -3.32 -15.31 12.28
N GLY B 40 -2.88 -14.16 11.77
CA GLY B 40 -2.89 -13.93 10.35
C GLY B 40 -4.21 -13.34 9.89
N HIS B 41 -5.07 -13.04 10.85
CA HIS B 41 -6.39 -12.49 10.57
C HIS B 41 -6.32 -10.97 10.67
N GLY B 42 -5.99 -10.32 9.56
CA GLY B 42 -5.82 -8.89 9.57
C GLY B 42 -7.13 -8.14 9.66
N PRO B 43 -7.23 -7.15 10.56
CA PRO B 43 -8.40 -6.28 10.66
C PRO B 43 -8.57 -5.40 9.43
N ILE B 44 -9.63 -4.62 9.37
CA ILE B 44 -9.96 -3.85 8.17
C ILE B 44 -8.77 -3.00 7.69
N ARG B 45 -8.03 -2.41 8.63
CA ARG B 45 -6.82 -1.66 8.30
C ARG B 45 -5.85 -2.52 7.49
N MET B 46 -5.54 -3.69 8.02
CA MET B 46 -4.57 -4.58 7.41
C MET B 46 -5.14 -5.20 6.13
N VAL B 47 -6.46 -5.19 5.98
CA VAL B 47 -7.10 -5.69 4.78
C VAL B 47 -6.76 -4.80 3.60
N LEU B 48 -6.89 -3.49 3.79
CA LEU B 48 -6.51 -2.54 2.75
C LEU B 48 -4.99 -2.60 2.50
N ALA B 49 -4.24 -2.84 3.56
CA ALA B 49 -2.79 -2.96 3.45
C ALA B 49 -2.37 -4.15 2.60
N ILE B 50 -2.89 -5.33 2.94
CA ILE B 50 -2.55 -6.54 2.19
C ILE B 50 -3.14 -6.49 0.79
N LEU B 51 -4.26 -5.77 0.66
CA LEU B 51 -4.88 -5.56 -0.64
C LEU B 51 -3.94 -4.79 -1.55
N ALA B 52 -3.46 -3.66 -1.07
CA ALA B 52 -2.54 -2.82 -1.83
C ALA B 52 -1.32 -3.63 -2.25
N PHE B 53 -0.84 -4.46 -1.34
CA PHE B 53 0.23 -5.40 -1.63
C PHE B 53 -0.19 -6.31 -2.79
N LEU B 54 -1.30 -7.01 -2.60
CA LEU B 54 -1.81 -7.97 -3.60
C LEU B 54 -2.35 -7.27 -4.85
N ARG B 55 -2.19 -5.96 -4.94
CA ARG B 55 -2.54 -5.26 -6.17
C ARG B 55 -1.30 -4.73 -6.87
N PHE B 56 -0.41 -4.10 -6.14
CA PHE B 56 0.78 -3.51 -6.73
C PHE B 56 1.82 -4.59 -7.01
N THR B 57 1.64 -5.76 -6.39
CA THR B 57 2.50 -6.89 -6.67
C THR B 57 1.82 -7.82 -7.67
N ALA B 58 0.67 -7.38 -8.16
CA ALA B 58 -0.23 -8.18 -8.99
C ALA B 58 -0.78 -9.35 -8.18
N ILE B 59 -1.23 -10.41 -8.88
CA ILE B 59 -1.87 -11.55 -8.24
C ILE B 59 -3.31 -11.21 -7.85
N LYS B 60 -4.21 -12.16 -8.02
CA LYS B 60 -5.60 -11.95 -7.66
C LYS B 60 -5.77 -12.13 -6.16
N PRO B 61 -6.20 -11.06 -5.46
CA PRO B 61 -6.46 -11.12 -4.02
C PRO B 61 -7.55 -12.14 -3.70
N SER B 62 -7.22 -13.09 -2.85
CA SER B 62 -8.15 -14.15 -2.46
C SER B 62 -9.43 -13.57 -1.87
N LEU B 63 -10.55 -14.26 -2.12
CA LEU B 63 -11.87 -13.76 -1.80
C LEU B 63 -12.06 -13.50 -0.32
N GLY B 64 -11.26 -14.14 0.52
CA GLY B 64 -11.30 -13.85 1.94
C GLY B 64 -10.97 -12.39 2.21
N LEU B 65 -9.94 -11.91 1.54
CA LEU B 65 -9.54 -10.51 1.65
C LEU B 65 -10.59 -9.61 1.02
N ILE B 66 -11.10 -10.05 -0.13
CA ILE B 66 -12.14 -9.29 -0.85
C ILE B 66 -13.41 -9.17 -0.01
N ASN B 67 -13.70 -10.23 0.74
CA ASN B 67 -14.86 -10.24 1.62
C ASN B 67 -14.68 -9.25 2.76
N ARG B 68 -13.48 -9.16 3.32
CA ARG B 68 -13.21 -8.20 4.39
C ARG B 68 -13.09 -6.81 3.80
N TRP B 69 -12.62 -6.76 2.57
CA TRP B 69 -12.51 -5.52 1.80
C TRP B 69 -13.85 -4.79 1.75
N GLY B 70 -14.87 -5.50 1.27
CA GLY B 70 -16.20 -4.93 1.23
C GLY B 70 -16.88 -4.87 2.59
N SER B 71 -16.21 -5.40 3.62
CA SER B 71 -16.73 -5.34 4.97
C SER B 71 -16.35 -4.02 5.63
N VAL B 72 -15.36 -3.34 5.06
CA VAL B 72 -14.98 -2.02 5.54
C VAL B 72 -16.07 -1.03 5.16
N GLY B 73 -16.55 -0.27 6.13
CA GLY B 73 -17.73 0.57 5.93
C GLY B 73 -17.45 1.85 5.15
N LYS B 74 -16.69 1.73 4.06
CA LYS B 74 -16.34 2.83 3.12
C LYS B 74 -15.79 4.11 3.78
N LYS B 75 -16.57 4.76 4.63
CA LYS B 75 -16.13 5.95 5.33
C LYS B 75 -14.83 5.66 6.08
N GLU B 76 -14.89 4.60 6.87
CA GLU B 76 -13.72 4.08 7.57
C GLU B 76 -12.56 3.87 6.61
N ALA B 77 -12.85 3.28 5.44
CA ALA B 77 -11.84 3.02 4.44
C ALA B 77 -11.21 4.33 3.95
N MET B 78 -12.02 5.37 3.86
CA MET B 78 -11.53 6.69 3.47
C MET B 78 -10.47 7.17 4.45
N GLU B 79 -10.75 7.00 5.74
CA GLU B 79 -9.80 7.36 6.78
C GLU B 79 -8.56 6.48 6.70
N ILE B 80 -8.77 5.19 6.48
CA ILE B 80 -7.68 4.22 6.35
C ILE B 80 -6.77 4.60 5.19
N ILE B 81 -7.35 4.75 4.01
CA ILE B 81 -6.60 5.06 2.81
C ILE B 81 -5.95 6.44 2.89
N LYS B 82 -6.64 7.39 3.51
CA LYS B 82 -6.12 8.75 3.65
C LYS B 82 -4.84 8.74 4.49
N LYS B 83 -4.88 8.07 5.63
CA LYS B 83 -3.74 7.98 6.52
C LYS B 83 -2.65 7.10 5.89
N PHE B 84 -3.09 6.17 5.05
CA PHE B 84 -2.18 5.31 4.31
C PHE B 84 -1.36 6.13 3.33
N LYS B 85 -2.06 6.94 2.52
CA LYS B 85 -1.41 7.86 1.59
C LYS B 85 -0.49 8.83 2.32
N LYS B 86 -0.88 9.20 3.54
CA LYS B 86 -0.09 10.11 4.37
C LYS B 86 1.25 9.48 4.73
N ASP B 87 1.21 8.22 5.14
CA ASP B 87 2.44 7.51 5.50
C ASP B 87 3.29 7.27 4.27
N LEU B 88 2.63 7.00 3.15
CA LEU B 88 3.31 6.81 1.87
C LEU B 88 4.03 8.08 1.46
N ALA B 89 3.37 9.22 1.64
CA ALA B 89 3.96 10.52 1.31
C ALA B 89 5.23 10.75 2.11
N ALA B 90 5.15 10.50 3.41
CA ALA B 90 6.30 10.65 4.29
C ALA B 90 7.42 9.71 3.88
N MET B 91 7.05 8.46 3.63
CA MET B 91 8.02 7.42 3.28
C MET B 91 8.72 7.76 1.96
N LEU B 92 7.94 8.29 1.02
CA LEU B 92 8.47 8.74 -0.27
C LEU B 92 9.51 9.84 -0.06
N ARG B 93 9.24 10.72 0.88
CA ARG B 93 10.14 11.83 1.17
C ARG B 93 11.41 11.34 1.86
N ILE B 94 11.33 10.17 2.49
CA ILE B 94 12.53 9.56 3.05
C ILE B 94 13.34 8.89 1.94
N ILE B 95 12.65 8.45 0.89
CA ILE B 95 13.32 7.98 -0.33
C ILE B 95 14.13 9.11 -0.93
N ASN B 96 13.56 10.31 -0.88
CA ASN B 96 14.28 11.51 -1.29
C ASN B 96 15.52 11.68 -0.43
N ALA B 97 15.35 11.49 0.87
CA ALA B 97 16.44 11.62 1.83
C ALA B 97 17.44 10.47 1.74
N ARG B 98 17.22 9.54 0.80
CA ARG B 98 18.14 8.44 0.58
C ARG B 98 19.31 8.87 -0.29
N LYS B 99 19.11 9.96 -1.03
CA LYS B 99 20.12 10.41 -1.98
C LYS B 99 19.97 11.89 -2.28
N GLU B 100 18.73 12.28 -2.60
CA GLU B 100 18.39 13.64 -3.01
C GLU B 100 18.87 13.96 -4.43
N LYS B 101 20.08 13.54 -4.73
CA LYS B 101 20.68 13.77 -6.03
C LYS B 101 21.68 12.67 -6.34
N LYS B 102 21.67 12.19 -7.57
CA LYS B 102 22.53 11.10 -7.97
C LYS B 102 23.15 11.39 -9.33
N ARG B 103 23.20 12.66 -9.69
CA ARG B 103 23.74 13.08 -10.97
C ARG B 103 24.90 14.05 -10.80
N ARG B 104 25.26 14.33 -9.56
CA ARG B 104 26.31 15.29 -9.27
C ARG B 104 27.32 14.69 -8.30
N ALA A 35 7.08 20.51 5.42
CA ALA A 35 6.36 19.60 4.49
C ALA A 35 5.58 18.54 5.27
N GLY A 36 6.25 17.51 5.75
CA GLY A 36 5.59 16.54 6.57
C GLY A 36 4.66 15.64 5.81
N LEU A 37 3.96 14.79 6.54
CA LEU A 37 2.95 13.92 5.95
C LEU A 37 1.68 14.69 5.66
N LEU A 38 1.64 15.95 6.11
CA LEU A 38 0.48 16.79 5.90
C LEU A 38 0.57 17.48 4.56
N LEU A 39 1.78 17.78 4.13
CA LEU A 39 1.99 18.39 2.82
C LEU A 39 2.49 17.34 1.85
N GLY A 40 3.21 16.35 2.36
CA GLY A 40 3.52 15.19 1.53
C GLY A 40 5.00 14.94 1.34
N HIS A 41 5.76 15.04 2.41
CA HIS A 41 7.16 14.65 2.38
C HIS A 41 7.29 13.22 2.91
N GLY A 42 7.38 12.27 2.00
CA GLY A 42 7.45 10.89 2.39
C GLY A 42 8.86 10.36 2.45
N PRO A 43 9.34 9.96 3.63
CA PRO A 43 10.60 9.23 3.78
C PRO A 43 10.52 7.86 3.10
N ILE A 44 11.61 7.10 3.14
CA ILE A 44 11.70 5.85 2.37
C ILE A 44 10.51 4.91 2.64
N ARG A 45 10.07 4.83 3.89
CA ARG A 45 8.93 4.01 4.25
C ARG A 45 7.68 4.49 3.53
N MET A 46 7.44 5.79 3.57
CA MET A 46 6.28 6.39 2.94
C MET A 46 6.40 6.32 1.43
N VAL A 47 7.62 6.32 0.92
CA VAL A 47 7.84 6.19 -0.52
C VAL A 47 7.24 4.89 -1.01
N LEU A 48 7.50 3.80 -0.30
CA LEU A 48 6.94 2.50 -0.66
C LEU A 48 5.42 2.48 -0.44
N ALA A 49 4.95 3.24 0.55
CA ALA A 49 3.52 3.37 0.80
C ALA A 49 2.83 4.10 -0.34
N ILE A 50 3.39 5.25 -0.72
CA ILE A 50 2.86 6.04 -1.82
C ILE A 50 3.05 5.28 -3.14
N LEU A 51 4.10 4.48 -3.19
CA LEU A 51 4.36 3.61 -4.33
C LEU A 51 3.18 2.68 -4.55
N ALA A 52 2.82 1.91 -3.52
CA ALA A 52 1.71 0.98 -3.59
C ALA A 52 0.42 1.68 -3.98
N PHE A 53 0.25 2.88 -3.43
CA PHE A 53 -0.87 3.75 -3.80
C PHE A 53 -0.88 3.92 -5.33
N LEU A 54 0.21 4.43 -5.87
CA LEU A 54 0.31 4.69 -7.31
C LEU A 54 0.40 3.38 -8.11
N ARG A 55 0.51 2.25 -7.44
CA ARG A 55 0.55 0.95 -8.10
C ARG A 55 -0.85 0.40 -8.31
N PHE A 56 -1.74 0.67 -7.37
CA PHE A 56 -3.08 0.12 -7.43
C PHE A 56 -4.12 1.20 -7.72
N THR A 57 -3.72 2.46 -7.61
CA THR A 57 -4.64 3.57 -7.90
C THR A 57 -4.26 4.25 -9.22
N ALA A 58 -3.26 3.69 -9.89
CA ALA A 58 -2.76 4.26 -11.13
C ALA A 58 -1.90 3.25 -11.87
N ILE A 59 -1.59 3.55 -13.13
CA ILE A 59 -0.71 2.70 -13.91
C ILE A 59 0.53 3.50 -14.32
N LYS A 60 1.13 4.13 -13.33
CA LYS A 60 2.29 4.99 -13.52
C LYS A 60 2.67 5.67 -12.21
N PRO A 61 3.74 5.20 -11.55
CA PRO A 61 4.28 5.86 -10.36
C PRO A 61 5.08 7.11 -10.73
N SER A 62 4.84 8.18 -10.01
CA SER A 62 5.51 9.46 -10.25
C SER A 62 7.02 9.32 -10.13
N LEU A 63 7.74 9.95 -11.04
CA LEU A 63 9.20 9.81 -11.15
C LEU A 63 9.91 10.32 -9.91
N GLY A 64 9.30 11.25 -9.18
CA GLY A 64 9.87 11.71 -7.94
C GLY A 64 9.90 10.59 -6.91
N LEU A 65 8.79 9.88 -6.79
CA LEU A 65 8.70 8.74 -5.91
C LEU A 65 9.65 7.64 -6.37
N ILE A 66 9.73 7.43 -7.68
CA ILE A 66 10.63 6.44 -8.26
C ILE A 66 12.09 6.74 -7.90
N ASN A 67 12.45 8.01 -8.00
CA ASN A 67 13.80 8.45 -7.66
C ASN A 67 14.15 8.08 -6.23
N ARG A 68 13.21 8.30 -5.31
CA ARG A 68 13.46 8.03 -3.91
C ARG A 68 13.25 6.55 -3.60
N TRP A 69 12.45 5.90 -4.45
CA TRP A 69 12.18 4.47 -4.39
C TRP A 69 13.47 3.67 -4.56
N GLY A 70 14.20 3.96 -5.63
CA GLY A 70 15.49 3.33 -5.85
C GLY A 70 16.53 3.77 -4.83
N SER A 71 16.22 4.84 -4.09
CA SER A 71 17.14 5.37 -3.09
C SER A 71 16.91 4.71 -1.74
N VAL A 72 15.92 3.84 -1.67
CA VAL A 72 15.64 3.08 -0.46
C VAL A 72 16.64 1.93 -0.35
N GLY A 73 17.14 1.69 0.86
CA GLY A 73 18.00 0.55 1.09
C GLY A 73 17.28 -0.73 0.74
N LYS A 74 17.90 -1.57 -0.07
CA LYS A 74 17.24 -2.76 -0.59
C LYS A 74 17.01 -3.75 0.53
N LYS A 75 17.81 -3.61 1.55
CA LYS A 75 17.60 -4.35 2.80
C LYS A 75 16.42 -3.76 3.55
N GLU A 76 16.43 -2.44 3.68
CA GLU A 76 15.38 -1.73 4.41
C GLU A 76 14.04 -1.94 3.74
N ALA A 77 14.03 -1.94 2.41
CA ALA A 77 12.83 -2.16 1.64
C ALA A 77 12.21 -3.51 1.98
N MET A 78 13.06 -4.52 2.16
CA MET A 78 12.59 -5.84 2.57
C MET A 78 11.89 -5.75 3.91
N GLU A 79 12.50 -5.02 4.83
CA GLU A 79 11.94 -4.83 6.16
C GLU A 79 10.64 -4.04 6.09
N ILE A 80 10.63 -2.99 5.27
CA ILE A 80 9.44 -2.16 5.08
C ILE A 80 8.29 -2.99 4.50
N ILE A 81 8.55 -3.68 3.39
CA ILE A 81 7.54 -4.48 2.73
C ILE A 81 7.01 -5.57 3.65
N LYS A 82 7.90 -6.18 4.42
CA LYS A 82 7.51 -7.22 5.38
C LYS A 82 6.50 -6.67 6.39
N LYS A 83 6.84 -5.54 7.00
CA LYS A 83 5.98 -4.92 8.00
C LYS A 83 4.75 -4.30 7.35
N PHE A 84 4.88 -3.94 6.09
CA PHE A 84 3.77 -3.43 5.30
C PHE A 84 2.72 -4.53 5.13
N LYS A 85 3.19 -5.71 4.74
CA LYS A 85 2.33 -6.88 4.59
C LYS A 85 1.66 -7.23 5.92
N LYS A 86 2.38 -7.01 7.02
CA LYS A 86 1.86 -7.30 8.35
C LYS A 86 0.67 -6.40 8.69
N ASP A 87 0.77 -5.12 8.35
CA ASP A 87 -0.32 -4.18 8.62
C ASP A 87 -1.50 -4.46 7.70
N LEU A 88 -1.19 -4.84 6.46
CA LEU A 88 -2.22 -5.26 5.52
C LEU A 88 -3.00 -6.43 6.07
N ALA A 89 -2.27 -7.40 6.63
CA ALA A 89 -2.87 -8.57 7.25
C ALA A 89 -3.75 -8.17 8.42
N ALA A 90 -3.26 -7.22 9.20
CA ALA A 90 -4.00 -6.73 10.36
C ALA A 90 -5.31 -6.08 9.94
N MET A 91 -5.23 -5.22 8.92
CA MET A 91 -6.41 -4.53 8.40
C MET A 91 -7.40 -5.53 7.82
N LEU A 92 -6.87 -6.55 7.14
CA LEU A 92 -7.68 -7.63 6.59
C LEU A 92 -8.46 -8.33 7.69
N ARG A 93 -7.78 -8.64 8.78
CA ARG A 93 -8.39 -9.27 9.92
C ARG A 93 -9.54 -8.43 10.47
N ILE A 94 -9.36 -7.10 10.44
CA ILE A 94 -10.39 -6.20 10.92
C ILE A 94 -11.59 -6.21 9.98
N ILE A 95 -11.34 -6.33 8.67
CA ILE A 95 -12.42 -6.46 7.68
C ILE A 95 -13.38 -7.56 8.10
N ASN A 96 -12.82 -8.75 8.34
CA ASN A 96 -13.63 -9.92 8.65
C ASN A 96 -14.00 -9.95 10.14
N ALA A 97 -13.31 -9.15 10.94
CA ALA A 97 -13.59 -9.08 12.36
C ALA A 97 -14.96 -8.45 12.61
N ARG A 98 -15.24 -7.39 11.86
CA ARG A 98 -16.47 -6.64 12.06
C ARG A 98 -17.56 -7.15 11.12
N LYS A 99 -17.18 -7.44 9.88
CA LYS A 99 -18.08 -7.95 8.86
C LYS A 99 -19.07 -6.88 8.39
N GLU A 100 -19.14 -5.78 9.16
CA GLU A 100 -20.08 -4.68 8.92
C GLU A 100 -21.50 -5.20 8.73
N LYS A 101 -21.90 -6.13 9.59
CA LYS A 101 -23.19 -6.81 9.48
C LYS A 101 -23.26 -7.60 8.18
N LYS A 102 -22.83 -8.86 8.24
CA LYS A 102 -22.84 -9.71 7.07
C LYS A 102 -24.27 -9.95 6.61
N ARG A 103 -24.54 -9.63 5.35
CA ARG A 103 -25.88 -9.73 4.79
C ARG A 103 -26.30 -11.18 4.60
N ARG A 104 -25.32 -12.08 4.67
CA ARG A 104 -25.55 -13.51 4.52
C ARG A 104 -26.08 -13.81 3.11
N ALA B 35 -15.34 10.70 -12.37
CA ALA B 35 -14.39 10.69 -11.24
C ALA B 35 -13.14 9.91 -11.61
N GLY B 36 -13.20 8.60 -11.56
CA GLY B 36 -12.08 7.81 -12.00
C GLY B 36 -10.93 7.83 -11.05
N LEU B 37 -9.84 7.21 -11.44
CA LEU B 37 -8.62 7.21 -10.66
C LEU B 37 -7.89 8.54 -10.83
N LEU B 38 -8.38 9.36 -11.75
CA LEU B 38 -7.79 10.65 -12.03
C LEU B 38 -8.32 11.69 -11.06
N LEU B 39 -9.57 11.53 -10.66
CA LEU B 39 -10.17 12.43 -9.70
C LEU B 39 -10.22 11.76 -8.33
N GLY B 40 -10.34 10.45 -8.33
CA GLY B 40 -10.16 9.72 -7.08
C GLY B 40 -11.37 8.90 -6.66
N HIS B 41 -11.97 8.20 -7.59
CA HIS B 41 -13.01 7.25 -7.26
C HIS B 41 -12.41 5.86 -7.17
N GLY B 42 -12.15 5.42 -5.95
CA GLY B 42 -11.52 4.14 -5.75
C GLY B 42 -12.51 3.04 -5.44
N PRO B 43 -12.61 2.03 -6.31
CA PRO B 43 -13.38 0.80 -6.02
C PRO B 43 -12.75 0.04 -4.86
N ILE B 44 -13.34 -1.09 -4.47
CA ILE B 44 -12.92 -1.80 -3.27
C ILE B 44 -11.41 -2.10 -3.27
N ARG B 45 -10.86 -2.47 -4.43
CA ARG B 45 -9.43 -2.73 -4.54
C ARG B 45 -8.62 -1.47 -4.20
N MET B 46 -9.02 -0.35 -4.79
CA MET B 46 -8.34 0.91 -4.57
C MET B 46 -8.57 1.41 -3.16
N VAL B 47 -9.70 1.05 -2.56
CA VAL B 47 -9.98 1.40 -1.18
C VAL B 47 -8.89 0.86 -0.27
N LEU B 48 -8.55 -0.41 -0.46
CA LEU B 48 -7.48 -1.03 0.32
C LEU B 48 -6.12 -0.43 -0.02
N ALA B 49 -5.96 -0.01 -1.27
CA ALA B 49 -4.73 0.67 -1.71
C ALA B 49 -4.58 2.02 -1.03
N ILE B 50 -5.65 2.82 -1.08
CA ILE B 50 -5.67 4.13 -0.45
C ILE B 50 -5.62 3.97 1.06
N LEU B 51 -6.17 2.86 1.55
CA LEU B 51 -6.11 2.51 2.96
C LEU B 51 -4.66 2.41 3.40
N ALA B 52 -3.89 1.56 2.73
CA ALA B 52 -2.48 1.36 3.05
C ALA B 52 -1.73 2.68 2.99
N PHE B 53 -2.07 3.49 2.00
CA PHE B 53 -1.53 4.84 1.89
C PHE B 53 -1.75 5.59 3.19
N LEU B 54 -3.00 5.70 3.61
CA LEU B 54 -3.36 6.43 4.83
C LEU B 54 -2.91 5.68 6.09
N ARG B 55 -2.41 4.47 5.92
CA ARG B 55 -1.90 3.69 7.06
C ARG B 55 -0.45 3.99 7.32
N PHE B 56 0.31 4.24 6.28
CA PHE B 56 1.73 4.45 6.40
C PHE B 56 2.11 5.90 6.12
N THR B 57 1.19 6.67 5.57
CA THR B 57 1.45 8.08 5.30
C THR B 57 0.67 8.97 6.27
N ALA B 58 -0.03 8.34 7.20
CA ALA B 58 -0.86 9.05 8.15
C ALA B 58 -1.23 8.15 9.32
N ILE B 59 -1.75 8.74 10.38
CA ILE B 59 -2.22 7.97 11.54
C ILE B 59 -3.72 8.20 11.71
N LYS B 60 -4.43 8.01 10.61
CA LYS B 60 -5.88 8.22 10.57
C LYS B 60 -6.39 8.06 9.14
N PRO B 61 -7.05 6.93 8.84
CA PRO B 61 -7.71 6.73 7.56
C PRO B 61 -9.04 7.48 7.48
N SER B 62 -9.25 8.16 6.36
CA SER B 62 -10.45 8.96 6.15
C SER B 62 -11.71 8.08 6.24
N LEU B 63 -12.73 8.63 6.91
CA LEU B 63 -13.96 7.89 7.20
C LEU B 63 -14.70 7.44 5.94
N GLY B 64 -14.51 8.19 4.85
CA GLY B 64 -15.09 7.78 3.58
C GLY B 64 -14.50 6.47 3.10
N LEU B 65 -13.17 6.38 3.17
CA LEU B 65 -12.48 5.16 2.81
C LEU B 65 -12.84 4.04 3.76
N ILE B 66 -12.95 4.37 5.05
CA ILE B 66 -13.34 3.39 6.07
C ILE B 66 -14.72 2.80 5.77
N ASN B 67 -15.65 3.68 5.40
CA ASN B 67 -17.00 3.26 5.05
C ASN B 67 -16.99 2.24 3.92
N ARG B 68 -16.17 2.48 2.91
CA ARG B 68 -16.12 1.59 1.76
C ARG B 68 -15.22 0.39 2.06
N TRP B 69 -14.30 0.61 3.00
CA TRP B 69 -13.38 -0.43 3.48
C TRP B 69 -14.16 -1.59 4.10
N GLY B 70 -15.06 -1.27 5.03
CA GLY B 70 -15.92 -2.29 5.61
C GLY B 70 -16.94 -2.82 4.62
N SER B 71 -17.08 -2.14 3.49
CA SER B 71 -18.04 -2.55 2.46
C SER B 71 -17.38 -3.49 1.46
N VAL B 72 -16.10 -3.75 1.66
CA VAL B 72 -15.38 -4.71 0.82
C VAL B 72 -15.70 -6.13 1.28
N GLY B 73 -15.91 -7.03 0.32
CA GLY B 73 -16.11 -8.42 0.67
C GLY B 73 -14.91 -8.95 1.42
N LYS B 74 -15.15 -9.57 2.55
CA LYS B 74 -14.07 -10.01 3.43
C LYS B 74 -13.30 -11.14 2.79
N LYS B 75 -13.96 -11.80 1.87
CA LYS B 75 -13.31 -12.78 1.02
C LYS B 75 -12.47 -12.07 -0.04
N GLU B 76 -13.07 -11.08 -0.68
CA GLU B 76 -12.41 -10.32 -1.73
C GLU B 76 -11.20 -9.60 -1.17
N ALA B 77 -11.34 -9.06 0.03
CA ALA B 77 -10.25 -8.36 0.71
C ALA B 77 -9.05 -9.28 0.86
N MET B 78 -9.31 -10.55 1.18
CA MET B 78 -8.24 -11.55 1.30
C MET B 78 -7.52 -11.68 -0.04
N GLU B 79 -8.31 -11.75 -1.10
CA GLU B 79 -7.77 -11.86 -2.45
C GLU B 79 -6.99 -10.60 -2.83
N ILE B 80 -7.55 -9.45 -2.50
CA ILE B 80 -6.91 -8.17 -2.78
C ILE B 80 -5.59 -8.06 -2.05
N ILE B 81 -5.61 -8.28 -0.74
CA ILE B 81 -4.41 -8.18 0.09
C ILE B 81 -3.34 -9.16 -0.38
N LYS B 82 -3.76 -10.36 -0.75
CA LYS B 82 -2.83 -11.37 -1.25
C LYS B 82 -2.10 -10.88 -2.49
N LYS B 83 -2.87 -10.40 -3.46
CA LYS B 83 -2.29 -9.90 -4.71
C LYS B 83 -1.56 -8.58 -4.48
N PHE B 84 -1.98 -7.84 -3.47
CA PHE B 84 -1.32 -6.61 -3.07
C PHE B 84 0.09 -6.93 -2.59
N LYS B 85 0.20 -7.93 -1.72
CA LYS B 85 1.48 -8.39 -1.21
C LYS B 85 2.37 -8.88 -2.35
N LYS B 86 1.75 -9.49 -3.36
CA LYS B 86 2.48 -10.00 -4.51
C LYS B 86 3.13 -8.88 -5.30
N ASP B 87 2.42 -7.77 -5.48
CA ASP B 87 2.97 -6.64 -6.23
C ASP B 87 4.03 -5.94 -5.40
N LEU B 88 3.82 -5.89 -4.08
CA LEU B 88 4.82 -5.36 -3.17
C LEU B 88 6.12 -6.15 -3.29
N ALA B 89 5.98 -7.47 -3.33
CA ALA B 89 7.12 -8.36 -3.49
C ALA B 89 7.83 -8.12 -4.81
N ALA B 90 7.04 -7.90 -5.86
CA ALA B 90 7.57 -7.64 -7.18
C ALA B 90 8.37 -6.34 -7.19
N MET B 91 7.80 -5.29 -6.61
CA MET B 91 8.47 -3.99 -6.53
C MET B 91 9.74 -4.09 -5.69
N LEU B 92 9.67 -4.87 -4.62
CA LEU B 92 10.83 -5.12 -3.76
C LEU B 92 11.96 -5.76 -4.57
N ARG B 93 11.61 -6.74 -5.36
CA ARG B 93 12.57 -7.42 -6.22
C ARG B 93 13.23 -6.43 -7.17
N ILE B 94 12.46 -5.46 -7.66
CA ILE B 94 13.00 -4.46 -8.56
C ILE B 94 13.97 -3.53 -7.83
N ILE B 95 13.66 -3.22 -6.56
CA ILE B 95 14.56 -2.43 -5.72
C ILE B 95 15.97 -3.02 -5.75
N ASN B 96 16.06 -4.31 -5.44
CA ASN B 96 17.34 -4.98 -5.35
C ASN B 96 17.84 -5.43 -6.72
N ALA B 97 16.94 -5.44 -7.70
CA ALA B 97 17.30 -5.81 -9.06
C ALA B 97 18.23 -4.78 -9.67
N ARG B 98 17.91 -3.52 -9.45
CA ARG B 98 18.66 -2.44 -10.05
C ARG B 98 19.76 -1.95 -9.11
N LYS B 99 19.43 -1.88 -7.83
CA LYS B 99 20.36 -1.44 -6.79
C LYS B 99 20.68 0.05 -6.89
N GLU B 100 20.31 0.65 -8.04
CA GLU B 100 20.60 2.04 -8.35
C GLU B 100 22.07 2.37 -8.12
N LYS B 101 22.95 1.47 -8.57
CA LYS B 101 24.39 1.59 -8.35
C LYS B 101 24.68 1.51 -6.85
N LYS B 102 24.91 0.30 -6.36
CA LYS B 102 25.18 0.09 -4.95
C LYS B 102 26.50 0.76 -4.59
N ARG B 103 26.46 1.63 -3.59
CA ARG B 103 27.62 2.41 -3.18
C ARG B 103 28.65 1.53 -2.47
N ARG B 104 28.21 0.33 -2.09
CA ARG B 104 29.07 -0.62 -1.39
C ARG B 104 29.52 -0.06 -0.05
N ALA A 35 0.72 -10.10 16.87
CA ALA A 35 1.63 -10.51 15.78
C ALA A 35 0.83 -11.06 14.60
N GLY A 36 0.27 -10.15 13.80
CA GLY A 36 -0.59 -10.54 12.70
C GLY A 36 0.13 -11.36 11.65
N LEU A 37 1.42 -11.13 11.51
CA LEU A 37 2.22 -11.85 10.52
C LEU A 37 2.48 -13.28 10.95
N LEU A 38 2.34 -13.54 12.24
CA LEU A 38 2.61 -14.86 12.78
C LEU A 38 1.33 -15.64 12.98
N LEU A 39 0.31 -14.97 13.50
CA LEU A 39 -0.97 -15.61 13.77
C LEU A 39 -1.83 -15.67 12.52
N GLY A 40 -1.47 -14.87 11.52
CA GLY A 40 -2.21 -14.85 10.27
C GLY A 40 -3.46 -14.02 10.35
N HIS A 41 -3.65 -13.35 11.49
CA HIS A 41 -4.83 -12.52 11.69
C HIS A 41 -4.46 -11.05 11.54
N GLY A 42 -4.90 -10.45 10.45
CA GLY A 42 -4.64 -9.04 10.23
C GLY A 42 -5.84 -8.19 10.61
N PRO A 43 -5.68 -7.26 11.58
CA PRO A 43 -6.72 -6.28 11.92
C PRO A 43 -7.04 -5.36 10.75
N ILE A 44 -8.05 -4.51 10.89
CA ILE A 44 -8.53 -3.69 9.77
C ILE A 44 -7.40 -2.91 9.08
N ARG A 45 -6.48 -2.35 9.86
CA ARG A 45 -5.33 -1.64 9.29
C ARG A 45 -4.55 -2.57 8.38
N MET A 46 -4.29 -3.77 8.85
CA MET A 46 -3.53 -4.75 8.10
C MET A 46 -4.32 -5.26 6.91
N VAL A 47 -5.65 -5.18 6.98
CA VAL A 47 -6.49 -5.60 5.87
C VAL A 47 -6.28 -4.70 4.66
N LEU A 48 -6.32 -3.39 4.88
CA LEU A 48 -6.07 -2.43 3.81
C LEU A 48 -4.64 -2.59 3.28
N ALA A 49 -3.71 -2.83 4.20
CA ALA A 49 -2.30 -2.99 3.84
C ALA A 49 -2.07 -4.26 3.03
N ILE A 50 -2.60 -5.38 3.51
CA ILE A 50 -2.40 -6.66 2.85
C ILE A 50 -3.13 -6.71 1.52
N LEU A 51 -4.23 -5.97 1.42
CA LEU A 51 -4.99 -5.94 0.18
C LEU A 51 -4.19 -5.23 -0.89
N ALA A 52 -3.68 -4.05 -0.56
CA ALA A 52 -2.82 -3.30 -1.48
C ALA A 52 -1.63 -4.14 -1.88
N PHE A 53 -1.10 -4.86 -0.91
CA PHE A 53 -0.04 -5.82 -1.16
C PHE A 53 -0.49 -6.81 -2.23
N LEU A 54 -1.59 -7.50 -1.98
CA LEU A 54 -2.13 -8.48 -2.92
C LEU A 54 -2.53 -7.83 -4.25
N ARG A 55 -2.70 -6.53 -4.25
CA ARG A 55 -3.06 -5.78 -5.46
C ARG A 55 -1.85 -5.59 -6.36
N PHE A 56 -0.77 -5.09 -5.78
CA PHE A 56 0.40 -4.74 -6.57
C PHE A 56 1.45 -5.84 -6.59
N THR A 57 1.25 -6.88 -5.79
CA THR A 57 2.17 -8.01 -5.81
C THR A 57 1.55 -9.23 -6.47
N ALA A 58 0.25 -9.35 -6.35
CA ALA A 58 -0.45 -10.55 -6.80
C ALA A 58 -1.62 -10.19 -7.71
N ILE A 59 -2.36 -11.22 -8.10
CA ILE A 59 -3.55 -11.04 -8.92
C ILE A 59 -4.77 -11.60 -8.20
N LYS A 60 -5.73 -10.73 -7.93
CA LYS A 60 -6.98 -11.08 -7.25
C LYS A 60 -6.72 -11.47 -5.79
N PRO A 61 -6.94 -10.52 -4.87
CA PRO A 61 -6.80 -10.77 -3.43
C PRO A 61 -7.77 -11.85 -2.92
N SER A 62 -7.35 -12.56 -1.90
CA SER A 62 -8.13 -13.65 -1.33
C SER A 62 -9.42 -13.14 -0.71
N LEU A 63 -10.50 -13.89 -0.94
CA LEU A 63 -11.84 -13.47 -0.55
C LEU A 63 -11.99 -13.33 0.96
N GLY A 64 -11.11 -13.98 1.72
CA GLY A 64 -11.13 -13.83 3.16
C GLY A 64 -10.77 -12.43 3.58
N LEU A 65 -9.73 -11.88 2.96
CA LEU A 65 -9.34 -10.51 3.21
C LEU A 65 -10.41 -9.57 2.69
N ILE A 66 -11.04 -9.97 1.58
CA ILE A 66 -12.15 -9.21 1.01
C ILE A 66 -13.34 -9.17 1.97
N ASN A 67 -13.53 -10.25 2.71
CA ASN A 67 -14.61 -10.33 3.70
C ASN A 67 -14.37 -9.33 4.82
N ARG A 68 -13.15 -9.24 5.30
CA ARG A 68 -12.83 -8.34 6.40
C ARG A 68 -12.60 -6.92 5.87
N TRP A 69 -12.36 -6.85 4.57
CA TRP A 69 -12.21 -5.59 3.86
C TRP A 69 -13.43 -4.70 4.06
N GLY A 70 -14.61 -5.30 3.88
CA GLY A 70 -15.84 -4.58 4.10
C GLY A 70 -16.25 -4.53 5.55
N SER A 71 -15.38 -4.98 6.44
CA SER A 71 -15.64 -4.93 7.87
C SER A 71 -15.08 -3.63 8.44
N VAL A 72 -14.29 -2.95 7.63
CA VAL A 72 -13.78 -1.63 8.00
C VAL A 72 -14.90 -0.61 7.89
N GLY A 73 -15.01 0.27 8.86
CA GLY A 73 -16.17 1.16 8.96
C GLY A 73 -16.14 2.33 7.99
N LYS A 74 -15.62 2.11 6.78
CA LYS A 74 -15.61 3.10 5.69
C LYS A 74 -14.81 4.36 6.05
N LYS A 75 -15.34 5.17 6.95
CA LYS A 75 -14.66 6.38 7.41
C LYS A 75 -13.31 6.03 8.02
N GLU A 76 -13.26 4.89 8.71
CA GLU A 76 -12.01 4.41 9.28
C GLU A 76 -11.00 4.14 8.17
N ALA A 77 -11.47 3.54 7.08
CA ALA A 77 -10.62 3.25 5.94
C ALA A 77 -10.09 4.54 5.32
N MET A 78 -10.95 5.56 5.28
CA MET A 78 -10.56 6.86 4.76
C MET A 78 -9.38 7.42 5.55
N GLU A 79 -9.43 7.21 6.86
CA GLU A 79 -8.37 7.65 7.76
C GLU A 79 -7.12 6.82 7.58
N ILE A 80 -7.30 5.51 7.53
CA ILE A 80 -6.19 4.58 7.32
C ILE A 80 -5.49 4.84 6.00
N ILE A 81 -6.28 4.92 4.92
CA ILE A 81 -5.74 5.14 3.58
C ILE A 81 -5.05 6.49 3.47
N LYS A 82 -5.59 7.50 4.16
CA LYS A 82 -4.98 8.82 4.16
C LYS A 82 -3.59 8.77 4.79
N LYS A 83 -3.48 8.06 5.91
CA LYS A 83 -2.21 7.89 6.59
C LYS A 83 -1.29 6.98 5.77
N PHE A 84 -1.91 6.03 5.07
CA PHE A 84 -1.18 5.11 4.20
C PHE A 84 -0.49 5.88 3.10
N LYS A 85 -1.27 6.68 2.37
CA LYS A 85 -0.73 7.53 1.31
C LYS A 85 0.32 8.49 1.86
N LYS A 86 0.09 8.97 3.07
CA LYS A 86 1.00 9.91 3.71
C LYS A 86 2.34 9.24 4.02
N ASP A 87 2.28 7.99 4.47
CA ASP A 87 3.49 7.24 4.78
C ASP A 87 4.24 6.92 3.49
N LEU A 88 3.47 6.62 2.44
CA LEU A 88 4.03 6.39 1.12
C LEU A 88 4.73 7.64 0.60
N ALA A 89 4.15 8.80 0.91
CA ALA A 89 4.72 10.08 0.50
C ALA A 89 6.09 10.29 1.12
N ALA A 90 6.18 10.07 2.42
CA ALA A 90 7.44 10.18 3.14
C ALA A 90 8.45 9.17 2.60
N MET A 91 7.98 7.93 2.43
CA MET A 91 8.79 6.85 1.88
C MET A 91 9.35 7.24 0.52
N LEU A 92 8.50 7.82 -0.32
CA LEU A 92 8.89 8.26 -1.65
C LEU A 92 10.04 9.26 -1.58
N ARG A 93 9.96 10.18 -0.62
CA ARG A 93 10.99 11.20 -0.46
C ARG A 93 12.32 10.56 -0.09
N ILE A 94 12.25 9.47 0.68
CA ILE A 94 13.47 8.77 1.08
C ILE A 94 14.03 7.97 -0.10
N ILE A 95 13.16 7.59 -1.04
CA ILE A 95 13.61 6.97 -2.29
C ILE A 95 14.50 7.96 -3.04
N ASN A 96 14.04 9.21 -3.08
CA ASN A 96 14.81 10.30 -3.69
C ASN A 96 16.08 10.54 -2.89
N ALA A 97 16.01 10.26 -1.59
CA ALA A 97 17.15 10.42 -0.71
C ALA A 97 18.10 9.21 -0.78
N ARG A 98 17.78 8.25 -1.65
CA ARG A 98 18.66 7.10 -1.87
C ARG A 98 19.83 7.50 -2.75
N LYS A 99 20.59 8.45 -2.25
CA LYS A 99 21.74 9.03 -2.94
C LYS A 99 22.26 10.17 -2.09
N GLU A 100 21.30 11.00 -1.70
CA GLU A 100 21.55 12.17 -0.87
C GLU A 100 20.23 12.90 -0.70
N LYS A 101 19.74 13.43 -1.82
CA LYS A 101 18.49 14.19 -1.88
C LYS A 101 18.50 15.00 -3.18
N LYS A 102 19.67 15.50 -3.51
CA LYS A 102 19.88 16.26 -4.75
C LYS A 102 20.33 15.34 -5.86
N ARG A 103 19.85 15.59 -7.07
CA ARG A 103 20.15 14.75 -8.22
C ARG A 103 21.55 15.03 -8.77
N ARG A 104 22.21 16.04 -8.21
CA ARG A 104 23.58 16.36 -8.58
C ARG A 104 24.51 15.21 -8.19
N ALA B 35 6.13 -15.19 -10.52
CA ALA B 35 5.40 -15.47 -9.26
C ALA B 35 6.22 -15.03 -8.06
N GLY B 36 6.21 -13.73 -7.80
CA GLY B 36 7.03 -13.17 -6.73
C GLY B 36 6.67 -13.70 -5.36
N LEU B 37 5.40 -14.05 -5.18
CA LEU B 37 4.92 -14.55 -3.90
C LEU B 37 5.40 -15.99 -3.67
N LEU B 38 5.77 -16.67 -4.73
CA LEU B 38 6.20 -18.06 -4.63
C LEU B 38 7.71 -18.17 -4.63
N LEU B 39 8.35 -17.38 -5.49
CA LEU B 39 9.81 -17.42 -5.59
C LEU B 39 10.46 -16.54 -4.53
N GLY B 40 9.68 -15.66 -3.94
CA GLY B 40 10.18 -14.79 -2.90
C GLY B 40 10.92 -13.59 -3.45
N HIS B 41 10.90 -13.46 -4.77
CA HIS B 41 11.57 -12.36 -5.44
C HIS B 41 10.56 -11.31 -5.88
N GLY B 42 10.56 -10.18 -5.19
CA GLY B 42 9.66 -9.11 -5.57
C GLY B 42 10.37 -8.04 -6.39
N PRO B 43 9.90 -7.80 -7.64
CA PRO B 43 10.42 -6.70 -8.47
C PRO B 43 10.15 -5.34 -7.83
N ILE B 44 10.66 -4.28 -8.44
CA ILE B 44 10.59 -2.94 -7.83
C ILE B 44 9.17 -2.55 -7.41
N ARG B 45 8.18 -2.86 -8.26
CA ARG B 45 6.78 -2.61 -7.92
C ARG B 45 6.41 -3.30 -6.61
N MET B 46 6.79 -4.56 -6.52
CA MET B 46 6.48 -5.36 -5.34
C MET B 46 7.28 -4.89 -4.13
N VAL B 47 8.42 -4.25 -4.37
CA VAL B 47 9.24 -3.73 -3.29
C VAL B 47 8.50 -2.61 -2.56
N LEU B 48 7.97 -1.66 -3.32
CA LEU B 48 7.20 -0.57 -2.72
C LEU B 48 5.95 -1.13 -2.02
N ALA B 49 5.34 -2.12 -2.64
CA ALA B 49 4.13 -2.74 -2.11
C ALA B 49 4.42 -3.51 -0.81
N ILE B 50 5.46 -4.34 -0.84
CA ILE B 50 5.79 -5.16 0.32
C ILE B 50 6.32 -4.30 1.46
N LEU B 51 6.95 -3.18 1.12
CA LEU B 51 7.46 -2.29 2.13
C LEU B 51 6.31 -1.64 2.89
N ALA B 52 5.36 -1.09 2.16
CA ALA B 52 4.15 -0.50 2.76
C ALA B 52 3.43 -1.55 3.60
N PHE B 53 3.40 -2.76 3.09
CA PHE B 53 2.89 -3.90 3.82
C PHE B 53 3.61 -4.01 5.16
N LEU B 54 4.93 -4.15 5.11
CA LEU B 54 5.75 -4.28 6.31
C LEU B 54 5.67 -3.04 7.19
N ARG B 55 5.23 -1.93 6.62
CA ARG B 55 5.07 -0.68 7.36
C ARG B 55 3.81 -0.70 8.22
N PHE B 56 2.69 -1.04 7.61
CA PHE B 56 1.41 -0.97 8.29
C PHE B 56 0.99 -2.31 8.89
N THR B 57 1.73 -3.37 8.59
CA THR B 57 1.43 -4.66 9.18
C THR B 57 2.47 -5.05 10.23
N ALA B 58 3.69 -4.60 10.02
CA ALA B 58 4.80 -5.04 10.85
C ALA B 58 5.58 -3.85 11.39
N ILE B 59 6.65 -4.13 12.12
CA ILE B 59 7.53 -3.11 12.64
C ILE B 59 8.95 -3.29 12.10
N LYS B 60 9.42 -2.28 11.38
CA LYS B 60 10.75 -2.27 10.78
C LYS B 60 10.86 -3.31 9.66
N PRO B 61 10.73 -2.86 8.41
CA PRO B 61 10.87 -3.72 7.22
C PRO B 61 12.27 -4.33 7.12
N SER B 62 12.33 -5.52 6.55
CA SER B 62 13.59 -6.25 6.41
C SER B 62 14.56 -5.52 5.50
N LEU B 63 15.83 -5.51 5.90
CA LEU B 63 16.87 -4.73 5.23
C LEU B 63 17.10 -5.19 3.79
N GLY B 64 16.70 -6.42 3.48
CA GLY B 64 16.82 -6.91 2.12
C GLY B 64 15.90 -6.15 1.17
N LEU B 65 14.66 -5.94 1.62
CA LEU B 65 13.71 -5.15 0.87
C LEU B 65 14.18 -3.70 0.82
N ILE B 66 14.79 -3.26 1.91
CA ILE B 66 15.35 -1.91 2.00
C ILE B 66 16.49 -1.74 0.98
N ASN B 67 17.24 -2.81 0.77
CA ASN B 67 18.33 -2.80 -0.20
C ASN B 67 17.80 -2.60 -1.61
N ARG B 68 16.72 -3.30 -1.95
CA ARG B 68 16.14 -3.19 -3.29
C ARG B 68 15.24 -1.97 -3.38
N TRP B 69 14.84 -1.46 -2.22
CA TRP B 69 14.05 -0.25 -2.09
C TRP B 69 14.76 0.91 -2.78
N GLY B 70 16.05 1.07 -2.50
CA GLY B 70 16.83 2.10 -3.13
C GLY B 70 17.34 1.72 -4.50
N SER B 71 16.87 0.59 -5.01
CA SER B 71 17.23 0.15 -6.35
C SER B 71 16.21 0.67 -7.36
N VAL B 72 15.10 1.19 -6.84
CA VAL B 72 14.09 1.81 -7.66
C VAL B 72 14.60 3.18 -8.11
N GLY B 73 14.40 3.52 -9.38
CA GLY B 73 15.02 4.70 -9.95
C GLY B 73 14.37 6.02 -9.58
N LYS B 74 13.87 6.11 -8.34
CA LYS B 74 13.29 7.34 -7.78
C LYS B 74 12.05 7.80 -8.55
N LYS B 75 12.24 8.30 -9.76
CA LYS B 75 11.14 8.75 -10.60
C LYS B 75 10.17 7.60 -10.85
N GLU B 76 10.72 6.39 -11.00
CA GLU B 76 9.90 5.21 -11.17
C GLU B 76 9.01 5.01 -9.95
N ALA B 77 9.58 5.20 -8.76
CA ALA B 77 8.85 5.07 -7.52
C ALA B 77 7.73 6.09 -7.46
N MET B 78 8.01 7.30 -7.94
CA MET B 78 7.00 8.37 -7.98
C MET B 78 5.80 7.93 -8.80
N GLU B 79 6.08 7.23 -9.90
CA GLU B 79 5.04 6.73 -10.77
C GLU B 79 4.30 5.56 -10.12
N ILE B 80 5.05 4.64 -9.54
CA ILE B 80 4.48 3.49 -8.84
C ILE B 80 3.59 3.94 -7.69
N ILE B 81 4.13 4.82 -6.85
CA ILE B 81 3.41 5.30 -5.68
C ILE B 81 2.17 6.09 -6.07
N LYS B 82 2.27 6.83 -7.18
CA LYS B 82 1.13 7.60 -7.66
C LYS B 82 -0.01 6.65 -8.05
N LYS B 83 0.34 5.58 -8.75
CA LYS B 83 -0.63 4.58 -9.15
C LYS B 83 -1.10 3.79 -7.93
N PHE B 84 -0.20 3.62 -6.97
CA PHE B 84 -0.51 2.93 -5.73
C PHE B 84 -1.61 3.68 -4.98
N LYS B 85 -1.37 4.97 -4.75
CA LYS B 85 -2.34 5.84 -4.10
C LYS B 85 -3.64 5.87 -4.88
N LYS B 86 -3.53 5.85 -6.20
CA LYS B 86 -4.70 5.90 -7.08
C LYS B 86 -5.54 4.62 -6.93
N ASP B 87 -4.87 3.49 -6.81
CA ASP B 87 -5.56 2.21 -6.64
C ASP B 87 -6.21 2.17 -5.27
N LEU B 88 -5.51 2.72 -4.28
CA LEU B 88 -6.05 2.85 -2.92
C LEU B 88 -7.29 3.73 -2.92
N ALA B 89 -7.28 4.77 -3.74
CA ALA B 89 -8.41 5.68 -3.85
C ALA B 89 -9.65 4.95 -4.35
N ALA B 90 -9.48 4.19 -5.42
CA ALA B 90 -10.57 3.40 -5.97
C ALA B 90 -11.04 2.37 -4.96
N MET B 91 -10.08 1.70 -4.33
CA MET B 91 -10.36 0.71 -3.30
C MET B 91 -11.19 1.32 -2.18
N LEU B 92 -10.79 2.52 -1.76
CA LEU B 92 -11.48 3.25 -0.71
C LEU B 92 -12.96 3.49 -1.06
N ARG B 93 -13.20 3.84 -2.32
CA ARG B 93 -14.56 4.09 -2.78
C ARG B 93 -15.40 2.82 -2.70
N ILE B 94 -14.76 1.68 -2.94
CA ILE B 94 -15.46 0.41 -2.87
C ILE B 94 -15.72 0.02 -1.42
N ILE B 95 -14.88 0.50 -0.50
CA ILE B 95 -15.14 0.35 0.92
C ILE B 95 -16.45 1.03 1.28
N ASN B 96 -16.62 2.23 0.75
CA ASN B 96 -17.86 2.99 0.91
C ASN B 96 -19.01 2.26 0.23
N ALA B 97 -18.68 1.53 -0.82
CA ALA B 97 -19.66 0.76 -1.56
C ALA B 97 -19.95 -0.59 -0.89
N ARG B 98 -19.33 -0.83 0.26
CA ARG B 98 -19.60 -2.04 1.04
C ARG B 98 -20.91 -1.89 1.79
N LYS B 99 -21.97 -1.71 1.02
CA LYS B 99 -23.32 -1.48 1.52
C LYS B 99 -24.20 -1.19 0.33
N GLU B 100 -23.70 -0.27 -0.48
CA GLU B 100 -24.36 0.20 -1.68
C GLU B 100 -23.52 1.29 -2.29
N LYS B 101 -23.45 2.41 -1.56
CA LYS B 101 -22.71 3.60 -1.95
C LYS B 101 -23.22 4.77 -1.13
N LYS B 102 -24.52 4.77 -0.91
CA LYS B 102 -25.18 5.79 -0.11
C LYS B 102 -25.28 5.32 1.34
N ARG B 103 -25.11 6.26 2.27
CA ARG B 103 -25.12 5.94 3.69
C ARG B 103 -26.54 5.75 4.22
N ARG B 104 -27.52 6.01 3.36
CA ARG B 104 -28.92 5.79 3.71
C ARG B 104 -29.17 4.30 3.93
N ALA A 35 2.38 20.86 3.60
CA ALA A 35 2.36 19.45 4.05
C ALA A 35 2.89 18.53 2.96
N GLY A 36 4.03 17.92 3.22
CA GLY A 36 4.65 17.03 2.25
C GLY A 36 3.76 15.85 1.90
N LEU A 37 2.91 15.45 2.84
CA LEU A 37 1.97 14.36 2.61
C LEU A 37 0.97 14.71 1.51
N LEU A 38 0.77 16.00 1.29
CA LEU A 38 -0.16 16.45 0.27
C LEU A 38 0.57 16.72 -1.05
N LEU A 39 1.82 17.18 -0.95
CA LEU A 39 2.61 17.50 -2.14
C LEU A 39 3.27 16.24 -2.72
N GLY A 40 3.24 15.16 -1.96
CA GLY A 40 3.83 13.93 -2.41
C GLY A 40 5.30 13.83 -2.05
N HIS A 41 5.65 14.44 -0.93
CA HIS A 41 7.02 14.45 -0.46
C HIS A 41 7.05 14.11 1.03
N GLY A 42 6.76 12.85 1.35
CA GLY A 42 6.77 12.41 2.72
C GLY A 42 8.07 11.73 3.07
N PRO A 43 8.25 11.34 4.35
CA PRO A 43 9.45 10.61 4.80
C PRO A 43 9.63 9.28 4.08
N ILE A 44 10.77 8.62 4.27
CA ILE A 44 11.13 7.43 3.51
C ILE A 44 10.03 6.35 3.54
N ARG A 45 9.46 6.13 4.72
CA ARG A 45 8.38 5.14 4.87
C ARG A 45 7.15 5.57 4.09
N MET A 46 6.85 6.86 4.15
CA MET A 46 5.75 7.41 3.39
C MET A 46 6.05 7.40 1.89
N VAL A 47 7.34 7.43 1.53
CA VAL A 47 7.74 7.29 0.14
C VAL A 47 7.19 5.99 -0.42
N LEU A 48 7.40 4.91 0.32
CA LEU A 48 6.85 3.60 -0.07
C LEU A 48 5.32 3.64 -0.10
N ALA A 49 4.73 4.36 0.86
CA ALA A 49 3.27 4.50 0.92
C ALA A 49 2.72 5.22 -0.31
N ILE A 50 3.31 6.37 -0.62
CA ILE A 50 2.89 7.16 -1.78
C ILE A 50 3.19 6.40 -3.07
N LEU A 51 4.27 5.62 -3.04
CA LEU A 51 4.63 4.78 -4.17
C LEU A 51 3.51 3.78 -4.46
N ALA A 52 3.11 3.02 -3.43
CA ALA A 52 2.05 2.04 -3.57
C ALA A 52 0.76 2.69 -4.01
N PHE A 53 0.49 3.88 -3.47
CA PHE A 53 -0.66 4.67 -3.88
C PHE A 53 -0.66 4.85 -5.39
N LEU A 54 0.35 5.54 -5.89
CA LEU A 54 0.47 5.83 -7.32
C LEU A 54 0.49 4.55 -8.14
N ARG A 55 1.18 3.54 -7.63
CA ARG A 55 1.29 2.27 -8.33
C ARG A 55 -0.04 1.56 -8.47
N PHE A 56 -0.73 1.37 -7.36
CA PHE A 56 -1.96 0.60 -7.37
C PHE A 56 -3.13 1.42 -7.89
N THR A 57 -2.90 2.72 -8.10
CA THR A 57 -3.89 3.57 -8.74
C THR A 57 -3.57 3.74 -10.21
N ALA A 58 -2.46 3.12 -10.63
CA ALA A 58 -1.98 3.15 -12.01
C ALA A 58 -1.59 4.56 -12.45
N ILE A 59 -1.07 5.33 -11.52
CA ILE A 59 -0.53 6.65 -11.79
C ILE A 59 0.99 6.56 -11.85
N LYS A 60 1.61 7.35 -12.72
CA LYS A 60 3.06 7.37 -12.83
C LYS A 60 3.67 7.88 -11.53
N PRO A 61 4.51 7.05 -10.88
CA PRO A 61 5.23 7.46 -9.68
C PRO A 61 6.13 8.67 -9.95
N SER A 62 5.81 9.78 -9.31
CA SER A 62 6.57 11.01 -9.48
C SER A 62 8.04 10.79 -9.15
N LEU A 63 8.90 11.53 -9.85
CA LEU A 63 10.35 11.36 -9.75
C LEU A 63 10.86 11.63 -8.35
N GLY A 64 10.12 12.41 -7.57
CA GLY A 64 10.48 12.64 -6.19
C GLY A 64 10.44 11.34 -5.39
N LEU A 65 9.39 10.57 -5.61
CA LEU A 65 9.25 9.27 -4.96
C LEU A 65 10.32 8.31 -5.44
N ILE A 66 10.55 8.31 -6.75
CA ILE A 66 11.53 7.41 -7.38
C ILE A 66 12.95 7.77 -6.94
N ASN A 67 13.21 9.04 -6.76
CA ASN A 67 14.54 9.50 -6.35
C ASN A 67 14.84 9.09 -4.92
N ARG A 68 13.86 9.26 -4.05
CA ARG A 68 14.05 8.95 -2.63
C ARG A 68 13.78 7.48 -2.36
N TRP A 69 13.17 6.84 -3.35
CA TRP A 69 12.85 5.41 -3.32
C TRP A 69 14.06 4.58 -2.93
N GLY A 70 15.16 4.78 -3.66
CA GLY A 70 16.37 4.04 -3.39
C GLY A 70 17.22 4.72 -2.33
N SER A 71 16.60 5.58 -1.53
CA SER A 71 17.28 6.27 -0.45
C SER A 71 16.57 5.99 0.87
N VAL A 72 15.65 5.04 0.84
CA VAL A 72 14.90 4.65 2.02
C VAL A 72 15.70 3.69 2.87
N GLY A 73 16.70 3.14 2.24
CA GLY A 73 17.45 2.04 2.80
C GLY A 73 16.71 0.75 2.58
N LYS A 74 17.33 -0.19 1.88
CA LYS A 74 16.67 -1.45 1.56
C LYS A 74 16.37 -2.21 2.84
N LYS A 75 17.12 -1.90 3.88
CA LYS A 75 16.87 -2.44 5.21
C LYS A 75 15.51 -1.98 5.71
N GLU A 76 15.31 -0.67 5.72
CA GLU A 76 14.07 -0.09 6.16
C GLU A 76 12.94 -0.45 5.21
N ALA A 77 13.27 -0.52 3.92
CA ALA A 77 12.29 -0.91 2.90
C ALA A 77 11.71 -2.28 3.22
N MET A 78 12.58 -3.22 3.61
CA MET A 78 12.13 -4.55 4.01
C MET A 78 11.18 -4.43 5.20
N GLU A 79 11.60 -3.67 6.20
CA GLU A 79 10.79 -3.44 7.39
C GLU A 79 9.44 -2.83 7.02
N ILE A 80 9.47 -1.88 6.10
CA ILE A 80 8.27 -1.25 5.59
C ILE A 80 7.34 -2.28 4.95
N ILE A 81 7.87 -2.99 3.96
CA ILE A 81 7.09 -3.96 3.20
C ILE A 81 6.44 -4.99 4.12
N LYS A 82 7.19 -5.46 5.10
CA LYS A 82 6.68 -6.44 6.06
C LYS A 82 5.47 -5.89 6.81
N LYS A 83 5.63 -4.73 7.42
CA LYS A 83 4.57 -4.13 8.23
C LYS A 83 3.43 -3.62 7.35
N PHE A 84 3.77 -3.31 6.11
CA PHE A 84 2.77 -2.90 5.12
C PHE A 84 1.83 -4.07 4.85
N LYS A 85 2.42 -5.24 4.60
CA LYS A 85 1.66 -6.46 4.36
C LYS A 85 0.81 -6.83 5.57
N LYS A 86 1.33 -6.55 6.76
CA LYS A 86 0.62 -6.87 8.00
C LYS A 86 -0.65 -6.04 8.12
N ASP A 87 -0.56 -4.75 7.79
CA ASP A 87 -1.71 -3.86 7.88
C ASP A 87 -2.72 -4.20 6.80
N LEU A 88 -2.21 -4.59 5.64
CA LEU A 88 -3.06 -5.02 4.52
C LEU A 88 -3.87 -6.25 4.91
N ALA A 89 -3.19 -7.23 5.48
CA ALA A 89 -3.83 -8.47 5.91
C ALA A 89 -4.86 -8.21 7.00
N ALA A 90 -4.55 -7.26 7.87
CA ALA A 90 -5.46 -6.86 8.93
C ALA A 90 -6.74 -6.27 8.36
N MET A 91 -6.57 -5.32 7.44
CA MET A 91 -7.70 -4.66 6.80
C MET A 91 -8.55 -5.65 6.03
N LEU A 92 -7.89 -6.62 5.40
CA LEU A 92 -8.57 -7.69 4.69
C LEU A 92 -9.54 -8.43 5.60
N ARG A 93 -9.06 -8.81 6.77
CA ARG A 93 -9.85 -9.52 7.74
C ARG A 93 -11.04 -8.66 8.18
N ILE A 94 -10.83 -7.35 8.26
CA ILE A 94 -11.88 -6.44 8.65
C ILE A 94 -12.92 -6.29 7.53
N ILE A 95 -12.47 -6.41 6.27
CA ILE A 95 -13.39 -6.43 5.14
C ILE A 95 -14.42 -7.52 5.34
N ASN A 96 -13.94 -8.70 5.70
CA ASN A 96 -14.82 -9.82 5.99
C ASN A 96 -15.59 -9.57 7.28
N ALA A 97 -14.89 -9.03 8.28
CA ALA A 97 -15.46 -8.85 9.62
C ALA A 97 -16.66 -7.90 9.62
N ARG A 98 -16.81 -7.11 8.56
CA ARG A 98 -17.95 -6.21 8.43
C ARG A 98 -19.24 -6.99 8.25
N LYS A 99 -19.12 -8.27 7.90
CA LYS A 99 -20.27 -9.14 7.75
C LYS A 99 -20.00 -10.52 8.35
N GLU A 100 -19.02 -11.24 7.81
CA GLU A 100 -18.67 -12.57 8.33
C GLU A 100 -19.87 -13.50 8.33
N LYS A 101 -20.63 -13.46 7.24
CA LYS A 101 -21.79 -14.32 7.03
C LYS A 101 -22.80 -14.18 8.17
N LYS A 102 -22.99 -12.97 8.65
CA LYS A 102 -23.97 -12.71 9.70
C LYS A 102 -25.38 -12.73 9.11
N ARG A 103 -26.25 -13.50 9.73
CA ARG A 103 -27.64 -13.59 9.30
C ARG A 103 -28.53 -14.01 10.47
N ARG A 104 -29.39 -13.09 10.89
CA ARG A 104 -30.30 -13.36 12.00
C ARG A 104 -31.73 -13.05 11.58
N ALA B 35 -11.10 14.33 -11.41
CA ALA B 35 -10.40 13.04 -11.29
C ALA B 35 -10.55 12.48 -9.88
N GLY B 36 -11.27 11.36 -9.78
CA GLY B 36 -11.50 10.73 -8.49
C GLY B 36 -10.23 10.32 -7.80
N LEU B 37 -9.20 10.03 -8.58
CA LEU B 37 -7.90 9.64 -8.05
C LEU B 37 -7.26 10.81 -7.28
N LEU B 38 -7.70 12.02 -7.58
CA LEU B 38 -7.16 13.21 -6.91
C LEU B 38 -8.06 13.60 -5.73
N LEU B 39 -9.35 13.36 -5.88
CA LEU B 39 -10.32 13.71 -4.83
C LEU B 39 -10.40 12.63 -3.76
N GLY B 40 -9.81 11.48 -4.04
CA GLY B 40 -9.83 10.39 -3.08
C GLY B 40 -11.06 9.51 -3.24
N HIS B 41 -11.54 9.42 -4.47
CA HIS B 41 -12.72 8.63 -4.78
C HIS B 41 -12.44 7.78 -6.01
N GLY B 42 -11.59 6.77 -5.84
CA GLY B 42 -11.28 5.88 -6.95
C GLY B 42 -12.09 4.60 -6.88
N PRO B 43 -11.96 3.73 -7.89
CA PRO B 43 -12.65 2.43 -7.91
C PRO B 43 -12.28 1.55 -6.72
N ILE B 44 -12.99 0.44 -6.54
CA ILE B 44 -12.84 -0.39 -5.34
C ILE B 44 -11.38 -0.78 -5.06
N ARG B 45 -10.66 -1.17 -6.11
CA ARG B 45 -9.25 -1.53 -5.97
C ARG B 45 -8.42 -0.33 -5.55
N MET B 46 -8.73 0.83 -6.13
CA MET B 46 -8.06 2.05 -5.74
C MET B 46 -8.48 2.48 -4.34
N VAL B 47 -9.66 2.06 -3.90
CA VAL B 47 -10.09 2.31 -2.52
C VAL B 47 -9.07 1.72 -1.56
N LEU B 48 -8.69 0.47 -1.80
CA LEU B 48 -7.66 -0.18 -1.00
C LEU B 48 -6.32 0.54 -1.14
N ALA B 49 -6.02 1.02 -2.35
CA ALA B 49 -4.79 1.76 -2.59
C ALA B 49 -4.74 3.05 -1.79
N ILE B 50 -5.81 3.84 -1.89
CA ILE B 50 -5.90 5.10 -1.17
C ILE B 50 -5.95 4.85 0.34
N LEU B 51 -6.55 3.73 0.71
CA LEU B 51 -6.60 3.32 2.11
C LEU B 51 -5.18 3.12 2.64
N ALA B 52 -4.39 2.31 1.95
CA ALA B 52 -3.02 2.04 2.35
C ALA B 52 -2.21 3.31 2.38
N PHE B 53 -2.45 4.18 1.41
CA PHE B 53 -1.82 5.49 1.37
C PHE B 53 -2.04 6.22 2.68
N LEU B 54 -3.30 6.52 2.98
CA LEU B 54 -3.67 7.25 4.19
C LEU B 54 -3.18 6.52 5.44
N ARG B 55 -3.31 5.20 5.43
CA ARG B 55 -2.91 4.38 6.56
C ARG B 55 -1.41 4.46 6.84
N PHE B 56 -0.60 4.21 5.82
CA PHE B 56 0.83 4.13 6.01
C PHE B 56 1.46 5.52 6.06
N THR B 57 0.64 6.54 5.78
CA THR B 57 1.09 7.93 5.95
C THR B 57 0.58 8.48 7.27
N ALA B 58 -0.16 7.64 7.98
CA ALA B 58 -0.73 7.97 9.29
C ALA B 58 -1.75 9.11 9.20
N ILE B 59 -2.47 9.14 8.09
CA ILE B 59 -3.57 10.08 7.90
C ILE B 59 -4.89 9.35 8.12
N LYS B 60 -5.87 10.05 8.69
CA LYS B 60 -7.18 9.45 8.92
C LYS B 60 -7.84 9.08 7.59
N PRO B 61 -8.14 7.80 7.39
CA PRO B 61 -8.85 7.34 6.20
C PRO B 61 -10.21 8.01 6.07
N SER B 62 -10.38 8.80 5.02
CA SER B 62 -11.62 9.52 4.78
C SER B 62 -12.80 8.55 4.69
N LEU B 63 -13.96 9.03 5.14
CA LEU B 63 -15.16 8.21 5.27
C LEU B 63 -15.62 7.66 3.92
N GLY B 64 -15.23 8.33 2.84
CA GLY B 64 -15.52 7.82 1.52
C GLY B 64 -14.83 6.49 1.26
N LEU B 65 -13.56 6.42 1.67
CA LEU B 65 -12.80 5.18 1.55
C LEU B 65 -13.37 4.12 2.47
N ILE B 66 -13.69 4.51 3.70
CA ILE B 66 -14.21 3.60 4.70
C ILE B 66 -15.59 3.06 4.30
N ASN B 67 -16.38 3.91 3.66
CA ASN B 67 -17.72 3.53 3.25
C ASN B 67 -17.68 2.51 2.12
N ARG B 68 -16.80 2.75 1.16
CA ARG B 68 -16.70 1.88 -0.01
C ARG B 68 -15.76 0.71 0.29
N TRP B 69 -15.04 0.83 1.39
CA TRP B 69 -14.10 -0.18 1.87
C TRP B 69 -14.78 -1.54 1.95
N GLY B 70 -15.91 -1.59 2.65
CA GLY B 70 -16.63 -2.84 2.79
C GLY B 70 -17.58 -3.08 1.65
N SER B 71 -17.34 -2.41 0.53
CA SER B 71 -18.17 -2.58 -0.66
C SER B 71 -17.29 -2.99 -1.84
N VAL B 72 -16.03 -3.33 -1.53
CA VAL B 72 -15.08 -3.75 -2.54
C VAL B 72 -15.28 -5.22 -2.89
N GLY B 73 -15.98 -5.87 -2.00
CA GLY B 73 -16.10 -7.30 -2.03
C GLY B 73 -14.89 -7.94 -1.39
N LYS B 74 -15.09 -8.71 -0.33
CA LYS B 74 -13.97 -9.30 0.38
C LYS B 74 -13.24 -10.27 -0.52
N LYS B 75 -13.94 -10.75 -1.54
CA LYS B 75 -13.36 -11.58 -2.57
C LYS B 75 -12.30 -10.80 -3.35
N GLU B 76 -12.72 -9.65 -3.87
CA GLU B 76 -11.83 -8.79 -4.62
C GLU B 76 -10.75 -8.22 -3.71
N ALA B 77 -11.13 -7.93 -2.47
CA ALA B 77 -10.19 -7.42 -1.48
C ALA B 77 -9.03 -8.39 -1.30
N MET B 78 -9.34 -9.68 -1.21
CA MET B 78 -8.30 -10.71 -1.12
C MET B 78 -7.40 -10.65 -2.34
N GLU B 79 -8.02 -10.60 -3.51
CA GLU B 79 -7.30 -10.50 -4.77
C GLU B 79 -6.41 -9.27 -4.80
N ILE B 80 -6.94 -8.16 -4.31
CA ILE B 80 -6.20 -6.91 -4.20
C ILE B 80 -4.99 -7.07 -3.30
N ILE B 81 -5.23 -7.52 -2.07
CA ILE B 81 -4.17 -7.66 -1.08
C ILE B 81 -3.04 -8.55 -1.59
N LYS B 82 -3.41 -9.65 -2.25
CA LYS B 82 -2.42 -10.57 -2.81
C LYS B 82 -1.52 -9.88 -3.81
N LYS B 83 -2.13 -9.24 -4.80
CA LYS B 83 -1.38 -8.59 -5.88
C LYS B 83 -0.69 -7.33 -5.37
N PHE B 84 -1.23 -6.75 -4.31
CA PHE B 84 -0.62 -5.61 -3.67
C PHE B 84 0.71 -6.02 -3.06
N LYS B 85 0.69 -7.14 -2.33
CA LYS B 85 1.89 -7.69 -1.72
C LYS B 85 2.92 -8.07 -2.77
N LYS B 86 2.45 -8.55 -3.91
CA LYS B 86 3.33 -8.94 -5.00
C LYS B 86 4.11 -7.75 -5.54
N ASP B 87 3.42 -6.63 -5.74
CA ASP B 87 4.04 -5.42 -6.28
C ASP B 87 5.00 -4.83 -5.24
N LEU B 88 4.61 -4.93 -3.97
CA LEU B 88 5.45 -4.47 -2.87
C LEU B 88 6.76 -5.24 -2.84
N ALA B 89 6.65 -6.56 -2.92
CA ALA B 89 7.82 -7.44 -2.89
C ALA B 89 8.71 -7.18 -4.10
N ALA B 90 8.09 -6.88 -5.24
CA ALA B 90 8.83 -6.57 -6.45
C ALA B 90 9.64 -5.29 -6.27
N MET B 91 8.98 -4.26 -5.78
CA MET B 91 9.63 -2.96 -5.55
C MET B 91 10.76 -3.09 -4.53
N LEU B 92 10.54 -3.93 -3.53
CA LEU B 92 11.56 -4.22 -2.52
C LEU B 92 12.84 -4.72 -3.19
N ARG B 93 12.69 -5.71 -4.06
CA ARG B 93 13.82 -6.28 -4.76
C ARG B 93 14.52 -5.22 -5.61
N ILE B 94 13.74 -4.30 -6.16
CA ILE B 94 14.32 -3.24 -6.96
C ILE B 94 15.06 -2.23 -6.09
N ILE B 95 14.60 -2.04 -4.85
CA ILE B 95 15.32 -1.21 -3.89
C ILE B 95 16.75 -1.71 -3.76
N ASN B 96 16.88 -3.02 -3.58
CA ASN B 96 18.19 -3.63 -3.50
C ASN B 96 18.89 -3.59 -4.86
N ALA B 97 18.12 -3.84 -5.92
CA ALA B 97 18.67 -3.95 -7.27
C ALA B 97 19.32 -2.65 -7.76
N ARG B 98 18.98 -1.54 -7.10
CA ARG B 98 19.58 -0.25 -7.44
C ARG B 98 21.08 -0.23 -7.09
N LYS B 99 21.50 -1.19 -6.28
CA LYS B 99 22.91 -1.32 -5.91
C LYS B 99 23.34 -2.78 -5.91
N GLU B 100 22.74 -3.60 -5.05
CA GLU B 100 23.06 -5.02 -4.97
C GLU B 100 24.56 -5.24 -4.73
N LYS B 101 25.11 -4.44 -3.82
CA LYS B 101 26.51 -4.54 -3.42
C LYS B 101 27.45 -4.41 -4.60
N LYS B 102 27.12 -3.52 -5.53
CA LYS B 102 27.97 -3.27 -6.68
C LYS B 102 29.18 -2.43 -6.28
N ARG B 103 30.35 -2.92 -6.63
CA ARG B 103 31.59 -2.20 -6.35
C ARG B 103 32.68 -2.59 -7.34
N ARG B 104 33.07 -1.63 -8.16
CA ARG B 104 34.10 -1.85 -9.16
C ARG B 104 35.17 -0.78 -9.04
N ALA A 35 4.03 19.31 5.93
CA ALA A 35 3.06 18.24 5.60
C ALA A 35 3.46 17.52 4.32
N GLY A 36 4.26 16.47 4.47
CA GLY A 36 4.79 15.78 3.31
C GLY A 36 3.73 15.13 2.44
N LEU A 37 2.58 14.86 3.04
CA LEU A 37 1.48 14.23 2.32
C LEU A 37 0.90 15.20 1.29
N LEU A 38 0.86 16.47 1.64
CA LEU A 38 0.24 17.48 0.78
C LEU A 38 1.27 18.11 -0.16
N LEU A 39 2.50 18.23 0.31
CA LEU A 39 3.55 18.87 -0.47
C LEU A 39 4.35 17.86 -1.29
N GLY A 40 4.14 16.58 -1.02
CA GLY A 40 4.86 15.55 -1.74
C GLY A 40 6.21 15.27 -1.11
N HIS A 41 6.55 16.03 -0.07
CA HIS A 41 7.81 15.86 0.63
C HIS A 41 7.70 14.73 1.64
N GLY A 42 7.44 13.54 1.12
CA GLY A 42 7.34 12.37 1.97
C GLY A 42 8.66 11.63 2.06
N PRO A 43 9.05 11.23 3.28
CA PRO A 43 10.27 10.43 3.50
C PRO A 43 10.19 9.06 2.85
N ILE A 44 11.26 8.29 2.92
CA ILE A 44 11.35 7.00 2.22
C ILE A 44 10.14 6.09 2.50
N ARG A 45 9.67 6.09 3.74
CA ARG A 45 8.52 5.27 4.13
C ARG A 45 7.28 5.67 3.34
N MET A 46 7.06 6.98 3.24
CA MET A 46 5.91 7.51 2.53
C MET A 46 6.06 7.32 1.03
N VAL A 47 7.31 7.27 0.55
CA VAL A 47 7.57 7.03 -0.87
C VAL A 47 7.05 5.66 -1.27
N LEU A 48 7.37 4.65 -0.49
CA LEU A 48 6.90 3.30 -0.76
C LEU A 48 5.38 3.22 -0.64
N ALA A 49 4.83 3.95 0.33
CA ALA A 49 3.39 3.98 0.54
C ALA A 49 2.66 4.65 -0.63
N ILE A 50 3.15 5.82 -1.04
CA ILE A 50 2.51 6.56 -2.11
C ILE A 50 2.74 5.87 -3.46
N LEU A 51 3.83 5.13 -3.57
CA LEU A 51 4.11 4.38 -4.78
C LEU A 51 3.05 3.30 -4.97
N ALA A 52 2.88 2.47 -3.94
CA ALA A 52 1.87 1.41 -3.98
C ALA A 52 0.49 2.00 -4.24
N PHE A 53 0.24 3.14 -3.61
CA PHE A 53 -0.97 3.91 -3.86
C PHE A 53 -1.14 4.13 -5.36
N LEU A 54 -0.17 4.81 -5.96
CA LEU A 54 -0.21 5.13 -7.38
C LEU A 54 -0.20 3.87 -8.26
N ARG A 55 0.31 2.77 -7.73
CA ARG A 55 0.33 1.51 -8.47
C ARG A 55 -1.07 0.92 -8.60
N PHE A 56 -1.81 0.94 -7.50
CA PHE A 56 -3.12 0.31 -7.47
C PHE A 56 -4.24 1.30 -7.72
N THR A 57 -3.95 2.59 -7.62
CA THR A 57 -4.97 3.61 -7.88
C THR A 57 -4.82 4.20 -9.27
N ALA A 58 -3.63 4.13 -9.83
CA ALA A 58 -3.34 4.73 -11.11
C ALA A 58 -2.62 3.75 -12.02
N ILE A 59 -2.03 4.25 -13.09
CA ILE A 59 -1.30 3.41 -14.02
C ILE A 59 0.17 3.35 -13.66
N LYS A 60 0.81 4.47 -13.83
CA LYS A 60 2.23 4.60 -13.57
C LYS A 60 2.52 5.82 -12.70
N PRO A 61 3.24 5.62 -11.59
CA PRO A 61 3.67 6.72 -10.70
C PRO A 61 4.62 7.69 -11.40
N SER A 62 4.58 8.94 -10.95
CA SER A 62 5.43 9.98 -11.50
C SER A 62 6.90 9.71 -11.23
N LEU A 63 7.75 10.14 -12.17
CA LEU A 63 9.18 9.85 -12.13
C LEU A 63 9.86 10.48 -10.93
N GLY A 64 9.23 11.48 -10.34
CA GLY A 64 9.74 12.08 -9.12
C GLY A 64 9.76 11.08 -7.98
N LEU A 65 8.66 10.35 -7.83
CA LEU A 65 8.56 9.30 -6.82
C LEU A 65 9.50 8.17 -7.17
N ILE A 66 9.59 7.86 -8.47
CA ILE A 66 10.48 6.82 -8.97
C ILE A 66 11.95 7.15 -8.66
N ASN A 67 12.27 8.44 -8.71
CA ASN A 67 13.63 8.90 -8.42
C ASN A 67 13.95 8.72 -6.95
N ARG A 68 12.99 9.05 -6.09
CA ARG A 68 13.19 8.95 -4.65
C ARG A 68 13.04 7.50 -4.18
N TRP A 69 12.41 6.71 -5.04
CA TRP A 69 12.18 5.29 -4.80
C TRP A 69 13.49 4.55 -4.59
N GLY A 70 14.44 4.80 -5.49
CA GLY A 70 15.73 4.14 -5.39
C GLY A 70 16.63 4.76 -4.34
N SER A 71 16.13 5.79 -3.66
CA SER A 71 16.89 6.46 -2.62
C SER A 71 16.62 5.83 -1.26
N VAL A 72 15.70 4.87 -1.24
CA VAL A 72 15.36 4.16 -0.02
C VAL A 72 16.43 3.11 0.29
N GLY A 73 16.76 2.96 1.57
CA GLY A 73 17.68 1.92 1.97
C GLY A 73 17.08 0.56 1.70
N LYS A 74 17.88 -0.33 1.15
CA LYS A 74 17.37 -1.63 0.71
C LYS A 74 16.96 -2.45 1.92
N LYS A 75 17.68 -2.27 3.00
CA LYS A 75 17.35 -2.90 4.27
C LYS A 75 16.08 -2.30 4.83
N GLU A 76 16.02 -0.98 4.83
CA GLU A 76 14.87 -0.26 5.35
C GLU A 76 13.62 -0.65 4.57
N ALA A 77 13.75 -0.73 3.25
CA ALA A 77 12.65 -1.11 2.39
C ALA A 77 12.12 -2.49 2.76
N MET A 78 13.04 -3.42 3.03
CA MET A 78 12.66 -4.77 3.42
C MET A 78 11.79 -4.76 4.65
N GLU A 79 12.19 -3.95 5.63
CA GLU A 79 11.45 -3.86 6.88
C GLU A 79 10.13 -3.13 6.69
N ILE A 80 10.15 -2.06 5.89
CA ILE A 80 8.94 -1.30 5.62
C ILE A 80 7.91 -2.16 4.91
N ILE A 81 8.34 -2.88 3.89
CA ILE A 81 7.47 -3.77 3.13
C ILE A 81 6.90 -4.86 4.04
N LYS A 82 7.73 -5.34 4.97
CA LYS A 82 7.29 -6.34 5.94
C LYS A 82 6.18 -5.77 6.81
N LYS A 83 6.38 -4.56 7.30
CA LYS A 83 5.40 -3.88 8.14
C LYS A 83 4.15 -3.54 7.34
N PHE A 84 4.34 -3.19 6.08
CA PHE A 84 3.25 -2.86 5.19
C PHE A 84 2.32 -4.06 5.01
N LYS A 85 2.92 -5.21 4.70
CA LYS A 85 2.16 -6.44 4.54
C LYS A 85 1.49 -6.84 5.84
N LYS A 86 2.13 -6.50 6.95
CA LYS A 86 1.59 -6.80 8.27
C LYS A 86 0.30 -6.03 8.51
N ASP A 87 0.33 -4.74 8.21
CA ASP A 87 -0.83 -3.88 8.40
C ASP A 87 -1.94 -4.25 7.42
N LEU A 88 -1.55 -4.71 6.24
CA LEU A 88 -2.52 -5.19 5.25
C LEU A 88 -3.21 -6.45 5.76
N ALA A 89 -2.45 -7.31 6.42
CA ALA A 89 -3.00 -8.54 6.99
C ALA A 89 -4.04 -8.20 8.05
N ALA A 90 -3.69 -7.28 8.94
CA ALA A 90 -4.60 -6.81 9.96
C ALA A 90 -5.83 -6.17 9.32
N MET A 91 -5.56 -5.29 8.36
CA MET A 91 -6.61 -4.60 7.61
C MET A 91 -7.61 -5.59 7.03
N LEU A 92 -7.09 -6.62 6.38
CA LEU A 92 -7.91 -7.65 5.75
C LEU A 92 -8.84 -8.30 6.76
N ARG A 93 -8.31 -8.67 7.91
CA ARG A 93 -9.10 -9.34 8.94
C ARG A 93 -10.20 -8.44 9.46
N ILE A 94 -9.93 -7.13 9.52
CA ILE A 94 -10.92 -6.18 9.99
C ILE A 94 -12.02 -5.98 8.95
N ILE A 95 -11.66 -6.11 7.67
CA ILE A 95 -12.65 -6.12 6.59
C ILE A 95 -13.67 -7.22 6.87
N ASN A 96 -13.15 -8.41 7.13
CA ASN A 96 -13.97 -9.57 7.45
C ASN A 96 -14.68 -9.39 8.77
N ALA A 97 -14.14 -8.53 9.61
CA ALA A 97 -14.75 -8.23 10.89
C ALA A 97 -15.87 -7.21 10.74
N ARG A 98 -16.25 -6.94 9.50
CA ARG A 98 -17.34 -6.00 9.21
C ARG A 98 -18.39 -6.67 8.32
N LYS A 99 -18.53 -7.98 8.45
CA LYS A 99 -19.49 -8.73 7.65
C LYS A 99 -20.75 -9.07 8.47
N GLU A 100 -20.55 -9.32 9.76
CA GLU A 100 -21.62 -9.72 10.67
C GLU A 100 -22.13 -11.13 10.38
N LYS A 101 -22.43 -11.42 9.13
CA LYS A 101 -22.95 -12.71 8.73
C LYS A 101 -22.00 -13.42 7.77
N LYS A 102 -22.10 -14.74 7.74
CA LYS A 102 -21.28 -15.56 6.87
C LYS A 102 -21.89 -16.96 6.83
N ARG A 103 -21.37 -17.86 6.01
CA ARG A 103 -21.82 -19.24 6.02
C ARG A 103 -21.58 -19.85 7.40
N ARG A 104 -20.36 -19.67 7.89
CA ARG A 104 -20.00 -20.10 9.23
C ARG A 104 -19.40 -18.92 9.98
N ALA B 35 -12.19 10.53 -12.84
CA ALA B 35 -10.86 10.32 -12.21
C ALA B 35 -11.03 10.12 -10.71
N GLY B 36 -11.21 8.87 -10.30
CA GLY B 36 -11.47 8.55 -8.91
C GLY B 36 -10.32 8.91 -7.99
N LEU B 37 -9.13 9.00 -8.55
CA LEU B 37 -7.95 9.33 -7.76
C LEU B 37 -8.01 10.79 -7.29
N LEU B 38 -8.55 11.66 -8.15
CA LEU B 38 -8.59 13.09 -7.85
C LEU B 38 -9.88 13.47 -7.15
N LEU B 39 -10.97 12.78 -7.49
CA LEU B 39 -12.28 13.12 -6.94
C LEU B 39 -12.59 12.29 -5.70
N GLY B 40 -11.76 11.29 -5.42
CA GLY B 40 -11.99 10.45 -4.25
C GLY B 40 -12.96 9.32 -4.56
N HIS B 41 -13.50 9.32 -5.77
CA HIS B 41 -14.44 8.30 -6.20
C HIS B 41 -13.69 7.05 -6.65
N GLY B 42 -12.96 6.47 -5.71
CA GLY B 42 -12.23 5.26 -6.00
C GLY B 42 -13.02 4.02 -5.65
N PRO B 43 -13.03 3.01 -6.53
CA PRO B 43 -13.69 1.73 -6.25
C PRO B 43 -13.04 0.97 -5.09
N ILE B 44 -13.60 -0.16 -4.72
CA ILE B 44 -13.15 -0.91 -3.55
C ILE B 44 -11.63 -1.15 -3.54
N ARG B 45 -11.08 -1.45 -4.72
CA ARG B 45 -9.64 -1.70 -4.85
C ARG B 45 -8.84 -0.47 -4.45
N MET B 46 -9.28 0.68 -4.94
CA MET B 46 -8.60 1.94 -4.64
C MET B 46 -8.81 2.34 -3.19
N VAL B 47 -9.92 1.91 -2.60
CA VAL B 47 -10.20 2.20 -1.20
C VAL B 47 -9.14 1.56 -0.32
N LEU B 48 -8.85 0.28 -0.57
CA LEU B 48 -7.83 -0.43 0.19
C LEU B 48 -6.45 0.19 -0.05
N ALA B 49 -6.21 0.61 -1.30
CA ALA B 49 -4.95 1.23 -1.67
C ALA B 49 -4.77 2.58 -0.97
N ILE B 50 -5.78 3.43 -1.03
CA ILE B 50 -5.70 4.76 -0.44
C ILE B 50 -5.72 4.68 1.08
N LEU B 51 -6.33 3.62 1.61
CA LEU B 51 -6.35 3.42 3.04
C LEU B 51 -4.94 3.17 3.55
N ALA B 52 -4.28 2.17 2.95
CA ALA B 52 -2.89 1.85 3.32
C ALA B 52 -2.00 3.07 3.16
N PHE B 53 -2.25 3.81 2.08
CA PHE B 53 -1.60 5.08 1.85
C PHE B 53 -1.73 5.96 3.09
N LEU B 54 -2.96 6.28 3.46
CA LEU B 54 -3.23 7.14 4.60
C LEU B 54 -2.74 6.52 5.91
N ARG B 55 -2.60 5.21 5.96
CA ARG B 55 -2.10 4.53 7.16
C ARG B 55 -0.61 4.79 7.36
N PHE B 56 0.14 4.69 6.27
CA PHE B 56 1.59 4.82 6.36
C PHE B 56 2.07 6.23 6.05
N THR B 57 1.20 7.04 5.46
CA THR B 57 1.59 8.43 5.15
C THR B 57 1.02 9.40 6.18
N ALA B 58 -0.05 9.01 6.83
CA ALA B 58 -0.73 9.88 7.78
C ALA B 58 -0.98 9.15 9.09
N ILE B 59 -1.87 9.71 9.91
CA ILE B 59 -2.20 9.09 11.19
C ILE B 59 -3.41 8.21 11.05
N LYS B 60 -4.52 8.83 10.80
CA LYS B 60 -5.79 8.15 10.68
C LYS B 60 -6.53 8.59 9.42
N PRO B 61 -6.95 7.63 8.58
CA PRO B 61 -7.74 7.90 7.37
C PRO B 61 -9.11 8.50 7.69
N SER B 62 -9.63 9.30 6.77
CA SER B 62 -10.92 9.95 6.93
C SER B 62 -12.04 8.92 6.96
N LEU B 63 -13.09 9.24 7.73
CA LEU B 63 -14.20 8.32 7.98
C LEU B 63 -14.97 7.98 6.70
N GLY B 64 -14.81 8.81 5.68
CA GLY B 64 -15.41 8.52 4.39
C GLY B 64 -14.82 7.26 3.79
N LEU B 65 -13.50 7.16 3.83
CA LEU B 65 -12.81 5.97 3.35
C LEU B 65 -13.13 4.79 4.24
N ILE B 66 -13.20 5.04 5.54
CA ILE B 66 -13.54 4.02 6.53
C ILE B 66 -14.95 3.47 6.28
N ASN B 67 -15.84 4.32 5.83
CA ASN B 67 -17.21 3.92 5.53
C ASN B 67 -17.25 3.01 4.30
N ARG B 68 -16.47 3.37 3.28
CA ARG B 68 -16.44 2.60 2.05
C ARG B 68 -15.57 1.35 2.22
N TRP B 69 -14.74 1.39 3.25
CA TRP B 69 -13.83 0.30 3.60
C TRP B 69 -14.61 -0.98 3.87
N GLY B 70 -15.66 -0.87 4.68
CA GLY B 70 -16.45 -2.04 5.01
C GLY B 70 -17.41 -2.43 3.91
N SER B 71 -17.39 -1.67 2.81
CA SER B 71 -18.26 -1.95 1.68
C SER B 71 -17.57 -2.88 0.68
N VAL B 72 -16.31 -3.19 0.95
CA VAL B 72 -15.54 -4.09 0.12
C VAL B 72 -15.94 -5.53 0.40
N GLY B 73 -16.02 -6.35 -0.65
CA GLY B 73 -16.29 -7.75 -0.48
C GLY B 73 -15.14 -8.41 0.26
N LYS B 74 -15.47 -9.25 1.22
CA LYS B 74 -14.47 -9.82 2.09
C LYS B 74 -13.58 -10.77 1.31
N LYS B 75 -14.18 -11.43 0.33
CA LYS B 75 -13.46 -12.30 -0.59
C LYS B 75 -12.56 -11.45 -1.49
N GLU B 76 -13.14 -10.40 -2.05
CA GLU B 76 -12.42 -9.51 -2.94
C GLU B 76 -11.23 -8.90 -2.22
N ALA B 77 -11.46 -8.47 -0.99
CA ALA B 77 -10.41 -7.89 -0.17
C ALA B 77 -9.25 -8.85 0.01
N MET B 78 -9.58 -10.12 0.26
CA MET B 78 -8.56 -11.16 0.44
C MET B 78 -7.67 -11.25 -0.78
N GLU B 79 -8.29 -11.22 -1.95
CA GLU B 79 -7.56 -11.32 -3.21
C GLU B 79 -6.77 -10.04 -3.49
N ILE B 80 -7.38 -8.90 -3.21
CA ILE B 80 -6.72 -7.61 -3.42
C ILE B 80 -5.48 -7.50 -2.54
N ILE B 81 -5.64 -7.84 -1.26
CA ILE B 81 -4.53 -7.79 -0.31
C ILE B 81 -3.41 -8.75 -0.73
N LYS B 82 -3.81 -9.89 -1.28
CA LYS B 82 -2.85 -10.87 -1.80
C LYS B 82 -2.05 -10.27 -2.94
N LYS B 83 -2.75 -9.62 -3.87
CA LYS B 83 -2.12 -8.98 -5.01
C LYS B 83 -1.28 -7.79 -4.57
N PHE B 84 -1.75 -7.09 -3.55
CA PHE B 84 -1.06 -5.94 -3.02
C PHE B 84 0.30 -6.35 -2.46
N LYS B 85 0.29 -7.40 -1.63
CA LYS B 85 1.53 -7.92 -1.06
C LYS B 85 2.44 -8.46 -2.14
N LYS B 86 1.85 -8.97 -3.22
CA LYS B 86 2.60 -9.50 -4.34
C LYS B 86 3.39 -8.38 -5.03
N ASP B 87 2.72 -7.27 -5.28
CA ASP B 87 3.34 -6.13 -5.94
C ASP B 87 4.38 -5.49 -5.04
N LEU B 88 4.13 -5.53 -3.73
CA LEU B 88 5.09 -5.04 -2.75
C LEU B 88 6.35 -5.89 -2.76
N ALA B 89 6.17 -7.20 -2.91
CA ALA B 89 7.30 -8.13 -2.98
C ALA B 89 8.16 -7.81 -4.20
N ALA B 90 7.51 -7.63 -5.34
CA ALA B 90 8.20 -7.26 -6.56
C ALA B 90 8.89 -5.92 -6.38
N MET B 91 8.14 -4.96 -5.85
CA MET B 91 8.65 -3.61 -5.58
C MET B 91 9.93 -3.67 -4.76
N LEU B 92 9.89 -4.44 -3.68
CA LEU B 92 11.02 -4.59 -2.78
C LEU B 92 12.26 -5.08 -3.52
N ARG B 93 12.09 -6.09 -4.36
CA ARG B 93 13.21 -6.66 -5.09
C ARG B 93 13.81 -5.65 -6.05
N ILE B 94 12.96 -4.80 -6.62
CA ILE B 94 13.42 -3.78 -7.56
C ILE B 94 14.17 -2.67 -6.81
N ILE B 95 13.77 -2.42 -5.57
CA ILE B 95 14.52 -1.50 -4.71
C ILE B 95 15.97 -1.99 -4.61
N ASN B 96 16.11 -3.28 -4.30
CA ASN B 96 17.42 -3.91 -4.19
C ASN B 96 18.10 -3.99 -5.54
N ALA B 97 17.30 -3.92 -6.60
CA ALA B 97 17.85 -3.94 -7.95
C ALA B 97 18.32 -2.56 -8.37
N ARG B 98 18.38 -1.63 -7.40
CA ARG B 98 18.85 -0.28 -7.64
C ARG B 98 19.99 0.08 -6.68
N LYS B 99 20.75 -0.93 -6.28
CA LYS B 99 21.86 -0.71 -5.35
C LYS B 99 23.20 -0.71 -6.07
N GLU B 100 23.30 -1.55 -7.11
CA GLU B 100 24.52 -1.73 -7.90
C GLU B 100 25.60 -2.47 -7.10
N LYS B 101 25.85 -2.03 -5.89
CA LYS B 101 26.88 -2.62 -5.06
C LYS B 101 26.28 -3.20 -3.78
N LYS B 102 26.99 -4.17 -3.21
CA LYS B 102 26.57 -4.83 -1.99
C LYS B 102 27.77 -5.61 -1.44
N ARG B 103 27.65 -6.22 -0.27
CA ARG B 103 28.70 -7.08 0.25
C ARG B 103 28.92 -8.24 -0.71
N ARG B 104 27.84 -8.88 -1.10
CA ARG B 104 27.88 -9.93 -2.09
C ARG B 104 26.87 -9.63 -3.20
N ALA A 35 2.36 -16.58 -12.56
CA ALA A 35 2.40 -16.67 -11.08
C ALA A 35 3.02 -15.41 -10.50
N GLY A 36 2.17 -14.43 -10.18
CA GLY A 36 2.64 -13.15 -9.71
C GLY A 36 3.47 -13.25 -8.45
N LEU A 37 3.06 -14.09 -7.52
CA LEU A 37 3.74 -14.19 -6.23
C LEU A 37 5.13 -14.80 -6.37
N LEU A 38 5.45 -15.26 -7.57
CA LEU A 38 6.76 -15.85 -7.83
C LEU A 38 7.57 -14.99 -8.80
N LEU A 39 6.91 -14.46 -9.83
CA LEU A 39 7.59 -13.68 -10.84
C LEU A 39 7.45 -12.17 -10.59
N GLY A 40 6.22 -11.72 -10.46
CA GLY A 40 5.98 -10.28 -10.31
C GLY A 40 6.38 -9.78 -8.95
N HIS A 41 6.19 -10.62 -7.96
CA HIS A 41 6.57 -10.32 -6.58
C HIS A 41 8.09 -10.18 -6.45
N GLY A 42 8.61 -8.98 -6.68
CA GLY A 42 10.04 -8.76 -6.54
C GLY A 42 10.52 -7.46 -7.14
N PRO A 43 10.24 -7.18 -8.43
CA PRO A 43 10.55 -5.90 -9.08
C PRO A 43 10.20 -4.67 -8.23
N ILE A 44 10.87 -3.56 -8.55
CA ILE A 44 10.88 -2.35 -7.72
C ILE A 44 9.48 -1.84 -7.33
N ARG A 45 8.53 -1.95 -8.25
CA ARG A 45 7.15 -1.55 -7.95
C ARG A 45 6.61 -2.37 -6.79
N MET A 46 6.88 -3.66 -6.84
CA MET A 46 6.44 -4.58 -5.81
C MET A 46 7.20 -4.33 -4.53
N VAL A 47 8.44 -3.86 -4.65
CA VAL A 47 9.24 -3.54 -3.47
C VAL A 47 8.53 -2.49 -2.62
N LEU A 48 8.04 -1.44 -3.27
CA LEU A 48 7.29 -0.40 -2.57
C LEU A 48 5.98 -0.95 -2.01
N ALA A 49 5.35 -1.86 -2.76
CA ALA A 49 4.12 -2.50 -2.31
C ALA A 49 4.36 -3.38 -1.08
N ILE A 50 5.40 -4.20 -1.15
CA ILE A 50 5.78 -5.07 -0.05
C ILE A 50 6.22 -4.22 1.15
N LEU A 51 6.84 -3.08 0.85
CA LEU A 51 7.23 -2.12 1.87
C LEU A 51 6.00 -1.65 2.63
N ALA A 52 5.02 -1.12 1.90
CA ALA A 52 3.78 -0.63 2.49
C ALA A 52 3.11 -1.73 3.32
N PHE A 53 3.17 -2.94 2.81
CA PHE A 53 2.70 -4.10 3.53
C PHE A 53 3.38 -4.19 4.90
N LEU A 54 4.70 -4.24 4.89
CA LEU A 54 5.49 -4.36 6.12
C LEU A 54 5.42 -3.09 6.96
N ARG A 55 4.90 -2.01 6.38
CA ARG A 55 4.70 -0.76 7.11
C ARG A 55 3.42 -0.81 7.93
N PHE A 56 2.34 -1.23 7.30
CA PHE A 56 1.04 -1.19 7.94
C PHE A 56 0.66 -2.53 8.55
N THR A 57 1.35 -3.60 8.18
CA THR A 57 1.03 -4.91 8.74
C THR A 57 2.13 -5.40 9.67
N ALA A 58 3.19 -4.62 9.78
CA ALA A 58 4.35 -5.01 10.55
C ALA A 58 5.09 -3.78 11.09
N ILE A 59 6.16 -4.03 11.83
CA ILE A 59 6.99 -2.96 12.35
C ILE A 59 8.38 -3.04 11.71
N LYS A 60 8.71 -2.02 10.91
CA LYS A 60 9.99 -1.94 10.21
C LYS A 60 10.10 -3.01 9.13
N PRO A 61 10.07 -2.60 7.85
CA PRO A 61 10.28 -3.52 6.73
C PRO A 61 11.66 -4.15 6.77
N SER A 62 11.75 -5.39 6.29
CA SER A 62 13.00 -6.13 6.29
C SER A 62 14.04 -5.42 5.43
N LEU A 63 15.30 -5.45 5.91
CA LEU A 63 16.37 -4.68 5.31
C LEU A 63 16.65 -5.06 3.87
N GLY A 64 16.27 -6.27 3.49
CA GLY A 64 16.38 -6.68 2.10
C GLY A 64 15.51 -5.82 1.20
N LEU A 65 14.26 -5.63 1.62
CA LEU A 65 13.35 -4.77 0.90
C LEU A 65 13.84 -3.34 0.93
N ILE A 66 14.32 -2.91 2.10
CA ILE A 66 14.86 -1.55 2.26
C ILE A 66 16.03 -1.31 1.31
N ASN A 67 16.89 -2.30 1.19
CA ASN A 67 18.04 -2.22 0.30
C ASN A 67 17.60 -1.98 -1.14
N ARG A 68 16.59 -2.71 -1.58
CA ARG A 68 16.12 -2.60 -2.95
C ARG A 68 15.26 -1.35 -3.10
N TRP A 69 14.63 -0.98 -1.99
CA TRP A 69 13.80 0.21 -1.90
C TRP A 69 14.61 1.46 -2.19
N GLY A 70 15.78 1.55 -1.59
CA GLY A 70 16.67 2.68 -1.84
C GLY A 70 17.29 2.62 -3.22
N SER A 71 17.21 1.46 -3.86
CA SER A 71 17.79 1.27 -5.18
C SER A 71 16.80 1.67 -6.28
N VAL A 72 15.54 1.82 -5.90
CA VAL A 72 14.50 2.23 -6.84
C VAL A 72 14.78 3.64 -7.36
N GLY A 73 14.60 3.82 -8.66
CA GLY A 73 14.78 5.13 -9.26
C GLY A 73 13.78 6.12 -8.72
N LYS A 74 14.23 7.34 -8.49
CA LYS A 74 13.42 8.33 -7.80
C LYS A 74 12.30 8.81 -8.70
N LYS A 75 12.57 8.83 -9.99
CA LYS A 75 11.57 9.14 -10.99
C LYS A 75 10.52 8.05 -11.00
N GLU A 76 10.99 6.81 -11.04
CA GLU A 76 10.13 5.65 -11.05
C GLU A 76 9.25 5.65 -9.80
N ALA A 77 9.88 5.86 -8.66
CA ALA A 77 9.17 5.87 -7.38
C ALA A 77 8.04 6.89 -7.37
N MET A 78 8.30 8.06 -7.92
CA MET A 78 7.28 9.12 -8.00
C MET A 78 6.07 8.63 -8.80
N GLU A 79 6.34 7.95 -9.90
CA GLU A 79 5.28 7.41 -10.73
C GLU A 79 4.58 6.25 -10.03
N ILE A 80 5.35 5.39 -9.38
CA ILE A 80 4.82 4.25 -8.66
C ILE A 80 3.87 4.71 -7.56
N ILE A 81 4.32 5.66 -6.75
CA ILE A 81 3.49 6.21 -5.67
C ILE A 81 2.23 6.84 -6.23
N LYS A 82 2.35 7.48 -7.38
CA LYS A 82 1.22 8.10 -8.05
C LYS A 82 0.18 7.04 -8.44
N LYS A 83 0.65 5.95 -9.02
CA LYS A 83 -0.22 4.84 -9.42
C LYS A 83 -0.81 4.17 -8.19
N PHE A 84 0.00 4.05 -7.15
CA PHE A 84 -0.41 3.41 -5.91
C PHE A 84 -1.57 4.18 -5.29
N LYS A 85 -1.41 5.49 -5.17
CA LYS A 85 -2.45 6.34 -4.60
C LYS A 85 -3.72 6.28 -5.45
N LYS A 86 -3.54 6.15 -6.76
CA LYS A 86 -4.67 6.05 -7.67
C LYS A 86 -5.47 4.78 -7.42
N ASP A 87 -4.76 3.67 -7.24
CA ASP A 87 -5.43 2.39 -7.02
C ASP A 87 -6.11 2.38 -5.66
N LEU A 88 -5.48 3.04 -4.68
CA LEU A 88 -6.06 3.20 -3.34
C LEU A 88 -7.39 3.94 -3.44
N ALA A 89 -7.44 4.95 -4.31
CA ALA A 89 -8.65 5.71 -4.54
C ALA A 89 -9.75 4.82 -5.09
N ALA A 90 -9.36 3.93 -6.01
CA ALA A 90 -10.30 2.98 -6.58
C ALA A 90 -10.80 2.03 -5.51
N MET A 91 -9.89 1.53 -4.67
CA MET A 91 -10.24 0.66 -3.56
C MET A 91 -11.29 1.33 -2.68
N LEU A 92 -11.00 2.57 -2.30
CA LEU A 92 -11.87 3.35 -1.43
C LEU A 92 -13.29 3.40 -1.94
N ARG A 93 -13.43 3.71 -3.23
CA ARG A 93 -14.73 3.82 -3.85
C ARG A 93 -15.47 2.48 -3.81
N ILE A 94 -14.74 1.41 -4.01
CA ILE A 94 -15.32 0.07 -3.98
C ILE A 94 -15.70 -0.32 -2.55
N ILE A 95 -14.93 0.15 -1.57
CA ILE A 95 -15.28 -0.04 -0.17
C ILE A 95 -16.70 0.48 0.07
N ASN A 96 -16.94 1.70 -0.41
CA ASN A 96 -18.24 2.34 -0.26
C ASN A 96 -19.31 1.62 -1.08
N ALA A 97 -18.90 1.10 -2.24
CA ALA A 97 -19.80 0.34 -3.10
C ALA A 97 -20.16 -0.99 -2.44
N ARG A 98 -19.27 -1.47 -1.59
CA ARG A 98 -19.48 -2.69 -0.84
C ARG A 98 -20.12 -2.41 0.50
N LYS A 99 -20.86 -1.32 0.60
CA LYS A 99 -21.62 -1.02 1.80
C LYS A 99 -22.89 -1.86 1.80
N GLU A 100 -23.46 -2.01 0.59
CA GLU A 100 -24.62 -2.87 0.36
C GLU A 100 -25.86 -2.30 1.09
N LYS A 101 -25.77 -1.03 1.45
CA LYS A 101 -26.84 -0.34 2.15
C LYS A 101 -26.61 1.15 2.02
N LYS A 102 -27.56 1.96 2.42
CA LYS A 102 -27.44 3.40 2.24
C LYS A 102 -28.35 4.15 3.21
N ARG A 103 -27.85 5.24 3.75
CA ARG A 103 -28.65 6.10 4.60
C ARG A 103 -28.91 7.43 3.90
N ARG A 104 -30.14 7.94 4.07
CA ARG A 104 -30.56 9.19 3.44
C ARG A 104 -30.44 9.11 1.92
N ALA B 35 4.51 -8.80 18.25
CA ALA B 35 4.69 -9.51 16.96
C ALA B 35 3.61 -9.06 15.97
N GLY B 36 3.92 -8.03 15.19
CA GLY B 36 2.95 -7.45 14.28
C GLY B 36 2.41 -8.44 13.28
N LEU B 37 3.28 -9.28 12.74
CA LEU B 37 2.88 -10.23 11.69
C LEU B 37 1.94 -11.30 12.23
N LEU B 38 1.73 -11.32 13.54
CA LEU B 38 0.85 -12.29 14.16
C LEU B 38 -0.38 -11.60 14.76
N LEU B 39 -0.17 -10.45 15.40
CA LEU B 39 -1.26 -9.73 16.08
C LEU B 39 -1.81 -8.62 15.20
N GLY B 40 -0.94 -7.73 14.75
CA GLY B 40 -1.39 -6.57 14.01
C GLY B 40 -1.82 -6.92 12.60
N HIS B 41 -1.16 -7.91 12.03
CA HIS B 41 -1.47 -8.41 10.71
C HIS B 41 -2.85 -9.09 10.70
N GLY B 42 -3.90 -8.31 10.46
CA GLY B 42 -5.24 -8.87 10.41
C GLY B 42 -6.36 -7.83 10.46
N PRO B 43 -6.37 -6.95 11.48
CA PRO B 43 -7.33 -5.83 11.57
C PRO B 43 -7.51 -5.07 10.25
N ILE B 44 -8.66 -4.40 10.15
CA ILE B 44 -9.14 -3.80 8.90
C ILE B 44 -8.12 -2.90 8.19
N ARG B 45 -7.34 -2.15 8.96
CA ARG B 45 -6.29 -1.32 8.37
C ARG B 45 -5.30 -2.17 7.60
N MET B 46 -4.93 -3.29 8.22
CA MET B 46 -3.99 -4.22 7.62
C MET B 46 -4.64 -4.92 6.44
N VAL B 47 -5.94 -5.09 6.49
CA VAL B 47 -6.68 -5.71 5.39
C VAL B 47 -6.46 -4.91 4.10
N LEU B 48 -6.59 -3.59 4.20
CA LEU B 48 -6.36 -2.72 3.05
C LEU B 48 -4.88 -2.75 2.62
N ALA B 49 -3.99 -2.86 3.61
CA ALA B 49 -2.56 -2.95 3.33
C ALA B 49 -2.22 -4.26 2.63
N ILE B 50 -2.75 -5.36 3.14
CA ILE B 50 -2.55 -6.67 2.54
C ILE B 50 -3.20 -6.72 1.17
N LEU B 51 -4.31 -6.00 1.04
CA LEU B 51 -4.99 -5.88 -0.25
C LEU B 51 -4.06 -5.24 -1.26
N ALA B 52 -3.54 -4.06 -0.94
CA ALA B 52 -2.62 -3.34 -1.81
C ALA B 52 -1.43 -4.21 -2.18
N PHE B 53 -0.95 -4.98 -1.20
CA PHE B 53 0.10 -5.95 -1.43
C PHE B 53 -0.31 -6.91 -2.55
N LEU B 54 -1.44 -7.57 -2.37
CA LEU B 54 -1.93 -8.54 -3.35
C LEU B 54 -2.39 -7.88 -4.64
N ARG B 55 -2.50 -6.56 -4.62
CA ARG B 55 -2.85 -5.80 -5.82
C ARG B 55 -1.62 -5.56 -6.68
N PHE B 56 -0.54 -5.11 -6.07
CA PHE B 56 0.65 -4.72 -6.80
C PHE B 56 1.69 -5.84 -6.84
N THR B 57 1.55 -6.85 -5.99
CA THR B 57 2.52 -7.94 -5.97
C THR B 57 1.88 -9.23 -6.49
N ALA B 58 0.60 -9.17 -6.80
CA ALA B 58 -0.14 -10.35 -7.22
C ALA B 58 -1.31 -9.97 -8.12
N ILE B 59 -2.04 -10.97 -8.56
CA ILE B 59 -3.22 -10.76 -9.38
C ILE B 59 -4.46 -11.21 -8.63
N LYS B 60 -5.32 -10.25 -8.29
CA LYS B 60 -6.56 -10.50 -7.55
C LYS B 60 -6.27 -10.94 -6.12
N PRO B 61 -6.57 -10.08 -5.14
CA PRO B 61 -6.44 -10.42 -3.72
C PRO B 61 -7.35 -11.59 -3.34
N SER B 62 -6.90 -12.39 -2.39
CA SER B 62 -7.63 -13.56 -1.94
C SER B 62 -8.98 -13.14 -1.35
N LEU B 63 -10.01 -13.96 -1.63
CA LEU B 63 -11.39 -13.63 -1.30
C LEU B 63 -11.60 -13.45 0.20
N GLY B 64 -10.74 -14.05 1.00
CA GLY B 64 -10.80 -13.84 2.44
C GLY B 64 -10.55 -12.39 2.80
N LEU B 65 -9.51 -11.83 2.20
CA LEU B 65 -9.18 -10.42 2.40
C LEU B 65 -10.30 -9.56 1.83
N ILE B 66 -10.79 -9.94 0.65
CA ILE B 66 -11.88 -9.21 -0.01
C ILE B 66 -13.13 -9.18 0.88
N ASN B 67 -13.42 -10.31 1.51
CA ASN B 67 -14.56 -10.42 2.40
C ASN B 67 -14.46 -9.43 3.55
N ARG B 68 -13.26 -9.35 4.14
CA ARG B 68 -13.07 -8.46 5.28
C ARG B 68 -12.92 -7.02 4.79
N TRP B 69 -12.43 -6.89 3.58
CA TRP B 69 -12.25 -5.62 2.91
C TRP B 69 -13.59 -4.90 2.75
N GLY B 70 -14.59 -5.65 2.29
CA GLY B 70 -15.92 -5.09 2.15
C GLY B 70 -16.60 -4.85 3.48
N SER B 71 -16.04 -5.45 4.53
CA SER B 71 -16.61 -5.32 5.87
C SER B 71 -16.06 -4.09 6.57
N VAL B 72 -14.98 -3.52 6.05
CA VAL B 72 -14.38 -2.33 6.60
C VAL B 72 -15.35 -1.15 6.52
N GLY B 73 -15.42 -0.38 7.61
CA GLY B 73 -16.26 0.80 7.63
C GLY B 73 -15.80 1.81 6.61
N LYS B 74 -16.75 2.44 5.94
CA LYS B 74 -16.44 3.31 4.81
C LYS B 74 -15.78 4.59 5.31
N LYS B 75 -16.18 5.01 6.50
CA LYS B 75 -15.55 6.16 7.16
C LYS B 75 -14.11 5.81 7.51
N GLU B 76 -13.95 4.63 8.11
CA GLU B 76 -12.64 4.14 8.50
C GLU B 76 -11.74 4.05 7.29
N ALA B 77 -12.27 3.43 6.23
CA ALA B 77 -11.50 3.25 5.00
C ALA B 77 -11.00 4.57 4.43
N MET B 78 -11.85 5.60 4.48
CA MET B 78 -11.47 6.93 4.01
C MET B 78 -10.27 7.45 4.79
N GLU B 79 -10.30 7.24 6.10
CA GLU B 79 -9.21 7.68 6.96
C GLU B 79 -7.97 6.82 6.74
N ILE B 80 -8.17 5.52 6.58
CA ILE B 80 -7.08 4.58 6.34
C ILE B 80 -6.34 4.94 5.06
N ILE B 81 -7.10 5.12 3.98
CA ILE B 81 -6.52 5.49 2.69
C ILE B 81 -5.77 6.82 2.79
N LYS B 82 -6.32 7.74 3.57
CA LYS B 82 -5.69 9.04 3.80
C LYS B 82 -4.33 8.87 4.48
N LYS B 83 -4.29 8.04 5.51
CA LYS B 83 -3.06 7.75 6.23
C LYS B 83 -2.07 7.00 5.34
N PHE B 84 -2.61 6.09 4.54
CA PHE B 84 -1.80 5.28 3.64
C PHE B 84 -1.09 6.16 2.63
N LYS B 85 -1.84 7.06 1.99
CA LYS B 85 -1.28 7.99 1.01
C LYS B 85 -0.23 8.89 1.67
N LYS B 86 -0.47 9.24 2.92
CA LYS B 86 0.46 10.09 3.66
C LYS B 86 1.79 9.37 3.87
N ASP B 87 1.72 8.09 4.25
CA ASP B 87 2.94 7.32 4.51
C ASP B 87 3.68 7.07 3.21
N LEU B 88 2.93 6.88 2.12
CA LEU B 88 3.52 6.73 0.79
C LEU B 88 4.31 7.98 0.42
N ALA B 89 3.78 9.14 0.78
CA ALA B 89 4.45 10.40 0.53
C ALA B 89 5.77 10.47 1.29
N ALA B 90 5.74 9.97 2.53
CA ALA B 90 6.94 9.90 3.35
C ALA B 90 7.96 8.96 2.71
N MET B 91 7.49 7.80 2.26
CA MET B 91 8.34 6.84 1.58
C MET B 91 9.03 7.48 0.39
N LEU B 92 8.23 8.15 -0.44
CA LEU B 92 8.72 8.80 -1.65
C LEU B 92 9.89 9.74 -1.35
N ARG B 93 9.72 10.58 -0.34
CA ARG B 93 10.73 11.54 0.02
C ARG B 93 12.02 10.83 0.46
N ILE B 94 11.87 9.72 1.17
CA ILE B 94 13.01 8.96 1.64
C ILE B 94 13.68 8.24 0.47
N ILE B 95 12.90 7.84 -0.52
CA ILE B 95 13.46 7.27 -1.76
C ILE B 95 14.48 8.25 -2.34
N ASN B 96 14.06 9.50 -2.45
CA ASN B 96 14.90 10.57 -2.99
C ASN B 96 16.08 10.84 -2.06
N ALA B 97 15.84 10.74 -0.76
CA ALA B 97 16.90 10.93 0.24
C ALA B 97 17.92 9.80 0.15
N ARG B 98 17.45 8.65 -0.31
CA ARG B 98 18.31 7.48 -0.50
C ARG B 98 18.88 7.45 -1.91
N LYS B 99 19.02 8.61 -2.52
CA LYS B 99 19.67 8.70 -3.82
C LYS B 99 21.18 8.65 -3.61
N GLU B 100 21.61 9.30 -2.52
CA GLU B 100 23.02 9.29 -2.09
C GLU B 100 23.91 10.01 -3.10
N LYS B 101 23.28 10.80 -3.95
CA LYS B 101 23.95 11.56 -4.99
C LYS B 101 23.02 12.66 -5.46
N LYS B 102 23.52 13.57 -6.27
CA LYS B 102 22.71 14.70 -6.70
C LYS B 102 23.26 15.33 -7.97
N ARG B 103 22.36 15.71 -8.86
CA ARG B 103 22.74 16.40 -10.08
C ARG B 103 22.27 17.85 -10.02
N ARG B 104 23.11 18.76 -10.52
CA ARG B 104 22.82 20.19 -10.52
C ARG B 104 22.59 20.71 -9.10
N ALA A 35 8.59 -19.76 -5.95
CA ALA A 35 7.54 -18.72 -5.99
C ALA A 35 8.06 -17.43 -5.36
N GLY A 36 8.36 -16.46 -6.20
CA GLY A 36 8.92 -15.19 -5.73
C GLY A 36 8.00 -14.47 -4.76
N LEU A 37 6.71 -14.69 -4.91
CA LEU A 37 5.71 -14.06 -4.04
C LEU A 37 5.84 -14.56 -2.60
N LEU A 38 6.30 -15.80 -2.45
CA LEU A 38 6.41 -16.41 -1.12
C LEU A 38 7.81 -16.18 -0.53
N LEU A 39 8.79 -15.98 -1.41
CA LEU A 39 10.15 -15.76 -0.95
C LEU A 39 10.47 -14.29 -0.80
N GLY A 40 9.60 -13.43 -1.34
CA GLY A 40 9.81 -12.00 -1.26
C GLY A 40 10.71 -11.50 -2.35
N HIS A 41 10.54 -12.04 -3.55
CA HIS A 41 11.38 -11.69 -4.68
C HIS A 41 10.52 -11.34 -5.89
N GLY A 42 10.50 -10.08 -6.26
CA GLY A 42 9.70 -9.65 -7.39
C GLY A 42 10.23 -8.39 -8.02
N PRO A 43 9.53 -7.87 -9.05
CA PRO A 43 9.90 -6.62 -9.73
C PRO A 43 9.86 -5.40 -8.80
N ILE A 44 10.40 -4.27 -9.24
CA ILE A 44 10.49 -3.08 -8.40
C ILE A 44 9.13 -2.64 -7.87
N ARG A 45 8.09 -2.80 -8.69
CA ARG A 45 6.73 -2.51 -8.25
C ARG A 45 6.35 -3.38 -7.07
N MET A 46 6.67 -4.66 -7.17
CA MET A 46 6.38 -5.62 -6.12
C MET A 46 7.23 -5.34 -4.89
N VAL A 47 8.43 -4.81 -5.11
CA VAL A 47 9.32 -4.43 -4.02
C VAL A 47 8.66 -3.40 -3.12
N LEU A 48 8.10 -2.37 -3.72
CA LEU A 48 7.43 -1.32 -2.97
C LEU A 48 6.13 -1.85 -2.36
N ALA A 49 5.51 -2.81 -3.03
CA ALA A 49 4.28 -3.42 -2.55
C ALA A 49 4.54 -4.26 -1.30
N ILE A 50 5.54 -5.13 -1.36
CA ILE A 50 5.87 -5.98 -0.22
C ILE A 50 6.48 -5.15 0.90
N LEU A 51 7.06 -4.01 0.53
CA LEU A 51 7.56 -3.05 1.50
C LEU A 51 6.40 -2.46 2.28
N ALA A 52 5.38 -2.00 1.55
CA ALA A 52 4.18 -1.44 2.15
C ALA A 52 3.53 -2.44 3.09
N PHE A 53 3.56 -3.71 2.69
CA PHE A 53 3.09 -4.80 3.54
C PHE A 53 3.82 -4.77 4.88
N LEU A 54 5.14 -4.97 4.83
CA LEU A 54 5.96 -5.01 6.03
C LEU A 54 6.02 -3.66 6.74
N ARG A 55 5.44 -2.65 6.12
CA ARG A 55 5.40 -1.36 6.71
C ARG A 55 4.14 -1.19 7.56
N PHE A 56 2.99 -1.51 6.97
CA PHE A 56 1.72 -1.33 7.65
C PHE A 56 1.31 -2.55 8.47
N THR A 57 1.83 -3.72 8.11
CA THR A 57 1.55 -4.93 8.87
C THR A 57 2.62 -5.12 9.95
N ALA A 58 3.53 -4.15 10.01
CA ALA A 58 4.64 -4.13 10.96
C ALA A 58 5.70 -5.16 10.57
N ILE A 59 6.68 -5.34 11.46
CA ILE A 59 7.86 -6.17 11.19
C ILE A 59 8.78 -5.45 10.18
N LYS A 60 9.87 -4.92 10.70
CA LYS A 60 10.80 -4.12 9.90
C LYS A 60 11.40 -4.94 8.76
N PRO A 61 11.29 -4.44 7.52
CA PRO A 61 11.90 -5.08 6.35
C PRO A 61 13.40 -5.29 6.52
N SER A 62 13.89 -6.44 6.11
CA SER A 62 15.30 -6.77 6.23
C SER A 62 16.14 -5.93 5.27
N LEU A 63 17.45 -5.91 5.49
CA LEU A 63 18.34 -5.07 4.71
C LEU A 63 18.30 -5.44 3.23
N GLY A 64 18.01 -6.71 2.95
CA GLY A 64 17.85 -7.14 1.57
C GLY A 64 16.74 -6.38 0.87
N LEU A 65 15.64 -6.22 1.57
CA LEU A 65 14.50 -5.47 1.06
C LEU A 65 14.89 -4.03 0.85
N ILE A 66 15.53 -3.46 1.87
CA ILE A 66 15.93 -2.06 1.87
C ILE A 66 16.94 -1.78 0.75
N ASN A 67 17.82 -2.73 0.50
CA ASN A 67 18.82 -2.61 -0.56
C ASN A 67 18.15 -2.54 -1.93
N ARG A 68 17.16 -3.40 -2.14
CA ARG A 68 16.46 -3.45 -3.42
C ARG A 68 15.49 -2.29 -3.53
N TRP A 69 14.99 -1.87 -2.38
CA TRP A 69 14.13 -0.71 -2.25
C TRP A 69 14.83 0.54 -2.79
N GLY A 70 16.06 0.76 -2.34
CA GLY A 70 16.84 1.89 -2.82
C GLY A 70 17.37 1.68 -4.22
N SER A 71 17.06 0.55 -4.82
CA SER A 71 17.49 0.26 -6.18
C SER A 71 16.42 0.66 -7.19
N VAL A 72 15.21 0.91 -6.69
CA VAL A 72 14.12 1.37 -7.53
C VAL A 72 14.40 2.77 -8.05
N GLY A 73 14.15 3.01 -9.33
CA GLY A 73 14.35 4.32 -9.90
C GLY A 73 13.45 5.34 -9.25
N LYS A 74 14.00 6.53 -9.01
CA LYS A 74 13.27 7.58 -8.29
C LYS A 74 12.07 8.02 -9.12
N LYS A 75 12.28 8.11 -10.42
CA LYS A 75 11.22 8.43 -11.35
C LYS A 75 10.15 7.35 -11.34
N GLU A 76 10.59 6.11 -11.40
CA GLU A 76 9.69 4.98 -11.42
C GLU A 76 8.91 4.89 -10.11
N ALA A 77 9.61 5.13 -9.00
CA ALA A 77 8.97 5.11 -7.69
C ALA A 77 7.82 6.12 -7.64
N MET A 78 8.05 7.28 -8.22
CA MET A 78 7.02 8.32 -8.28
C MET A 78 5.80 7.82 -9.04
N GLU A 79 6.06 7.15 -10.16
CA GLU A 79 4.99 6.61 -11.00
C GLU A 79 4.27 5.46 -10.31
N ILE A 80 5.03 4.61 -9.63
CA ILE A 80 4.48 3.48 -8.90
C ILE A 80 3.60 3.95 -7.75
N ILE A 81 4.14 4.86 -6.93
CA ILE A 81 3.41 5.41 -5.80
C ILE A 81 2.16 6.15 -6.28
N LYS A 82 2.28 6.80 -7.44
CA LYS A 82 1.15 7.49 -8.05
C LYS A 82 0.00 6.52 -8.33
N LYS A 83 0.33 5.41 -8.97
CA LYS A 83 -0.67 4.39 -9.30
C LYS A 83 -1.12 3.66 -8.04
N PHE A 84 -0.24 3.59 -7.06
CA PHE A 84 -0.54 2.97 -5.78
C PHE A 84 -1.66 3.75 -5.10
N LYS A 85 -1.46 5.05 -4.96
CA LYS A 85 -2.46 5.93 -4.36
C LYS A 85 -3.74 5.95 -5.20
N LYS A 86 -3.57 5.85 -6.51
CA LYS A 86 -4.69 5.85 -7.44
C LYS A 86 -5.58 4.64 -7.19
N ASP A 87 -4.98 3.46 -7.11
CA ASP A 87 -5.73 2.23 -6.92
C ASP A 87 -6.32 2.18 -5.52
N LEU A 88 -5.62 2.78 -4.56
CA LEU A 88 -6.13 2.91 -3.19
C LEU A 88 -7.38 3.77 -3.17
N ALA A 89 -7.37 4.86 -3.94
CA ALA A 89 -8.50 5.76 -4.03
C ALA A 89 -9.72 5.02 -4.56
N ALA A 90 -9.50 4.23 -5.61
CA ALA A 90 -10.55 3.41 -6.18
C ALA A 90 -11.06 2.41 -5.16
N MET A 91 -10.12 1.74 -4.47
CA MET A 91 -10.46 0.75 -3.46
C MET A 91 -11.29 1.37 -2.34
N LEU A 92 -10.92 2.58 -1.95
CA LEU A 92 -11.64 3.32 -0.92
C LEU A 92 -13.09 3.54 -1.34
N ARG A 93 -13.29 3.90 -2.60
CA ARG A 93 -14.64 4.13 -3.12
C ARG A 93 -15.45 2.83 -3.13
N ILE A 94 -14.77 1.70 -3.29
CA ILE A 94 -15.45 0.42 -3.30
C ILE A 94 -15.88 0.03 -1.88
N ILE A 95 -15.06 0.39 -0.89
CA ILE A 95 -15.44 0.21 0.50
C ILE A 95 -16.77 0.91 0.77
N ASN A 96 -16.85 2.17 0.33
CA ASN A 96 -18.09 2.94 0.42
C ASN A 96 -19.19 2.24 -0.37
N ALA A 97 -18.85 1.81 -1.58
CA ALA A 97 -19.81 1.20 -2.50
C ALA A 97 -20.37 -0.13 -1.99
N ARG A 98 -19.84 -0.62 -0.87
CA ARG A 98 -20.40 -1.80 -0.22
C ARG A 98 -21.81 -1.48 0.28
N LYS A 99 -22.07 -0.18 0.42
CA LYS A 99 -23.37 0.30 0.88
C LYS A 99 -23.78 1.51 0.07
N GLU A 100 -22.93 2.54 0.11
CA GLU A 100 -23.18 3.82 -0.53
C GLU A 100 -24.49 4.41 -0.01
N LYS A 101 -24.57 4.57 1.30
CA LYS A 101 -25.74 5.18 1.93
C LYS A 101 -25.72 6.70 1.72
N LYS A 102 -24.58 7.21 1.28
CA LYS A 102 -24.43 8.63 0.99
C LYS A 102 -24.74 8.92 -0.47
N ARG A 103 -25.50 8.04 -1.10
CA ARG A 103 -25.94 8.25 -2.48
C ARG A 103 -26.94 9.40 -2.53
N ARG A 104 -27.63 9.61 -1.43
CA ARG A 104 -28.60 10.69 -1.33
C ARG A 104 -28.10 11.74 -0.36
N ALA B 35 0.40 -16.74 14.77
CA ALA B 35 0.86 -15.43 14.25
C ALA B 35 -0.09 -14.92 13.17
N GLY B 36 -0.88 -13.92 13.53
CA GLY B 36 -1.88 -13.37 12.63
C GLY B 36 -1.28 -12.83 11.35
N LEU B 37 -0.04 -12.37 11.43
CA LEU B 37 0.65 -11.82 10.27
C LEU B 37 0.90 -12.90 9.22
N LEU B 38 1.05 -14.14 9.66
CA LEU B 38 1.37 -15.23 8.76
C LEU B 38 0.09 -15.92 8.28
N LEU B 39 -0.96 -15.83 9.08
CA LEU B 39 -2.24 -16.45 8.73
C LEU B 39 -3.15 -15.49 7.98
N GLY B 40 -2.80 -14.21 8.01
CA GLY B 40 -3.60 -13.20 7.33
C GLY B 40 -4.76 -12.73 8.19
N HIS B 41 -4.49 -12.55 9.48
CA HIS B 41 -5.51 -12.16 10.43
C HIS B 41 -5.02 -10.99 11.27
N GLY B 42 -5.60 -9.82 11.05
CA GLY B 42 -5.19 -8.64 11.78
C GLY B 42 -6.28 -7.60 11.86
N PRO B 43 -6.01 -6.45 12.48
CA PRO B 43 -6.96 -5.33 12.58
C PRO B 43 -7.36 -4.76 11.23
N ILE B 44 -8.38 -3.92 11.19
CA ILE B 44 -8.89 -3.39 9.93
C ILE B 44 -7.81 -2.67 9.11
N ARG B 45 -6.90 -1.98 9.80
CA ARG B 45 -5.77 -1.35 9.14
C ARG B 45 -4.92 -2.38 8.41
N MET B 46 -4.66 -3.48 9.11
CA MET B 46 -3.86 -4.56 8.55
C MET B 46 -4.61 -5.25 7.42
N VAL B 47 -5.95 -5.27 7.52
CA VAL B 47 -6.79 -5.84 6.47
C VAL B 47 -6.55 -5.13 5.15
N LEU B 48 -6.57 -3.80 5.17
CA LEU B 48 -6.35 -3.01 3.98
C LEU B 48 -4.90 -3.12 3.51
N ALA B 49 -3.99 -3.32 4.47
CA ALA B 49 -2.58 -3.47 4.18
C ALA B 49 -2.30 -4.78 3.45
N ILE B 50 -2.82 -5.88 3.99
CA ILE B 50 -2.63 -7.19 3.38
C ILE B 50 -3.42 -7.29 2.07
N LEU B 51 -4.47 -6.49 1.97
CA LEU B 51 -5.24 -6.38 0.74
C LEU B 51 -4.38 -5.73 -0.34
N ALA B 52 -3.75 -4.61 0.01
CA ALA B 52 -2.86 -3.90 -0.90
C ALA B 52 -1.74 -4.81 -1.38
N PHE B 53 -1.26 -5.66 -0.47
CA PHE B 53 -0.26 -6.67 -0.81
C PHE B 53 -0.79 -7.55 -1.92
N LEU B 54 -1.87 -8.26 -1.66
CA LEU B 54 -2.48 -9.18 -2.64
C LEU B 54 -3.04 -8.45 -3.84
N ARG B 55 -3.03 -7.14 -3.80
CA ARG B 55 -3.50 -6.35 -4.89
C ARG B 55 -2.35 -6.04 -5.86
N PHE B 56 -1.25 -5.54 -5.31
CA PHE B 56 -0.12 -5.12 -6.14
C PHE B 56 0.86 -6.26 -6.37
N THR B 57 0.87 -7.25 -5.50
CA THR B 57 1.74 -8.42 -5.68
C THR B 57 0.99 -9.50 -6.45
N ALA B 58 -0.25 -9.16 -6.83
CA ALA B 58 -1.15 -10.05 -7.57
C ALA B 58 -1.69 -11.15 -6.66
N ILE B 59 -2.39 -12.11 -7.27
CA ILE B 59 -3.11 -13.15 -6.54
C ILE B 59 -4.34 -12.57 -5.86
N LYS B 60 -5.51 -12.85 -6.43
CA LYS B 60 -6.76 -12.28 -5.97
C LYS B 60 -7.06 -12.70 -4.53
N PRO B 61 -7.33 -11.72 -3.65
CA PRO B 61 -7.70 -11.97 -2.26
C PRO B 61 -8.94 -12.86 -2.16
N SER B 62 -8.90 -13.80 -1.23
CA SER B 62 -10.01 -14.73 -1.04
C SER B 62 -11.23 -14.03 -0.47
N LEU B 63 -12.38 -14.69 -0.53
CA LEU B 63 -13.64 -14.08 -0.10
C LEU B 63 -13.58 -13.71 1.38
N GLY B 64 -12.80 -14.46 2.15
CA GLY B 64 -12.62 -14.14 3.55
C GLY B 64 -12.03 -12.75 3.74
N LEU B 65 -11.04 -12.44 2.92
CA LEU B 65 -10.41 -11.13 2.94
C LEU B 65 -11.42 -10.07 2.53
N ILE B 66 -12.13 -10.35 1.43
CA ILE B 66 -13.10 -9.41 0.87
C ILE B 66 -14.25 -9.16 1.86
N ASN B 67 -14.64 -10.18 2.60
CA ASN B 67 -15.70 -10.06 3.60
C ASN B 67 -15.28 -9.12 4.72
N ARG B 68 -14.04 -9.28 5.17
CA ARG B 68 -13.52 -8.45 6.26
C ARG B 68 -13.19 -7.06 5.75
N TRP B 69 -12.79 -7.02 4.49
CA TRP B 69 -12.53 -5.78 3.78
C TRP B 69 -13.75 -4.87 3.79
N GLY B 70 -14.90 -5.43 3.43
CA GLY B 70 -16.15 -4.68 3.45
C GLY B 70 -16.69 -4.47 4.85
N SER B 71 -15.95 -4.95 5.86
CA SER B 71 -16.36 -4.79 7.25
C SER B 71 -15.68 -3.57 7.86
N VAL B 72 -14.67 -3.05 7.18
CA VAL B 72 -13.98 -1.84 7.61
C VAL B 72 -14.92 -0.64 7.49
N GLY B 73 -14.92 0.21 8.51
CA GLY B 73 -15.74 1.40 8.47
C GLY B 73 -15.32 2.33 7.35
N LYS B 74 -16.29 2.91 6.67
CA LYS B 74 -16.02 3.74 5.50
C LYS B 74 -15.23 4.97 5.91
N LYS B 75 -15.61 5.52 7.06
CA LYS B 75 -14.90 6.64 7.64
C LYS B 75 -13.46 6.26 7.98
N GLU B 76 -13.32 5.11 8.62
CA GLU B 76 -12.02 4.62 9.03
C GLU B 76 -11.15 4.33 7.82
N ALA B 77 -11.77 3.72 6.80
CA ALA B 77 -11.05 3.42 5.57
C ALA B 77 -10.46 4.69 4.96
N MET B 78 -11.24 5.77 5.00
CA MET B 78 -10.78 7.06 4.50
C MET B 78 -9.56 7.53 5.27
N GLU B 79 -9.61 7.37 6.58
CA GLU B 79 -8.51 7.78 7.45
C GLU B 79 -7.29 6.88 7.26
N ILE B 80 -7.53 5.59 7.10
CA ILE B 80 -6.44 4.63 6.88
C ILE B 80 -5.75 4.89 5.56
N ILE B 81 -6.54 5.01 4.49
CA ILE B 81 -6.01 5.27 3.16
C ILE B 81 -5.28 6.62 3.13
N LYS B 82 -5.78 7.58 3.90
CA LYS B 82 -5.15 8.88 4.02
C LYS B 82 -3.74 8.74 4.57
N LYS B 83 -3.60 8.00 5.66
CA LYS B 83 -2.31 7.78 6.29
C LYS B 83 -1.44 6.87 5.43
N PHE B 84 -2.11 5.99 4.68
CA PHE B 84 -1.42 5.09 3.78
C PHE B 84 -0.69 5.89 2.71
N LYS B 85 -1.43 6.77 2.03
CA LYS B 85 -0.85 7.64 1.01
C LYS B 85 0.19 8.57 1.62
N LYS B 86 -0.06 8.99 2.85
CA LYS B 86 0.85 9.89 3.57
C LYS B 86 2.20 9.22 3.77
N ASP B 87 2.18 7.99 4.28
CA ASP B 87 3.41 7.26 4.56
C ASP B 87 4.12 6.89 3.26
N LEU B 88 3.32 6.63 2.22
CA LEU B 88 3.86 6.36 0.88
C LEU B 88 4.61 7.57 0.36
N ALA B 89 4.04 8.76 0.58
CA ALA B 89 4.65 10.01 0.14
C ALA B 89 6.00 10.19 0.81
N ALA B 90 6.04 9.93 2.11
CA ALA B 90 7.28 9.99 2.87
C ALA B 90 8.28 8.98 2.33
N MET B 91 7.81 7.76 2.11
CA MET B 91 8.66 6.67 1.60
C MET B 91 9.24 7.04 0.24
N LEU B 92 8.42 7.66 -0.59
CA LEU B 92 8.85 8.12 -1.91
C LEU B 92 10.00 9.10 -1.80
N ARG B 93 9.89 10.02 -0.84
CA ARG B 93 10.94 11.02 -0.63
C ARG B 93 12.22 10.35 -0.13
N ILE B 94 12.10 9.24 0.58
CA ILE B 94 13.27 8.54 1.06
C ILE B 94 13.97 7.81 -0.08
N ILE B 95 13.19 7.30 -1.03
CA ILE B 95 13.76 6.71 -2.24
C ILE B 95 14.66 7.74 -2.93
N ASN B 96 14.14 8.94 -3.10
CA ASN B 96 14.91 10.06 -3.64
C ASN B 96 16.11 10.33 -2.75
N ALA B 97 15.88 10.36 -1.44
CA ALA B 97 16.90 10.71 -0.46
C ALA B 97 18.03 9.68 -0.40
N ARG B 98 17.89 8.59 -1.13
CA ARG B 98 18.99 7.63 -1.26
C ARG B 98 20.16 8.28 -2.00
N LYS B 99 19.84 9.35 -2.72
CA LYS B 99 20.83 10.10 -3.47
C LYS B 99 20.57 11.60 -3.32
N GLU B 100 19.37 12.00 -3.72
CA GLU B 100 18.98 13.40 -3.72
C GLU B 100 19.94 14.21 -4.58
N LYS B 101 20.07 13.80 -5.83
CA LYS B 101 20.91 14.51 -6.78
C LYS B 101 20.22 15.79 -7.25
N LYS B 102 18.92 15.89 -6.95
CA LYS B 102 18.13 17.06 -7.30
C LYS B 102 18.13 18.08 -6.16
N ARG B 103 19.12 17.98 -5.28
CA ARG B 103 19.28 18.94 -4.20
C ARG B 103 19.66 20.31 -4.74
N ARG B 104 20.30 20.31 -5.90
CA ARG B 104 20.70 21.53 -6.57
C ARG B 104 19.89 21.71 -7.84
N ALA A 35 8.61 -17.16 -7.63
CA ALA A 35 7.40 -16.37 -7.32
C ALA A 35 7.73 -15.24 -6.35
N GLY A 36 7.96 -14.05 -6.89
CA GLY A 36 8.30 -12.91 -6.07
C GLY A 36 7.22 -12.58 -5.06
N LEU A 37 5.98 -12.92 -5.38
CA LEU A 37 4.85 -12.71 -4.49
C LEU A 37 5.01 -13.50 -3.19
N LEU A 38 5.63 -14.67 -3.29
CA LEU A 38 5.76 -15.56 -2.14
C LEU A 38 7.10 -15.36 -1.44
N LEU A 39 8.10 -14.97 -2.20
CA LEU A 39 9.45 -14.82 -1.66
C LEU A 39 9.71 -13.40 -1.16
N GLY A 40 9.01 -12.44 -1.76
CA GLY A 40 9.26 -11.04 -1.45
C GLY A 40 10.15 -10.40 -2.48
N HIS A 41 10.61 -11.21 -3.42
CA HIS A 41 11.47 -10.74 -4.49
C HIS A 41 10.64 -10.15 -5.61
N GLY A 42 9.98 -9.04 -5.33
CA GLY A 42 9.20 -8.37 -6.35
C GLY A 42 9.98 -7.25 -7.01
N PRO A 43 9.60 -6.86 -8.23
CA PRO A 43 10.23 -5.74 -8.93
C PRO A 43 9.92 -4.40 -8.27
N ILE A 44 10.50 -3.33 -8.79
CA ILE A 44 10.44 -2.01 -8.16
C ILE A 44 9.02 -1.59 -7.73
N ARG A 45 8.03 -1.81 -8.58
CA ARG A 45 6.66 -1.42 -8.26
C ARG A 45 6.12 -2.26 -7.12
N MET A 46 6.40 -3.55 -7.16
CA MET A 46 5.99 -4.45 -6.09
C MET A 46 6.76 -4.14 -4.82
N VAL A 47 7.97 -3.59 -4.95
CA VAL A 47 8.77 -3.18 -3.80
C VAL A 47 8.00 -2.14 -2.99
N LEU A 48 7.51 -1.12 -3.68
CA LEU A 48 6.73 -0.07 -3.02
C LEU A 48 5.42 -0.64 -2.45
N ALA A 49 4.88 -1.65 -3.11
CA ALA A 49 3.67 -2.31 -2.63
C ALA A 49 3.96 -3.10 -1.35
N ILE A 50 5.02 -3.89 -1.36
CA ILE A 50 5.43 -4.66 -0.18
C ILE A 50 5.88 -3.70 0.92
N LEU A 51 6.44 -2.58 0.51
CA LEU A 51 6.82 -1.51 1.42
C LEU A 51 5.60 -1.03 2.20
N ALA A 52 4.56 -0.64 1.47
CA ALA A 52 3.31 -0.18 2.10
C ALA A 52 2.72 -1.26 2.98
N PHE A 53 2.83 -2.50 2.53
CA PHE A 53 2.42 -3.65 3.31
C PHE A 53 3.14 -3.63 4.65
N LEU A 54 4.45 -3.68 4.61
CA LEU A 54 5.28 -3.70 5.81
C LEU A 54 5.31 -2.34 6.51
N ARG A 55 4.61 -1.38 5.94
CA ARG A 55 4.50 -0.08 6.52
C ARG A 55 3.29 -0.02 7.44
N PHE A 56 2.24 -0.72 7.06
CA PHE A 56 0.99 -0.68 7.81
C PHE A 56 0.69 -2.00 8.53
N THR A 57 1.26 -3.10 8.04
CA THR A 57 1.04 -4.41 8.64
C THR A 57 2.17 -4.76 9.61
N ALA A 58 3.17 -3.90 9.64
CA ALA A 58 4.36 -4.16 10.43
C ALA A 58 4.86 -2.86 11.07
N ILE A 59 5.79 -3.00 12.01
CA ILE A 59 6.29 -1.86 12.76
C ILE A 59 7.50 -1.27 12.06
N LYS A 60 8.15 -2.10 11.30
CA LYS A 60 9.34 -1.72 10.57
C LYS A 60 9.44 -2.51 9.27
N PRO A 61 9.54 -1.81 8.13
CA PRO A 61 9.73 -2.44 6.83
C PRO A 61 11.06 -3.20 6.75
N SER A 62 11.02 -4.36 6.13
CA SER A 62 12.20 -5.22 5.99
C SER A 62 13.29 -4.52 5.19
N LEU A 63 14.53 -4.66 5.67
CA LEU A 63 15.67 -3.97 5.08
C LEU A 63 15.95 -4.46 3.67
N GLY A 64 15.46 -5.65 3.34
CA GLY A 64 15.58 -6.14 1.98
C GLY A 64 14.83 -5.25 1.02
N LEU A 65 13.61 -4.88 1.40
CA LEU A 65 12.79 -3.98 0.60
C LEU A 65 13.35 -2.57 0.66
N ILE A 66 14.00 -2.24 1.78
CA ILE A 66 14.65 -0.94 1.94
C ILE A 66 15.87 -0.83 1.04
N ASN A 67 16.51 -1.95 0.81
CA ASN A 67 17.67 -2.01 -0.08
C ASN A 67 17.25 -1.81 -1.53
N ARG A 68 16.15 -2.46 -1.92
CA ARG A 68 15.67 -2.38 -3.29
C ARG A 68 14.76 -1.15 -3.45
N TRP A 69 14.49 -0.52 -2.33
CA TRP A 69 13.71 0.70 -2.25
C TRP A 69 14.36 1.80 -3.07
N GLY A 70 15.67 1.92 -2.91
CA GLY A 70 16.42 2.91 -3.65
C GLY A 70 16.74 2.45 -5.07
N SER A 71 16.49 1.16 -5.34
CA SER A 71 16.73 0.60 -6.66
C SER A 71 15.72 1.17 -7.65
N VAL A 72 14.65 1.74 -7.12
CA VAL A 72 13.67 2.43 -7.93
C VAL A 72 14.24 3.77 -8.38
N GLY A 73 14.07 4.10 -9.66
CA GLY A 73 14.70 5.29 -10.23
C GLY A 73 14.07 6.60 -9.76
N LYS A 74 13.35 6.54 -8.64
CA LYS A 74 12.68 7.69 -7.99
C LYS A 74 11.62 8.36 -8.87
N LYS A 75 11.90 8.61 -10.14
CA LYS A 75 10.90 9.16 -11.05
C LYS A 75 9.80 8.14 -11.27
N GLU A 76 10.20 6.88 -11.47
CA GLU A 76 9.26 5.79 -11.58
C GLU A 76 8.44 5.69 -10.31
N ALA A 77 9.09 5.91 -9.16
CA ALA A 77 8.41 5.85 -7.88
C ALA A 77 7.32 6.90 -7.80
N MET A 78 7.60 8.09 -8.34
CA MET A 78 6.63 9.18 -8.37
C MET A 78 5.40 8.74 -9.14
N GLU A 79 5.63 8.06 -10.26
CA GLU A 79 4.53 7.54 -11.07
C GLU A 79 3.79 6.44 -10.34
N ILE A 80 4.54 5.55 -9.70
CA ILE A 80 3.96 4.46 -8.93
C ILE A 80 3.07 5.00 -7.81
N ILE A 81 3.59 5.99 -7.09
CA ILE A 81 2.85 6.60 -5.99
C ILE A 81 1.58 7.26 -6.48
N LYS A 82 1.64 7.92 -7.64
CA LYS A 82 0.46 8.55 -8.23
C LYS A 82 -0.57 7.48 -8.59
N LYS A 83 -0.08 6.37 -9.15
CA LYS A 83 -0.93 5.22 -9.46
C LYS A 83 -1.54 4.65 -8.19
N PHE A 84 -0.69 4.48 -7.18
CA PHE A 84 -1.08 3.92 -5.90
C PHE A 84 -2.23 4.72 -5.28
N LYS A 85 -2.04 6.04 -5.20
CA LYS A 85 -3.04 6.92 -4.62
C LYS A 85 -4.36 6.87 -5.39
N LYS A 86 -4.24 6.74 -6.71
CA LYS A 86 -5.42 6.66 -7.57
C LYS A 86 -6.22 5.40 -7.25
N ASP A 87 -5.52 4.28 -7.17
CA ASP A 87 -6.15 3.00 -6.88
C ASP A 87 -6.75 3.01 -5.48
N LEU A 88 -6.05 3.66 -4.54
CA LEU A 88 -6.55 3.80 -3.18
C LEU A 88 -7.87 4.57 -3.18
N ALA A 89 -7.90 5.65 -3.94
CA ALA A 89 -9.09 6.48 -4.05
C ALA A 89 -10.25 5.69 -4.66
N ALA A 90 -9.94 4.93 -5.70
CA ALA A 90 -10.95 4.12 -6.38
C ALA A 90 -11.50 3.04 -5.46
N MET A 91 -10.61 2.34 -4.78
CA MET A 91 -10.99 1.26 -3.88
C MET A 91 -11.77 1.79 -2.68
N LEU A 92 -11.42 2.99 -2.24
CA LEU A 92 -12.15 3.67 -1.17
C LEU A 92 -13.60 3.90 -1.59
N ARG A 93 -13.76 4.39 -2.81
CA ARG A 93 -15.09 4.65 -3.36
C ARG A 93 -15.89 3.36 -3.44
N ILE A 94 -15.21 2.24 -3.67
CA ILE A 94 -15.87 0.95 -3.71
C ILE A 94 -16.37 0.54 -2.31
N ILE A 95 -15.61 0.88 -1.28
CA ILE A 95 -16.04 0.64 0.10
C ILE A 95 -17.39 1.29 0.35
N ASN A 96 -17.48 2.55 -0.04
CA ASN A 96 -18.70 3.33 0.16
C ASN A 96 -19.76 2.93 -0.87
N ALA A 97 -19.33 2.35 -1.97
CA ALA A 97 -20.25 1.92 -3.02
C ALA A 97 -21.05 0.71 -2.57
N ARG A 98 -20.38 -0.22 -1.91
CA ARG A 98 -21.01 -1.49 -1.55
C ARG A 98 -21.95 -1.31 -0.38
N LYS A 99 -21.57 -0.41 0.55
CA LYS A 99 -22.43 -0.03 1.68
C LYS A 99 -22.69 -1.20 2.62
N GLU A 100 -22.18 -2.37 2.26
CA GLU A 100 -22.41 -3.61 2.99
C GLU A 100 -23.89 -3.90 3.16
N LYS A 101 -24.67 -3.61 2.11
CA LYS A 101 -26.11 -3.83 2.11
C LYS A 101 -26.76 -3.11 3.29
N LYS A 102 -26.50 -1.80 3.37
CA LYS A 102 -27.04 -0.99 4.46
C LYS A 102 -28.50 -0.65 4.18
N ARG A 103 -29.29 -1.69 4.02
CA ARG A 103 -30.73 -1.55 3.77
C ARG A 103 -31.49 -2.31 4.84
N ARG A 104 -30.75 -2.78 5.84
CA ARG A 104 -31.30 -3.54 6.95
C ARG A 104 -32.01 -4.79 6.45
N ALA B 35 -0.64 -14.31 14.80
CA ALA B 35 0.07 -13.25 14.05
C ALA B 35 -0.64 -12.95 12.75
N GLY B 36 -1.45 -11.90 12.76
CA GLY B 36 -2.19 -11.51 11.57
C GLY B 36 -1.30 -11.17 10.40
N LEU B 37 -0.09 -10.72 10.71
CA LEU B 37 0.91 -10.40 9.70
C LEU B 37 1.29 -11.64 8.88
N LEU B 38 1.27 -12.80 9.52
CA LEU B 38 1.70 -14.02 8.86
C LEU B 38 0.51 -14.80 8.31
N LEU B 39 -0.64 -14.65 8.94
CA LEU B 39 -1.84 -15.39 8.53
C LEU B 39 -2.66 -14.60 7.52
N GLY B 40 -2.57 -13.28 7.57
CA GLY B 40 -3.41 -12.45 6.73
C GLY B 40 -4.60 -11.93 7.49
N HIS B 41 -4.73 -12.37 8.74
CA HIS B 41 -5.83 -11.97 9.59
C HIS B 41 -5.49 -10.65 10.28
N GLY B 42 -5.40 -9.59 9.48
CA GLY B 42 -5.13 -8.28 10.02
C GLY B 42 -6.41 -7.49 10.23
N PRO B 43 -6.40 -6.51 11.15
CA PRO B 43 -7.57 -5.65 11.38
C PRO B 43 -7.83 -4.72 10.18
N ILE B 44 -8.91 -3.95 10.27
CA ILE B 44 -9.41 -3.15 9.14
C ILE B 44 -8.31 -2.34 8.42
N ARG B 45 -7.43 -1.68 9.17
CA ARG B 45 -6.38 -0.88 8.56
C ARG B 45 -5.37 -1.76 7.83
N MET B 46 -5.02 -2.87 8.44
CA MET B 46 -4.14 -3.84 7.80
C MET B 46 -4.82 -4.50 6.61
N VAL B 47 -6.15 -4.57 6.64
CA VAL B 47 -6.91 -5.10 5.50
C VAL B 47 -6.64 -4.28 4.27
N LEU B 48 -6.76 -2.95 4.40
CA LEU B 48 -6.48 -2.05 3.28
C LEU B 48 -5.02 -2.13 2.86
N ALA B 49 -4.14 -2.38 3.82
CA ALA B 49 -2.71 -2.54 3.54
C ALA B 49 -2.46 -3.82 2.74
N ILE B 50 -3.02 -4.93 3.20
CA ILE B 50 -2.89 -6.21 2.51
C ILE B 50 -3.61 -6.14 1.16
N LEU B 51 -4.68 -5.35 1.12
CA LEU B 51 -5.40 -5.08 -0.11
C LEU B 51 -4.49 -4.46 -1.15
N ALA B 52 -3.82 -3.37 -0.77
CA ALA B 52 -2.88 -2.69 -1.66
C ALA B 52 -1.76 -3.62 -2.07
N PHE B 53 -1.33 -4.45 -1.13
CA PHE B 53 -0.34 -5.48 -1.40
C PHE B 53 -0.84 -6.36 -2.54
N LEU B 54 -1.97 -7.01 -2.33
CA LEU B 54 -2.56 -7.92 -3.33
C LEU B 54 -3.14 -7.16 -4.52
N ARG B 55 -3.04 -5.85 -4.48
CA ARG B 55 -3.48 -5.02 -5.55
C ARG B 55 -2.35 -4.79 -6.55
N PHE B 56 -1.13 -4.68 -6.02
CA PHE B 56 0.02 -4.38 -6.86
C PHE B 56 0.97 -5.57 -6.98
N THR B 57 0.93 -6.49 -6.02
CA THR B 57 1.81 -7.66 -6.04
C THR B 57 1.09 -8.86 -6.64
N ALA B 58 -0.19 -8.68 -6.91
CA ALA B 58 -1.03 -9.76 -7.38
C ALA B 58 -2.00 -9.25 -8.45
N ILE B 59 -2.64 -10.19 -9.14
CA ILE B 59 -3.54 -9.85 -10.25
C ILE B 59 -4.95 -9.67 -9.73
N LYS B 60 -5.22 -10.31 -8.62
CA LYS B 60 -6.52 -10.25 -7.98
C LYS B 60 -6.39 -10.37 -6.47
N PRO B 61 -6.92 -9.39 -5.73
CA PRO B 61 -6.93 -9.43 -4.26
C PRO B 61 -7.76 -10.60 -3.74
N SER B 62 -7.25 -11.24 -2.69
CA SER B 62 -7.89 -12.40 -2.08
C SER B 62 -9.26 -12.03 -1.54
N LEU B 63 -10.22 -12.93 -1.76
CA LEU B 63 -11.62 -12.68 -1.40
C LEU B 63 -11.80 -12.60 0.11
N GLY B 64 -10.84 -13.15 0.85
CA GLY B 64 -10.86 -13.00 2.30
C GLY B 64 -10.72 -11.55 2.71
N LEU B 65 -9.78 -10.87 2.08
CA LEU B 65 -9.57 -9.45 2.31
C LEU B 65 -10.72 -8.65 1.74
N ILE B 66 -11.32 -9.16 0.67
CA ILE B 66 -12.48 -8.50 0.05
C ILE B 66 -13.70 -8.62 0.95
N ASN B 67 -13.77 -9.71 1.71
CA ASN B 67 -14.85 -9.92 2.66
C ASN B 67 -14.74 -8.96 3.83
N ARG B 68 -13.52 -8.79 4.33
CA ARG B 68 -13.28 -7.92 5.48
C ARG B 68 -13.08 -6.47 5.01
N TRP B 69 -13.01 -6.33 3.70
CA TRP B 69 -12.88 -5.04 3.04
C TRP B 69 -14.07 -4.15 3.39
N GLY B 70 -15.26 -4.73 3.33
CA GLY B 70 -16.46 -4.00 3.68
C GLY B 70 -16.67 -3.91 5.18
N SER B 71 -15.90 -4.69 5.93
CA SER B 71 -15.98 -4.68 7.39
C SER B 71 -15.47 -3.35 7.93
N VAL B 72 -14.74 -2.63 7.09
CA VAL B 72 -14.29 -1.31 7.43
C VAL B 72 -15.46 -0.34 7.34
N GLY B 73 -15.60 0.54 8.33
CA GLY B 73 -16.77 1.41 8.41
C GLY B 73 -16.78 2.52 7.38
N LYS B 74 -16.00 2.35 6.31
CA LYS B 74 -15.88 3.28 5.17
C LYS B 74 -15.37 4.67 5.56
N LYS B 75 -15.87 5.26 6.63
CA LYS B 75 -15.35 6.54 7.11
C LYS B 75 -13.93 6.35 7.62
N GLU B 76 -13.73 5.27 8.36
CA GLU B 76 -12.39 4.90 8.82
C GLU B 76 -11.49 4.68 7.62
N ALA B 77 -12.03 4.06 6.57
CA ALA B 77 -11.27 3.80 5.36
C ALA B 77 -10.80 5.10 4.73
N MET B 78 -11.66 6.12 4.75
CA MET B 78 -11.31 7.42 4.21
C MET B 78 -10.11 7.99 4.95
N GLU B 79 -10.12 7.82 6.27
CA GLU B 79 -9.01 8.27 7.10
C GLU B 79 -7.76 7.45 6.82
N ILE B 80 -7.93 6.13 6.71
CA ILE B 80 -6.83 5.23 6.41
C ILE B 80 -6.18 5.59 5.07
N ILE B 81 -7.02 5.83 4.07
CA ILE B 81 -6.53 6.19 2.74
C ILE B 81 -5.78 7.51 2.77
N LYS B 82 -6.27 8.47 3.55
CA LYS B 82 -5.59 9.76 3.68
C LYS B 82 -4.23 9.57 4.33
N LYS B 83 -4.20 8.71 5.36
CA LYS B 83 -2.95 8.34 6.02
C LYS B 83 -2.01 7.65 5.04
N PHE B 84 -2.56 6.70 4.30
CA PHE B 84 -1.82 5.90 3.34
C PHE B 84 -1.12 6.81 2.32
N LYS B 85 -1.90 7.71 1.72
CA LYS B 85 -1.37 8.61 0.71
C LYS B 85 -0.28 9.52 1.29
N LYS B 86 -0.46 9.93 2.55
CA LYS B 86 0.52 10.76 3.22
C LYS B 86 1.85 10.03 3.37
N ASP B 87 1.76 8.79 3.85
CA ASP B 87 2.94 7.97 4.05
C ASP B 87 3.62 7.68 2.72
N LEU B 88 2.80 7.46 1.69
CA LEU B 88 3.33 7.24 0.35
C LEU B 88 4.12 8.45 -0.13
N ALA B 89 3.56 9.63 0.10
CA ALA B 89 4.20 10.87 -0.28
C ALA B 89 5.53 11.05 0.46
N ALA B 90 5.50 10.76 1.77
CA ALA B 90 6.68 10.88 2.60
C ALA B 90 7.77 9.91 2.16
N MET B 91 7.39 8.65 1.94
CA MET B 91 8.33 7.62 1.54
C MET B 91 8.90 7.90 0.15
N LEU B 92 8.08 8.49 -0.71
CA LEU B 92 8.52 8.91 -2.03
C LEU B 92 9.64 9.94 -1.91
N ARG B 93 9.43 10.91 -1.03
CA ARG B 93 10.40 11.95 -0.79
C ARG B 93 11.70 11.36 -0.28
N ILE B 94 11.61 10.27 0.48
CA ILE B 94 12.79 9.58 0.98
C ILE B 94 13.56 8.92 -0.17
N ILE B 95 12.84 8.40 -1.16
CA ILE B 95 13.49 7.82 -2.34
C ILE B 95 14.40 8.87 -2.98
N ASN B 96 13.84 10.06 -3.17
CA ASN B 96 14.57 11.14 -3.80
C ASN B 96 15.57 11.76 -2.84
N ALA B 97 15.35 11.58 -1.55
CA ALA B 97 16.24 12.10 -0.53
C ALA B 97 17.56 11.35 -0.52
N ARG B 98 17.48 10.03 -0.66
CA ARG B 98 18.66 9.19 -0.51
C ARG B 98 19.54 9.29 -1.75
N LYS B 99 18.89 9.42 -2.91
CA LYS B 99 19.58 9.64 -4.19
C LYS B 99 20.47 8.46 -4.58
N GLU B 100 20.52 7.46 -3.70
CA GLU B 100 21.38 6.30 -3.88
C GLU B 100 22.84 6.68 -4.07
N LYS B 101 23.26 7.71 -3.33
CA LYS B 101 24.64 8.21 -3.40
C LYS B 101 25.00 8.58 -4.83
N LYS B 102 24.17 9.44 -5.43
CA LYS B 102 24.38 9.87 -6.81
C LYS B 102 25.47 10.94 -6.87
N ARG B 103 26.64 10.57 -6.37
CA ARG B 103 27.79 11.45 -6.35
C ARG B 103 28.94 10.78 -7.08
N ARG B 104 28.62 9.64 -7.72
CA ARG B 104 29.59 8.84 -8.46
C ARG B 104 30.74 8.41 -7.55
N ALA A 35 1.50 11.72 12.87
CA ALA A 35 0.50 11.64 11.79
C ALA A 35 1.00 12.35 10.53
N GLY A 36 1.35 11.57 9.52
CA GLY A 36 1.90 12.10 8.29
C GLY A 36 0.97 13.09 7.62
N LEU A 37 -0.32 12.91 7.81
CA LEU A 37 -1.33 13.78 7.21
C LEU A 37 -1.22 15.20 7.76
N LEU A 38 -0.66 15.32 8.95
CA LEU A 38 -0.49 16.61 9.59
C LEU A 38 0.86 17.22 9.21
N LEU A 39 1.88 16.38 9.11
CA LEU A 39 3.22 16.86 8.75
C LEU A 39 3.33 17.13 7.25
N GLY A 40 2.58 16.39 6.46
CA GLY A 40 2.63 16.56 5.03
C GLY A 40 3.15 15.32 4.32
N HIS A 41 3.49 14.31 5.13
CA HIS A 41 3.98 12.99 4.68
C HIS A 41 5.19 13.06 3.74
N GLY A 42 6.21 12.26 4.06
CA GLY A 42 7.46 12.34 3.35
C GLY A 42 8.50 11.32 3.81
N PRO A 43 8.66 11.08 5.13
CA PRO A 43 9.54 10.01 5.64
C PRO A 43 9.33 8.67 4.94
N ILE A 44 10.37 7.82 5.00
CA ILE A 44 10.46 6.61 4.20
C ILE A 44 9.24 5.69 4.35
N ARG A 45 8.61 5.72 5.51
CA ARG A 45 7.39 4.95 5.75
C ARG A 45 6.31 5.37 4.76
N MET A 46 6.12 6.67 4.64
CA MET A 46 5.12 7.22 3.74
C MET A 46 5.54 7.01 2.31
N VAL A 47 6.84 7.00 2.05
CA VAL A 47 7.37 6.81 0.70
C VAL A 47 6.91 5.47 0.14
N LEU A 48 7.02 4.42 0.94
CA LEU A 48 6.59 3.09 0.52
C LEU A 48 5.07 3.04 0.39
N ALA A 49 4.37 3.74 1.28
CA ALA A 49 2.92 3.82 1.22
C ALA A 49 2.45 4.54 -0.04
N ILE A 50 3.06 5.69 -0.31
CA ILE A 50 2.74 6.48 -1.50
C ILE A 50 3.14 5.72 -2.75
N LEU A 51 4.21 4.96 -2.64
CA LEU A 51 4.65 4.09 -3.73
C LEU A 51 3.53 3.12 -4.11
N ALA A 52 3.06 2.38 -3.11
CA ALA A 52 1.97 1.42 -3.31
C ALA A 52 0.75 2.12 -3.89
N PHE A 53 0.46 3.30 -3.35
CA PHE A 53 -0.60 4.15 -3.88
C PHE A 53 -0.40 4.38 -5.38
N LEU A 54 0.77 4.88 -5.74
CA LEU A 54 1.07 5.22 -7.13
C LEU A 54 1.31 3.97 -8.00
N ARG A 55 1.28 2.80 -7.39
CA ARG A 55 1.39 1.55 -8.14
C ARG A 55 0.01 0.97 -8.44
N PHE A 56 -0.91 1.12 -7.51
CA PHE A 56 -2.23 0.53 -7.66
C PHE A 56 -3.28 1.57 -8.02
N THR A 57 -2.95 2.85 -7.88
CA THR A 57 -3.85 3.91 -8.30
C THR A 57 -3.31 4.61 -9.54
N ALA A 58 -2.10 4.22 -9.93
CA ALA A 58 -1.42 4.81 -11.07
C ALA A 58 -0.55 3.77 -11.74
N ILE A 59 0.18 4.17 -12.77
CA ILE A 59 1.06 3.25 -13.47
C ILE A 59 2.51 3.71 -13.38
N LYS A 60 2.68 4.97 -13.10
CA LYS A 60 4.01 5.56 -13.00
C LYS A 60 4.09 6.50 -11.80
N PRO A 61 4.84 6.09 -10.77
CA PRO A 61 5.08 6.91 -9.59
C PRO A 61 5.96 8.12 -9.92
N SER A 62 5.74 9.21 -9.21
CA SER A 62 6.51 10.42 -9.40
C SER A 62 7.96 10.21 -8.99
N LEU A 63 8.87 10.80 -9.75
CA LEU A 63 10.30 10.58 -9.58
C LEU A 63 10.80 11.07 -8.22
N GLY A 64 10.03 11.94 -7.56
CA GLY A 64 10.35 12.36 -6.22
C GLY A 64 10.32 11.20 -5.25
N LEU A 65 9.23 10.43 -5.31
CA LEU A 65 9.08 9.25 -4.46
C LEU A 65 10.12 8.21 -4.84
N ILE A 66 10.36 8.07 -6.14
CA ILE A 66 11.35 7.11 -6.65
C ILE A 66 12.76 7.49 -6.17
N ASN A 67 13.02 8.79 -6.15
CA ASN A 67 14.32 9.31 -5.71
C ASN A 67 14.58 8.93 -4.25
N ARG A 68 13.55 9.05 -3.41
CA ARG A 68 13.69 8.74 -2.00
C ARG A 68 13.53 7.23 -1.77
N TRP A 69 12.86 6.58 -2.70
CA TRP A 69 12.63 5.14 -2.68
C TRP A 69 13.95 4.39 -2.58
N GLY A 70 14.87 4.71 -3.48
CA GLY A 70 16.17 4.07 -3.47
C GLY A 70 17.06 4.58 -2.36
N SER A 71 16.55 5.52 -1.57
CA SER A 71 17.30 6.08 -0.46
C SER A 71 16.85 5.43 0.85
N VAL A 72 15.70 4.77 0.82
CA VAL A 72 15.16 4.07 1.98
C VAL A 72 16.12 2.98 2.43
N GLY A 73 16.38 2.92 3.74
CA GLY A 73 17.23 1.88 4.28
C GLY A 73 16.63 0.52 4.05
N LYS A 74 17.37 -0.32 3.35
CA LYS A 74 16.90 -1.65 2.96
C LYS A 74 16.54 -2.51 4.17
N LYS A 75 17.14 -2.20 5.32
CA LYS A 75 16.80 -2.88 6.56
C LYS A 75 15.40 -2.47 7.01
N GLU A 76 15.22 -1.18 7.20
CA GLU A 76 13.95 -0.65 7.68
C GLU A 76 12.85 -0.85 6.65
N ALA A 77 13.21 -0.83 5.38
CA ALA A 77 12.27 -1.12 4.31
C ALA A 77 11.61 -2.48 4.54
N MET A 78 12.44 -3.46 4.90
CA MET A 78 11.93 -4.80 5.19
C MET A 78 11.01 -4.77 6.40
N GLU A 79 11.40 -4.00 7.40
CA GLU A 79 10.59 -3.86 8.62
C GLU A 79 9.24 -3.21 8.31
N ILE A 80 9.27 -2.19 7.46
CA ILE A 80 8.06 -1.52 7.02
C ILE A 80 7.16 -2.48 6.26
N ILE A 81 7.76 -3.23 5.34
CA ILE A 81 7.02 -4.20 4.55
C ILE A 81 6.38 -5.27 5.43
N LYS A 82 7.07 -5.66 6.49
CA LYS A 82 6.51 -6.62 7.46
C LYS A 82 5.22 -6.07 8.04
N LYS A 83 5.27 -4.82 8.50
CA LYS A 83 4.10 -4.17 9.09
C LYS A 83 3.02 -3.96 8.03
N PHE A 84 3.44 -3.56 6.84
CA PHE A 84 2.52 -3.29 5.75
C PHE A 84 1.67 -4.52 5.44
N LYS A 85 2.32 -5.66 5.26
CA LYS A 85 1.63 -6.91 4.96
C LYS A 85 0.72 -7.33 6.12
N LYS A 86 1.14 -7.04 7.34
CA LYS A 86 0.34 -7.37 8.52
C LYS A 86 -0.92 -6.51 8.59
N ASP A 87 -0.77 -5.21 8.31
CA ASP A 87 -1.92 -4.31 8.30
C ASP A 87 -2.88 -4.70 7.19
N LEU A 88 -2.34 -5.06 6.04
CA LEU A 88 -3.15 -5.53 4.92
C LEU A 88 -3.97 -6.74 5.33
N ALA A 89 -3.31 -7.66 6.03
CA ALA A 89 -3.96 -8.88 6.50
C ALA A 89 -5.11 -8.55 7.44
N ALA A 90 -4.88 -7.63 8.36
CA ALA A 90 -5.89 -7.21 9.32
C ALA A 90 -7.09 -6.60 8.60
N MET A 91 -6.81 -5.70 7.66
CA MET A 91 -7.85 -5.02 6.89
C MET A 91 -8.65 -6.03 6.08
N LEU A 92 -7.94 -7.00 5.50
CA LEU A 92 -8.55 -8.06 4.71
C LEU A 92 -9.54 -8.86 5.56
N ARG A 93 -9.14 -9.17 6.79
CA ARG A 93 -9.99 -9.91 7.71
C ARG A 93 -11.25 -9.10 8.03
N ILE A 94 -11.10 -7.78 8.07
CA ILE A 94 -12.22 -6.89 8.32
C ILE A 94 -13.17 -6.88 7.12
N ILE A 95 -12.63 -6.81 5.90
CA ILE A 95 -13.45 -6.86 4.69
C ILE A 95 -14.27 -8.15 4.68
N ASN A 96 -13.62 -9.22 5.07
CA ASN A 96 -14.25 -10.53 5.15
C ASN A 96 -15.34 -10.54 6.21
N ALA A 97 -15.09 -9.82 7.30
CA ALA A 97 -16.04 -9.75 8.41
C ALA A 97 -17.22 -8.83 8.07
N ARG A 98 -17.00 -7.90 7.13
CA ARG A 98 -18.01 -6.91 6.81
C ARG A 98 -19.18 -7.52 6.04
N LYS A 99 -19.06 -8.77 5.65
CA LYS A 99 -20.17 -9.47 5.03
C LYS A 99 -21.11 -10.00 6.10
N GLU A 100 -20.71 -11.08 6.77
CA GLU A 100 -21.51 -11.65 7.85
C GLU A 100 -20.71 -12.66 8.67
N LYS A 101 -19.40 -12.64 8.51
CA LYS A 101 -18.55 -13.60 9.22
C LYS A 101 -18.38 -13.19 10.67
N LYS A 102 -17.81 -12.02 10.90
CA LYS A 102 -17.62 -11.49 12.24
C LYS A 102 -18.32 -10.15 12.39
N ARG A 103 -19.06 -10.00 13.45
CA ARG A 103 -19.86 -8.81 13.68
C ARG A 103 -19.02 -7.74 14.36
N ARG A 104 -19.47 -6.49 14.28
CA ARG A 104 -18.74 -5.37 14.85
C ARG A 104 -19.25 -5.05 16.24
N ALA B 35 -5.41 2.88 -16.17
CA ALA B 35 -4.61 3.75 -15.27
C ALA B 35 -5.52 4.61 -14.40
N GLY B 36 -5.58 4.28 -13.12
CA GLY B 36 -6.45 4.99 -12.20
C GLY B 36 -6.14 6.47 -12.11
N LEU B 37 -4.88 6.83 -12.36
CA LEU B 37 -4.45 8.22 -12.30
C LEU B 37 -5.12 9.04 -13.40
N LEU B 38 -5.54 8.36 -14.46
CA LEU B 38 -6.20 9.02 -15.58
C LEU B 38 -7.71 9.05 -15.37
N LEU B 39 -8.25 7.99 -14.79
CA LEU B 39 -9.69 7.92 -14.53
C LEU B 39 -10.07 8.74 -13.30
N GLY B 40 -9.17 8.84 -12.35
CA GLY B 40 -9.46 9.57 -11.13
C GLY B 40 -9.43 8.68 -9.91
N HIS B 41 -9.18 7.38 -10.15
CA HIS B 41 -9.07 6.33 -9.12
C HIS B 41 -10.30 6.24 -8.18
N GLY B 42 -10.80 5.03 -8.02
CA GLY B 42 -12.04 4.84 -7.28
C GLY B 42 -12.44 3.38 -7.12
N PRO B 43 -12.34 2.54 -8.18
CA PRO B 43 -12.59 1.10 -8.09
C PRO B 43 -11.87 0.45 -6.90
N ILE B 44 -12.41 -0.71 -6.47
CA ILE B 44 -12.03 -1.35 -5.21
C ILE B 44 -10.53 -1.58 -5.07
N ARG B 45 -9.86 -1.78 -6.20
CA ARG B 45 -8.41 -1.94 -6.22
C ARG B 45 -7.74 -0.70 -5.63
N MET B 46 -8.16 0.45 -6.11
CA MET B 46 -7.62 1.72 -5.66
C MET B 46 -8.06 1.99 -4.22
N VAL B 47 -9.24 1.52 -3.86
CA VAL B 47 -9.76 1.72 -2.51
C VAL B 47 -8.82 1.12 -1.47
N LEU B 48 -8.37 -0.10 -1.72
CA LEU B 48 -7.43 -0.76 -0.81
C LEU B 48 -6.07 -0.06 -0.84
N ALA B 49 -5.67 0.41 -2.01
CA ALA B 49 -4.41 1.15 -2.16
C ALA B 49 -4.46 2.47 -1.39
N ILE B 50 -5.55 3.21 -1.59
CA ILE B 50 -5.74 4.49 -0.91
C ILE B 50 -5.91 4.27 0.59
N LEU B 51 -6.51 3.14 0.95
CA LEU B 51 -6.63 2.74 2.34
C LEU B 51 -5.25 2.65 2.97
N ALA B 52 -4.37 1.85 2.36
CA ALA B 52 -3.01 1.67 2.84
C ALA B 52 -2.30 3.02 2.92
N PHE B 53 -2.51 3.83 1.89
CA PHE B 53 -2.01 5.20 1.87
C PHE B 53 -2.46 5.94 3.14
N LEU B 54 -3.76 5.98 3.37
CA LEU B 54 -4.33 6.71 4.50
C LEU B 54 -4.07 6.00 5.84
N ARG B 55 -3.45 4.83 5.80
CA ARG B 55 -3.07 4.14 7.03
C ARG B 55 -1.63 4.44 7.40
N PHE B 56 -0.77 4.56 6.39
CA PHE B 56 0.64 4.75 6.64
C PHE B 56 1.08 6.19 6.41
N THR B 57 0.22 6.98 5.76
CA THR B 57 0.50 8.39 5.57
C THR B 57 -0.42 9.23 6.44
N ALA B 58 -1.36 8.56 7.08
CA ALA B 58 -2.36 9.22 7.91
C ALA B 58 -2.74 8.30 9.07
N ILE B 59 -3.70 8.74 9.89
CA ILE B 59 -4.14 7.93 11.02
C ILE B 59 -5.61 7.60 10.89
N LYS B 60 -6.30 8.39 10.12
CA LYS B 60 -7.73 8.21 9.92
C LYS B 60 -8.10 8.39 8.44
N PRO B 61 -8.45 7.28 7.78
CA PRO B 61 -8.91 7.31 6.39
C PRO B 61 -10.27 7.98 6.25
N SER B 62 -10.48 8.64 5.13
CA SER B 62 -11.73 9.34 4.85
C SER B 62 -12.87 8.33 4.73
N LEU B 63 -14.03 8.71 5.25
CA LEU B 63 -15.19 7.83 5.34
C LEU B 63 -15.69 7.40 3.97
N GLY B 64 -15.33 8.14 2.93
CA GLY B 64 -15.66 7.74 1.58
C GLY B 64 -15.00 6.42 1.22
N LEU B 65 -13.70 6.34 1.49
CA LEU B 65 -12.95 5.11 1.23
C LEU B 65 -13.46 4.00 2.13
N ILE B 66 -13.74 4.34 3.37
CA ILE B 66 -14.25 3.37 4.35
C ILE B 66 -15.61 2.83 3.93
N ASN B 67 -16.43 3.71 3.36
CA ASN B 67 -17.75 3.35 2.88
C ASN B 67 -17.65 2.29 1.78
N ARG B 68 -16.71 2.49 0.87
CA ARG B 68 -16.54 1.56 -0.24
C ARG B 68 -15.69 0.36 0.18
N TRP B 69 -14.91 0.57 1.23
CA TRP B 69 -14.06 -0.47 1.81
C TRP B 69 -14.88 -1.69 2.20
N GLY B 70 -15.94 -1.45 2.96
CA GLY B 70 -16.81 -2.53 3.38
C GLY B 70 -17.72 -3.03 2.26
N SER B 71 -17.58 -2.41 1.09
CA SER B 71 -18.38 -2.79 -0.06
C SER B 71 -17.55 -3.66 -1.01
N VAL B 72 -16.23 -3.65 -0.82
CA VAL B 72 -15.32 -4.46 -1.60
C VAL B 72 -15.63 -5.94 -1.43
N GLY B 73 -15.70 -6.66 -2.54
CA GLY B 73 -15.92 -8.09 -2.49
C GLY B 73 -14.81 -8.80 -1.76
N LYS B 74 -15.17 -9.47 -0.68
CA LYS B 74 -14.20 -10.14 0.20
C LYS B 74 -13.36 -11.16 -0.55
N LYS B 75 -13.90 -11.70 -1.63
CA LYS B 75 -13.15 -12.61 -2.49
C LYS B 75 -12.05 -11.87 -3.23
N GLU B 76 -12.43 -10.85 -3.98
CA GLU B 76 -11.49 -10.09 -4.79
C GLU B 76 -10.54 -9.30 -3.90
N ALA B 77 -11.02 -8.90 -2.72
CA ALA B 77 -10.17 -8.24 -1.74
C ALA B 77 -8.97 -9.10 -1.43
N MET B 78 -9.21 -10.39 -1.23
CA MET B 78 -8.13 -11.34 -0.96
C MET B 78 -7.19 -11.43 -2.15
N GLU B 79 -7.77 -11.44 -3.35
CA GLU B 79 -6.98 -11.50 -4.57
C GLU B 79 -6.11 -10.26 -4.72
N ILE B 80 -6.69 -9.11 -4.41
CA ILE B 80 -5.95 -7.84 -4.45
C ILE B 80 -4.81 -7.86 -3.45
N ILE B 81 -5.11 -8.32 -2.24
CA ILE B 81 -4.11 -8.40 -1.18
C ILE B 81 -2.96 -9.33 -1.57
N LYS B 82 -3.29 -10.41 -2.28
CA LYS B 82 -2.26 -11.33 -2.79
C LYS B 82 -1.29 -10.57 -3.68
N LYS B 83 -1.84 -9.82 -4.62
CA LYS B 83 -1.03 -9.05 -5.56
C LYS B 83 -0.28 -7.94 -4.85
N PHE B 84 -0.97 -7.30 -3.91
CA PHE B 84 -0.39 -6.20 -3.14
C PHE B 84 0.88 -6.64 -2.43
N LYS B 85 0.78 -7.75 -1.70
CA LYS B 85 1.93 -8.27 -0.97
C LYS B 85 3.05 -8.70 -1.92
N LYS B 86 2.68 -9.20 -3.08
CA LYS B 86 3.68 -9.61 -4.08
C LYS B 86 4.41 -8.41 -4.66
N ASP B 87 3.68 -7.34 -4.96
CA ASP B 87 4.29 -6.12 -5.46
C ASP B 87 5.20 -5.51 -4.41
N LEU B 88 4.75 -5.53 -3.16
CA LEU B 88 5.56 -5.04 -2.04
C LEU B 88 6.87 -5.81 -1.96
N ALA B 89 6.78 -7.12 -2.13
CA ALA B 89 7.94 -7.99 -2.08
C ALA B 89 8.92 -7.63 -3.19
N ALA B 90 8.40 -7.41 -4.40
CA ALA B 90 9.23 -7.05 -5.53
C ALA B 90 9.94 -5.72 -5.30
N MET B 91 9.18 -4.74 -4.82
CA MET B 91 9.72 -3.41 -4.54
C MET B 91 10.79 -3.49 -3.45
N LEU B 92 10.53 -4.31 -2.45
CA LEU B 92 11.46 -4.52 -1.35
C LEU B 92 12.79 -5.07 -1.86
N ARG B 93 12.71 -6.03 -2.77
CA ARG B 93 13.89 -6.62 -3.38
C ARG B 93 14.68 -5.57 -4.14
N ILE B 94 13.97 -4.62 -4.74
CA ILE B 94 14.59 -3.54 -5.47
C ILE B 94 15.30 -2.57 -4.52
N ILE B 95 14.64 -2.24 -3.41
CA ILE B 95 15.27 -1.38 -2.38
C ILE B 95 16.56 -2.01 -1.90
N ASN B 96 16.52 -3.32 -1.72
CA ASN B 96 17.67 -4.09 -1.28
C ASN B 96 18.76 -4.07 -2.35
N ALA B 97 18.34 -4.09 -3.60
CA ALA B 97 19.27 -4.09 -4.72
C ALA B 97 19.87 -2.70 -4.95
N ARG B 98 19.16 -1.67 -4.50
CA ARG B 98 19.57 -0.29 -4.74
C ARG B 98 20.79 0.10 -3.92
N LYS B 99 21.21 -0.77 -3.01
CA LYS B 99 22.43 -0.55 -2.28
C LYS B 99 23.63 -1.01 -3.10
N GLU B 100 23.82 -2.33 -3.19
CA GLU B 100 24.91 -2.89 -3.99
C GLU B 100 24.74 -4.39 -4.19
N LYS B 101 23.55 -4.91 -3.93
CA LYS B 101 23.30 -6.34 -4.04
C LYS B 101 23.13 -6.73 -5.52
N LYS B 102 22.12 -6.16 -6.16
CA LYS B 102 21.88 -6.42 -7.56
C LYS B 102 21.89 -5.12 -8.36
N ARG B 103 22.61 -5.14 -9.45
CA ARG B 103 22.81 -3.94 -10.26
C ARG B 103 21.67 -3.78 -11.25
N ARG B 104 21.51 -2.57 -11.76
CA ARG B 104 20.40 -2.27 -12.67
C ARG B 104 20.85 -2.41 -14.12
N ALA A 35 -12.23 9.62 -15.00
CA ALA A 35 -12.45 8.43 -14.14
C ALA A 35 -12.32 8.80 -12.67
N GLY A 36 -12.37 7.80 -11.80
CA GLY A 36 -12.32 8.07 -10.37
C GLY A 36 -11.06 8.76 -9.92
N LEU A 37 -9.97 8.57 -10.67
CA LEU A 37 -8.68 9.16 -10.33
C LEU A 37 -8.77 10.69 -10.25
N LEU A 38 -9.50 11.28 -11.18
CA LEU A 38 -9.63 12.73 -11.22
C LEU A 38 -10.83 13.21 -10.40
N LEU A 39 -11.87 12.37 -10.33
CA LEU A 39 -13.09 12.75 -9.61
C LEU A 39 -13.00 12.39 -8.13
N GLY A 40 -11.86 11.84 -7.73
CA GLY A 40 -11.65 11.49 -6.33
C GLY A 40 -12.54 10.35 -5.88
N HIS A 41 -12.78 9.41 -6.78
CA HIS A 41 -13.65 8.28 -6.49
C HIS A 41 -12.88 6.98 -6.61
N GLY A 42 -12.62 6.33 -5.49
CA GLY A 42 -11.89 5.09 -5.51
C GLY A 42 -12.76 3.89 -5.23
N PRO A 43 -12.91 2.97 -6.19
CA PRO A 43 -13.64 1.71 -5.98
C PRO A 43 -13.00 0.88 -4.87
N ILE A 44 -13.66 -0.20 -4.45
CA ILE A 44 -13.23 -0.97 -3.27
C ILE A 44 -11.74 -1.35 -3.32
N ARG A 45 -11.25 -1.75 -4.49
CA ARG A 45 -9.84 -2.09 -4.64
C ARG A 45 -8.96 -0.88 -4.34
N MET A 46 -9.35 0.27 -4.86
CA MET A 46 -8.61 1.50 -4.64
C MET A 46 -8.85 2.04 -3.24
N VAL A 47 -9.95 1.64 -2.61
CA VAL A 47 -10.20 1.99 -1.22
C VAL A 47 -9.08 1.45 -0.34
N LEU A 48 -8.75 0.18 -0.53
CA LEU A 48 -7.64 -0.43 0.19
C LEU A 48 -6.31 0.20 -0.22
N ALA A 49 -6.21 0.55 -1.51
CA ALA A 49 -5.01 1.22 -2.02
C ALA A 49 -4.81 2.58 -1.34
N ILE A 50 -5.85 3.40 -1.32
CA ILE A 50 -5.81 4.71 -0.68
C ILE A 50 -5.66 4.54 0.83
N LEU A 51 -6.23 3.47 1.36
CA LEU A 51 -6.14 3.19 2.78
C LEU A 51 -4.68 2.96 3.18
N ALA A 52 -4.01 2.05 2.46
CA ALA A 52 -2.60 1.75 2.73
C ALA A 52 -1.76 3.01 2.64
N PHE A 53 -2.07 3.84 1.64
CA PHE A 53 -1.47 5.15 1.51
C PHE A 53 -1.55 5.89 2.84
N LEU A 54 -2.77 6.10 3.31
CA LEU A 54 -3.03 6.84 4.55
C LEU A 54 -2.49 6.09 5.77
N ARG A 55 -2.33 4.77 5.66
CA ARG A 55 -1.81 3.96 6.76
C ARG A 55 -0.33 4.23 6.99
N PHE A 56 0.41 4.42 5.90
CA PHE A 56 1.85 4.58 5.99
C PHE A 56 2.29 6.01 5.73
N THR A 57 1.35 6.87 5.32
CA THR A 57 1.65 8.28 5.17
C THR A 57 1.09 9.08 6.34
N ALA A 58 0.10 8.52 7.02
CA ALA A 58 -0.55 9.19 8.13
C ALA A 58 -0.79 8.19 9.26
N ILE A 59 -1.28 8.69 10.39
CA ILE A 59 -1.56 7.83 11.52
C ILE A 59 -3.06 7.63 11.68
N LYS A 60 -3.80 8.13 10.70
CA LYS A 60 -5.25 8.02 10.69
C LYS A 60 -5.79 8.12 9.26
N PRO A 61 -6.42 7.04 8.77
CA PRO A 61 -7.13 7.06 7.49
C PRO A 61 -8.43 7.85 7.61
N SER A 62 -8.78 8.56 6.55
CA SER A 62 -9.96 9.39 6.53
C SER A 62 -11.23 8.54 6.64
N LEU A 63 -12.19 9.06 7.40
CA LEU A 63 -13.40 8.32 7.76
C LEU A 63 -14.21 7.90 6.53
N GLY A 64 -14.07 8.66 5.44
CA GLY A 64 -14.74 8.30 4.20
C GLY A 64 -14.25 6.97 3.67
N LEU A 65 -12.93 6.82 3.63
CA LEU A 65 -12.33 5.57 3.19
C LEU A 65 -12.70 4.45 4.14
N ILE A 66 -12.66 4.73 5.43
CA ILE A 66 -13.03 3.76 6.47
C ILE A 66 -14.46 3.26 6.28
N ASN A 67 -15.35 4.19 5.95
CA ASN A 67 -16.76 3.85 5.76
C ASN A 67 -16.94 2.90 4.58
N ARG A 68 -16.20 3.14 3.51
CA ARG A 68 -16.31 2.31 2.31
C ARG A 68 -15.46 1.05 2.47
N TRP A 69 -14.47 1.14 3.33
CA TRP A 69 -13.57 0.03 3.64
C TRP A 69 -14.36 -1.14 4.23
N GLY A 70 -15.22 -0.83 5.19
CA GLY A 70 -16.08 -1.85 5.78
C GLY A 70 -17.16 -2.30 4.83
N SER A 71 -17.27 -1.64 3.69
CA SER A 71 -18.26 -1.99 2.67
C SER A 71 -17.63 -2.92 1.63
N VAL A 72 -16.30 -3.06 1.69
CA VAL A 72 -15.59 -3.93 0.76
C VAL A 72 -15.89 -5.39 1.07
N GLY A 73 -16.24 -6.14 0.03
CA GLY A 73 -16.42 -7.56 0.16
C GLY A 73 -15.12 -8.23 0.53
N LYS A 74 -15.13 -9.03 1.59
CA LYS A 74 -13.89 -9.58 2.12
C LYS A 74 -13.29 -10.59 1.15
N LYS A 75 -14.11 -11.14 0.26
CA LYS A 75 -13.61 -12.00 -0.80
C LYS A 75 -12.69 -11.21 -1.72
N GLU A 76 -13.19 -10.06 -2.16
CA GLU A 76 -12.41 -9.16 -2.99
C GLU A 76 -11.19 -8.68 -2.22
N ALA A 77 -11.42 -8.31 -0.96
CA ALA A 77 -10.35 -7.85 -0.09
C ALA A 77 -9.22 -8.86 -0.03
N MET A 78 -9.56 -10.14 0.14
CA MET A 78 -8.57 -11.21 0.17
C MET A 78 -7.77 -11.25 -1.12
N GLU A 79 -8.46 -11.08 -2.24
CA GLU A 79 -7.83 -11.09 -3.55
C GLU A 79 -6.95 -9.85 -3.73
N ILE A 80 -7.40 -8.72 -3.20
CA ILE A 80 -6.65 -7.48 -3.23
C ILE A 80 -5.36 -7.61 -2.42
N ILE A 81 -5.50 -8.07 -1.19
CA ILE A 81 -4.35 -8.25 -0.30
C ILE A 81 -3.35 -9.23 -0.90
N LYS A 82 -3.86 -10.26 -1.55
CA LYS A 82 -3.03 -11.23 -2.23
C LYS A 82 -2.18 -10.56 -3.30
N LYS A 83 -2.82 -9.76 -4.13
CA LYS A 83 -2.15 -9.03 -5.21
C LYS A 83 -1.23 -7.97 -4.64
N PHE A 84 -1.67 -7.34 -3.55
CA PHE A 84 -0.92 -6.28 -2.89
C PHE A 84 0.43 -6.82 -2.41
N LYS A 85 0.38 -7.90 -1.62
CA LYS A 85 1.60 -8.50 -1.09
C LYS A 85 2.49 -9.01 -2.22
N LYS A 86 1.87 -9.49 -3.28
CA LYS A 86 2.60 -9.97 -4.45
C LYS A 86 3.35 -8.83 -5.13
N ASP A 87 2.65 -7.70 -5.30
CA ASP A 87 3.25 -6.54 -5.95
C ASP A 87 4.37 -5.97 -5.10
N LEU A 88 4.16 -6.00 -3.79
CA LEU A 88 5.17 -5.52 -2.84
C LEU A 88 6.43 -6.39 -2.90
N ALA A 89 6.24 -7.69 -3.09
CA ALA A 89 7.36 -8.62 -3.21
C ALA A 89 8.20 -8.28 -4.43
N ALA A 90 7.52 -8.03 -5.55
CA ALA A 90 8.18 -7.62 -6.77
C ALA A 90 8.86 -6.27 -6.58
N MET A 91 8.13 -5.36 -5.93
CA MET A 91 8.64 -4.02 -5.62
C MET A 91 9.96 -4.10 -4.88
N LEU A 92 9.98 -4.95 -3.85
CA LEU A 92 11.17 -5.15 -3.03
C LEU A 92 12.34 -5.66 -3.87
N ARG A 93 12.06 -6.62 -4.75
CA ARG A 93 13.08 -7.20 -5.60
C ARG A 93 13.71 -6.15 -6.51
N ILE A 94 12.90 -5.20 -6.96
CA ILE A 94 13.38 -4.16 -7.84
C ILE A 94 14.21 -3.13 -7.08
N ILE A 95 13.85 -2.87 -5.82
CA ILE A 95 14.65 -1.99 -4.97
C ILE A 95 16.08 -2.53 -4.90
N ASN A 96 16.17 -3.85 -4.72
CA ASN A 96 17.45 -4.53 -4.73
C ASN A 96 18.12 -4.40 -6.09
N ALA A 97 17.35 -4.59 -7.14
CA ALA A 97 17.86 -4.56 -8.51
C ALA A 97 18.44 -3.19 -8.88
N ARG A 98 17.97 -2.15 -8.20
CA ARG A 98 18.43 -0.79 -8.46
C ARG A 98 19.89 -0.61 -8.05
N LYS A 99 20.37 -1.50 -7.19
CA LYS A 99 21.78 -1.50 -6.83
C LYS A 99 22.45 -2.77 -7.36
N GLU A 100 21.77 -3.89 -7.15
CA GLU A 100 22.25 -5.22 -7.55
C GLU A 100 23.53 -5.59 -6.79
N LYS A 101 23.86 -4.77 -5.79
CA LYS A 101 25.04 -4.96 -4.98
C LYS A 101 24.70 -4.76 -3.51
N LYS A 102 25.72 -4.92 -2.66
CA LYS A 102 25.57 -4.85 -1.21
C LYS A 102 24.66 -5.97 -0.69
N ARG A 103 25.27 -6.92 0.01
CA ARG A 103 24.55 -8.08 0.51
C ARG A 103 23.42 -7.68 1.44
N ARG A 104 22.19 -7.78 0.93
CA ARG A 104 20.99 -7.42 1.67
C ARG A 104 21.06 -5.98 2.17
N ALA B 35 4.39 19.46 7.64
CA ALA B 35 5.23 18.28 7.36
C ALA B 35 5.12 17.88 5.90
N GLY B 36 5.72 16.76 5.53
CA GLY B 36 5.71 16.34 4.14
C GLY B 36 4.32 16.10 3.58
N LEU B 37 3.39 15.75 4.46
CA LEU B 37 2.01 15.45 4.04
C LEU B 37 1.39 16.64 3.32
N LEU B 38 1.65 17.84 3.81
CA LEU B 38 1.08 19.04 3.21
C LEU B 38 2.00 19.62 2.13
N LEU B 39 3.30 19.44 2.31
CA LEU B 39 4.28 19.99 1.37
C LEU B 39 4.54 19.03 0.21
N GLY B 40 3.84 17.91 0.22
CA GLY B 40 3.98 16.95 -0.87
C GLY B 40 5.34 16.28 -0.89
N HIS B 41 5.89 16.06 0.30
CA HIS B 41 7.22 15.46 0.42
C HIS B 41 7.13 14.14 1.19
N GLY B 42 7.34 13.05 0.49
CA GLY B 42 7.27 11.75 1.12
C GLY B 42 8.63 11.12 1.26
N PRO B 43 9.09 10.88 2.51
CA PRO B 43 10.34 10.16 2.78
C PRO B 43 10.29 8.74 2.21
N ILE B 44 11.43 8.04 2.22
CA ILE B 44 11.54 6.74 1.55
C ILE B 44 10.41 5.76 1.91
N ARG B 45 10.03 5.73 3.18
CA ARG B 45 8.94 4.87 3.63
C ARG B 45 7.63 5.26 2.95
N MET B 46 7.39 6.55 2.87
CA MET B 46 6.18 7.07 2.23
C MET B 46 6.30 7.00 0.72
N VAL B 47 7.52 6.93 0.20
CA VAL B 47 7.73 6.73 -1.23
C VAL B 47 7.10 5.41 -1.66
N LEU B 48 7.39 4.35 -0.90
CA LEU B 48 6.79 3.05 -1.16
C LEU B 48 5.28 3.10 -0.91
N ALA B 49 4.87 3.87 0.10
CA ALA B 49 3.45 4.05 0.40
C ALA B 49 2.71 4.72 -0.76
N ILE B 50 3.26 5.83 -1.24
CA ILE B 50 2.68 6.54 -2.38
C ILE B 50 2.78 5.69 -3.64
N LEU B 51 3.86 4.92 -3.73
CA LEU B 51 4.07 4.04 -4.87
C LEU B 51 2.94 3.02 -4.95
N ALA B 52 2.70 2.30 -3.86
CA ALA B 52 1.63 1.30 -3.80
C ALA B 52 0.29 1.92 -4.17
N PHE B 53 0.07 3.13 -3.67
CA PHE B 53 -1.10 3.92 -4.04
C PHE B 53 -1.21 3.96 -5.55
N LEU B 54 -0.19 4.50 -6.20
CA LEU B 54 -0.18 4.65 -7.65
C LEU B 54 -0.16 3.30 -8.37
N ARG B 55 0.31 2.26 -7.70
CA ARG B 55 0.36 0.92 -8.27
C ARG B 55 -1.04 0.34 -8.43
N PHE B 56 -1.89 0.59 -7.45
CA PHE B 56 -3.22 0.01 -7.44
C PHE B 56 -4.31 1.02 -7.78
N THR B 57 -3.93 2.29 -7.87
CA THR B 57 -4.87 3.31 -8.31
C THR B 57 -4.62 3.69 -9.77
N ALA B 58 -3.42 3.42 -10.24
CA ALA B 58 -3.04 3.77 -11.61
C ALA B 58 -2.24 2.63 -12.21
N ILE B 59 -1.91 2.76 -13.49
CA ILE B 59 -1.13 1.75 -14.18
C ILE B 59 0.30 2.23 -14.40
N LYS B 60 0.60 3.38 -13.82
CA LYS B 60 1.92 3.98 -13.92
C LYS B 60 2.19 4.91 -12.75
N PRO B 61 3.18 4.58 -11.92
CA PRO B 61 3.66 5.47 -10.86
C PRO B 61 4.45 6.64 -11.45
N SER B 62 4.29 7.82 -10.85
CA SER B 62 4.94 9.03 -11.33
C SER B 62 6.46 8.91 -11.20
N LEU B 63 7.14 9.44 -12.21
CA LEU B 63 8.60 9.29 -12.34
C LEU B 63 9.35 9.87 -11.16
N GLY B 64 8.77 10.85 -10.50
CA GLY B 64 9.37 11.42 -9.31
C GLY B 64 9.51 10.38 -8.20
N LEU B 65 8.42 9.66 -7.94
CA LEU B 65 8.42 8.60 -6.95
C LEU B 65 9.39 7.50 -7.36
N ILE B 66 9.36 7.16 -8.65
CA ILE B 66 10.25 6.14 -9.20
C ILE B 66 11.72 6.49 -8.97
N ASN B 67 12.03 7.77 -9.17
CA ASN B 67 13.40 8.26 -9.01
C ASN B 67 13.87 8.11 -7.57
N ARG B 68 12.98 8.40 -6.63
CA ARG B 68 13.34 8.32 -5.22
C ARG B 68 13.20 6.89 -4.72
N TRP B 69 12.38 6.12 -5.42
CA TRP B 69 12.16 4.71 -5.12
C TRP B 69 13.46 3.92 -5.24
N GLY B 70 14.18 4.15 -6.32
CA GLY B 70 15.47 3.51 -6.51
C GLY B 70 16.54 4.07 -5.59
N SER B 71 16.19 5.13 -4.86
CA SER B 71 17.09 5.75 -3.91
C SER B 71 16.86 5.19 -2.51
N VAL B 72 15.78 4.43 -2.36
CA VAL B 72 15.45 3.82 -1.08
C VAL B 72 16.43 2.71 -0.75
N GLY B 73 16.96 2.75 0.47
CA GLY B 73 17.82 1.66 0.93
C GLY B 73 17.03 0.38 1.03
N LYS B 74 17.53 -0.68 0.41
CA LYS B 74 16.76 -1.91 0.32
C LYS B 74 16.59 -2.57 1.68
N LYS B 75 17.47 -2.23 2.63
CA LYS B 75 17.32 -2.68 4.01
C LYS B 75 16.04 -2.09 4.60
N GLU B 76 15.89 -0.78 4.44
CA GLU B 76 14.69 -0.09 4.89
C GLU B 76 13.48 -0.62 4.13
N ALA B 77 13.65 -0.78 2.82
CA ALA B 77 12.60 -1.29 1.95
C ALA B 77 12.09 -2.63 2.47
N MET B 78 13.00 -3.53 2.83
CA MET B 78 12.63 -4.84 3.36
C MET B 78 11.81 -4.69 4.63
N GLU B 79 12.21 -3.75 5.48
CA GLU B 79 11.51 -3.49 6.73
C GLU B 79 10.13 -2.87 6.46
N ILE B 80 10.08 -2.02 5.45
CA ILE B 80 8.83 -1.40 5.04
C ILE B 80 7.85 -2.45 4.51
N ILE B 81 8.33 -3.27 3.59
CA ILE B 81 7.51 -4.32 2.99
C ILE B 81 7.01 -5.29 4.06
N LYS B 82 7.87 -5.58 5.03
CA LYS B 82 7.51 -6.43 6.15
C LYS B 82 6.34 -5.85 6.92
N LYS B 83 6.44 -4.56 7.25
CA LYS B 83 5.38 -3.87 7.98
C LYS B 83 4.14 -3.71 7.11
N PHE B 84 4.35 -3.48 5.82
CA PHE B 84 3.27 -3.30 4.86
C PHE B 84 2.41 -4.55 4.81
N LYS B 85 3.04 -5.69 4.57
CA LYS B 85 2.32 -6.95 4.48
C LYS B 85 1.65 -7.30 5.81
N LYS B 86 2.29 -6.91 6.90
CA LYS B 86 1.75 -7.13 8.24
C LYS B 86 0.48 -6.30 8.44
N ASP B 87 0.53 -5.04 8.04
CA ASP B 87 -0.60 -4.13 8.20
C ASP B 87 -1.75 -4.58 7.31
N LEU B 88 -1.41 -5.07 6.12
CA LEU B 88 -2.40 -5.59 5.18
C LEU B 88 -3.10 -6.82 5.75
N ALA B 89 -2.36 -7.65 6.45
CA ALA B 89 -2.92 -8.85 7.08
C ALA B 89 -3.95 -8.45 8.13
N ALA B 90 -3.61 -7.45 8.94
CA ALA B 90 -4.52 -6.93 9.94
C ALA B 90 -5.72 -6.28 9.27
N MET B 91 -5.43 -5.52 8.22
CA MET B 91 -6.46 -4.85 7.43
C MET B 91 -7.50 -5.86 6.93
N LEU B 92 -7.01 -6.96 6.38
CA LEU B 92 -7.86 -8.02 5.86
C LEU B 92 -8.75 -8.60 6.97
N ARG B 93 -8.16 -8.83 8.13
CA ARG B 93 -8.87 -9.41 9.26
C ARG B 93 -10.01 -8.49 9.71
N ILE B 94 -9.80 -7.18 9.61
CA ILE B 94 -10.82 -6.24 10.02
C ILE B 94 -11.93 -6.14 8.97
N ILE B 95 -11.59 -6.32 7.69
CA ILE B 95 -12.61 -6.38 6.65
C ILE B 95 -13.60 -7.49 6.97
N ASN B 96 -13.05 -8.63 7.38
CA ASN B 96 -13.85 -9.75 7.82
C ASN B 96 -14.66 -9.39 9.06
N ALA B 97 -14.00 -8.72 10.00
CA ALA B 97 -14.62 -8.35 11.27
C ALA B 97 -15.81 -7.42 11.08
N ARG B 98 -15.80 -6.67 9.98
CA ARG B 98 -16.88 -5.72 9.68
C ARG B 98 -18.19 -6.44 9.42
N LYS B 99 -18.11 -7.72 9.07
CA LYS B 99 -19.30 -8.55 8.91
C LYS B 99 -19.35 -9.60 10.00
N GLU B 100 -18.21 -10.25 10.21
CA GLU B 100 -18.05 -11.32 11.19
C GLU B 100 -18.92 -12.53 10.82
N LYS B 101 -19.47 -12.48 9.61
CA LYS B 101 -20.33 -13.53 9.09
C LYS B 101 -19.96 -13.85 7.66
N LYS B 102 -20.67 -14.81 7.07
CA LYS B 102 -20.41 -15.30 5.72
C LYS B 102 -19.04 -15.97 5.65
N ARG B 103 -19.05 -17.29 5.48
CA ARG B 103 -17.82 -18.07 5.45
C ARG B 103 -16.91 -17.62 4.32
N ARG B 104 -15.86 -16.89 4.69
CA ARG B 104 -14.88 -16.39 3.72
C ARG B 104 -15.55 -15.51 2.67
N ALA A 35 -2.46 -8.25 17.32
CA ALA A 35 -1.52 -8.20 16.18
C ALA A 35 -1.81 -9.31 15.18
N GLY A 36 -2.25 -8.91 13.99
CA GLY A 36 -2.61 -9.88 12.97
C GLY A 36 -1.42 -10.68 12.49
N LEU A 37 -0.24 -10.11 12.63
CA LEU A 37 0.99 -10.77 12.22
C LEU A 37 1.30 -11.95 13.14
N LEU A 38 0.77 -11.91 14.36
CA LEU A 38 1.06 -12.94 15.34
C LEU A 38 -0.08 -13.95 15.44
N LEU A 39 -1.32 -13.47 15.33
CA LEU A 39 -2.48 -14.34 15.48
C LEU A 39 -2.95 -14.91 14.15
N GLY A 40 -2.60 -14.24 13.07
CA GLY A 40 -3.07 -14.65 11.76
C GLY A 40 -4.39 -14.00 11.40
N HIS A 41 -4.96 -13.30 12.37
CA HIS A 41 -6.22 -12.60 12.18
C HIS A 41 -5.96 -11.12 11.90
N GLY A 42 -6.05 -10.74 10.63
CA GLY A 42 -5.79 -9.36 10.26
C GLY A 42 -7.04 -8.51 10.36
N PRO A 43 -6.99 -7.42 11.13
CA PRO A 43 -8.09 -6.46 11.21
C PRO A 43 -8.32 -5.77 9.87
N ILE A 44 -9.40 -5.00 9.75
CA ILE A 44 -9.72 -4.35 8.47
C ILE A 44 -8.55 -3.52 7.95
N ARG A 45 -7.77 -2.96 8.87
CA ARG A 45 -6.59 -2.18 8.52
C ARG A 45 -5.59 -3.03 7.74
N MET A 46 -5.34 -4.23 8.23
CA MET A 46 -4.38 -5.13 7.61
C MET A 46 -4.97 -5.78 6.36
N VAL A 47 -6.29 -5.83 6.30
CA VAL A 47 -6.96 -6.36 5.12
C VAL A 47 -6.67 -5.46 3.91
N LEU A 48 -6.70 -4.15 4.13
CA LEU A 48 -6.33 -3.21 3.08
C LEU A 48 -4.83 -3.25 2.82
N ALA A 49 -4.06 -3.48 3.89
CA ALA A 49 -2.61 -3.61 3.79
C ALA A 49 -2.21 -4.78 2.89
N ILE A 50 -2.79 -5.95 3.16
CA ILE A 50 -2.49 -7.14 2.38
C ILE A 50 -3.13 -7.06 1.00
N LEU A 51 -4.20 -6.29 0.90
CA LEU A 51 -4.85 -6.07 -0.39
C LEU A 51 -3.88 -5.40 -1.35
N ALA A 52 -3.37 -4.24 -0.95
CA ALA A 52 -2.41 -3.50 -1.77
C ALA A 52 -1.22 -4.37 -2.11
N PHE A 53 -0.75 -5.12 -1.11
CA PHE A 53 0.32 -6.08 -1.31
C PHE A 53 -0.02 -7.01 -2.47
N LEU A 54 -1.12 -7.72 -2.35
CA LEU A 54 -1.52 -8.72 -3.33
C LEU A 54 -2.00 -8.10 -4.65
N ARG A 55 -2.12 -6.78 -4.69
CA ARG A 55 -2.54 -6.09 -5.91
C ARG A 55 -1.34 -5.54 -6.67
N PHE A 56 -0.30 -5.15 -5.95
CA PHE A 56 0.89 -4.62 -6.60
C PHE A 56 1.95 -5.70 -6.73
N THR A 57 1.68 -6.87 -6.16
CA THR A 57 2.55 -8.02 -6.36
C THR A 57 1.95 -8.97 -7.40
N ALA A 58 0.63 -9.04 -7.45
CA ALA A 58 -0.07 -9.96 -8.34
C ALA A 58 -1.41 -9.38 -8.77
N ILE A 59 -2.14 -10.14 -9.57
CA ILE A 59 -3.44 -9.70 -10.05
C ILE A 59 -4.55 -10.56 -9.44
N LYS A 60 -5.50 -9.89 -8.78
CA LYS A 60 -6.62 -10.56 -8.12
C LYS A 60 -6.12 -11.45 -6.96
N PRO A 61 -6.20 -10.92 -5.73
CA PRO A 61 -5.74 -11.63 -4.52
C PRO A 61 -6.46 -12.94 -4.30
N SER A 62 -7.75 -12.85 -4.00
CA SER A 62 -8.60 -14.00 -3.75
C SER A 62 -10.00 -13.51 -3.42
N LEU A 63 -10.99 -14.33 -3.73
CA LEU A 63 -12.38 -13.97 -3.48
C LEU A 63 -12.67 -13.91 -1.99
N GLY A 64 -11.83 -14.57 -1.21
CA GLY A 64 -11.97 -14.52 0.24
C GLY A 64 -11.54 -13.19 0.80
N LEU A 65 -10.40 -12.69 0.35
CA LEU A 65 -9.90 -11.39 0.79
C LEU A 65 -10.81 -10.28 0.28
N ILE A 66 -11.27 -10.41 -0.94
CA ILE A 66 -12.17 -9.42 -1.54
C ILE A 66 -13.52 -9.42 -0.82
N ASN A 67 -13.91 -10.59 -0.33
CA ASN A 67 -15.13 -10.70 0.46
C ASN A 67 -15.00 -9.89 1.74
N ARG A 68 -13.86 -10.01 2.42
CA ARG A 68 -13.64 -9.31 3.67
C ARG A 68 -13.32 -7.84 3.40
N TRP A 69 -12.85 -7.59 2.18
CA TRP A 69 -12.55 -6.25 1.70
C TRP A 69 -13.80 -5.39 1.74
N GLY A 70 -14.91 -5.95 1.27
CA GLY A 70 -16.17 -5.23 1.28
C GLY A 70 -16.77 -5.14 2.68
N SER A 71 -16.13 -5.78 3.63
CA SER A 71 -16.58 -5.76 5.02
C SER A 71 -15.90 -4.61 5.78
N VAL A 72 -14.82 -4.10 5.22
CA VAL A 72 -14.10 -2.97 5.82
C VAL A 72 -15.01 -1.76 5.92
N GLY A 73 -15.02 -1.14 7.10
CA GLY A 73 -15.79 0.08 7.26
C GLY A 73 -15.27 1.15 6.35
N LYS A 74 -16.12 1.59 5.42
CA LYS A 74 -15.69 2.53 4.38
C LYS A 74 -15.25 3.85 4.99
N LYS A 75 -15.74 4.16 6.17
CA LYS A 75 -15.26 5.31 6.92
C LYS A 75 -13.81 5.09 7.32
N GLU A 76 -13.54 3.93 7.92
CA GLU A 76 -12.19 3.57 8.32
C GLU A 76 -11.30 3.46 7.09
N ALA A 77 -11.86 2.91 6.00
CA ALA A 77 -11.14 2.79 4.74
C ALA A 77 -10.65 4.16 4.28
N MET A 78 -11.52 5.17 4.37
CA MET A 78 -11.15 6.53 4.00
C MET A 78 -10.00 7.04 4.86
N GLU A 79 -10.06 6.70 6.15
CA GLU A 79 -9.01 7.10 7.08
C GLU A 79 -7.70 6.37 6.77
N ILE A 80 -7.82 5.06 6.54
CA ILE A 80 -6.66 4.23 6.21
C ILE A 80 -5.99 4.71 4.93
N ILE A 81 -6.78 4.89 3.87
CA ILE A 81 -6.25 5.34 2.59
C ILE A 81 -5.64 6.73 2.71
N LYS A 82 -6.24 7.57 3.53
CA LYS A 82 -5.75 8.92 3.77
C LYS A 82 -4.35 8.89 4.40
N LYS A 83 -4.21 8.12 5.48
CA LYS A 83 -2.92 8.00 6.15
C LYS A 83 -1.95 7.16 5.32
N PHE A 84 -2.51 6.29 4.49
CA PHE A 84 -1.71 5.45 3.60
C PHE A 84 -0.95 6.34 2.62
N LYS A 85 -1.69 7.21 1.94
CA LYS A 85 -1.08 8.14 0.99
C LYS A 85 -0.10 9.07 1.68
N LYS A 86 -0.44 9.44 2.92
CA LYS A 86 0.45 10.27 3.74
C LYS A 86 1.81 9.60 3.92
N ASP A 87 1.79 8.34 4.34
CA ASP A 87 3.01 7.60 4.58
C ASP A 87 3.73 7.27 3.28
N LEU A 88 2.98 7.07 2.21
CA LEU A 88 3.57 6.85 0.89
C LEU A 88 4.39 8.06 0.47
N ALA A 89 3.86 9.25 0.76
CA ALA A 89 4.57 10.49 0.47
C ALA A 89 5.87 10.57 1.26
N ALA A 90 5.80 10.15 2.52
CA ALA A 90 6.98 10.08 3.37
C ALA A 90 7.98 9.08 2.82
N MET A 91 7.49 7.89 2.47
CA MET A 91 8.34 6.84 1.92
C MET A 91 9.07 7.33 0.68
N LEU A 92 8.30 7.90 -0.25
CA LEU A 92 8.85 8.47 -1.48
C LEU A 92 9.92 9.50 -1.16
N ARG A 93 9.62 10.36 -0.19
CA ARG A 93 10.54 11.39 0.25
C ARG A 93 11.83 10.78 0.80
N ILE A 94 11.70 9.66 1.50
CA ILE A 94 12.86 8.99 2.07
C ILE A 94 13.67 8.27 0.99
N ILE A 95 13.00 7.73 -0.03
CA ILE A 95 13.71 7.12 -1.15
C ILE A 95 14.69 8.13 -1.74
N ASN A 96 14.20 9.34 -1.94
CA ASN A 96 15.05 10.44 -2.40
C ASN A 96 16.16 10.71 -1.40
N ALA A 97 15.83 10.70 -0.12
CA ALA A 97 16.78 11.01 0.95
C ALA A 97 17.85 9.93 1.11
N ARG A 98 17.60 8.76 0.53
CA ARG A 98 18.56 7.66 0.58
C ARG A 98 19.82 8.00 -0.22
N LYS A 99 19.68 8.86 -1.21
CA LYS A 99 20.80 9.22 -2.07
C LYS A 99 20.99 10.74 -2.13
N GLU A 100 19.88 11.46 -1.99
CA GLU A 100 19.86 12.92 -1.89
C GLU A 100 20.32 13.62 -3.17
N LYS A 101 20.20 12.94 -4.31
CA LYS A 101 20.46 13.57 -5.59
C LYS A 101 19.37 14.59 -5.90
N LYS A 102 18.13 14.13 -5.85
CA LYS A 102 16.96 14.96 -6.15
C LYS A 102 17.00 15.44 -7.60
N ARG A 103 16.07 16.31 -7.95
CA ARG A 103 16.10 16.95 -9.25
C ARG A 103 16.33 18.45 -9.07
N ARG A 104 15.46 19.07 -8.30
CA ARG A 104 15.62 20.46 -7.92
C ARG A 104 15.36 20.62 -6.43
N ALA B 35 7.94 -12.80 -12.45
CA ALA B 35 6.94 -12.69 -11.37
C ALA B 35 7.60 -12.99 -10.02
N GLY B 36 7.68 -11.98 -9.16
CA GLY B 36 8.32 -12.14 -7.88
C GLY B 36 7.58 -13.09 -6.98
N LEU B 37 6.29 -13.23 -7.22
CA LEU B 37 5.44 -14.13 -6.43
C LEU B 37 5.80 -15.59 -6.71
N LEU B 38 6.39 -15.85 -7.88
CA LEU B 38 6.70 -17.20 -8.29
C LEU B 38 8.17 -17.53 -8.06
N LEU B 39 9.04 -16.55 -8.30
CA LEU B 39 10.48 -16.77 -8.20
C LEU B 39 11.01 -16.43 -6.81
N GLY B 40 10.28 -15.60 -6.09
CA GLY B 40 10.74 -15.15 -4.78
C GLY B 40 11.58 -13.90 -4.88
N HIS B 41 11.88 -13.50 -6.11
CA HIS B 41 12.65 -12.31 -6.38
C HIS B 41 11.74 -11.16 -6.74
N GLY B 42 11.51 -10.27 -5.78
CA GLY B 42 10.62 -9.15 -6.01
C GLY B 42 11.35 -7.96 -6.60
N PRO B 43 10.89 -7.45 -7.76
CA PRO B 43 11.46 -6.24 -8.35
C PRO B 43 11.21 -5.03 -7.48
N ILE B 44 11.80 -3.89 -7.81
CA ILE B 44 11.66 -2.68 -7.00
C ILE B 44 10.20 -2.33 -6.74
N ARG B 45 9.35 -2.63 -7.74
CA ARG B 45 7.91 -2.41 -7.63
C ARG B 45 7.32 -3.19 -6.45
N MET B 46 7.69 -4.46 -6.35
CA MET B 46 7.17 -5.32 -5.29
C MET B 46 7.86 -5.03 -3.96
N VAL B 47 9.05 -4.45 -4.02
CA VAL B 47 9.76 -4.05 -2.82
C VAL B 47 8.96 -2.96 -2.09
N LEU B 48 8.42 -2.02 -2.85
CA LEU B 48 7.56 -0.99 -2.28
C LEU B 48 6.21 -1.59 -1.88
N ALA B 49 5.75 -2.58 -2.64
CA ALA B 49 4.52 -3.27 -2.35
C ALA B 49 4.59 -3.99 -1.00
N ILE B 50 5.66 -4.76 -0.79
CA ILE B 50 5.84 -5.50 0.44
C ILE B 50 6.21 -4.56 1.58
N LEU B 51 6.82 -3.42 1.24
CA LEU B 51 7.15 -2.40 2.22
C LEU B 51 5.89 -1.91 2.90
N ALA B 52 4.95 -1.39 2.10
CA ALA B 52 3.69 -0.90 2.62
C ALA B 52 2.99 -1.96 3.43
N PHE B 53 3.01 -3.19 2.90
CA PHE B 53 2.47 -4.33 3.61
C PHE B 53 3.06 -4.41 5.01
N LEU B 54 4.38 -4.53 5.08
CA LEU B 54 5.08 -4.72 6.36
C LEU B 54 5.07 -3.45 7.21
N ARG B 55 4.58 -2.34 6.67
CA ARG B 55 4.50 -1.10 7.43
C ARG B 55 3.12 -0.87 8.00
N PHE B 56 2.10 -1.33 7.30
CA PHE B 56 0.74 -1.19 7.77
C PHE B 56 0.26 -2.45 8.48
N THR B 57 1.09 -3.49 8.45
CA THR B 57 0.82 -4.69 9.22
C THR B 57 1.65 -4.73 10.49
N ALA B 58 2.86 -4.17 10.41
CA ALA B 58 3.78 -4.19 11.53
C ALA B 58 4.67 -2.95 11.52
N ILE B 59 5.58 -2.86 12.49
CA ILE B 59 6.48 -1.73 12.59
C ILE B 59 7.91 -2.16 12.30
N LYS B 60 8.54 -1.50 11.32
CA LYS B 60 9.90 -1.82 10.88
C LYS B 60 9.96 -3.22 10.29
N PRO B 61 9.95 -3.30 8.95
CA PRO B 61 9.97 -4.58 8.22
C PRO B 61 11.24 -5.38 8.51
N SER B 62 12.36 -4.86 8.05
CA SER B 62 13.66 -5.49 8.24
C SER B 62 14.73 -4.62 7.58
N LEU B 63 15.94 -4.68 8.11
CA LEU B 63 17.03 -3.89 7.58
C LEU B 63 17.43 -4.35 6.19
N GLY B 64 17.08 -5.58 5.86
CA GLY B 64 17.33 -6.10 4.53
C GLY B 64 16.41 -5.50 3.49
N LEU B 65 15.12 -5.42 3.81
CA LEU B 65 14.14 -4.81 2.91
C LEU B 65 14.40 -3.32 2.78
N ILE B 66 14.73 -2.69 3.90
CA ILE B 66 15.02 -1.26 3.91
C ILE B 66 16.30 -0.96 3.12
N ASN B 67 17.22 -1.91 3.12
CA ASN B 67 18.45 -1.80 2.33
C ASN B 67 18.10 -1.76 0.85
N ARG B 68 17.21 -2.66 0.43
CA ARG B 68 16.84 -2.75 -0.98
C ARG B 68 15.87 -1.61 -1.32
N TRP B 69 15.21 -1.11 -0.29
CA TRP B 69 14.29 0.01 -0.41
C TRP B 69 15.01 1.24 -0.95
N GLY B 70 16.20 1.49 -0.40
CA GLY B 70 16.99 2.62 -0.86
C GLY B 70 17.63 2.37 -2.21
N SER B 71 17.46 1.16 -2.74
CA SER B 71 18.00 0.79 -4.03
C SER B 71 16.97 1.06 -5.13
N VAL B 72 15.71 1.21 -4.73
CA VAL B 72 14.64 1.51 -5.67
C VAL B 72 14.91 2.82 -6.39
N GLY B 73 14.78 2.82 -7.71
CA GLY B 73 14.93 4.03 -8.46
C GLY B 73 13.89 5.05 -8.05
N LYS B 74 14.34 6.16 -7.49
CA LYS B 74 13.43 7.14 -6.93
C LYS B 74 12.51 7.72 -7.99
N LYS B 75 12.93 7.68 -9.24
CA LYS B 75 12.07 8.04 -10.34
C LYS B 75 10.92 7.04 -10.45
N GLU B 76 11.27 5.76 -10.46
CA GLU B 76 10.28 4.69 -10.51
C GLU B 76 9.41 4.74 -9.27
N ALA B 77 10.03 5.03 -8.13
CA ALA B 77 9.30 5.15 -6.87
C ALA B 77 8.20 6.20 -6.98
N MET B 78 8.53 7.34 -7.61
CA MET B 78 7.56 8.41 -7.82
C MET B 78 6.41 7.91 -8.68
N GLU B 79 6.74 7.14 -9.70
CA GLU B 79 5.73 6.56 -10.59
C GLU B 79 4.87 5.54 -9.85
N ILE B 80 5.53 4.67 -9.10
CA ILE B 80 4.85 3.64 -8.32
C ILE B 80 3.90 4.27 -7.30
N ILE B 81 4.40 5.22 -6.52
CA ILE B 81 3.59 5.88 -5.51
C ILE B 81 2.43 6.65 -6.15
N LYS B 82 2.69 7.22 -7.32
CA LYS B 82 1.68 7.95 -8.05
C LYS B 82 0.52 7.03 -8.45
N LYS B 83 0.85 5.90 -9.06
CA LYS B 83 -0.17 4.94 -9.49
C LYS B 83 -0.74 4.20 -8.28
N PHE B 84 0.05 4.12 -7.21
CA PHE B 84 -0.37 3.50 -5.97
C PHE B 84 -1.55 4.27 -5.39
N LYS B 85 -1.37 5.57 -5.23
CA LYS B 85 -2.41 6.44 -4.71
C LYS B 85 -3.63 6.43 -5.63
N LYS B 86 -3.38 6.34 -6.93
CA LYS B 86 -4.44 6.23 -7.93
C LYS B 86 -5.31 5.02 -7.65
N ASP B 87 -4.69 3.87 -7.49
CA ASP B 87 -5.42 2.63 -7.26
C ASP B 87 -6.05 2.62 -5.88
N LEU B 88 -5.41 3.26 -4.91
CA LEU B 88 -5.99 3.39 -3.58
C LEU B 88 -7.30 4.14 -3.63
N ALA B 89 -7.34 5.18 -4.45
CA ALA B 89 -8.54 5.97 -4.65
C ALA B 89 -9.64 5.10 -5.25
N ALA B 90 -9.27 4.26 -6.21
CA ALA B 90 -10.19 3.32 -6.83
C ALA B 90 -10.68 2.31 -5.78
N MET B 91 -9.76 1.75 -5.01
CA MET B 91 -10.09 0.78 -3.98
C MET B 91 -11.10 1.38 -2.99
N LEU B 92 -10.77 2.57 -2.49
CA LEU B 92 -11.65 3.30 -1.58
C LEU B 92 -13.04 3.49 -2.19
N ARG B 93 -13.04 3.89 -3.45
CA ARG B 93 -14.27 4.09 -4.20
C ARG B 93 -15.08 2.80 -4.29
N ILE B 94 -14.39 1.67 -4.44
CA ILE B 94 -15.06 0.39 -4.55
C ILE B 94 -15.57 -0.08 -3.19
N ILE B 95 -14.83 0.23 -2.11
CA ILE B 95 -15.31 -0.09 -0.76
C ILE B 95 -16.70 0.52 -0.56
N ASN B 96 -16.84 1.78 -0.96
CA ASN B 96 -18.12 2.46 -0.93
C ASN B 96 -19.14 1.73 -1.81
N ALA B 97 -18.69 1.32 -3.00
CA ALA B 97 -19.57 0.69 -3.98
C ALA B 97 -20.01 -0.71 -3.54
N ARG B 98 -19.33 -1.26 -2.55
CA ARG B 98 -19.67 -2.58 -2.02
C ARG B 98 -21.03 -2.54 -1.31
N LYS B 99 -21.40 -1.36 -0.81
CA LYS B 99 -22.65 -1.22 -0.07
C LYS B 99 -23.51 -0.09 -0.66
N GLU B 100 -22.83 0.91 -1.21
CA GLU B 100 -23.45 2.02 -1.92
C GLU B 100 -24.31 2.90 -1.03
N LYS B 101 -24.02 2.91 0.26
CA LYS B 101 -24.68 3.85 1.17
C LYS B 101 -24.21 5.27 0.87
N LYS B 102 -22.89 5.45 0.92
CA LYS B 102 -22.26 6.75 0.70
C LYS B 102 -22.66 7.74 1.79
N ARG B 103 -22.28 8.98 1.63
CA ARG B 103 -22.72 10.03 2.53
C ARG B 103 -23.59 11.01 1.75
N ARG B 104 -23.00 11.56 0.70
CA ARG B 104 -23.74 12.42 -0.22
C ARG B 104 -23.42 12.01 -1.66
N ALA A 35 -11.06 8.46 -13.53
CA ALA A 35 -9.74 9.00 -13.15
C ALA A 35 -9.71 9.34 -11.66
N GLY A 36 -9.30 8.38 -10.84
CA GLY A 36 -9.30 8.56 -9.40
C GLY A 36 -8.36 9.64 -8.94
N LEU A 37 -7.28 9.84 -9.66
CA LEU A 37 -6.27 10.85 -9.29
C LEU A 37 -6.78 12.26 -9.56
N LEU A 38 -7.83 12.38 -10.35
CA LEU A 38 -8.37 13.68 -10.71
C LEU A 38 -9.67 13.97 -9.96
N LEU A 39 -10.57 12.99 -9.94
CA LEU A 39 -11.88 13.19 -9.34
C LEU A 39 -11.89 12.81 -7.87
N GLY A 40 -10.86 12.11 -7.43
CA GLY A 40 -10.82 11.63 -6.06
C GLY A 40 -11.75 10.46 -5.86
N HIS A 41 -12.24 9.92 -6.97
CA HIS A 41 -13.18 8.81 -6.95
C HIS A 41 -12.66 7.70 -7.85
N GLY A 42 -12.06 6.69 -7.26
CA GLY A 42 -11.50 5.61 -8.05
C GLY A 42 -12.22 4.29 -7.82
N PRO A 43 -11.96 3.29 -8.68
CA PRO A 43 -12.54 1.96 -8.53
C PRO A 43 -12.05 1.25 -7.27
N ILE A 44 -12.61 0.07 -6.98
CA ILE A 44 -12.32 -0.63 -5.74
C ILE A 44 -10.82 -0.82 -5.49
N ARG A 45 -10.07 -1.11 -6.55
CA ARG A 45 -8.63 -1.30 -6.45
C ARG A 45 -7.95 -0.03 -5.95
N MET A 46 -8.33 1.10 -6.55
CA MET A 46 -7.82 2.41 -6.12
C MET A 46 -8.16 2.67 -4.67
N VAL A 47 -9.35 2.23 -4.26
CA VAL A 47 -9.81 2.45 -2.89
C VAL A 47 -8.87 1.80 -1.88
N LEU A 48 -8.47 0.56 -2.15
CA LEU A 48 -7.55 -0.14 -1.26
C LEU A 48 -6.18 0.53 -1.27
N ALA A 49 -5.81 1.11 -2.41
CA ALA A 49 -4.56 1.85 -2.51
C ALA A 49 -4.63 3.15 -1.70
N ILE A 50 -5.72 3.89 -1.88
CA ILE A 50 -5.94 5.13 -1.13
C ILE A 50 -6.08 4.81 0.36
N LEU A 51 -6.66 3.66 0.65
CA LEU A 51 -6.78 3.17 2.02
C LEU A 51 -5.40 3.09 2.66
N ALA A 52 -4.52 2.31 2.05
CA ALA A 52 -3.17 2.13 2.56
C ALA A 52 -2.45 3.47 2.67
N PHE A 53 -2.63 4.30 1.65
CA PHE A 53 -2.10 5.66 1.65
C PHE A 53 -2.51 6.38 2.93
N LEU A 54 -3.80 6.52 3.14
CA LEU A 54 -4.34 7.26 4.28
C LEU A 54 -4.01 6.58 5.61
N ARG A 55 -3.59 5.32 5.57
CA ARG A 55 -3.21 4.60 6.78
C ARG A 55 -1.78 4.91 7.19
N PHE A 56 -0.87 4.81 6.24
CA PHE A 56 0.55 4.93 6.53
C PHE A 56 1.03 6.36 6.42
N THR A 57 0.22 7.22 5.82
CA THR A 57 0.56 8.64 5.75
C THR A 57 -0.17 9.43 6.83
N ALA A 58 -1.47 9.18 6.94
CA ALA A 58 -2.33 9.97 7.79
C ALA A 58 -2.96 9.11 8.88
N ILE A 59 -3.78 9.75 9.70
CA ILE A 59 -4.51 9.06 10.75
C ILE A 59 -6.00 9.26 10.54
N LYS A 60 -6.73 8.14 10.45
CA LYS A 60 -8.18 8.14 10.22
C LYS A 60 -8.49 8.53 8.77
N PRO A 61 -8.70 7.53 7.90
CA PRO A 61 -9.10 7.75 6.51
C PRO A 61 -10.54 8.25 6.42
N SER A 62 -10.80 9.13 5.45
CA SER A 62 -12.12 9.69 5.24
C SER A 62 -13.15 8.59 5.01
N LEU A 63 -14.33 8.79 5.61
CA LEU A 63 -15.38 7.77 5.63
C LEU A 63 -15.94 7.49 4.24
N GLY A 64 -15.68 8.39 3.30
CA GLY A 64 -16.08 8.14 1.92
C GLY A 64 -15.33 6.97 1.34
N LEU A 65 -14.02 6.97 1.51
CA LEU A 65 -13.18 5.87 1.06
C LEU A 65 -13.55 4.61 1.83
N ILE A 66 -13.79 4.77 3.13
CA ILE A 66 -14.19 3.66 3.98
C ILE A 66 -15.53 3.06 3.55
N ASN A 67 -16.41 3.93 3.07
CA ASN A 67 -17.72 3.51 2.59
C ASN A 67 -17.59 2.61 1.37
N ARG A 68 -16.68 2.97 0.47
CA ARG A 68 -16.46 2.17 -0.73
C ARG A 68 -15.55 0.98 -0.41
N TRP A 69 -14.76 1.14 0.63
CA TRP A 69 -13.89 0.09 1.15
C TRP A 69 -14.72 -1.15 1.51
N GLY A 70 -15.78 -0.93 2.28
CA GLY A 70 -16.66 -2.03 2.66
C GLY A 70 -17.56 -2.46 1.52
N SER A 71 -17.44 -1.80 0.38
CA SER A 71 -18.23 -2.14 -0.79
C SER A 71 -17.44 -3.07 -1.71
N VAL A 72 -16.16 -3.22 -1.41
CA VAL A 72 -15.30 -4.12 -2.16
C VAL A 72 -15.62 -5.58 -1.80
N GLY A 73 -15.62 -6.46 -2.79
CA GLY A 73 -15.86 -7.85 -2.52
C GLY A 73 -14.71 -8.45 -1.76
N LYS A 74 -15.03 -9.27 -0.77
CA LYS A 74 -14.01 -9.85 0.11
C LYS A 74 -13.04 -10.67 -0.69
N LYS A 75 -13.56 -11.45 -1.62
CA LYS A 75 -12.75 -12.27 -2.52
C LYS A 75 -11.87 -11.39 -3.39
N GLU A 76 -12.46 -10.34 -3.94
CA GLU A 76 -11.76 -9.42 -4.81
C GLU A 76 -10.63 -8.74 -4.04
N ALA A 77 -10.94 -8.29 -2.83
CA ALA A 77 -9.96 -7.66 -1.96
C ALA A 77 -8.81 -8.61 -1.66
N MET A 78 -9.15 -9.88 -1.41
CA MET A 78 -8.15 -10.91 -1.16
C MET A 78 -7.15 -10.99 -2.30
N GLU A 79 -7.65 -10.90 -3.53
CA GLU A 79 -6.82 -10.97 -4.71
C GLU A 79 -6.02 -9.68 -4.90
N ILE A 80 -6.66 -8.55 -4.60
CA ILE A 80 -6.00 -7.26 -4.71
C ILE A 80 -4.86 -7.15 -3.69
N ILE A 81 -5.16 -7.50 -2.45
CA ILE A 81 -4.16 -7.46 -1.38
C ILE A 81 -3.03 -8.44 -1.66
N LYS A 82 -3.36 -9.57 -2.28
CA LYS A 82 -2.36 -10.54 -2.69
C LYS A 82 -1.36 -9.90 -3.66
N LYS A 83 -1.89 -9.23 -4.67
CA LYS A 83 -1.06 -8.54 -5.65
C LYS A 83 -0.34 -7.37 -4.98
N PHE A 84 -1.04 -6.73 -4.05
CA PHE A 84 -0.50 -5.59 -3.32
C PHE A 84 0.77 -5.98 -2.57
N LYS A 85 0.67 -7.03 -1.75
CA LYS A 85 1.80 -7.50 -0.96
C LYS A 85 2.97 -7.89 -1.86
N LYS A 86 2.66 -8.62 -2.93
CA LYS A 86 3.69 -9.09 -3.84
C LYS A 86 4.38 -7.95 -4.57
N ASP A 87 3.61 -6.92 -4.90
CA ASP A 87 4.15 -5.75 -5.60
C ASP A 87 5.06 -4.98 -4.64
N LEU A 88 4.64 -4.90 -3.38
CA LEU A 88 5.46 -4.30 -2.34
C LEU A 88 6.77 -5.04 -2.21
N ALA A 89 6.69 -6.37 -2.19
CA ALA A 89 7.87 -7.22 -2.06
C ALA A 89 8.83 -7.03 -3.23
N ALA A 90 8.27 -6.82 -4.41
CA ALA A 90 9.07 -6.58 -5.60
C ALA A 90 9.80 -5.26 -5.51
N MET A 91 9.06 -4.21 -5.19
CA MET A 91 9.64 -2.87 -5.05
C MET A 91 10.61 -2.82 -3.88
N LEU A 92 10.30 -3.57 -2.83
CA LEU A 92 11.17 -3.73 -1.68
C LEU A 92 12.53 -4.25 -2.13
N ARG A 93 12.50 -5.26 -2.99
CA ARG A 93 13.71 -5.84 -3.51
C ARG A 93 14.47 -4.81 -4.37
N ILE A 94 13.73 -3.93 -5.04
CA ILE A 94 14.37 -2.89 -5.83
C ILE A 94 15.04 -1.85 -4.92
N ILE A 95 14.49 -1.68 -3.71
CA ILE A 95 15.15 -0.87 -2.69
C ILE A 95 16.54 -1.43 -2.42
N ASN A 96 16.59 -2.74 -2.24
CA ASN A 96 17.85 -3.45 -2.03
C ASN A 96 18.71 -3.39 -3.29
N ALA A 97 18.04 -3.44 -4.44
CA ALA A 97 18.72 -3.42 -5.73
C ALA A 97 19.31 -2.05 -6.05
N ARG A 98 19.02 -1.06 -5.22
CA ARG A 98 19.57 0.28 -5.41
C ARG A 98 21.07 0.29 -5.19
N LYS A 99 21.56 -0.73 -4.48
CA LYS A 99 22.97 -0.85 -4.19
C LYS A 99 23.71 -1.49 -5.36
N GLU A 100 23.21 -2.63 -5.79
CA GLU A 100 23.92 -3.46 -6.74
C GLU A 100 23.01 -4.54 -7.32
N LYS A 101 22.25 -5.19 -6.45
CA LYS A 101 21.45 -6.36 -6.82
C LYS A 101 22.36 -7.51 -7.22
N LYS A 102 22.59 -8.42 -6.30
CA LYS A 102 23.50 -9.55 -6.53
C LYS A 102 22.81 -10.66 -7.32
N ARG A 103 22.07 -10.26 -8.35
CA ARG A 103 21.34 -11.15 -9.29
C ARG A 103 20.53 -12.25 -8.59
N ARG A 104 19.99 -13.16 -9.40
CA ARG A 104 19.24 -14.32 -8.93
C ARG A 104 18.04 -13.89 -8.08
N ALA B 35 4.68 17.28 7.84
CA ALA B 35 3.30 16.95 7.41
C ALA B 35 3.26 16.60 5.93
N GLY B 36 3.42 15.32 5.63
CA GLY B 36 3.49 14.87 4.25
C GLY B 36 2.20 15.12 3.48
N LEU B 37 1.08 15.10 4.17
CA LEU B 37 -0.22 15.29 3.52
C LEU B 37 -0.43 16.75 3.13
N LEU B 38 0.37 17.64 3.69
CA LEU B 38 0.24 19.07 3.42
C LEU B 38 1.34 19.56 2.50
N LEU B 39 2.58 19.18 2.79
CA LEU B 39 3.72 19.68 2.03
C LEU B 39 4.03 18.78 0.84
N GLY B 40 3.48 17.58 0.86
CA GLY B 40 3.79 16.60 -0.18
C GLY B 40 5.17 16.01 0.01
N HIS B 41 5.73 16.26 1.19
CA HIS B 41 7.07 15.79 1.53
C HIS B 41 7.02 15.06 2.86
N GLY B 42 7.00 13.74 2.81
CA GLY B 42 6.89 12.96 4.01
C GLY B 42 8.13 12.13 4.28
N PRO B 43 8.27 11.58 5.50
CA PRO B 43 9.40 10.72 5.85
C PRO B 43 9.41 9.41 5.06
N ILE B 44 10.46 8.61 5.23
CA ILE B 44 10.64 7.41 4.41
C ILE B 44 9.42 6.48 4.43
N ARG B 45 8.77 6.36 5.59
CA ARG B 45 7.58 5.52 5.71
C ARG B 45 6.46 6.03 4.82
N MET B 46 6.24 7.34 4.84
CA MET B 46 5.25 7.97 3.98
C MET B 46 5.58 7.74 2.51
N VAL B 47 6.87 7.74 2.19
CA VAL B 47 7.33 7.56 0.82
C VAL B 47 6.88 6.21 0.28
N LEU B 48 7.06 5.16 1.07
CA LEU B 48 6.64 3.82 0.66
C LEU B 48 5.12 3.75 0.53
N ALA B 49 4.41 4.51 1.35
CA ALA B 49 2.96 4.59 1.27
C ALA B 49 2.53 5.31 0.00
N ILE B 50 3.15 6.46 -0.26
CA ILE B 50 2.86 7.23 -1.47
C ILE B 50 3.27 6.44 -2.71
N LEU B 51 4.34 5.65 -2.56
CA LEU B 51 4.80 4.76 -3.60
C LEU B 51 3.68 3.81 -4.01
N ALA B 52 3.18 3.04 -3.05
CA ALA B 52 2.11 2.09 -3.30
C ALA B 52 0.89 2.80 -3.87
N PHE B 53 0.58 3.96 -3.31
CA PHE B 53 -0.50 4.80 -3.80
C PHE B 53 -0.34 5.03 -5.30
N LEU B 54 0.78 5.63 -5.69
CA LEU B 54 1.05 5.98 -7.08
C LEU B 54 1.19 4.74 -7.98
N ARG B 55 1.38 3.57 -7.38
CA ARG B 55 1.48 2.34 -8.14
C ARG B 55 0.10 1.78 -8.49
N PHE B 56 -0.74 1.68 -7.48
CA PHE B 56 -2.03 1.02 -7.65
C PHE B 56 -3.11 1.99 -8.09
N THR B 57 -2.83 3.28 -7.99
CA THR B 57 -3.78 4.28 -8.46
C THR B 57 -3.37 4.79 -9.84
N ALA B 58 -2.10 5.14 -9.98
CA ALA B 58 -1.61 5.79 -11.17
C ALA B 58 -0.55 4.94 -11.88
N ILE B 59 -0.02 5.47 -12.96
CA ILE B 59 1.04 4.81 -13.70
C ILE B 59 2.26 5.72 -13.74
N LYS B 60 3.40 5.20 -13.28
CA LYS B 60 4.67 5.95 -13.21
C LYS B 60 4.61 6.99 -12.10
N PRO B 61 5.16 6.64 -10.92
CA PRO B 61 5.29 7.57 -9.79
C PRO B 61 6.32 8.66 -10.08
N SER B 62 6.06 9.86 -9.57
CA SER B 62 6.96 10.98 -9.76
C SER B 62 8.35 10.68 -9.20
N LEU B 63 9.37 11.10 -9.95
CA LEU B 63 10.75 10.75 -9.66
C LEU B 63 11.24 11.36 -8.34
N GLY B 64 10.51 12.35 -7.83
CA GLY B 64 10.84 12.90 -6.52
C GLY B 64 10.64 11.86 -5.43
N LEU B 65 9.49 11.21 -5.46
CA LEU B 65 9.20 10.14 -4.52
C LEU B 65 10.15 8.99 -4.72
N ILE B 66 10.44 8.69 -5.99
CA ILE B 66 11.37 7.63 -6.35
C ILE B 66 12.78 7.94 -5.84
N ASN B 67 13.13 9.22 -5.86
CA ASN B 67 14.44 9.67 -5.39
C ASN B 67 14.60 9.39 -3.91
N ARG B 68 13.54 9.65 -3.15
CA ARG B 68 13.58 9.42 -1.70
C ARG B 68 13.34 7.94 -1.41
N TRP B 69 12.66 7.28 -2.34
CA TRP B 69 12.42 5.84 -2.28
C TRP B 69 13.74 5.08 -2.19
N GLY B 70 14.67 5.41 -3.08
CA GLY B 70 15.97 4.77 -3.05
C GLY B 70 16.85 5.29 -1.94
N SER B 71 16.33 6.24 -1.17
CA SER B 71 17.07 6.82 -0.05
C SER B 71 16.69 6.10 1.24
N VAL B 72 15.65 5.27 1.16
CA VAL B 72 15.21 4.48 2.30
C VAL B 72 16.18 3.32 2.53
N GLY B 73 16.48 3.04 3.79
CA GLY B 73 17.33 1.93 4.10
C GLY B 73 16.66 0.62 3.78
N LYS B 74 17.41 -0.29 3.18
CA LYS B 74 16.86 -1.56 2.73
C LYS B 74 16.28 -2.34 3.90
N LYS B 75 17.00 -2.34 5.02
CA LYS B 75 16.55 -2.97 6.25
C LYS B 75 15.28 -2.30 6.77
N GLU B 76 15.30 -0.98 6.77
CA GLU B 76 14.17 -0.20 7.25
C GLU B 76 12.93 -0.49 6.39
N ALA B 77 13.14 -0.48 5.08
CA ALA B 77 12.06 -0.78 4.13
C ALA B 77 11.50 -2.18 4.37
N MET B 78 12.39 -3.13 4.63
CA MET B 78 11.99 -4.50 4.94
C MET B 78 11.01 -4.53 6.10
N GLU B 79 11.30 -3.74 7.13
CA GLU B 79 10.47 -3.67 8.32
C GLU B 79 9.17 -2.94 8.04
N ILE B 80 9.26 -1.88 7.24
CA ILE B 80 8.09 -1.10 6.86
C ILE B 80 7.13 -1.93 6.02
N ILE B 81 7.67 -2.60 5.01
CA ILE B 81 6.88 -3.46 4.13
C ILE B 81 6.28 -4.62 4.91
N LYS B 82 7.02 -5.11 5.89
CA LYS B 82 6.53 -6.16 6.77
C LYS B 82 5.26 -5.71 7.48
N LYS B 83 5.32 -4.52 8.07
CA LYS B 83 4.17 -3.93 8.76
C LYS B 83 3.08 -3.59 7.74
N PHE B 84 3.51 -3.16 6.56
CA PHE B 84 2.60 -2.80 5.48
C PHE B 84 1.72 -3.98 5.10
N LYS B 85 2.35 -5.11 4.78
CA LYS B 85 1.64 -6.32 4.38
C LYS B 85 0.68 -6.77 5.48
N LYS B 86 1.17 -6.77 6.72
CA LYS B 86 0.38 -7.24 7.84
C LYS B 86 -0.82 -6.33 8.10
N ASP B 87 -0.63 -5.03 7.90
CA ASP B 87 -1.70 -4.07 8.10
C ASP B 87 -2.75 -4.25 7.01
N LEU B 88 -2.29 -4.52 5.80
CA LEU B 88 -3.17 -4.84 4.69
C LEU B 88 -4.00 -6.07 5.01
N ALA B 89 -3.34 -7.09 5.54
CA ALA B 89 -3.99 -8.35 5.89
C ALA B 89 -5.04 -8.14 6.96
N ALA B 90 -4.76 -7.23 7.89
CA ALA B 90 -5.69 -6.91 8.96
C ALA B 90 -6.93 -6.22 8.41
N MET B 91 -6.72 -5.19 7.60
CA MET B 91 -7.81 -4.45 7.00
C MET B 91 -8.58 -5.33 6.00
N LEU B 92 -7.85 -6.21 5.34
CA LEU B 92 -8.45 -7.20 4.45
C LEU B 92 -9.47 -8.04 5.21
N ARG B 93 -9.08 -8.47 6.41
CA ARG B 93 -9.95 -9.25 7.24
C ARG B 93 -11.16 -8.43 7.67
N ILE B 94 -10.98 -7.12 7.84
CA ILE B 94 -12.08 -6.25 8.20
C ILE B 94 -13.05 -6.10 7.01
N ILE B 95 -12.52 -6.22 5.80
CA ILE B 95 -13.36 -6.30 4.60
C ILE B 95 -14.32 -7.47 4.74
N ASN B 96 -13.76 -8.61 5.12
CA ASN B 96 -14.55 -9.82 5.35
C ASN B 96 -15.46 -9.63 6.55
N ALA B 97 -14.97 -8.90 7.55
CA ALA B 97 -15.70 -8.65 8.77
C ALA B 97 -16.88 -7.70 8.56
N ARG B 98 -16.97 -7.12 7.37
CA ARG B 98 -18.08 -6.23 7.05
C ARG B 98 -19.39 -6.99 7.00
N LYS B 99 -19.30 -8.30 6.83
CA LYS B 99 -20.48 -9.15 6.77
C LYS B 99 -20.96 -9.49 8.17
N GLU B 100 -20.05 -10.00 8.98
CA GLU B 100 -20.41 -10.59 10.25
C GLU B 100 -19.18 -10.80 11.13
N LYS B 101 -18.12 -11.35 10.53
CA LYS B 101 -16.92 -11.75 11.26
C LYS B 101 -17.27 -12.91 12.19
N LYS B 102 -16.96 -14.12 11.75
CA LYS B 102 -17.29 -15.32 12.51
C LYS B 102 -16.25 -15.57 13.62
N ARG B 103 -15.88 -14.49 14.32
CA ARG B 103 -14.94 -14.50 15.46
C ARG B 103 -13.65 -15.30 15.19
N ARG B 104 -12.85 -15.44 16.25
CA ARG B 104 -11.62 -16.23 16.21
C ARG B 104 -10.66 -15.72 15.14
N ALA A 35 -13.18 2.62 -12.82
CA ALA A 35 -12.23 3.70 -13.18
C ALA A 35 -12.43 4.91 -12.27
N GLY A 36 -11.83 4.87 -11.09
CA GLY A 36 -12.04 5.90 -10.10
C GLY A 36 -11.65 7.28 -10.57
N LEU A 37 -10.56 7.36 -11.31
CA LEU A 37 -10.04 8.64 -11.78
C LEU A 37 -10.93 9.26 -12.85
N LEU A 38 -11.76 8.42 -13.48
CA LEU A 38 -12.62 8.89 -14.55
C LEU A 38 -14.01 9.22 -14.01
N LEU A 39 -14.46 8.45 -13.03
CA LEU A 39 -15.78 8.64 -12.46
C LEU A 39 -15.72 9.56 -11.24
N GLY A 40 -14.51 9.92 -10.83
CA GLY A 40 -14.34 10.82 -9.72
C GLY A 40 -14.64 10.17 -8.38
N HIS A 41 -14.33 8.88 -8.29
CA HIS A 41 -14.64 8.11 -7.10
C HIS A 41 -13.42 7.32 -6.67
N GLY A 42 -13.52 6.66 -5.52
CA GLY A 42 -12.46 5.79 -5.08
C GLY A 42 -12.98 4.39 -4.82
N PRO A 43 -12.97 3.52 -5.84
CA PRO A 43 -13.42 2.13 -5.70
C PRO A 43 -12.58 1.37 -4.68
N ILE A 44 -13.13 0.25 -4.21
CA ILE A 44 -12.59 -0.48 -3.07
C ILE A 44 -11.12 -0.88 -3.24
N ARG A 45 -10.67 -1.03 -4.49
CA ARG A 45 -9.25 -1.25 -4.77
C ARG A 45 -8.44 -0.05 -4.29
N MET A 46 -8.89 1.12 -4.69
CA MET A 46 -8.24 2.38 -4.34
C MET A 46 -8.43 2.70 -2.86
N VAL A 47 -9.54 2.25 -2.29
CA VAL A 47 -9.82 2.47 -0.87
C VAL A 47 -8.76 1.81 -0.01
N LEU A 48 -8.44 0.56 -0.32
CA LEU A 48 -7.40 -0.17 0.40
C LEU A 48 -6.02 0.43 0.11
N ALA A 49 -5.82 0.90 -1.12
CA ALA A 49 -4.56 1.50 -1.51
C ALA A 49 -4.32 2.81 -0.77
N ILE A 50 -5.32 3.69 -0.74
CA ILE A 50 -5.19 4.96 -0.06
C ILE A 50 -5.18 4.76 1.45
N LEU A 51 -5.78 3.67 1.90
CA LEU A 51 -5.76 3.33 3.31
C LEU A 51 -4.33 3.10 3.77
N ALA A 52 -3.64 2.18 3.08
CA ALA A 52 -2.25 1.89 3.39
C ALA A 52 -1.40 3.14 3.27
N PHE A 53 -1.73 3.97 2.28
CA PHE A 53 -1.09 5.27 2.12
C PHE A 53 -1.22 6.06 3.41
N LEU A 54 -2.44 6.24 3.88
CA LEU A 54 -2.70 7.00 5.11
C LEU A 54 -2.21 6.26 6.36
N ARG A 55 -1.83 5.00 6.20
CA ARG A 55 -1.28 4.22 7.32
C ARG A 55 0.21 4.47 7.48
N PHE A 56 0.90 4.62 6.36
CA PHE A 56 2.35 4.75 6.39
C PHE A 56 2.79 6.18 6.09
N THR A 57 1.87 7.02 5.63
CA THR A 57 2.19 8.42 5.39
C THR A 57 1.51 9.32 6.43
N ALA A 58 0.75 8.69 7.32
CA ALA A 58 0.01 9.41 8.33
C ALA A 58 -0.28 8.48 9.51
N ILE A 59 -0.92 9.02 10.54
CA ILE A 59 -1.25 8.23 11.72
C ILE A 59 -2.76 8.24 11.96
N LYS A 60 -3.49 8.20 10.85
CA LYS A 60 -4.95 8.14 10.86
C LYS A 60 -5.49 8.24 9.44
N PRO A 61 -6.20 7.21 8.97
CA PRO A 61 -6.95 7.29 7.73
C PRO A 61 -8.24 8.08 7.92
N SER A 62 -8.54 8.98 6.99
CA SER A 62 -9.74 9.80 7.07
C SER A 62 -11.00 8.93 7.07
N LEU A 63 -11.98 9.35 7.87
CA LEU A 63 -13.17 8.56 8.16
C LEU A 63 -13.94 8.18 6.90
N GLY A 64 -13.90 9.02 5.88
CA GLY A 64 -14.57 8.70 4.63
C GLY A 64 -14.05 7.40 4.06
N LEU A 65 -12.74 7.23 4.06
CA LEU A 65 -12.11 6.00 3.60
C LEU A 65 -12.47 4.86 4.53
N ILE A 66 -12.48 5.14 5.83
CA ILE A 66 -12.81 4.13 6.83
C ILE A 66 -14.24 3.63 6.66
N ASN A 67 -15.15 4.55 6.41
CA ASN A 67 -16.57 4.23 6.20
C ASN A 67 -16.75 3.31 5.00
N ARG A 68 -16.01 3.55 3.94
CA ARG A 68 -16.12 2.72 2.74
C ARG A 68 -15.25 1.46 2.89
N TRP A 69 -14.24 1.57 3.74
CA TRP A 69 -13.34 0.48 4.06
C TRP A 69 -14.12 -0.71 4.64
N GLY A 70 -15.01 -0.41 5.58
CA GLY A 70 -15.84 -1.44 6.17
C GLY A 70 -16.86 -1.99 5.20
N SER A 71 -17.02 -1.32 4.05
CA SER A 71 -17.96 -1.76 3.03
C SER A 71 -17.29 -2.77 2.11
N VAL A 72 -15.96 -2.76 2.10
CA VAL A 72 -15.20 -3.76 1.35
C VAL A 72 -15.43 -5.14 1.97
N GLY A 73 -15.66 -6.14 1.13
CA GLY A 73 -15.86 -7.48 1.63
C GLY A 73 -14.57 -8.17 1.95
N LYS A 74 -14.60 -9.10 2.90
CA LYS A 74 -13.39 -9.79 3.34
C LYS A 74 -12.78 -10.60 2.19
N LYS A 75 -13.61 -11.33 1.46
CA LYS A 75 -13.15 -12.13 0.34
C LYS A 75 -12.49 -11.25 -0.71
N GLU A 76 -13.17 -10.16 -1.04
CA GLU A 76 -12.67 -9.19 -1.99
C GLU A 76 -11.34 -8.61 -1.52
N ALA A 77 -11.32 -8.16 -0.27
CA ALA A 77 -10.13 -7.58 0.33
C ALA A 77 -8.98 -8.57 0.32
N MET A 78 -9.27 -9.84 0.63
CA MET A 78 -8.25 -10.88 0.62
C MET A 78 -7.54 -10.93 -0.72
N GLU A 79 -8.33 -10.95 -1.79
CA GLU A 79 -7.79 -11.03 -3.14
C GLU A 79 -6.97 -9.79 -3.47
N ILE A 80 -7.49 -8.63 -3.09
CA ILE A 80 -6.79 -7.36 -3.31
C ILE A 80 -5.48 -7.34 -2.55
N ILE A 81 -5.53 -7.74 -1.29
CA ILE A 81 -4.35 -7.76 -0.42
C ILE A 81 -3.30 -8.73 -0.96
N LYS A 82 -3.74 -9.87 -1.51
CA LYS A 82 -2.82 -10.83 -2.11
C LYS A 82 -2.08 -10.19 -3.28
N LYS A 83 -2.81 -9.45 -4.10
CA LYS A 83 -2.21 -8.77 -5.24
C LYS A 83 -1.34 -7.62 -4.77
N PHE A 84 -1.75 -7.01 -3.67
CA PHE A 84 -1.02 -5.90 -3.07
C PHE A 84 0.33 -6.38 -2.56
N LYS A 85 0.30 -7.45 -1.76
CA LYS A 85 1.53 -8.05 -1.24
C LYS A 85 2.43 -8.51 -2.38
N LYS A 86 1.81 -9.00 -3.45
CA LYS A 86 2.53 -9.46 -4.62
C LYS A 86 3.29 -8.31 -5.28
N ASP A 87 2.61 -7.18 -5.45
CA ASP A 87 3.21 -6.02 -6.09
C ASP A 87 4.31 -5.45 -5.21
N LEU A 88 4.10 -5.54 -3.89
CA LEU A 88 5.10 -5.13 -2.92
C LEU A 88 6.36 -5.98 -3.06
N ALA A 89 6.15 -7.30 -3.21
CA ALA A 89 7.25 -8.22 -3.39
C ALA A 89 7.99 -7.94 -4.69
N ALA A 90 7.23 -7.58 -5.72
CA ALA A 90 7.79 -7.25 -7.02
C ALA A 90 8.61 -5.96 -6.95
N MET A 91 8.01 -4.90 -6.41
CA MET A 91 8.69 -3.61 -6.32
C MET A 91 9.95 -3.72 -5.48
N LEU A 92 9.89 -4.52 -4.41
CA LEU A 92 11.05 -4.79 -3.57
C LEU A 92 12.15 -5.46 -4.40
N ARG A 93 11.74 -6.45 -5.16
CA ARG A 93 12.66 -7.16 -6.04
C ARG A 93 13.31 -6.19 -7.02
N ILE A 94 12.55 -5.21 -7.48
CA ILE A 94 13.07 -4.21 -8.40
C ILE A 94 13.95 -3.21 -7.66
N ILE A 95 13.70 -3.01 -6.35
CA ILE A 95 14.59 -2.19 -5.53
C ILE A 95 16.01 -2.76 -5.59
N ASN A 96 16.10 -4.08 -5.53
CA ASN A 96 17.38 -4.77 -5.70
C ASN A 96 17.90 -4.55 -7.11
N ALA A 97 17.02 -4.65 -8.10
CA ALA A 97 17.39 -4.45 -9.50
C ALA A 97 17.78 -3.00 -9.76
N ARG A 98 17.34 -2.10 -8.88
CA ARG A 98 17.73 -0.69 -8.94
C ARG A 98 18.90 -0.44 -8.00
N LYS A 99 19.72 -1.46 -7.83
CA LYS A 99 20.93 -1.34 -7.03
C LYS A 99 21.99 -2.24 -7.64
N GLU A 100 21.65 -3.52 -7.76
CA GLU A 100 22.52 -4.52 -8.38
C GLU A 100 23.86 -4.62 -7.66
N LYS A 101 23.86 -4.20 -6.39
CA LYS A 101 25.06 -4.18 -5.56
C LYS A 101 26.11 -3.20 -6.09
N LYS A 102 27.05 -2.85 -5.22
CA LYS A 102 28.18 -2.00 -5.58
C LYS A 102 27.72 -0.57 -5.81
N ARG A 103 26.82 -0.12 -4.96
CA ARG A 103 26.28 1.23 -5.07
C ARG A 103 27.20 2.24 -4.38
N ARG A 104 28.03 1.74 -3.48
CA ARG A 104 28.95 2.60 -2.75
C ARG A 104 30.40 2.24 -3.11
N ALA B 35 9.97 12.73 9.79
CA ALA B 35 8.62 13.33 9.79
C ALA B 35 8.36 14.07 8.48
N GLY B 36 7.94 13.33 7.46
CA GLY B 36 7.78 13.90 6.14
C GLY B 36 6.80 15.05 6.09
N LEU B 37 5.72 14.93 6.83
CA LEU B 37 4.66 15.95 6.83
C LEU B 37 5.11 17.23 7.52
N LEU B 38 6.14 17.13 8.34
CA LEU B 38 6.64 18.29 9.07
C LEU B 38 7.80 18.95 8.33
N LEU B 39 8.61 18.14 7.68
CA LEU B 39 9.77 18.65 6.95
C LEU B 39 9.43 18.93 5.49
N GLY B 40 8.23 18.54 5.09
CA GLY B 40 7.77 18.79 3.72
C GLY B 40 8.45 17.88 2.72
N HIS B 41 8.73 16.66 3.14
CA HIS B 41 9.44 15.70 2.31
C HIS B 41 8.72 14.36 2.32
N GLY B 42 9.18 13.43 1.51
CA GLY B 42 8.64 12.09 1.51
C GLY B 42 9.73 11.07 1.76
N PRO B 43 10.01 10.75 3.03
CA PRO B 43 11.01 9.74 3.38
C PRO B 43 10.67 8.37 2.81
N ILE B 44 11.68 7.51 2.74
CA ILE B 44 11.61 6.24 2.00
C ILE B 44 10.45 5.35 2.45
N ARG B 45 10.00 5.51 3.69
CA ARG B 45 8.79 4.83 4.16
C ARG B 45 7.59 5.29 3.34
N MET B 46 7.46 6.60 3.23
CA MET B 46 6.37 7.22 2.50
C MET B 46 6.53 7.00 0.99
N VAL B 47 7.77 6.89 0.54
CA VAL B 47 8.05 6.66 -0.88
C VAL B 47 7.45 5.33 -1.33
N LEU B 48 7.67 4.28 -0.53
CA LEU B 48 7.11 2.98 -0.84
C LEU B 48 5.59 2.99 -0.68
N ALA B 49 5.11 3.74 0.30
CA ALA B 49 3.68 3.85 0.54
C ALA B 49 2.97 4.55 -0.61
N ILE B 50 3.50 5.68 -1.05
CA ILE B 50 2.89 6.43 -2.14
C ILE B 50 3.11 5.69 -3.47
N LEU B 51 4.15 4.88 -3.53
CA LEU B 51 4.39 4.06 -4.70
C LEU B 51 3.25 3.08 -4.90
N ALA B 52 2.96 2.29 -3.87
CA ALA B 52 1.86 1.34 -3.91
C ALA B 52 0.54 2.06 -4.19
N PHE B 53 0.40 3.24 -3.62
CA PHE B 53 -0.73 4.10 -3.91
C PHE B 53 -0.86 4.32 -5.42
N LEU B 54 0.22 4.81 -6.02
CA LEU B 54 0.24 5.09 -7.46
C LEU B 54 0.22 3.80 -8.30
N ARG B 55 0.39 2.66 -7.64
CA ARG B 55 0.34 1.37 -8.32
C ARG B 55 -1.09 0.86 -8.43
N PHE B 56 -1.89 1.11 -7.39
CA PHE B 56 -3.25 0.60 -7.35
C PHE B 56 -4.28 1.70 -7.56
N THR B 57 -3.84 2.96 -7.53
CA THR B 57 -4.75 4.06 -7.81
C THR B 57 -4.43 4.68 -9.17
N ALA B 58 -3.41 4.16 -9.81
CA ALA B 58 -2.95 4.69 -11.10
C ALA B 58 -2.20 3.61 -11.86
N ILE B 59 -1.76 3.93 -13.07
CA ILE B 59 -1.03 2.98 -13.88
C ILE B 59 0.34 3.57 -14.26
N LYS B 60 0.93 4.24 -13.29
CA LYS B 60 2.27 4.82 -13.40
C LYS B 60 2.58 5.66 -12.17
N PRO B 61 3.63 5.29 -11.42
CA PRO B 61 4.16 6.16 -10.37
C PRO B 61 5.01 7.28 -10.97
N SER B 62 4.80 8.49 -10.46
CA SER B 62 5.54 9.65 -10.96
C SER B 62 7.04 9.48 -10.74
N LEU B 63 7.81 9.94 -11.72
CA LEU B 63 9.26 9.69 -11.80
C LEU B 63 9.99 10.17 -10.57
N GLY B 64 9.50 11.24 -9.94
CA GLY B 64 10.13 11.72 -8.73
C GLY B 64 10.18 10.65 -7.66
N LEU B 65 9.06 9.96 -7.49
CA LEU B 65 8.99 8.86 -6.53
C LEU B 65 9.88 7.72 -6.99
N ILE B 66 9.88 7.45 -8.29
CA ILE B 66 10.70 6.40 -8.88
C ILE B 66 12.19 6.66 -8.65
N ASN B 67 12.59 7.91 -8.85
CA ASN B 67 13.98 8.32 -8.67
C ASN B 67 14.44 8.11 -7.23
N ARG B 68 13.57 8.38 -6.27
CA ARG B 68 13.93 8.19 -4.86
C ARG B 68 13.69 6.74 -4.46
N TRP B 69 12.81 6.07 -5.19
CA TRP B 69 12.50 4.67 -4.99
C TRP B 69 13.75 3.81 -5.15
N GLY B 70 14.50 4.08 -6.21
CA GLY B 70 15.74 3.36 -6.44
C GLY B 70 16.82 3.71 -5.43
N SER B 71 16.59 4.76 -4.65
CA SER B 71 17.53 5.18 -3.62
C SER B 71 17.27 4.41 -2.33
N VAL B 72 16.07 3.86 -2.20
CA VAL B 72 15.75 3.00 -1.07
C VAL B 72 16.59 1.73 -1.14
N GLY B 73 17.16 1.32 -0.02
CA GLY B 73 17.97 0.12 0.01
C GLY B 73 17.10 -1.13 0.09
N LYS B 74 17.63 -2.23 -0.43
CA LYS B 74 16.86 -3.48 -0.47
C LYS B 74 16.57 -3.98 0.95
N LYS B 75 17.57 -3.94 1.82
CA LYS B 75 17.40 -4.37 3.20
C LYS B 75 16.34 -3.54 3.90
N GLU B 76 16.46 -2.23 3.73
CA GLU B 76 15.50 -1.29 4.29
C GLU B 76 14.10 -1.56 3.75
N ALA B 77 14.00 -1.67 2.42
CA ALA B 77 12.74 -1.92 1.76
C ALA B 77 12.12 -3.23 2.25
N MET B 78 12.95 -4.26 2.41
CA MET B 78 12.48 -5.55 2.91
C MET B 78 11.75 -5.38 4.23
N GLU B 79 12.37 -4.66 5.15
CA GLU B 79 11.80 -4.46 6.47
C GLU B 79 10.50 -3.65 6.39
N ILE B 80 10.51 -2.62 5.55
CA ILE B 80 9.32 -1.79 5.34
C ILE B 80 8.19 -2.64 4.75
N ILE B 81 8.52 -3.41 3.73
CA ILE B 81 7.55 -4.26 3.05
C ILE B 81 6.97 -5.31 4.01
N LYS B 82 7.80 -5.84 4.90
CA LYS B 82 7.34 -6.79 5.90
C LYS B 82 6.29 -6.15 6.80
N LYS B 83 6.56 -4.92 7.22
CA LYS B 83 5.63 -4.19 8.07
C LYS B 83 4.39 -3.79 7.28
N PHE B 84 4.61 -3.52 5.99
CA PHE B 84 3.53 -3.15 5.08
C PHE B 84 2.56 -4.32 4.92
N LYS B 85 3.10 -5.48 4.58
CA LYS B 85 2.31 -6.70 4.43
C LYS B 85 1.60 -7.03 5.74
N LYS B 86 2.27 -6.76 6.85
CA LYS B 86 1.71 -7.00 8.17
C LYS B 86 0.48 -6.13 8.41
N ASP B 87 0.60 -4.85 8.09
CA ASP B 87 -0.50 -3.91 8.30
C ASP B 87 -1.66 -4.25 7.36
N LEU B 88 -1.31 -4.73 6.17
CA LEU B 88 -2.31 -5.19 5.21
C LEU B 88 -3.08 -6.38 5.77
N ALA B 89 -2.35 -7.31 6.38
CA ALA B 89 -2.95 -8.48 6.99
C ALA B 89 -3.84 -8.07 8.16
N ALA B 90 -3.41 -7.06 8.90
CA ALA B 90 -4.17 -6.54 10.03
C ALA B 90 -5.44 -5.85 9.55
N MET B 91 -5.32 -4.94 8.60
CA MET B 91 -6.47 -4.19 8.10
C MET B 91 -7.49 -5.14 7.47
N LEU B 92 -7.00 -6.17 6.78
CA LEU B 92 -7.86 -7.20 6.22
C LEU B 92 -8.63 -7.91 7.32
N ARG B 93 -7.91 -8.27 8.37
CA ARG B 93 -8.50 -8.90 9.52
C ARG B 93 -9.59 -8.02 10.12
N ILE B 94 -9.36 -6.72 10.11
CA ILE B 94 -10.34 -5.78 10.63
C ILE B 94 -11.50 -5.60 9.65
N ILE B 95 -11.24 -5.83 8.35
CA ILE B 95 -12.32 -5.84 7.35
C ILE B 95 -13.36 -6.88 7.75
N ASN B 96 -12.87 -8.04 8.20
CA ASN B 96 -13.74 -9.08 8.73
C ASN B 96 -14.43 -8.60 10.00
N ALA B 97 -13.68 -7.93 10.87
CA ALA B 97 -14.22 -7.41 12.11
C ALA B 97 -15.22 -6.27 11.85
N ARG B 98 -15.13 -5.67 10.66
CA ARG B 98 -16.09 -4.66 10.22
C ARG B 98 -17.17 -5.31 9.38
N LYS B 99 -17.45 -6.57 9.66
CA LYS B 99 -18.52 -7.28 8.98
C LYS B 99 -19.15 -8.25 9.98
N GLU B 100 -18.30 -9.12 10.55
CA GLU B 100 -18.70 -10.08 11.57
C GLU B 100 -19.79 -11.01 11.06
N LYS B 101 -19.88 -11.12 9.74
CA LYS B 101 -20.89 -11.94 9.07
C LYS B 101 -22.30 -11.38 9.28
N LYS B 102 -23.22 -11.82 8.43
CA LYS B 102 -24.64 -11.47 8.54
C LYS B 102 -24.85 -10.01 8.18
N ARG B 103 -24.16 -9.57 7.14
CA ARG B 103 -24.26 -8.19 6.69
C ARG B 103 -25.46 -8.03 5.77
N ARG B 104 -25.92 -9.12 5.19
CA ARG B 104 -27.06 -9.09 4.29
C ARG B 104 -28.23 -9.85 4.89
N ALA A 35 -2.89 -13.13 16.94
CA ALA A 35 -1.93 -12.78 15.86
C ALA A 35 -2.61 -12.79 14.51
N GLY A 36 -3.07 -11.61 14.07
CA GLY A 36 -3.78 -11.50 12.82
C GLY A 36 -2.97 -11.93 11.62
N LEU A 37 -1.68 -11.63 11.67
CA LEU A 37 -0.78 -11.95 10.57
C LEU A 37 -0.51 -13.45 10.47
N LEU A 38 -0.75 -14.17 11.56
CA LEU A 38 -0.48 -15.59 11.59
C LEU A 38 -1.74 -16.40 11.26
N LEU A 39 -2.88 -15.94 11.76
CA LEU A 39 -4.13 -16.66 11.59
C LEU A 39 -4.87 -16.19 10.34
N GLY A 40 -4.39 -15.12 9.72
CA GLY A 40 -5.03 -14.61 8.52
C GLY A 40 -6.24 -13.76 8.84
N HIS A 41 -6.14 -12.98 9.90
CA HIS A 41 -7.23 -12.12 10.35
C HIS A 41 -6.80 -10.67 10.38
N GLY A 42 -6.82 -10.03 9.24
CA GLY A 42 -6.41 -8.64 9.16
C GLY A 42 -7.57 -7.68 9.36
N PRO A 43 -7.41 -6.68 10.23
CA PRO A 43 -8.43 -5.66 10.45
C PRO A 43 -8.61 -4.74 9.23
N ILE A 44 -9.64 -3.91 9.24
CA ILE A 44 -10.01 -3.12 8.06
C ILE A 44 -8.84 -2.33 7.48
N ARG A 45 -8.00 -1.74 8.34
CA ARG A 45 -6.84 -0.99 7.87
C ARG A 45 -5.90 -1.87 7.05
N MET A 46 -5.62 -3.05 7.59
CA MET A 46 -4.76 -4.02 6.92
C MET A 46 -5.41 -4.51 5.62
N VAL A 47 -6.73 -4.58 5.59
CA VAL A 47 -7.45 -5.01 4.39
C VAL A 47 -7.11 -4.08 3.22
N LEU A 48 -7.19 -2.78 3.46
CA LEU A 48 -6.87 -1.79 2.44
C LEU A 48 -5.39 -1.89 2.05
N ALA A 49 -4.54 -2.16 3.02
CA ALA A 49 -3.11 -2.33 2.78
C ALA A 49 -2.84 -3.56 1.92
N ILE A 50 -3.46 -4.68 2.29
CA ILE A 50 -3.29 -5.93 1.55
C ILE A 50 -3.87 -5.79 0.14
N LEU A 51 -4.90 -4.98 0.02
CA LEU A 51 -5.50 -4.71 -1.29
C LEU A 51 -4.48 -4.08 -2.21
N ALA A 52 -3.91 -2.95 -1.77
CA ALA A 52 -2.87 -2.26 -2.54
C ALA A 52 -1.70 -3.19 -2.82
N PHE A 53 -1.35 -3.97 -1.81
CA PHE A 53 -0.33 -5.00 -1.95
C PHE A 53 -0.68 -5.92 -3.12
N LEU A 54 -1.85 -6.53 -3.07
CA LEU A 54 -2.29 -7.47 -4.10
C LEU A 54 -2.61 -6.77 -5.43
N ARG A 55 -2.54 -5.45 -5.44
CA ARG A 55 -2.70 -4.69 -6.67
C ARG A 55 -1.35 -4.48 -7.36
N PHE A 56 -0.37 -4.07 -6.58
CA PHE A 56 0.93 -3.74 -7.14
C PHE A 56 1.88 -4.94 -7.10
N THR A 57 1.53 -5.96 -6.34
CA THR A 57 2.38 -7.16 -6.26
C THR A 57 1.72 -8.37 -6.91
N ALA A 58 0.44 -8.25 -7.20
CA ALA A 58 -0.33 -9.37 -7.71
C ALA A 58 -1.28 -8.93 -8.81
N ILE A 59 -1.78 -9.90 -9.56
CA ILE A 59 -2.63 -9.61 -10.71
C ILE A 59 -4.09 -9.58 -10.31
N LYS A 60 -4.39 -10.29 -9.26
CA LYS A 60 -5.75 -10.40 -8.74
C LYS A 60 -5.75 -10.51 -7.22
N PRO A 61 -6.43 -9.57 -6.53
CA PRO A 61 -6.62 -9.66 -5.08
C PRO A 61 -7.59 -10.79 -4.71
N SER A 62 -7.27 -11.50 -3.65
CA SER A 62 -8.07 -12.62 -3.20
C SER A 62 -9.45 -12.13 -2.74
N LEU A 63 -10.46 -12.95 -3.03
CA LEU A 63 -11.86 -12.57 -2.82
C LEU A 63 -12.18 -12.42 -1.33
N GLY A 64 -11.31 -12.96 -0.48
CA GLY A 64 -11.48 -12.76 0.95
C GLY A 64 -11.29 -11.31 1.34
N LEU A 65 -10.26 -10.70 0.77
CA LEU A 65 -10.00 -9.28 1.00
C LEU A 65 -11.07 -8.45 0.32
N ILE A 66 -11.50 -8.88 -0.85
CA ILE A 66 -12.56 -8.20 -1.59
C ILE A 66 -13.87 -8.23 -0.79
N ASN A 67 -14.12 -9.35 -0.12
CA ASN A 67 -15.32 -9.50 0.69
C ASN A 67 -15.30 -8.56 1.88
N ARG A 68 -14.13 -8.41 2.49
CA ARG A 68 -13.99 -7.58 3.69
C ARG A 68 -13.74 -6.12 3.29
N TRP A 69 -13.49 -5.93 2.01
CA TRP A 69 -13.22 -4.61 1.46
C TRP A 69 -14.41 -3.69 1.65
N GLY A 70 -15.60 -4.18 1.30
CA GLY A 70 -16.81 -3.40 1.47
C GLY A 70 -17.28 -3.41 2.91
N SER A 71 -16.62 -4.22 3.73
CA SER A 71 -16.93 -4.28 5.16
C SER A 71 -16.22 -3.13 5.87
N VAL A 72 -15.19 -2.60 5.23
CA VAL A 72 -14.49 -1.43 5.75
C VAL A 72 -15.42 -0.23 5.72
N GLY A 73 -15.54 0.43 6.86
CA GLY A 73 -16.38 1.61 6.93
C GLY A 73 -15.84 2.70 6.02
N LYS A 74 -16.66 3.15 5.08
CA LYS A 74 -16.23 4.14 4.10
C LYS A 74 -15.78 5.44 4.77
N LYS A 75 -16.31 5.70 5.96
CA LYS A 75 -15.85 6.83 6.77
C LYS A 75 -14.40 6.61 7.17
N GLU A 76 -14.19 5.53 7.89
CA GLU A 76 -12.85 5.10 8.30
C GLU A 76 -11.92 4.99 7.09
N ALA A 77 -12.45 4.48 5.98
CA ALA A 77 -11.68 4.36 4.75
C ALA A 77 -11.12 5.71 4.33
N MET A 78 -11.96 6.74 4.40
CA MET A 78 -11.52 8.10 4.09
C MET A 78 -10.37 8.50 4.98
N GLU A 79 -10.51 8.21 6.27
CA GLU A 79 -9.48 8.53 7.26
C GLU A 79 -8.17 7.84 6.89
N ILE A 80 -8.26 6.54 6.62
CA ILE A 80 -7.10 5.72 6.27
C ILE A 80 -6.47 6.20 4.96
N ILE A 81 -7.29 6.41 3.95
CA ILE A 81 -6.80 6.82 2.64
C ILE A 81 -6.07 8.17 2.71
N LYS A 82 -6.57 9.07 3.54
CA LYS A 82 -5.92 10.38 3.72
C LYS A 82 -4.53 10.20 4.31
N LYS A 83 -4.42 9.36 5.33
CA LYS A 83 -3.13 9.09 5.97
C LYS A 83 -2.25 8.26 5.04
N PHE A 84 -2.88 7.42 4.23
CA PHE A 84 -2.17 6.60 3.26
C PHE A 84 -1.46 7.48 2.25
N LYS A 85 -2.22 8.40 1.64
CA LYS A 85 -1.67 9.34 0.68
C LYS A 85 -0.61 10.23 1.33
N LYS A 86 -0.85 10.56 2.60
CA LYS A 86 0.09 11.36 3.37
C LYS A 86 1.42 10.65 3.52
N ASP A 87 1.38 9.37 3.85
CA ASP A 87 2.59 8.59 4.05
C ASP A 87 3.28 8.35 2.71
N LEU A 88 2.49 8.16 1.66
CA LEU A 88 3.02 8.00 0.31
C LEU A 88 3.82 9.22 -0.10
N ALA A 89 3.28 10.39 0.20
CA ALA A 89 3.95 11.66 -0.08
C ALA A 89 5.25 11.75 0.71
N ALA A 90 5.22 11.23 1.93
CA ALA A 90 6.40 11.18 2.76
C ALA A 90 7.42 10.20 2.20
N MET A 91 6.92 9.05 1.72
CA MET A 91 7.78 8.03 1.11
C MET A 91 8.61 8.65 0.00
N LEU A 92 7.91 9.26 -0.96
CA LEU A 92 8.55 9.92 -2.09
C LEU A 92 9.59 10.95 -1.63
N ARG A 93 9.19 11.77 -0.67
CA ARG A 93 10.06 12.79 -0.13
C ARG A 93 11.34 12.18 0.44
N ILE A 94 11.20 11.02 1.07
CA ILE A 94 12.33 10.32 1.64
C ILE A 94 13.15 9.61 0.55
N ILE A 95 12.48 9.16 -0.52
CA ILE A 95 13.19 8.55 -1.65
C ILE A 95 14.19 9.55 -2.23
N ASN A 96 13.80 10.82 -2.25
CA ASN A 96 14.70 11.88 -2.68
C ASN A 96 15.79 12.11 -1.66
N ALA A 97 15.43 12.04 -0.38
CA ALA A 97 16.41 12.19 0.69
C ALA A 97 17.46 11.11 0.58
N ARG A 98 17.02 9.92 0.22
CA ARG A 98 17.92 8.80 0.04
C ARG A 98 18.03 8.49 -1.44
N LYS A 99 18.34 9.55 -2.19
CA LYS A 99 18.50 9.46 -3.63
C LYS A 99 19.49 8.38 -4.01
N GLU A 100 20.43 8.16 -3.08
CA GLU A 100 21.43 7.10 -3.15
C GLU A 100 22.06 6.96 -4.52
N LYS A 101 22.25 8.09 -5.21
CA LYS A 101 22.85 8.07 -6.54
C LYS A 101 24.27 7.55 -6.44
N LYS A 102 25.09 8.28 -5.70
CA LYS A 102 26.48 7.88 -5.43
C LYS A 102 27.19 7.49 -6.72
N ARG A 103 27.42 8.49 -7.57
CA ARG A 103 28.11 8.32 -8.86
C ARG A 103 27.22 7.69 -9.94
N ARG A 104 26.43 6.69 -9.57
CA ARG A 104 25.61 6.00 -10.56
C ARG A 104 24.17 5.89 -10.09
N ALA B 35 9.84 -15.86 -11.21
CA ALA B 35 8.72 -15.62 -10.27
C ALA B 35 9.20 -14.79 -9.08
N GLY B 36 9.04 -13.47 -9.17
CA GLY B 36 9.50 -12.58 -8.14
C GLY B 36 8.86 -12.85 -6.79
N LEU B 37 7.58 -13.20 -6.82
CA LEU B 37 6.81 -13.45 -5.60
C LEU B 37 7.26 -14.75 -4.91
N LEU B 38 7.90 -15.63 -5.67
CA LEU B 38 8.31 -16.92 -5.13
C LEU B 38 9.76 -16.87 -4.64
N LEU B 39 10.60 -16.16 -5.38
CA LEU B 39 12.03 -16.10 -5.06
C LEU B 39 12.36 -14.91 -4.17
N GLY B 40 11.38 -14.04 -3.96
CA GLY B 40 11.59 -12.88 -3.11
C GLY B 40 12.31 -11.78 -3.84
N HIS B 41 11.96 -11.58 -5.11
CA HIS B 41 12.59 -10.57 -5.94
C HIS B 41 11.55 -9.62 -6.49
N GLY B 42 11.16 -8.64 -5.68
CA GLY B 42 10.17 -7.69 -6.11
C GLY B 42 10.78 -6.46 -6.76
N PRO B 43 10.27 -6.06 -7.94
CA PRO B 43 10.73 -4.86 -8.63
C PRO B 43 10.35 -3.58 -7.87
N ILE B 44 10.89 -2.44 -8.29
CA ILE B 44 10.75 -1.19 -7.54
C ILE B 44 9.29 -0.87 -7.19
N ARG B 45 8.36 -1.10 -8.13
CA ARG B 45 6.95 -0.83 -7.87
C ARG B 45 6.44 -1.67 -6.70
N MET B 46 6.78 -2.94 -6.71
CA MET B 46 6.39 -3.86 -5.65
C MET B 46 7.06 -3.48 -4.33
N VAL B 47 8.27 -2.93 -4.40
CA VAL B 47 8.97 -2.48 -3.20
C VAL B 47 8.14 -1.44 -2.45
N LEU B 48 7.64 -0.45 -3.17
CA LEU B 48 6.81 0.59 -2.58
C LEU B 48 5.52 -0.01 -2.04
N ALA B 49 4.97 -0.99 -2.75
CA ALA B 49 3.75 -1.68 -2.33
C ALA B 49 3.98 -2.46 -1.04
N ILE B 50 5.08 -3.24 -1.01
CA ILE B 50 5.43 -4.03 0.15
C ILE B 50 5.74 -3.13 1.33
N LEU B 51 6.28 -1.95 1.05
CA LEU B 51 6.57 -0.97 2.09
C LEU B 51 5.28 -0.56 2.80
N ALA B 52 4.30 -0.10 2.02
CA ALA B 52 3.00 0.29 2.56
C ALA B 52 2.35 -0.88 3.28
N PHE B 53 2.49 -2.06 2.69
CA PHE B 53 2.05 -3.30 3.30
C PHE B 53 2.66 -3.44 4.69
N LEU B 54 3.98 -3.41 4.76
CA LEU B 54 4.70 -3.57 6.03
C LEU B 54 4.53 -2.36 6.96
N ARG B 55 3.86 -1.32 6.46
CA ARG B 55 3.54 -0.18 7.30
C ARG B 55 2.18 -0.34 7.98
N PHE B 56 1.20 -0.77 7.20
CA PHE B 56 -0.16 -0.89 7.70
C PHE B 56 -0.45 -2.29 8.22
N THR B 57 0.41 -3.25 7.88
CA THR B 57 0.20 -4.63 8.33
C THR B 57 1.27 -5.06 9.32
N ALA B 58 2.33 -4.26 9.43
CA ALA B 58 3.47 -4.63 10.26
C ALA B 58 4.00 -3.43 11.02
N ILE B 59 4.82 -3.69 12.03
CA ILE B 59 5.32 -2.63 12.89
C ILE B 59 6.65 -2.09 12.38
N LYS B 60 7.33 -2.93 11.65
CA LYS B 60 8.63 -2.60 11.09
C LYS B 60 8.83 -3.26 9.73
N PRO B 61 9.07 -2.46 8.68
CA PRO B 61 9.43 -2.99 7.36
C PRO B 61 10.83 -3.60 7.36
N SER B 62 10.97 -4.74 6.68
CA SER B 62 12.25 -5.43 6.62
C SER B 62 13.28 -4.59 5.90
N LEU B 63 14.53 -4.68 6.37
CA LEU B 63 15.61 -3.83 5.90
C LEU B 63 15.96 -4.12 4.44
N GLY B 64 15.53 -5.27 3.94
CA GLY B 64 15.73 -5.58 2.54
C GLY B 64 14.94 -4.65 1.64
N LEU B 65 13.69 -4.40 2.03
CA LEU B 65 12.83 -3.47 1.31
C LEU B 65 13.35 -2.05 1.50
N ILE B 66 13.81 -1.77 2.71
CA ILE B 66 14.38 -0.46 3.04
C ILE B 66 15.62 -0.19 2.18
N ASN B 67 16.41 -1.22 1.98
CA ASN B 67 17.63 -1.11 1.17
C ASN B 67 17.29 -0.83 -0.29
N ARG B 68 16.25 -1.47 -0.79
CA ARG B 68 15.86 -1.31 -2.19
C ARG B 68 14.95 -0.11 -2.36
N TRP B 69 14.50 0.43 -1.23
CA TRP B 69 13.61 1.58 -1.20
C TRP B 69 14.28 2.79 -1.84
N GLY B 70 15.50 3.08 -1.44
CA GLY B 70 16.25 4.19 -2.02
C GLY B 70 16.81 3.85 -3.38
N SER B 71 16.67 2.58 -3.77
CA SER B 71 17.11 2.13 -5.07
C SER B 71 16.04 2.47 -6.11
N VAL B 72 14.80 2.66 -5.62
CA VAL B 72 13.71 3.08 -6.47
C VAL B 72 13.99 4.49 -7.00
N GLY B 73 13.92 4.64 -8.31
CA GLY B 73 14.12 5.94 -8.90
C GLY B 73 13.07 6.92 -8.43
N LYS B 74 13.49 8.01 -7.81
CA LYS B 74 12.57 8.99 -7.24
C LYS B 74 11.64 9.57 -8.32
N LYS B 75 12.11 9.58 -9.57
CA LYS B 75 11.27 9.97 -10.69
C LYS B 75 10.13 8.98 -10.83
N GLU B 76 10.50 7.73 -11.07
CA GLU B 76 9.54 6.64 -11.16
C GLU B 76 8.65 6.58 -9.92
N ALA B 77 9.24 6.83 -8.75
CA ALA B 77 8.50 6.86 -7.50
C ALA B 77 7.35 7.85 -7.58
N MET B 78 7.63 9.03 -8.11
CA MET B 78 6.60 10.05 -8.30
C MET B 78 5.48 9.51 -9.17
N GLU B 79 5.87 8.85 -10.26
CA GLU B 79 4.91 8.26 -11.18
C GLU B 79 4.02 7.24 -10.46
N ILE B 80 4.67 6.34 -9.73
CA ILE B 80 3.98 5.30 -8.99
C ILE B 80 3.07 5.88 -7.91
N ILE B 81 3.61 6.82 -7.13
CA ILE B 81 2.85 7.43 -6.03
C ILE B 81 1.60 8.14 -6.55
N LYS B 82 1.71 8.79 -7.70
CA LYS B 82 0.57 9.47 -8.31
C LYS B 82 -0.52 8.47 -8.64
N LYS B 83 -0.14 7.36 -9.26
CA LYS B 83 -1.10 6.31 -9.62
C LYS B 83 -1.59 5.59 -8.38
N PHE B 84 -0.74 5.52 -7.36
CA PHE B 84 -1.08 4.89 -6.10
C PHE B 84 -2.21 5.67 -5.43
N LYS B 85 -2.01 6.98 -5.29
CA LYS B 85 -3.03 7.86 -4.71
C LYS B 85 -4.30 7.84 -5.55
N LYS B 86 -4.12 7.74 -6.86
CA LYS B 86 -5.24 7.67 -7.80
C LYS B 86 -6.08 6.43 -7.54
N ASP B 87 -5.43 5.29 -7.35
CA ASP B 87 -6.13 4.04 -7.12
C ASP B 87 -6.76 4.04 -5.73
N LEU B 88 -6.07 4.65 -4.78
CA LEU B 88 -6.61 4.79 -3.42
C LEU B 88 -7.91 5.57 -3.43
N ALA B 89 -7.93 6.64 -4.21
CA ALA B 89 -9.12 7.46 -4.37
C ALA B 89 -10.24 6.65 -5.00
N ALA B 90 -9.86 5.77 -5.92
CA ALA B 90 -10.81 4.88 -6.57
C ALA B 90 -11.32 3.84 -5.58
N MET B 91 -10.40 3.32 -4.75
CA MET B 91 -10.76 2.34 -3.72
C MET B 91 -11.88 2.89 -2.86
N LEU B 92 -11.63 4.06 -2.27
CA LEU B 92 -12.60 4.74 -1.43
C LEU B 92 -13.94 4.91 -2.13
N ARG B 93 -13.88 5.39 -3.37
CA ARG B 93 -15.06 5.62 -4.17
C ARG B 93 -15.85 4.32 -4.35
N ILE B 94 -15.15 3.22 -4.49
CA ILE B 94 -15.78 1.92 -4.64
C ILE B 94 -16.29 1.40 -3.30
N ILE B 95 -15.60 1.74 -2.21
CA ILE B 95 -16.05 1.36 -0.87
C ILE B 95 -17.45 1.93 -0.63
N ASN B 96 -17.68 3.13 -1.13
CA ASN B 96 -18.99 3.75 -1.05
C ASN B 96 -19.97 3.05 -1.98
N ALA B 97 -19.50 2.68 -3.15
CA ALA B 97 -20.32 1.94 -4.10
C ALA B 97 -20.77 0.62 -3.50
N ARG B 98 -19.88 0.00 -2.75
CA ARG B 98 -20.18 -1.24 -2.07
C ARG B 98 -20.30 -0.97 -0.58
N LYS B 99 -21.11 0.03 -0.26
CA LYS B 99 -21.36 0.43 1.11
C LYS B 99 -21.79 -0.75 1.96
N GLU B 100 -22.42 -1.70 1.28
CA GLU B 100 -22.84 -2.99 1.83
C GLU B 100 -23.47 -2.86 3.21
N LYS B 101 -24.21 -1.78 3.43
CA LYS B 101 -24.86 -1.57 4.72
C LYS B 101 -25.88 -2.67 4.96
N LYS B 102 -26.87 -2.74 4.08
CA LYS B 102 -27.88 -3.79 4.11
C LYS B 102 -28.47 -3.93 5.51
N ARG B 103 -29.19 -2.89 5.94
CA ARG B 103 -29.86 -2.86 7.25
C ARG B 103 -28.89 -2.56 8.40
N ARG B 104 -27.70 -3.15 8.37
CA ARG B 104 -26.75 -2.96 9.46
C ARG B 104 -25.37 -2.58 8.93
N ALA A 35 3.37 18.99 4.89
CA ALA A 35 3.06 17.60 4.49
C ALA A 35 4.08 17.09 3.49
N GLY A 36 4.98 16.23 3.96
CA GLY A 36 6.07 15.73 3.13
C GLY A 36 5.58 15.02 1.88
N LEU A 37 4.39 14.45 1.97
CA LEU A 37 3.80 13.73 0.85
C LEU A 37 3.52 14.69 -0.32
N LEU A 38 3.17 15.93 0.00
CA LEU A 38 2.81 16.90 -1.02
C LEU A 38 4.06 17.62 -1.54
N LEU A 39 5.04 17.78 -0.66
CA LEU A 39 6.30 18.41 -1.04
C LEU A 39 7.21 17.42 -1.75
N GLY A 40 6.91 16.14 -1.60
CA GLY A 40 7.71 15.10 -2.23
C GLY A 40 8.95 14.79 -1.41
N HIS A 41 8.90 15.16 -0.14
CA HIS A 41 10.03 14.99 0.75
C HIS A 41 9.66 14.02 1.87
N GLY A 42 9.44 12.78 1.49
CA GLY A 42 9.05 11.77 2.46
C GLY A 42 10.09 10.69 2.61
N PRO A 43 10.17 10.05 3.79
CA PRO A 43 11.11 8.96 4.04
C PRO A 43 10.82 7.75 3.15
N ILE A 44 11.85 6.94 2.96
CA ILE A 44 11.81 5.84 1.99
C ILE A 44 10.67 4.84 2.22
N ARG A 45 10.23 4.72 3.47
CA ARG A 45 9.06 3.89 3.77
C ARG A 45 7.82 4.48 3.13
N MET A 46 7.66 5.78 3.26
CA MET A 46 6.55 6.50 2.64
C MET A 46 6.68 6.47 1.12
N VAL A 47 7.92 6.45 0.63
CA VAL A 47 8.17 6.36 -0.81
C VAL A 47 7.50 5.12 -1.39
N LEU A 48 7.73 3.97 -0.75
CA LEU A 48 7.12 2.73 -1.19
C LEU A 48 5.61 2.76 -0.96
N ALA A 49 5.17 3.49 0.06
CA ALA A 49 3.75 3.65 0.35
C ALA A 49 3.06 4.41 -0.77
N ILE A 50 3.66 5.54 -1.17
CA ILE A 50 3.12 6.35 -2.26
C ILE A 50 3.22 5.58 -3.58
N LEU A 51 4.29 4.81 -3.72
CA LEU A 51 4.49 3.97 -4.89
C LEU A 51 3.34 2.98 -5.04
N ALA A 52 3.09 2.21 -3.98
CA ALA A 52 2.00 1.23 -3.99
C ALA A 52 0.67 1.93 -4.22
N PHE A 53 0.49 3.06 -3.54
CA PHE A 53 -0.69 3.89 -3.72
C PHE A 53 -0.94 4.16 -5.20
N LEU A 54 -0.01 4.84 -5.84
CA LEU A 54 -0.14 5.22 -7.24
C LEU A 54 -0.31 4.00 -8.14
N ARG A 55 0.45 2.95 -7.89
CA ARG A 55 0.40 1.76 -8.71
C ARG A 55 -0.94 1.04 -8.60
N PHE A 56 -1.39 0.81 -7.37
CA PHE A 56 -2.64 0.09 -7.16
C PHE A 56 -3.85 0.98 -7.44
N THR A 57 -3.60 2.26 -7.67
CA THR A 57 -4.66 3.16 -8.07
C THR A 57 -4.57 3.50 -9.56
N ALA A 58 -3.68 2.78 -10.25
CA ALA A 58 -3.51 2.90 -11.70
C ALA A 58 -3.08 4.30 -12.12
N ILE A 59 -2.27 4.93 -11.29
CA ILE A 59 -1.65 6.20 -11.62
C ILE A 59 -0.16 6.00 -11.83
N LYS A 60 0.42 6.75 -12.76
CA LYS A 60 1.86 6.71 -12.97
C LYS A 60 2.56 7.13 -11.68
N PRO A 61 3.49 6.30 -11.19
CA PRO A 61 4.14 6.51 -9.89
C PRO A 61 5.04 7.74 -9.84
N SER A 62 5.16 8.43 -10.98
CA SER A 62 5.94 9.67 -11.09
C SER A 62 7.44 9.38 -10.99
N LEU A 63 8.21 10.13 -11.78
CA LEU A 63 9.65 9.97 -11.83
C LEU A 63 10.29 10.40 -10.51
N GLY A 64 9.56 11.17 -9.71
CA GLY A 64 10.05 11.57 -8.41
C GLY A 64 10.10 10.41 -7.44
N LEU A 65 9.02 9.65 -7.36
CA LEU A 65 8.96 8.48 -6.50
C LEU A 65 9.94 7.43 -7.00
N ILE A 66 10.05 7.30 -8.32
CA ILE A 66 10.98 6.37 -8.94
C ILE A 66 12.43 6.76 -8.63
N ASN A 67 12.67 8.07 -8.54
CA ASN A 67 13.99 8.58 -8.21
C ASN A 67 14.39 8.18 -6.80
N ARG A 68 13.44 8.23 -5.88
CA ARG A 68 13.70 7.82 -4.50
C ARG A 68 13.60 6.31 -4.36
N TRP A 69 12.89 5.69 -5.27
CA TRP A 69 12.65 4.25 -5.29
C TRP A 69 13.97 3.49 -5.30
N GLY A 70 14.85 3.83 -6.24
CA GLY A 70 16.15 3.20 -6.31
C GLY A 70 17.11 3.72 -5.26
N SER A 71 16.71 4.80 -4.59
CA SER A 71 17.52 5.40 -3.53
C SER A 71 17.30 4.65 -2.21
N VAL A 72 16.16 3.97 -2.11
CA VAL A 72 15.83 3.18 -0.94
C VAL A 72 16.85 2.07 -0.76
N GLY A 73 17.29 1.86 0.48
CA GLY A 73 18.18 0.76 0.78
C GLY A 73 17.55 -0.55 0.36
N LYS A 74 18.29 -1.36 -0.36
CA LYS A 74 17.75 -2.59 -0.93
C LYS A 74 17.42 -3.56 0.20
N LYS A 75 18.15 -3.42 1.30
CA LYS A 75 17.87 -4.16 2.53
C LYS A 75 16.63 -3.57 3.20
N GLU A 76 16.61 -2.25 3.32
CA GLU A 76 15.51 -1.54 3.96
C GLU A 76 14.20 -1.81 3.23
N ALA A 77 14.26 -1.83 1.91
CA ALA A 77 13.09 -2.09 1.08
C ALA A 77 12.47 -3.43 1.44
N MET A 78 13.31 -4.43 1.64
CA MET A 78 12.85 -5.76 2.03
C MET A 78 12.15 -5.70 3.38
N GLU A 79 12.70 -4.90 4.29
CA GLU A 79 12.13 -4.73 5.61
C GLU A 79 10.80 -3.98 5.54
N ILE A 80 10.76 -2.97 4.68
CA ILE A 80 9.54 -2.18 4.47
C ILE A 80 8.43 -3.07 3.90
N ILE A 81 8.77 -3.86 2.89
CA ILE A 81 7.80 -4.74 2.25
C ILE A 81 7.31 -5.81 3.23
N LYS A 82 8.21 -6.32 4.07
CA LYS A 82 7.85 -7.30 5.08
C LYS A 82 6.83 -6.68 6.04
N LYS A 83 7.16 -5.49 6.52
CA LYS A 83 6.30 -4.76 7.45
C LYS A 83 4.98 -4.39 6.77
N PHE A 84 5.07 -4.05 5.48
CA PHE A 84 3.90 -3.70 4.70
C PHE A 84 2.93 -4.88 4.65
N LYS A 85 3.43 -6.05 4.25
CA LYS A 85 2.62 -7.25 4.17
C LYS A 85 2.06 -7.63 5.53
N LYS A 86 2.86 -7.42 6.56
CA LYS A 86 2.46 -7.70 7.94
C LYS A 86 1.19 -6.92 8.30
N ASP A 87 1.28 -5.61 8.17
CA ASP A 87 0.17 -4.73 8.53
C ASP A 87 -1.02 -4.94 7.61
N LEU A 88 -0.75 -5.31 6.36
CA LEU A 88 -1.82 -5.64 5.42
C LEU A 88 -2.63 -6.82 5.94
N ALA A 89 -1.94 -7.82 6.45
CA ALA A 89 -2.58 -9.01 7.00
C ALA A 89 -3.43 -8.65 8.20
N ALA A 90 -2.94 -7.71 9.00
CA ALA A 90 -3.67 -7.24 10.17
C ALA A 90 -4.94 -6.51 9.75
N MET A 91 -4.81 -5.57 8.81
CA MET A 91 -5.95 -4.80 8.32
C MET A 91 -6.98 -5.73 7.68
N LEU A 92 -6.48 -6.74 6.98
CA LEU A 92 -7.33 -7.75 6.36
C LEU A 92 -8.18 -8.47 7.40
N ARG A 93 -7.55 -8.86 8.49
CA ARG A 93 -8.23 -9.58 9.54
C ARG A 93 -9.32 -8.72 10.17
N ILE A 94 -9.09 -7.41 10.19
CA ILE A 94 -10.10 -6.49 10.71
C ILE A 94 -11.29 -6.40 9.74
N ILE A 95 -11.01 -6.48 8.44
CA ILE A 95 -12.07 -6.54 7.43
C ILE A 95 -13.02 -7.69 7.78
N ASN A 96 -12.44 -8.85 8.04
CA ASN A 96 -13.19 -10.05 8.34
C ASN A 96 -13.79 -9.99 9.76
N ALA A 97 -13.19 -9.19 10.62
CA ALA A 97 -13.74 -8.97 11.96
C ALA A 97 -15.07 -8.23 11.86
N ARG A 98 -15.12 -7.29 10.93
CA ARG A 98 -16.33 -6.53 10.67
C ARG A 98 -17.04 -7.09 9.45
N LYS A 99 -17.07 -8.43 9.38
CA LYS A 99 -17.67 -9.12 8.26
C LYS A 99 -19.16 -8.83 8.14
N GLU A 100 -19.78 -8.53 9.28
CA GLU A 100 -21.24 -8.32 9.37
C GLU A 100 -21.98 -9.63 9.17
N LYS A 101 -21.74 -10.28 8.03
CA LYS A 101 -22.35 -11.56 7.70
C LYS A 101 -23.87 -11.51 7.89
N LYS A 102 -24.47 -10.45 7.39
CA LYS A 102 -25.91 -10.33 7.37
C LYS A 102 -26.42 -10.65 5.98
N ARG A 103 -25.48 -10.91 5.09
CA ARG A 103 -25.77 -11.35 3.74
C ARG A 103 -25.37 -12.81 3.60
N ARG A 104 -25.46 -13.35 2.41
CA ARG A 104 -25.11 -14.74 2.18
C ARG A 104 -23.71 -14.84 1.58
N ALA B 35 -10.90 12.21 -11.48
CA ALA B 35 -10.02 11.36 -10.64
C ALA B 35 -10.80 10.84 -9.43
N GLY B 36 -11.17 9.56 -9.48
CA GLY B 36 -11.98 8.96 -8.43
C GLY B 36 -11.33 9.04 -7.06
N LEU B 37 -10.01 9.08 -7.05
CA LEU B 37 -9.26 9.19 -5.80
C LEU B 37 -9.55 10.50 -5.09
N LEU B 38 -9.77 11.56 -5.85
CA LEU B 38 -10.00 12.88 -5.28
C LEU B 38 -11.47 13.07 -4.95
N LEU B 39 -12.34 12.45 -5.74
CA LEU B 39 -13.77 12.53 -5.50
C LEU B 39 -14.20 11.56 -4.41
N GLY B 40 -13.33 10.60 -4.11
CA GLY B 40 -13.63 9.62 -3.08
C GLY B 40 -14.51 8.51 -3.63
N HIS B 41 -14.52 8.38 -4.95
CA HIS B 41 -15.38 7.41 -5.61
C HIS B 41 -14.50 6.38 -6.33
N GLY B 42 -13.77 5.60 -5.56
CA GLY B 42 -12.89 4.61 -6.13
C GLY B 42 -13.30 3.21 -5.79
N PRO B 43 -12.98 2.24 -6.65
CA PRO B 43 -13.29 0.82 -6.40
C PRO B 43 -12.57 0.29 -5.17
N ILE B 44 -13.12 -0.78 -4.61
CA ILE B 44 -12.70 -1.31 -3.31
C ILE B 44 -11.22 -1.69 -3.28
N ARG B 45 -10.65 -2.03 -4.43
CA ARG B 45 -9.21 -2.30 -4.51
C ARG B 45 -8.44 -1.01 -4.24
N MET B 46 -8.87 0.08 -4.85
CA MET B 46 -8.28 1.38 -4.62
C MET B 46 -8.52 1.85 -3.19
N VAL B 47 -9.64 1.44 -2.62
CA VAL B 47 -9.95 1.78 -1.23
C VAL B 47 -8.84 1.26 -0.30
N LEU B 48 -8.48 0.00 -0.46
CA LEU B 48 -7.40 -0.58 0.34
C LEU B 48 -6.05 0.05 -0.02
N ALA B 49 -5.91 0.47 -1.27
CA ALA B 49 -4.69 1.15 -1.72
C ALA B 49 -4.54 2.49 -1.01
N ILE B 50 -5.61 3.27 -0.99
CA ILE B 50 -5.60 4.57 -0.32
C ILE B 50 -5.46 4.37 1.19
N LEU B 51 -6.06 3.31 1.69
CA LEU B 51 -5.97 2.94 3.10
C LEU B 51 -4.52 2.71 3.50
N ALA B 52 -3.85 1.83 2.76
CA ALA B 52 -2.45 1.52 3.02
C ALA B 52 -1.60 2.78 2.88
N PHE B 53 -1.89 3.53 1.83
CA PHE B 53 -1.25 4.81 1.59
C PHE B 53 -1.27 5.67 2.85
N LEU B 54 -2.47 6.04 3.28
CA LEU B 54 -2.64 6.92 4.43
C LEU B 54 -2.02 6.32 5.69
N ARG B 55 -2.21 5.03 5.90
CA ARG B 55 -1.69 4.36 7.09
C ARG B 55 -0.17 4.34 7.12
N PHE B 56 0.45 3.93 6.03
CA PHE B 56 1.91 3.83 5.97
C PHE B 56 2.55 5.20 5.81
N THR B 57 1.73 6.22 5.58
CA THR B 57 2.23 7.58 5.54
C THR B 57 1.84 8.34 6.80
N ALA B 58 1.33 7.61 7.79
CA ALA B 58 0.99 8.15 9.10
C ALA B 58 -0.07 9.25 9.03
N ILE B 59 -1.00 9.09 8.10
CA ILE B 59 -2.16 9.97 8.01
C ILE B 59 -3.41 9.21 8.40
N LYS B 60 -4.34 9.88 9.06
CA LYS B 60 -5.62 9.28 9.39
C LYS B 60 -6.32 8.84 8.11
N PRO B 61 -6.72 7.56 8.03
CA PRO B 61 -7.27 6.97 6.81
C PRO B 61 -8.62 7.56 6.39
N SER B 62 -9.14 8.47 7.21
CA SER B 62 -10.41 9.16 6.94
C SER B 62 -11.59 8.22 7.08
N LEU B 63 -12.69 8.77 7.62
CA LEU B 63 -13.90 8.00 7.85
C LEU B 63 -14.54 7.59 6.53
N GLY B 64 -14.16 8.25 5.45
CA GLY B 64 -14.66 7.89 4.13
C GLY B 64 -14.10 6.57 3.66
N LEU B 65 -12.78 6.42 3.77
CA LEU B 65 -12.13 5.18 3.38
C LEU B 65 -12.57 4.06 4.30
N ILE B 66 -12.72 4.37 5.59
CA ILE B 66 -13.18 3.41 6.58
C ILE B 66 -14.62 2.97 6.27
N ASN B 67 -15.41 3.89 5.74
CA ASN B 67 -16.80 3.60 5.37
C ASN B 67 -16.84 2.57 4.23
N ARG B 68 -15.92 2.71 3.28
CA ARG B 68 -15.85 1.78 2.17
C ARG B 68 -15.07 0.54 2.56
N TRP B 69 -14.24 0.69 3.58
CA TRP B 69 -13.38 -0.38 4.09
C TRP B 69 -14.20 -1.60 4.50
N GLY B 70 -15.22 -1.37 5.32
CA GLY B 70 -16.10 -2.45 5.73
C GLY B 70 -17.08 -2.84 4.64
N SER B 71 -17.16 -2.02 3.60
CA SER B 71 -18.05 -2.28 2.47
C SER B 71 -17.40 -3.25 1.49
N VAL B 72 -16.07 -3.33 1.55
CA VAL B 72 -15.32 -4.25 0.71
C VAL B 72 -15.70 -5.69 1.03
N GLY B 73 -15.89 -6.50 -0.01
CA GLY B 73 -16.15 -7.90 0.20
C GLY B 73 -15.03 -8.54 1.00
N LYS B 74 -15.39 -9.28 2.03
CA LYS B 74 -14.41 -9.84 2.95
C LYS B 74 -13.56 -10.88 2.21
N LYS B 75 -14.18 -11.49 1.21
CA LYS B 75 -13.48 -12.40 0.30
C LYS B 75 -12.59 -11.61 -0.63
N GLU B 76 -13.16 -10.57 -1.23
CA GLU B 76 -12.45 -9.71 -2.17
C GLU B 76 -11.24 -9.08 -1.51
N ALA B 77 -11.40 -8.65 -0.27
CA ALA B 77 -10.32 -8.03 0.49
C ALA B 77 -9.12 -8.96 0.58
N MET B 78 -9.40 -10.25 0.81
CA MET B 78 -8.35 -11.26 0.89
C MET B 78 -7.63 -11.38 -0.44
N GLU B 79 -8.40 -11.30 -1.52
CA GLU B 79 -7.85 -11.38 -2.87
C GLU B 79 -7.02 -10.13 -3.17
N ILE B 80 -7.53 -8.98 -2.76
CA ILE B 80 -6.82 -7.71 -2.93
C ILE B 80 -5.48 -7.73 -2.19
N ILE B 81 -5.52 -8.17 -0.94
CA ILE B 81 -4.32 -8.22 -0.11
C ILE B 81 -3.31 -9.22 -0.69
N LYS B 82 -3.81 -10.34 -1.20
CA LYS B 82 -2.95 -11.34 -1.82
C LYS B 82 -2.24 -10.72 -3.03
N LYS B 83 -3.02 -10.07 -3.88
CA LYS B 83 -2.50 -9.42 -5.07
C LYS B 83 -1.57 -8.27 -4.69
N PHE B 84 -1.91 -7.58 -3.62
CA PHE B 84 -1.10 -6.49 -3.11
C PHE B 84 0.28 -6.98 -2.73
N LYS B 85 0.32 -8.02 -1.89
CA LYS B 85 1.58 -8.61 -1.44
C LYS B 85 2.38 -9.15 -2.63
N LYS B 86 1.66 -9.71 -3.60
CA LYS B 86 2.28 -10.25 -4.81
C LYS B 86 3.07 -9.16 -5.54
N ASP B 87 2.40 -8.08 -5.89
CA ASP B 87 3.01 -7.00 -6.64
C ASP B 87 4.08 -6.30 -5.80
N LEU B 88 3.90 -6.27 -4.49
CA LEU B 88 4.91 -5.73 -3.59
C LEU B 88 6.21 -6.51 -3.72
N ALA B 89 6.10 -7.83 -3.77
CA ALA B 89 7.25 -8.70 -3.90
C ALA B 89 7.96 -8.45 -5.24
N ALA B 90 7.17 -8.18 -6.27
CA ALA B 90 7.71 -7.89 -7.59
C ALA B 90 8.47 -6.57 -7.58
N MET B 91 7.83 -5.53 -7.03
CA MET B 91 8.46 -4.21 -6.95
C MET B 91 9.73 -4.27 -6.11
N LEU B 92 9.69 -5.08 -5.06
CA LEU B 92 10.84 -5.28 -4.19
C LEU B 92 12.01 -5.87 -4.97
N ARG B 93 11.73 -6.86 -5.80
CA ARG B 93 12.76 -7.52 -6.56
C ARG B 93 13.38 -6.55 -7.56
N ILE B 94 12.59 -5.59 -8.02
CA ILE B 94 13.11 -4.56 -8.92
C ILE B 94 14.03 -3.61 -8.17
N ILE B 95 13.71 -3.33 -6.90
CA ILE B 95 14.60 -2.54 -6.04
C ILE B 95 15.99 -3.17 -6.03
N ASN B 96 16.02 -4.47 -5.81
CA ASN B 96 17.27 -5.22 -5.73
C ASN B 96 17.89 -5.41 -7.11
N ALA B 97 17.08 -5.32 -8.15
CA ALA B 97 17.58 -5.38 -9.52
C ALA B 97 18.41 -4.15 -9.82
N ARG B 98 17.96 -3.03 -9.29
CA ARG B 98 18.67 -1.76 -9.43
C ARG B 98 19.44 -1.47 -8.15
N LYS B 99 20.05 -2.51 -7.62
CA LYS B 99 20.81 -2.40 -6.37
C LYS B 99 21.97 -1.44 -6.49
N GLU B 100 22.50 -1.33 -7.72
CA GLU B 100 23.69 -0.52 -8.00
C GLU B 100 24.93 -1.18 -7.41
N LYS B 101 24.91 -1.42 -6.09
CA LYS B 101 26.01 -2.06 -5.38
C LYS B 101 27.35 -1.41 -5.72
N LYS B 102 27.36 -0.09 -5.69
CA LYS B 102 28.59 0.67 -5.85
C LYS B 102 29.05 1.15 -4.48
N ARG B 103 28.25 0.81 -3.49
CA ARG B 103 28.59 1.08 -2.10
C ARG B 103 28.89 -0.25 -1.40
N ARG B 104 29.10 -0.22 -0.10
CA ARG B 104 29.39 -1.43 0.64
C ARG B 104 28.14 -1.94 1.33
#